data_9IRP
#
_entry.id   9IRP
#
_cell.length_a   94.581
_cell.length_b   190.320
_cell.length_c   96.401
_cell.angle_alpha   90.00
_cell.angle_beta   117.80
_cell.angle_gamma   90.00
#
_symmetry.space_group_name_H-M   'P 1 21 1'
#
loop_
_entity.id
_entity.type
_entity.pdbx_description
1 polymer 'ATP-dependent Clp protease proteolytic subunit'
2 non-polymer (6S,9aS)-6-[(2S)-butan-2-yl]-4,7-bis(oxidanylidene)-8-(phenanthren-9-ylmethyl)-N-[4,4,4-tris(fluoranyl)butyl]-3,6,9,9a-tetrahydro-2H-pyrazino[1,2-a]pyrimidine-1-carboxamide
3 non-polymer 'MAGNESIUM ION'
4 water water
#
_entity_poly.entity_id   1
_entity_poly.type   'polypeptide(L)'
_entity_poly.pdbx_seq_one_letter_code
;MNLIPTVIETTNRGERAYDIYSRLLKDRIIMLGSQIDDNVANSIVSQLLFLQAQDSEKDIYLYINSPGGSVTAGFAIYDT
IQHIKPDVQTICIGMAASMGSFLLAAGAKGKRFALPNAEVMIHQPLGGAQGQATEIEIAANHILKTREKLNRILSERTGQ
SIEKIQKDTDRDNFLTAEEAKEYGLIDEVMVPETKHHHHHH
;
_entity_poly.pdbx_strand_id   A,B,C,D,E,F,G,H,I,J,K,L,M,N
#
# COMPACT_ATOMS: atom_id res chain seq x y z
N LEU A 3 22.93 7.14 18.69
CA LEU A 3 23.46 6.67 19.96
C LEU A 3 23.86 7.85 20.85
N ILE A 4 23.42 7.79 22.11
CA ILE A 4 23.68 8.83 23.10
C ILE A 4 24.96 8.45 23.84
N PRO A 5 25.97 9.32 23.88
CA PRO A 5 27.25 8.92 24.49
C PRO A 5 27.13 8.81 25.99
N THR A 6 28.07 8.04 26.57
CA THR A 6 28.16 7.80 28.01
C THR A 6 29.36 8.55 28.57
N VAL A 7 29.18 9.11 29.78
CA VAL A 7 30.27 9.78 30.51
C VAL A 7 30.45 9.07 31.85
N ILE A 8 31.67 9.13 32.36
CA ILE A 8 32.05 8.43 33.58
C ILE A 8 32.49 9.50 34.58
N GLU A 9 31.83 9.51 35.74
CA GLU A 9 32.20 10.46 36.79
C GLU A 9 32.80 9.76 38.01
N ARG A 16 30.89 6.20 38.34
CA ARG A 16 29.54 5.97 37.82
C ARG A 16 29.40 6.37 36.35
N ALA A 17 28.63 5.59 35.59
CA ALA A 17 28.44 5.83 34.16
C ALA A 17 27.05 6.40 33.93
N TYR A 18 26.98 7.51 33.19
CA TYR A 18 25.73 8.17 32.85
C TYR A 18 25.63 8.34 31.35
N ASP A 19 24.45 8.13 30.78
CA ASP A 19 24.16 8.73 29.49
C ASP A 19 24.17 10.26 29.68
N ILE A 20 24.46 10.99 28.59
CA ILE A 20 24.74 12.42 28.72
C ILE A 20 23.55 13.18 29.33
N TYR A 21 22.30 12.79 29.01
CA TYR A 21 21.15 13.52 29.54
C TYR A 21 20.96 13.25 31.03
N SER A 22 21.18 12.00 31.46
CA SER A 22 21.12 11.70 32.88
C SER A 22 22.22 12.42 33.65
N ARG A 23 23.39 12.60 33.03
CA ARG A 23 24.43 13.40 33.65
C ARG A 23 23.96 14.84 33.87
N LEU A 24 23.27 15.42 32.88
CA LEU A 24 22.78 16.78 33.05
C LEU A 24 21.71 16.86 34.15
N LEU A 25 20.87 15.82 34.28
CA LEU A 25 19.86 15.81 35.32
C LEU A 25 20.50 15.81 36.71
N LYS A 26 21.68 15.21 36.84
CA LYS A 26 22.40 15.28 38.11
C LYS A 26 22.70 16.73 38.50
N ASP A 27 22.90 17.63 37.52
CA ASP A 27 23.07 19.04 37.82
C ASP A 27 21.80 19.86 37.62
N ARG A 28 20.64 19.21 37.78
CA ARG A 28 19.34 19.90 37.82
C ARG A 28 18.96 20.54 36.48
N ILE A 29 19.41 19.92 35.38
CA ILE A 29 19.11 20.35 34.01
C ILE A 29 18.18 19.31 33.39
N ILE A 30 17.02 19.77 32.92
CA ILE A 30 16.00 18.93 32.30
C ILE A 30 15.85 19.33 30.83
N MET A 31 15.73 18.34 29.94
CA MET A 31 15.65 18.55 28.50
C MET A 31 14.19 18.53 28.03
N LEU A 32 13.75 19.63 27.46
CA LEU A 32 12.53 19.61 26.65
C LEU A 32 13.02 19.77 25.22
N GLY A 33 13.37 18.66 24.59
CA GLY A 33 14.07 18.75 23.32
C GLY A 33 13.34 18.07 22.19
N SER A 34 12.02 17.94 22.29
CA SER A 34 11.25 17.28 21.24
C SER A 34 9.82 17.82 21.25
N GLN A 35 9.04 17.34 20.29
CA GLN A 35 7.62 17.58 20.30
C GLN A 35 7.00 17.14 21.63
N ILE A 36 6.06 17.93 22.13
CA ILE A 36 5.45 17.66 23.43
C ILE A 36 4.30 16.69 23.24
N ASP A 37 4.46 15.48 23.75
CA ASP A 37 3.34 14.56 23.91
C ASP A 37 3.27 14.14 25.37
N ASP A 38 2.33 13.25 25.69
CA ASP A 38 2.16 12.85 27.08
C ASP A 38 3.41 12.16 27.62
N ASN A 39 4.07 11.33 26.82
CA ASN A 39 5.29 10.68 27.29
C ASN A 39 6.33 11.69 27.69
N VAL A 40 6.57 12.68 26.84
CA VAL A 40 7.55 13.72 27.12
C VAL A 40 7.17 14.49 28.39
N ALA A 41 5.89 14.89 28.49
CA ALA A 41 5.46 15.63 29.66
C ALA A 41 5.56 14.78 30.94
N ASN A 42 5.12 13.50 30.89
CA ASN A 42 5.21 12.64 32.07
C ASN A 42 6.65 12.54 32.59
N SER A 43 7.62 12.44 31.67
CA SER A 43 9.02 12.37 32.07
C SER A 43 9.50 13.67 32.70
N ILE A 44 9.18 14.80 32.08
CA ILE A 44 9.64 16.08 32.57
C ILE A 44 9.05 16.37 33.95
N VAL A 45 7.75 16.13 34.16
CA VAL A 45 7.18 16.46 35.46
C VAL A 45 7.71 15.53 36.55
N SER A 46 8.04 14.27 36.20
CA SER A 46 8.65 13.38 37.18
C SER A 46 10.05 13.85 37.53
N GLN A 47 10.80 14.33 36.53
CA GLN A 47 12.11 14.91 36.81
C GLN A 47 11.97 16.14 37.70
N LEU A 48 10.95 16.98 37.43
CA LEU A 48 10.73 18.14 38.28
C LEU A 48 10.43 17.72 39.72
N LEU A 49 9.56 16.73 39.88
CA LEU A 49 9.23 16.26 41.23
C LEU A 49 10.46 15.69 41.91
N PHE A 50 11.28 14.95 41.18
CA PHE A 50 12.51 14.40 41.76
C PHE A 50 13.48 15.50 42.19
N LEU A 51 13.69 16.49 41.32
CA LEU A 51 14.66 17.55 41.66
C LEU A 51 14.21 18.37 42.87
N GLN A 52 12.91 18.72 42.94
CA GLN A 52 12.38 19.39 44.13
C GLN A 52 12.64 18.58 45.39
N ALA A 53 12.47 17.26 45.33
CA ALA A 53 12.68 16.44 46.51
C ALA A 53 14.14 16.42 46.95
N GLN A 54 15.06 16.43 45.99
CA GLN A 54 16.49 16.47 46.31
C GLN A 54 16.85 17.77 47.02
N ASP A 55 16.31 18.89 46.52
CA ASP A 55 16.63 20.21 47.03
C ASP A 55 15.53 21.15 46.57
N SER A 56 14.78 21.69 47.51
CA SER A 56 13.67 22.57 47.19
C SER A 56 14.10 24.01 47.01
N GLU A 57 15.39 24.31 47.11
CA GLU A 57 15.89 25.68 47.04
C GLU A 57 16.69 25.98 45.78
N LYS A 58 17.46 25.02 45.27
CA LYS A 58 18.32 25.27 44.13
C LYS A 58 17.53 25.41 42.85
N ASP A 59 17.97 26.32 41.99
CA ASP A 59 17.32 26.52 40.70
C ASP A 59 17.37 25.23 39.88
N ILE A 60 16.38 25.10 39.01
CA ILE A 60 16.32 24.05 38.00
C ILE A 60 16.40 24.73 36.64
N TYR A 61 17.02 24.06 35.67
CA TYR A 61 17.23 24.61 34.33
C TYR A 61 16.49 23.75 33.31
N LEU A 62 15.49 24.35 32.64
CA LEU A 62 14.72 23.68 31.59
C LEU A 62 15.21 24.18 30.23
N TYR A 63 15.90 23.31 29.53
CA TYR A 63 16.31 23.54 28.15
C TYR A 63 15.12 23.31 27.25
N ILE A 64 14.87 24.23 26.32
CA ILE A 64 13.73 24.16 25.42
C ILE A 64 14.24 24.26 23.99
N ASN A 65 14.12 23.18 23.25
CA ASN A 65 14.30 23.16 21.80
C ASN A 65 13.15 22.31 21.30
N SER A 66 11.98 22.95 21.12
CA SER A 66 10.76 22.17 20.90
C SER A 66 9.81 22.88 19.94
N PRO A 67 9.18 22.15 19.02
CA PRO A 67 8.15 22.75 18.19
C PRO A 67 6.77 22.82 18.84
N GLY A 68 6.68 22.45 20.11
CA GLY A 68 5.40 22.40 20.79
C GLY A 68 4.78 21.02 20.67
N GLY A 69 3.46 20.96 20.75
CA GLY A 69 2.75 19.70 20.71
C GLY A 69 1.43 19.79 21.46
N SER A 70 1.14 18.79 22.29
CA SER A 70 -0.13 18.70 22.97
C SER A 70 -0.28 19.81 24.02
N VAL A 71 -1.43 20.49 24.00
CA VAL A 71 -1.68 21.56 24.96
C VAL A 71 -1.83 21.00 26.37
N THR A 72 -2.61 19.93 26.54
CA THR A 72 -2.78 19.39 27.90
C THR A 72 -1.44 18.87 28.42
N ALA A 73 -0.64 18.21 27.57
CA ALA A 73 0.69 17.80 27.99
C ALA A 73 1.55 19.00 28.36
N GLY A 74 1.47 20.06 27.56
CA GLY A 74 2.18 21.28 27.94
C GLY A 74 1.73 21.81 29.29
N PHE A 75 0.42 21.72 29.57
CA PHE A 75 -0.09 22.21 30.83
C PHE A 75 0.26 21.29 32.00
N ALA A 76 0.49 20.00 31.74
CA ALA A 76 1.08 19.15 32.77
C ALA A 76 2.41 19.72 33.23
N ILE A 77 3.27 20.08 32.27
CA ILE A 77 4.56 20.68 32.60
C ILE A 77 4.36 22.04 33.27
N TYR A 78 3.49 22.87 32.69
CA TYR A 78 3.26 24.20 33.23
C TYR A 78 2.85 24.13 34.70
N ASP A 79 1.84 23.32 35.01
CA ASP A 79 1.35 23.28 36.37
C ASP A 79 2.37 22.71 37.34
N THR A 80 3.19 21.74 36.91
CA THR A 80 4.23 21.21 37.81
C THR A 80 5.29 22.26 38.09
N ILE A 81 5.69 23.03 37.06
CA ILE A 81 6.62 24.15 37.27
C ILE A 81 6.05 25.11 38.31
N GLN A 82 4.78 25.52 38.17
CA GLN A 82 4.22 26.49 39.11
C GLN A 82 4.04 25.89 40.51
N HIS A 83 3.81 24.58 40.60
CA HIS A 83 3.57 23.97 41.90
C HIS A 83 4.83 23.93 42.77
N ILE A 84 5.98 23.59 42.19
CA ILE A 84 7.17 23.30 42.99
C ILE A 84 7.79 24.58 43.53
N LYS A 85 8.62 24.43 44.59
CA LYS A 85 9.28 25.59 45.20
C LYS A 85 10.44 26.15 44.38
N PRO A 86 11.35 25.32 43.86
CA PRO A 86 12.51 25.88 43.14
C PRO A 86 12.09 26.72 41.94
N ASP A 87 12.88 27.77 41.66
CA ASP A 87 12.74 28.49 40.40
C ASP A 87 13.12 27.57 39.24
N VAL A 88 12.33 27.60 38.19
CA VAL A 88 12.64 26.84 36.98
C VAL A 88 13.04 27.85 35.93
N GLN A 89 14.34 27.94 35.66
CA GLN A 89 14.80 28.76 34.55
C GLN A 89 14.41 28.06 33.25
N THR A 90 14.12 28.86 32.22
CA THR A 90 13.85 28.34 30.88
C THR A 90 14.86 28.94 29.92
N ILE A 91 15.42 28.09 29.07
CA ILE A 91 16.50 28.48 28.17
C ILE A 91 16.16 27.95 26.79
N CYS A 92 15.84 28.86 25.87
CA CYS A 92 15.51 28.47 24.51
C CYS A 92 16.78 28.44 23.67
N ILE A 93 17.08 27.27 23.12
CA ILE A 93 18.23 27.05 22.26
C ILE A 93 17.72 26.31 21.05
N GLY A 94 17.95 26.86 19.87
CA GLY A 94 17.36 26.31 18.67
C GLY A 94 16.00 26.93 18.37
N MET A 95 14.92 26.35 18.90
CA MET A 95 13.61 26.91 18.63
C MET A 95 12.68 26.63 19.79
N ALA A 96 11.73 27.54 20.00
CA ALA A 96 10.60 27.30 20.88
C ALA A 96 9.37 27.82 20.15
N ALA A 97 8.48 26.92 19.76
CA ALA A 97 7.29 27.27 18.99
C ALA A 97 6.04 26.76 19.69
N SER A 98 4.96 27.56 19.59
CA SER A 98 3.62 27.19 20.04
C SER A 98 3.68 26.85 21.52
N MET A 99 3.26 25.65 21.94
CA MET A 99 3.32 25.28 23.34
C MET A 99 4.75 25.34 23.89
N GLY A 100 5.75 25.16 23.03
CA GLY A 100 7.13 25.34 23.48
C GLY A 100 7.41 26.77 23.92
N SER A 101 6.94 27.74 23.16
CA SER A 101 7.17 29.14 23.56
C SER A 101 6.29 29.53 24.74
N PHE A 102 5.11 28.91 24.86
CA PHE A 102 4.30 29.11 26.06
C PHE A 102 5.07 28.69 27.31
N LEU A 103 5.72 27.53 27.25
CA LEU A 103 6.48 27.07 28.41
C LEU A 103 7.74 27.88 28.64
N LEU A 104 8.39 28.33 27.57
CA LEU A 104 9.50 29.27 27.69
C LEU A 104 9.08 30.49 28.51
N ALA A 105 7.92 31.07 28.18
CA ALA A 105 7.41 32.23 28.91
C ALA A 105 6.95 31.90 30.33
N ALA A 106 6.78 30.62 30.65
CA ALA A 106 6.31 30.21 31.96
C ALA A 106 7.44 30.02 32.98
N GLY A 107 8.69 30.24 32.56
CA GLY A 107 9.82 30.10 33.49
C GLY A 107 9.79 31.17 34.55
N ALA A 108 10.62 30.97 35.59
CA ALA A 108 10.69 31.90 36.71
C ALA A 108 11.02 33.32 36.24
N LYS A 109 10.33 34.29 36.83
CA LYS A 109 10.48 35.67 36.39
C LYS A 109 11.92 36.13 36.59
N GLY A 110 12.46 36.79 35.56
CA GLY A 110 13.87 37.15 35.53
C GLY A 110 14.79 36.04 35.04
N LYS A 111 14.27 34.81 34.89
CA LYS A 111 15.13 33.67 34.58
C LYS A 111 14.66 32.96 33.31
N ARG A 112 14.12 33.73 32.37
CA ARG A 112 13.72 33.22 31.05
C ARG A 112 14.69 33.78 30.02
N PHE A 113 15.37 32.89 29.28
CA PHE A 113 16.44 33.27 28.38
C PHE A 113 16.24 32.62 27.01
N ALA A 114 16.89 33.19 26.01
CA ALA A 114 17.07 32.55 24.71
C ALA A 114 18.45 32.94 24.23
N LEU A 115 19.10 32.03 23.52
CA LEU A 115 20.41 32.36 22.95
C LEU A 115 20.21 33.18 21.67
N PRO A 116 21.23 33.91 21.24
CA PRO A 116 20.98 35.02 20.29
C PRO A 116 20.31 34.60 18.99
N ASN A 117 20.58 33.42 18.45
CA ASN A 117 20.00 33.01 17.19
C ASN A 117 18.86 32.02 17.36
N ALA A 118 18.39 31.82 18.58
CA ALA A 118 17.24 30.95 18.80
C ALA A 118 15.98 31.59 18.22
N GLU A 119 15.07 30.74 17.75
CA GLU A 119 13.85 31.17 17.08
C GLU A 119 12.66 30.94 17.98
N VAL A 120 11.83 31.97 18.16
CA VAL A 120 10.62 31.85 18.97
C VAL A 120 9.44 32.10 18.02
N MET A 121 8.44 31.23 18.09
CA MET A 121 7.26 31.39 17.25
C MET A 121 6.03 31.19 18.12
N ILE A 122 5.05 32.08 17.98
CA ILE A 122 3.79 31.93 18.71
C ILE A 122 2.65 31.83 17.71
N HIS A 123 1.62 31.03 18.07
CA HIS A 123 0.43 30.91 17.23
C HIS A 123 -0.70 30.32 18.06
N GLN A 124 -1.90 30.22 17.45
CA GLN A 124 -3.06 29.69 18.15
C GLN A 124 -3.08 28.15 18.08
N PRO A 125 -3.83 27.51 18.97
CA PRO A 125 -3.85 26.04 18.99
C PRO A 125 -4.54 25.45 17.76
N LEU A 126 -4.18 24.19 17.49
CA LEU A 126 -4.69 23.45 16.34
C LEU A 126 -5.48 22.24 16.85
N GLY A 127 -6.51 21.87 16.09
CA GLY A 127 -7.30 20.71 16.46
C GLY A 127 -8.21 20.27 15.32
N GLY A 128 -9.28 19.58 15.68
CA GLY A 128 -10.16 19.07 14.64
C GLY A 128 -11.47 18.63 15.25
N ALA A 129 -12.43 18.35 14.37
CA ALA A 129 -13.78 17.97 14.78
C ALA A 129 -14.44 17.22 13.63
N GLN A 130 -15.09 16.16 13.98
CA GLN A 130 -15.79 15.38 13.06
C GLN A 130 -17.10 14.86 13.64
N GLY A 131 -18.09 14.69 12.80
CA GLY A 131 -19.38 14.19 13.23
C GLY A 131 -20.57 15.10 13.02
N GLN A 132 -21.55 14.98 13.92
CA GLN A 132 -22.77 15.77 13.88
C GLN A 132 -22.47 17.22 14.23
N ALA A 133 -23.34 18.12 13.77
CA ALA A 133 -23.22 19.53 14.11
C ALA A 133 -22.98 19.74 15.61
N THR A 134 -23.72 19.03 16.46
CA THR A 134 -23.59 19.24 17.89
C THR A 134 -22.22 18.80 18.40
N GLU A 135 -21.66 17.74 17.80
CA GLU A 135 -20.31 17.31 18.18
C GLU A 135 -19.27 18.35 17.76
N ILE A 136 -19.38 18.87 16.53
CA ILE A 136 -18.49 19.93 16.09
C ILE A 136 -18.62 21.16 16.99
N GLU A 137 -19.84 21.48 17.42
CA GLU A 137 -20.04 22.62 18.30
C GLU A 137 -19.25 22.45 19.60
N ILE A 138 -19.33 21.25 20.20
CA ILE A 138 -18.63 20.95 21.45
C ILE A 138 -17.12 21.05 21.28
N ALA A 139 -16.59 20.49 20.17
CA ALA A 139 -15.14 20.56 19.94
C ALA A 139 -14.68 21.99 19.70
N ALA A 140 -15.49 22.77 18.95
CA ALA A 140 -15.16 24.16 18.70
C ALA A 140 -15.17 24.96 20.01
N ASN A 141 -16.22 24.82 20.82
CA ASN A 141 -16.26 25.51 22.11
C ASN A 141 -15.08 25.11 22.99
N HIS A 142 -14.67 23.85 22.93
CA HIS A 142 -13.55 23.41 23.75
C HIS A 142 -12.24 24.09 23.31
N ILE A 143 -11.95 24.09 22.00
CA ILE A 143 -10.65 24.65 21.61
C ILE A 143 -10.64 26.17 21.75
N LEU A 144 -11.79 26.83 21.58
CA LEU A 144 -11.84 28.27 21.84
C LEU A 144 -11.56 28.58 23.30
N LYS A 145 -12.13 27.79 24.21
CA LYS A 145 -11.85 27.97 25.63
C LYS A 145 -10.38 27.67 25.94
N THR A 146 -9.82 26.63 25.30
CA THR A 146 -8.40 26.35 25.47
C THR A 146 -7.54 27.52 25.00
N ARG A 147 -7.89 28.12 23.85
CA ARG A 147 -7.13 29.28 23.39
C ARG A 147 -7.24 30.45 24.37
N GLU A 148 -8.44 30.70 24.89
CA GLU A 148 -8.62 31.77 25.87
C GLU A 148 -7.77 31.52 27.12
N LYS A 149 -7.71 30.26 27.58
CA LYS A 149 -6.90 29.92 28.75
C LYS A 149 -5.43 30.21 28.48
N LEU A 150 -4.94 29.78 27.32
CA LEU A 150 -3.57 30.05 26.90
C LEU A 150 -3.30 31.55 26.82
N ASN A 151 -4.20 32.29 26.17
CA ASN A 151 -3.96 33.72 25.99
C ASN A 151 -3.94 34.47 27.30
N ARG A 152 -4.83 34.10 28.24
CA ARG A 152 -4.86 34.76 29.55
C ARG A 152 -3.54 34.59 30.28
N ILE A 153 -3.02 33.36 30.31
CA ILE A 153 -1.74 33.14 31.00
C ILE A 153 -0.61 33.85 30.27
N LEU A 154 -0.59 33.79 28.95
CA LEU A 154 0.47 34.47 28.22
C LEU A 154 0.41 35.99 28.45
N SER A 155 -0.80 36.53 28.53
CA SER A 155 -0.94 37.95 28.86
C SER A 155 -0.32 38.27 30.20
N GLU A 156 -0.67 37.47 31.22
CA GLU A 156 -0.13 37.71 32.55
C GLU A 156 1.39 37.59 32.55
N ARG A 157 1.92 36.63 31.78
CA ARG A 157 3.36 36.37 31.81
C ARG A 157 4.15 37.37 31.00
N THR A 158 3.54 37.99 29.99
CA THR A 158 4.30 38.88 29.13
C THR A 158 4.08 40.35 29.42
N GLY A 159 2.98 40.69 30.09
CA GLY A 159 2.56 42.07 30.21
C GLY A 159 1.76 42.61 29.04
N GLN A 160 1.56 41.81 27.98
CA GLN A 160 0.74 42.25 26.85
C GLN A 160 -0.74 41.98 27.12
N SER A 161 -1.60 42.78 26.50
CA SER A 161 -3.02 42.58 26.67
C SER A 161 -3.46 41.32 25.95
N ILE A 162 -4.59 40.76 26.41
CA ILE A 162 -5.15 39.56 25.80
C ILE A 162 -5.47 39.81 24.33
N GLU A 163 -6.02 40.99 24.02
CA GLU A 163 -6.36 41.26 22.62
C GLU A 163 -5.12 41.35 21.74
N LYS A 164 -4.00 41.86 22.28
CA LYS A 164 -2.79 41.86 21.47
C LYS A 164 -2.28 40.44 21.26
N ILE A 165 -2.32 39.59 22.29
CA ILE A 165 -1.92 38.19 22.14
C ILE A 165 -2.78 37.50 21.07
N GLN A 166 -4.10 37.70 21.14
CA GLN A 166 -5.02 37.12 20.16
C GLN A 166 -4.64 37.51 18.74
N LYS A 167 -4.45 38.80 18.50
CA LYS A 167 -4.04 39.28 17.19
C LYS A 167 -2.68 38.73 16.77
N ASP A 168 -1.72 38.72 17.70
CA ASP A 168 -0.36 38.34 17.35
C ASP A 168 -0.21 36.83 17.16
N THR A 169 -1.21 36.04 17.57
CA THR A 169 -1.17 34.59 17.43
C THR A 169 -2.19 34.08 16.41
N ASP A 170 -2.89 34.96 15.71
CA ASP A 170 -3.89 34.51 14.74
C ASP A 170 -3.25 33.64 13.66
N ARG A 171 -2.06 34.01 13.22
CA ARG A 171 -1.25 33.22 12.30
C ARG A 171 0.13 33.02 12.90
N ASP A 172 0.94 32.15 12.28
CA ASP A 172 2.31 31.93 12.75
C ASP A 172 3.02 33.27 12.88
N ASN A 173 3.62 33.51 14.06
CA ASN A 173 4.33 34.76 14.34
C ASN A 173 5.72 34.40 14.84
N PHE A 174 6.72 34.64 14.00
CA PHE A 174 8.11 34.34 14.29
C PHE A 174 8.79 35.55 14.92
N LEU A 175 9.54 35.32 16.00
CA LEU A 175 10.25 36.38 16.71
C LEU A 175 11.72 36.00 16.86
N THR A 176 12.59 36.98 16.67
CA THR A 176 13.99 36.80 17.05
C THR A 176 14.09 36.77 18.57
N ALA A 177 15.27 36.38 19.07
CA ALA A 177 15.47 36.40 20.52
C ALA A 177 15.26 37.80 21.07
N GLU A 178 15.81 38.83 20.40
CA GLU A 178 15.64 40.20 20.86
C GLU A 178 14.16 40.60 20.85
N GLU A 179 13.44 40.24 19.79
CA GLU A 179 12.02 40.55 19.74
C GLU A 179 11.25 39.83 20.84
N ALA A 180 11.63 38.60 21.14
CA ALA A 180 10.95 37.89 22.22
C ALA A 180 11.19 38.57 23.56
N LYS A 181 12.38 39.14 23.76
CA LYS A 181 12.64 39.89 25.00
C LYS A 181 11.75 41.12 25.08
N GLU A 182 11.67 41.89 23.98
CA GLU A 182 10.83 43.08 23.97
C GLU A 182 9.36 42.72 24.16
N TYR A 183 8.94 41.56 23.66
CA TYR A 183 7.57 41.10 23.80
C TYR A 183 7.23 40.69 25.23
N GLY A 184 8.21 40.33 26.04
CA GLY A 184 7.96 39.79 27.36
C GLY A 184 7.93 38.27 27.44
N LEU A 185 8.28 37.57 26.37
CA LEU A 185 8.32 36.11 26.42
C LEU A 185 9.53 35.62 27.18
N ILE A 186 10.64 36.34 27.10
CA ILE A 186 11.85 36.06 27.83
C ILE A 186 12.28 37.34 28.52
N ASP A 187 13.19 37.19 29.46
CA ASP A 187 13.76 38.31 30.20
C ASP A 187 15.08 38.78 29.61
N GLU A 188 15.87 37.87 29.04
CA GLU A 188 17.22 38.23 28.62
C GLU A 188 17.63 37.40 27.41
N VAL A 189 18.35 38.01 26.48
CA VAL A 189 19.11 37.26 25.47
C VAL A 189 20.44 36.88 26.10
N MET A 190 20.71 35.58 26.21
CA MET A 190 21.88 35.13 26.95
C MET A 190 23.15 35.40 26.16
N VAL A 191 24.08 36.11 26.76
CA VAL A 191 25.33 36.50 26.09
C VAL A 191 26.41 35.44 26.35
N PRO A 192 27.43 35.37 25.50
CA PRO A 192 28.49 34.38 25.72
C PRO A 192 29.16 34.61 27.07
N GLU A 193 29.62 33.51 27.67
CA GLU A 193 30.30 33.59 28.94
C GLU A 193 31.62 34.34 28.78
N THR A 194 32.09 34.90 29.90
CA THR A 194 33.30 35.69 29.90
C THR A 194 34.51 34.78 29.76
N LYS A 195 35.29 34.97 28.70
CA LYS A 195 36.54 34.23 28.52
C LYS A 195 37.68 35.23 28.37
N HIS A 196 38.86 34.85 28.86
CA HIS A 196 40.04 35.70 28.75
C HIS A 196 40.33 36.09 27.29
N LEU B 3 14.13 8.65 25.22
CA LEU B 3 14.86 8.00 26.30
C LEU B 3 14.45 8.51 27.69
N ILE B 4 14.32 7.58 28.64
CA ILE B 4 13.91 7.85 30.01
C ILE B 4 15.17 8.05 30.85
N PRO B 5 15.34 9.18 31.53
CA PRO B 5 16.58 9.41 32.28
C PRO B 5 16.71 8.53 33.51
N THR B 6 17.96 8.37 33.95
CA THR B 6 18.34 7.57 35.10
C THR B 6 18.81 8.47 36.25
N VAL B 7 18.44 8.13 37.48
CA VAL B 7 18.93 8.84 38.66
C VAL B 7 19.64 7.87 39.59
N ILE B 8 20.64 8.38 40.30
CA ILE B 8 21.44 7.55 41.19
C ILE B 8 21.43 8.08 42.62
N GLY B 14 22.62 2.67 49.57
CA GLY B 14 23.79 2.35 48.79
C GLY B 14 23.98 3.31 47.65
N GLU B 15 24.37 2.78 46.48
CA GLU B 15 24.46 3.54 45.22
C GLU B 15 23.64 2.80 44.16
N ARG B 16 22.33 3.00 44.18
CA ARG B 16 21.41 2.34 43.26
C ARG B 16 21.02 3.29 42.14
N ALA B 17 20.89 2.75 40.93
CA ALA B 17 20.45 3.50 39.76
C ALA B 17 19.02 3.11 39.41
N TYR B 18 18.17 4.11 39.21
CA TYR B 18 16.77 3.91 38.83
C TYR B 18 16.48 4.73 37.59
N ASP B 19 15.69 4.17 36.69
CA ASP B 19 14.97 5.02 35.75
C ASP B 19 13.98 5.88 36.54
N ILE B 20 13.62 7.04 35.98
CA ILE B 20 12.91 8.05 36.78
C ILE B 20 11.59 7.49 37.32
N TYR B 21 10.88 6.67 36.54
CA TYR B 21 9.58 6.19 37.02
C TYR B 21 9.74 5.17 38.15
N SER B 22 10.74 4.29 38.03
CA SER B 22 11.02 3.35 39.12
C SER B 22 11.47 4.08 40.38
N ARG B 23 12.18 5.20 40.24
CA ARG B 23 12.54 5.99 41.42
C ARG B 23 11.29 6.53 42.11
N LEU B 24 10.33 7.02 41.32
CA LEU B 24 9.09 7.52 41.91
C LEU B 24 8.30 6.40 42.59
N LEU B 25 8.33 5.20 42.01
CA LEU B 25 7.61 4.07 42.59
C LEU B 25 8.18 3.72 43.97
N LYS B 26 9.49 3.92 44.16
CA LYS B 26 10.08 3.72 45.48
C LYS B 26 9.41 4.59 46.53
N ASP B 27 8.93 5.77 46.15
CA ASP B 27 8.17 6.62 47.06
C ASP B 27 6.66 6.47 46.88
N ARG B 28 6.21 5.29 46.43
CA ARG B 28 4.78 4.92 46.38
C ARG B 28 3.98 5.79 45.41
N ILE B 29 4.63 6.24 44.33
CA ILE B 29 3.99 7.03 43.29
C ILE B 29 3.86 6.16 42.05
N ILE B 30 2.65 6.02 41.53
CA ILE B 30 2.39 5.20 40.35
C ILE B 30 1.91 6.11 39.22
N MET B 31 2.43 5.87 38.01
CA MET B 31 2.11 6.69 36.85
C MET B 31 1.02 6.03 36.03
N LEU B 32 -0.10 6.71 35.88
CA LEU B 32 -1.10 6.36 34.87
C LEU B 32 -1.03 7.49 33.84
N GLY B 33 -0.11 7.34 32.89
CA GLY B 33 0.20 8.43 31.98
C GLY B 33 0.01 8.14 30.50
N SER B 34 -0.88 7.21 30.17
CA SER B 34 -1.10 6.83 28.79
C SER B 34 -2.52 6.32 28.63
N GLN B 35 -2.88 6.01 27.39
CA GLN B 35 -4.12 5.34 27.10
C GLN B 35 -4.21 4.05 27.91
N ILE B 36 -5.40 3.76 28.44
CA ILE B 36 -5.57 2.62 29.32
C ILE B 36 -5.87 1.42 28.43
N ASP B 37 -4.92 0.49 28.34
CA ASP B 37 -5.17 -0.82 27.75
C ASP B 37 -4.83 -1.87 28.80
N ASP B 38 -4.95 -3.15 28.43
CA ASP B 38 -4.72 -4.21 29.40
C ASP B 38 -3.29 -4.18 29.95
N ASN B 39 -2.30 -3.93 29.08
CA ASN B 39 -0.91 -3.89 29.53
C ASN B 39 -0.73 -2.83 30.60
N VAL B 40 -1.25 -1.63 30.36
CA VAL B 40 -1.13 -0.55 31.32
C VAL B 40 -1.81 -0.95 32.63
N ALA B 41 -3.00 -1.52 32.52
CA ALA B 41 -3.73 -1.88 33.73
C ALA B 41 -3.00 -2.95 34.52
N ASN B 42 -2.49 -3.99 33.83
CA ASN B 42 -1.75 -5.05 34.52
C ASN B 42 -0.57 -4.50 35.29
N SER B 43 0.15 -3.53 34.70
CA SER B 43 1.29 -2.93 35.37
C SER B 43 0.86 -2.14 36.60
N ILE B 44 -0.20 -1.34 36.46
CA ILE B 44 -0.64 -0.51 37.60
C ILE B 44 -1.14 -1.39 38.74
N VAL B 45 -1.94 -2.43 38.45
CA VAL B 45 -2.46 -3.23 39.56
C VAL B 45 -1.35 -4.01 40.23
N SER B 46 -0.33 -4.42 39.46
CA SER B 46 0.82 -5.08 40.08
C SER B 46 1.61 -4.13 40.97
N GLN B 47 1.76 -2.87 40.54
CA GLN B 47 2.43 -1.90 41.39
C GLN B 47 1.64 -1.65 42.67
N LEU B 48 0.32 -1.57 42.56
CA LEU B 48 -0.54 -1.41 43.74
C LEU B 48 -0.38 -2.58 44.70
N LEU B 49 -0.43 -3.80 44.17
CA LEU B 49 -0.27 -4.98 45.01
C LEU B 49 1.10 -5.00 45.68
N PHE B 50 2.16 -4.66 44.93
CA PHE B 50 3.50 -4.59 45.50
C PHE B 50 3.57 -3.55 46.61
N LEU B 51 3.03 -2.35 46.36
CA LEU B 51 3.13 -1.29 47.37
C LEU B 51 2.37 -1.65 48.65
N GLN B 52 1.18 -2.24 48.51
CA GLN B 52 0.46 -2.72 49.70
C GLN B 52 1.29 -3.70 50.51
N ALA B 53 1.98 -4.62 49.83
CA ALA B 53 2.80 -5.59 50.52
C ALA B 53 3.99 -4.93 51.22
N GLN B 54 4.55 -3.87 50.63
CA GLN B 54 5.60 -3.12 51.31
C GLN B 54 5.07 -2.43 52.57
N ASP B 55 3.88 -1.84 52.50
CA ASP B 55 3.31 -1.12 53.64
C ASP B 55 1.81 -1.01 53.40
N SER B 56 1.01 -1.61 54.27
CA SER B 56 -0.43 -1.62 54.05
C SER B 56 -1.13 -0.39 54.59
N GLU B 57 -0.39 0.53 55.19
CA GLU B 57 -0.95 1.72 55.83
C GLU B 57 -0.63 3.01 55.10
N LYS B 58 0.55 3.10 54.51
CA LYS B 58 0.98 4.33 53.87
C LYS B 58 0.23 4.63 52.58
N ASP B 59 -0.03 5.93 52.39
CA ASP B 59 -0.75 6.34 51.20
C ASP B 59 0.04 5.97 49.95
N ILE B 60 -0.72 5.77 48.87
CA ILE B 60 -0.22 5.60 47.52
C ILE B 60 -0.70 6.79 46.71
N TYR B 61 0.10 7.20 45.74
CA TYR B 61 -0.20 8.35 44.91
C TYR B 61 -0.30 7.90 43.46
N LEU B 62 -1.50 8.04 42.88
CA LEU B 62 -1.74 7.72 41.47
C LEU B 62 -1.77 9.00 40.68
N TYR B 63 -0.74 9.20 39.85
CA TYR B 63 -0.68 10.30 38.90
C TYR B 63 -1.52 9.94 37.68
N ILE B 64 -2.39 10.86 37.25
CA ILE B 64 -3.29 10.57 36.12
C ILE B 64 -3.13 11.66 35.06
N ASN B 65 -2.56 11.27 33.92
CA ASN B 65 -2.52 12.05 32.69
C ASN B 65 -2.87 11.05 31.57
N SER B 66 -4.18 10.85 31.35
CA SER B 66 -4.64 9.77 30.51
C SER B 66 -5.91 10.16 29.76
N PRO B 67 -6.02 9.81 28.47
CA PRO B 67 -7.28 10.02 27.75
C PRO B 67 -8.32 8.93 27.94
N GLY B 68 -8.10 7.98 28.84
CA GLY B 68 -9.00 6.85 29.00
C GLY B 68 -8.54 5.66 28.16
N GLY B 69 -9.49 4.80 27.81
CA GLY B 69 -9.21 3.61 27.05
C GLY B 69 -10.22 2.49 27.36
N SER B 70 -9.72 1.28 27.59
CA SER B 70 -10.59 0.14 27.80
C SER B 70 -11.34 0.23 29.13
N VAL B 71 -12.65 0.01 29.10
CA VAL B 71 -13.42 0.05 30.34
C VAL B 71 -13.02 -1.11 31.26
N THR B 72 -12.89 -2.32 30.71
CA THR B 72 -12.54 -3.44 31.58
C THR B 72 -11.15 -3.25 32.17
N ALA B 73 -10.20 -2.74 31.37
CA ALA B 73 -8.88 -2.44 31.91
C ALA B 73 -8.98 -1.38 33.02
N GLY B 74 -9.81 -0.37 32.81
CA GLY B 74 -10.02 0.61 33.87
C GLY B 74 -10.60 -0.01 35.12
N PHE B 75 -11.52 -0.97 34.95
CA PHE B 75 -12.10 -1.60 36.13
C PHE B 75 -11.14 -2.55 36.81
N ALA B 76 -10.15 -3.09 36.09
CA ALA B 76 -9.06 -3.79 36.78
C ALA B 76 -8.39 -2.87 37.77
N ILE B 77 -8.08 -1.64 37.33
CA ILE B 77 -7.46 -0.66 38.21
C ILE B 77 -8.41 -0.26 39.32
N TYR B 78 -9.66 0.05 38.98
CA TYR B 78 -10.66 0.44 39.98
C TYR B 78 -10.81 -0.61 41.08
N ASP B 79 -11.01 -1.88 40.71
CA ASP B 79 -11.28 -2.89 41.75
C ASP B 79 -10.03 -3.14 42.60
N THR B 80 -8.84 -3.04 42.02
CA THR B 80 -7.63 -3.22 42.82
C THR B 80 -7.47 -2.06 43.82
N ILE B 81 -7.75 -0.83 43.38
CA ILE B 81 -7.74 0.30 44.31
C ILE B 81 -8.67 0.03 45.47
N GLN B 82 -9.92 -0.35 45.18
CA GLN B 82 -10.87 -0.54 46.28
C GLN B 82 -10.50 -1.74 47.14
N HIS B 83 -9.86 -2.76 46.55
CA HIS B 83 -9.52 -3.93 47.35
C HIS B 83 -8.46 -3.64 48.40
N ILE B 84 -7.40 -2.91 48.04
CA ILE B 84 -6.25 -2.82 48.94
C ILE B 84 -6.53 -1.87 50.10
N LYS B 85 -5.76 -2.03 51.18
CA LYS B 85 -5.96 -1.25 52.40
C LYS B 85 -5.48 0.20 52.30
N PRO B 86 -4.28 0.48 51.76
CA PRO B 86 -3.83 1.88 51.72
C PRO B 86 -4.78 2.77 50.93
N ASP B 87 -4.89 4.02 51.38
CA ASP B 87 -5.57 5.04 50.58
C ASP B 87 -4.80 5.26 49.30
N VAL B 88 -5.53 5.42 48.20
CA VAL B 88 -4.91 5.78 46.93
C VAL B 88 -5.32 7.20 46.61
N GLN B 89 -4.39 8.14 46.75
CA GLN B 89 -4.66 9.48 46.26
C GLN B 89 -4.66 9.47 44.74
N THR B 90 -5.48 10.33 44.15
CA THR B 90 -5.43 10.56 42.71
C THR B 90 -5.16 12.04 42.47
N ILE B 91 -4.30 12.32 41.49
CA ILE B 91 -4.01 13.70 41.10
C ILE B 91 -4.03 13.79 39.57
N CYS B 92 -4.89 14.65 39.05
CA CYS B 92 -4.95 14.88 37.63
C CYS B 92 -3.96 15.99 37.27
N ILE B 93 -3.02 15.65 36.41
CA ILE B 93 -2.03 16.58 35.89
C ILE B 93 -2.05 16.45 34.38
N GLY B 94 -2.34 17.54 33.68
CA GLY B 94 -2.53 17.46 32.25
C GLY B 94 -3.97 17.21 31.87
N MET B 95 -4.35 15.94 31.79
CA MET B 95 -5.72 15.61 31.39
C MET B 95 -6.15 14.30 32.02
N ALA B 96 -7.44 14.20 32.29
CA ALA B 96 -8.07 12.93 32.64
C ALA B 96 -9.39 12.87 31.90
N ALA B 97 -9.52 11.96 30.93
CA ALA B 97 -10.73 11.87 30.13
C ALA B 97 -11.33 10.47 30.22
N SER B 98 -12.67 10.41 30.24
CA SER B 98 -13.44 9.17 30.13
C SER B 98 -13.02 8.22 31.24
N MET B 99 -12.53 7.00 30.95
CA MET B 99 -12.09 6.09 32.02
C MET B 99 -10.99 6.69 32.89
N GLY B 100 -10.18 7.59 32.33
CA GLY B 100 -9.18 8.28 33.14
C GLY B 100 -9.81 9.13 34.23
N SER B 101 -10.88 9.85 33.87
CA SER B 101 -11.56 10.66 34.88
C SER B 101 -12.39 9.80 35.82
N PHE B 102 -12.88 8.65 35.34
CA PHE B 102 -13.56 7.71 36.23
C PHE B 102 -12.60 7.27 37.34
N LEU B 103 -11.36 6.97 36.98
CA LEU B 103 -10.37 6.57 37.98
C LEU B 103 -9.97 7.74 38.85
N LEU B 104 -9.91 8.94 38.30
CA LEU B 104 -9.69 10.14 39.11
C LEU B 104 -10.73 10.26 40.21
N ALA B 105 -12.00 10.09 39.87
CA ALA B 105 -13.05 10.13 40.90
C ALA B 105 -12.98 8.95 41.86
N ALA B 106 -12.22 7.91 41.53
CA ALA B 106 -12.18 6.71 42.35
C ALA B 106 -11.15 6.78 43.46
N GLY B 107 -10.40 7.87 43.54
CA GLY B 107 -9.39 7.98 44.57
C GLY B 107 -9.98 8.06 45.97
N ALA B 108 -9.10 7.91 46.96
CA ALA B 108 -9.53 7.96 48.35
C ALA B 108 -10.27 9.26 48.64
N LYS B 109 -11.39 9.15 49.37
CA LYS B 109 -12.22 10.32 49.64
C LYS B 109 -11.43 11.34 50.44
N GLY B 110 -11.52 12.61 50.03
CA GLY B 110 -10.69 13.66 50.56
C GLY B 110 -9.33 13.79 49.93
N LYS B 111 -8.91 12.83 49.11
CA LYS B 111 -7.56 12.80 48.54
C LYS B 111 -7.60 12.69 47.01
N ARG B 112 -8.57 13.33 46.36
CA ARG B 112 -8.64 13.42 44.91
C ARG B 112 -8.38 14.87 44.49
N PHE B 113 -7.35 15.08 43.68
CA PHE B 113 -6.85 16.42 43.39
C PHE B 113 -6.70 16.62 41.89
N ALA B 114 -6.64 17.89 41.50
CA ALA B 114 -6.20 18.29 40.17
C ALA B 114 -5.43 19.58 40.31
N LEU B 115 -4.43 19.75 39.45
CA LEU B 115 -3.72 21.03 39.41
C LEU B 115 -4.55 22.01 38.57
N PRO B 116 -4.37 23.32 38.75
CA PRO B 116 -5.38 24.29 38.29
C PRO B 116 -5.71 24.24 36.79
N ASN B 117 -4.76 23.92 35.92
CA ASN B 117 -4.99 23.93 34.48
C ASN B 117 -5.20 22.54 33.90
N ALA B 118 -5.34 21.55 34.77
CA ALA B 118 -5.65 20.21 34.30
C ALA B 118 -7.06 20.17 33.69
N GLU B 119 -7.22 19.31 32.69
CA GLU B 119 -8.46 19.16 31.95
C GLU B 119 -9.12 17.84 32.33
N VAL B 120 -10.41 17.87 32.66
CA VAL B 120 -11.19 16.68 32.97
C VAL B 120 -12.32 16.58 31.97
N MET B 121 -12.54 15.39 31.41
CA MET B 121 -13.63 15.18 30.48
C MET B 121 -14.34 13.87 30.81
N ILE B 122 -15.67 13.92 30.77
CA ILE B 122 -16.51 12.76 30.99
C ILE B 122 -17.38 12.55 29.76
N HIS B 123 -17.66 11.29 29.43
CA HIS B 123 -18.54 10.98 28.31
C HIS B 123 -19.00 9.52 28.45
N GLN B 124 -19.85 9.09 27.53
CA GLN B 124 -20.31 7.71 27.61
C GLN B 124 -19.31 6.77 26.94
N PRO B 125 -19.34 5.49 27.28
CA PRO B 125 -18.39 4.55 26.68
C PRO B 125 -18.67 4.35 25.19
N LEU B 126 -17.62 3.93 24.49
CA LEU B 126 -17.63 3.72 23.06
C LEU B 126 -17.43 2.24 22.76
N GLY B 127 -18.01 1.78 21.66
CA GLY B 127 -17.85 0.38 21.32
C GLY B 127 -18.29 0.07 19.91
N GLY B 128 -18.66 -1.18 19.67
CA GLY B 128 -19.05 -1.58 18.34
C GLY B 128 -19.78 -2.90 18.38
N ALA B 129 -20.40 -3.23 17.24
CA ALA B 129 -21.16 -4.47 17.10
C ALA B 129 -21.27 -4.76 15.61
N GLN B 130 -20.98 -5.99 15.22
CA GLN B 130 -21.09 -6.39 13.84
C GLN B 130 -21.68 -7.79 13.73
N GLY B 131 -22.51 -8.00 12.71
CA GLY B 131 -23.01 -9.34 12.45
C GLY B 131 -24.52 -9.40 12.37
N GLN B 132 -25.07 -10.50 12.86
CA GLN B 132 -26.51 -10.72 12.82
C GLN B 132 -27.20 -9.78 13.80
N ALA B 133 -28.50 -9.55 13.53
CA ALA B 133 -29.30 -8.72 14.43
C ALA B 133 -29.16 -9.15 15.89
N THR B 134 -29.23 -10.45 16.16
CA THR B 134 -29.15 -10.92 17.54
C THR B 134 -27.76 -10.67 18.13
N GLU B 135 -26.71 -10.75 17.31
CA GLU B 135 -25.37 -10.43 17.79
C GLU B 135 -25.24 -8.95 18.11
N ILE B 136 -25.81 -8.09 17.26
CA ILE B 136 -25.85 -6.67 17.57
C ILE B 136 -26.64 -6.42 18.85
N GLU B 137 -27.76 -7.13 19.03
CA GLU B 137 -28.55 -6.98 20.24
C GLU B 137 -27.71 -7.32 21.47
N ILE B 138 -26.96 -8.42 21.42
CA ILE B 138 -26.16 -8.81 22.56
C ILE B 138 -25.11 -7.76 22.89
N ALA B 139 -24.42 -7.25 21.85
CA ALA B 139 -23.40 -6.23 22.06
C ALA B 139 -24.02 -4.93 22.57
N ALA B 140 -25.19 -4.55 22.06
CA ALA B 140 -25.84 -3.33 22.55
C ALA B 140 -26.26 -3.47 24.01
N ASN B 141 -26.90 -4.58 24.35
CA ASN B 141 -27.31 -4.79 25.74
C ASN B 141 -26.09 -4.78 26.67
N HIS B 142 -24.98 -5.35 26.20
CA HIS B 142 -23.77 -5.38 27.03
C HIS B 142 -23.22 -3.97 27.28
N ILE B 143 -23.08 -3.15 26.23
CA ILE B 143 -22.48 -1.83 26.47
C ILE B 143 -23.45 -0.92 27.23
N LEU B 144 -24.76 -1.10 27.05
CA LEU B 144 -25.71 -0.31 27.82
C LEU B 144 -25.60 -0.65 29.31
N LYS B 145 -25.48 -1.94 29.64
CA LYS B 145 -25.32 -2.34 31.03
C LYS B 145 -24.00 -1.83 31.60
N THR B 146 -22.94 -1.86 30.78
CA THR B 146 -21.67 -1.31 31.21
C THR B 146 -21.79 0.17 31.54
N ARG B 147 -22.54 0.93 30.71
CA ARG B 147 -22.74 2.34 31.00
C ARG B 147 -23.51 2.52 32.29
N GLU B 148 -24.55 1.71 32.51
CA GLU B 148 -25.28 1.78 33.76
C GLU B 148 -24.36 1.49 34.95
N LYS B 149 -23.45 0.52 34.79
CA LYS B 149 -22.50 0.20 35.84
C LYS B 149 -21.59 1.39 36.14
N LEU B 150 -21.04 2.01 35.09
CA LEU B 150 -20.20 3.19 35.27
C LEU B 150 -20.98 4.33 35.93
N ASN B 151 -22.18 4.61 35.43
CA ASN B 151 -22.95 5.75 35.95
C ASN B 151 -23.28 5.56 37.42
N ARG B 152 -23.63 4.32 37.81
CA ARG B 152 -23.95 4.04 39.20
C ARG B 152 -22.76 4.34 40.11
N ILE B 153 -21.57 3.86 39.75
CA ILE B 153 -20.40 4.11 40.59
C ILE B 153 -20.05 5.59 40.60
N LEU B 154 -20.11 6.26 39.44
CA LEU B 154 -19.84 7.69 39.39
C LEU B 154 -20.81 8.47 40.28
N SER B 155 -22.08 8.06 40.29
CA SER B 155 -23.06 8.69 41.18
C SER B 155 -22.64 8.55 42.64
N GLU B 156 -22.26 7.34 43.05
CA GLU B 156 -21.81 7.12 44.42
C GLU B 156 -20.59 7.96 44.75
N ARG B 157 -19.67 8.13 43.79
CA ARG B 157 -18.40 8.80 44.05
C ARG B 157 -18.51 10.32 44.02
N THR B 158 -19.46 10.88 43.28
CA THR B 158 -19.59 12.32 43.09
C THR B 158 -20.73 12.94 43.88
N GLY B 159 -21.71 12.14 44.29
CA GLY B 159 -22.92 12.68 44.85
C GLY B 159 -23.95 13.12 43.83
N GLN B 160 -23.63 13.09 42.53
CA GLN B 160 -24.62 13.45 41.53
C GLN B 160 -25.57 12.28 41.27
N SER B 161 -26.79 12.59 40.86
CA SER B 161 -27.74 11.52 40.57
C SER B 161 -27.34 10.77 39.29
N ILE B 162 -27.79 9.52 39.21
CA ILE B 162 -27.54 8.70 38.04
C ILE B 162 -28.10 9.38 36.80
N GLU B 163 -29.31 9.96 36.89
CA GLU B 163 -29.89 10.62 35.73
C GLU B 163 -29.09 11.84 35.30
N LYS B 164 -28.50 12.57 36.25
CA LYS B 164 -27.69 13.72 35.86
C LYS B 164 -26.41 13.27 35.15
N ILE B 165 -25.74 12.24 35.67
CA ILE B 165 -24.55 11.69 35.02
C ILE B 165 -24.88 11.26 33.59
N GLN B 166 -26.01 10.54 33.42
CA GLN B 166 -26.43 10.07 32.10
C GLN B 166 -26.54 11.21 31.10
N LYS B 167 -27.16 12.28 31.53
CA LYS B 167 -27.37 13.42 30.71
C LYS B 167 -26.10 14.18 30.41
N ASP B 168 -25.27 14.27 31.40
CA ASP B 168 -24.02 15.02 31.36
C ASP B 168 -22.90 14.28 30.64
N THR B 169 -23.07 13.00 30.36
CA THR B 169 -22.09 12.21 29.62
C THR B 169 -22.61 11.82 28.25
N ASP B 170 -23.80 12.29 27.88
CA ASP B 170 -24.36 11.90 26.59
C ASP B 170 -23.42 12.31 25.45
N ARG B 171 -22.79 13.48 25.58
CA ARG B 171 -21.76 13.90 24.63
C ARG B 171 -20.53 14.28 25.42
N ASP B 172 -19.40 14.49 24.73
CA ASP B 172 -18.18 14.94 25.39
C ASP B 172 -18.45 16.15 26.28
N ASN B 173 -18.02 16.08 27.54
CA ASN B 173 -18.27 17.13 28.52
C ASN B 173 -16.95 17.52 29.16
N PHE B 174 -16.41 18.69 28.80
CA PHE B 174 -15.13 19.17 29.31
C PHE B 174 -15.32 20.01 30.58
N LEU B 175 -14.48 19.76 31.58
CA LEU B 175 -14.56 20.46 32.85
C LEU B 175 -13.21 21.04 33.23
N THR B 176 -13.23 22.27 33.75
CA THR B 176 -12.03 22.80 34.42
C THR B 176 -11.81 22.05 35.73
N ALA B 177 -10.62 22.24 36.31
CA ALA B 177 -10.37 21.63 37.61
C ALA B 177 -11.38 22.10 38.64
N GLU B 178 -11.69 23.40 38.64
CA GLU B 178 -12.66 23.93 39.58
C GLU B 178 -14.04 23.31 39.34
N GLU B 179 -14.44 23.17 38.07
CA GLU B 179 -15.74 22.57 37.77
C GLU B 179 -15.75 21.08 38.15
N ALA B 180 -14.64 20.37 37.97
CA ALA B 180 -14.60 18.98 38.39
C ALA B 180 -14.72 18.85 39.90
N LYS B 181 -14.17 19.80 40.66
CA LYS B 181 -14.38 19.80 42.10
C LYS B 181 -15.85 20.03 42.43
N GLU B 182 -16.47 21.04 41.83
CA GLU B 182 -17.88 21.31 42.09
C GLU B 182 -18.75 20.13 41.69
N TYR B 183 -18.31 19.35 40.68
CA TYR B 183 -19.06 18.17 40.26
C TYR B 183 -18.95 17.03 41.25
N GLY B 184 -17.90 17.01 42.08
CA GLY B 184 -17.64 15.88 42.94
C GLY B 184 -16.66 14.87 42.38
N LEU B 185 -16.03 15.16 41.24
CA LEU B 185 -15.03 14.25 40.70
C LEU B 185 -13.71 14.33 41.46
N ILE B 186 -13.37 15.50 42.00
CA ILE B 186 -12.20 15.65 42.84
C ILE B 186 -12.61 16.40 44.11
N ASP B 187 -11.72 16.39 45.08
CA ASP B 187 -11.93 17.07 46.35
C ASP B 187 -11.30 18.44 46.41
N GLU B 188 -10.17 18.65 45.76
CA GLU B 188 -9.48 19.92 45.88
C GLU B 188 -8.71 20.21 44.61
N VAL B 189 -8.71 21.47 44.20
CA VAL B 189 -7.76 21.99 43.25
C VAL B 189 -6.51 22.38 44.02
N MET B 190 -5.39 21.74 43.71
CA MET B 190 -4.15 22.01 44.43
C MET B 190 -3.55 23.29 43.82
N VAL B 191 -3.65 24.40 44.54
CA VAL B 191 -3.24 25.70 44.00
C VAL B 191 -1.75 25.93 44.29
N PRO B 192 -1.04 26.67 43.44
CA PRO B 192 0.37 26.96 43.71
C PRO B 192 0.50 27.87 44.93
N GLU B 193 1.58 27.67 45.68
CA GLU B 193 1.94 28.59 46.75
C GLU B 193 2.72 29.77 46.18
N THR B 194 2.47 30.96 46.75
CA THR B 194 3.25 32.13 46.37
C THR B 194 4.69 31.98 46.87
N LYS B 195 5.54 32.94 46.51
CA LYS B 195 6.91 32.95 47.01
C LYS B 195 6.95 33.10 48.52
N HIS B 196 6.09 33.95 49.07
CA HIS B 196 6.01 34.10 50.53
C HIS B 196 5.46 32.84 51.17
N HIS B 197 4.49 32.18 50.52
CA HIS B 197 3.96 30.91 51.02
C HIS B 197 5.06 29.85 51.13
N HIS B 198 5.99 29.84 50.16
CA HIS B 198 7.03 28.82 50.10
C HIS B 198 8.11 29.01 51.15
N HIS B 199 8.37 30.25 51.55
CA HIS B 199 9.41 30.57 52.53
C HIS B 199 8.86 30.76 53.94
N HIS B 200 7.54 30.74 54.12
CA HIS B 200 6.92 30.95 55.44
C HIS B 200 5.60 30.17 55.54
N LEU C 3 6.93 1.13 29.26
CA LEU C 3 8.01 0.62 30.08
C LEU C 3 7.49 0.03 31.38
N ILE C 4 8.09 -1.08 31.81
CA ILE C 4 7.69 -1.81 33.02
C ILE C 4 8.61 -1.38 34.16
N PRO C 5 8.09 -0.87 35.27
CA PRO C 5 8.98 -0.36 36.33
C PRO C 5 9.77 -1.46 37.03
N THR C 6 10.86 -1.03 37.64
CA THR C 6 11.79 -1.89 38.37
C THR C 6 11.67 -1.65 39.87
N VAL C 7 11.80 -2.71 40.66
CA VAL C 7 11.88 -2.60 42.11
C VAL C 7 13.20 -3.22 42.55
N ILE C 8 13.78 -2.68 43.62
CA ILE C 8 15.09 -3.09 44.11
C ILE C 8 14.97 -3.53 45.55
N GLU C 9 15.48 -4.71 45.85
CA GLU C 9 15.41 -5.27 47.20
C GLU C 9 16.80 -5.54 47.76
N GLY C 14 23.49 -8.56 48.42
CA GLY C 14 23.52 -7.20 47.90
C GLY C 14 22.16 -6.69 47.42
N GLU C 15 22.19 -5.74 46.49
CA GLU C 15 20.97 -5.21 45.89
C GLU C 15 20.60 -6.04 44.66
N ARG C 16 19.30 -6.29 44.50
CA ARG C 16 18.76 -7.06 43.38
C ARG C 16 17.59 -6.29 42.76
N ALA C 17 17.59 -6.22 41.43
CA ALA C 17 16.58 -5.50 40.67
C ALA C 17 15.66 -6.46 39.94
N TYR C 18 14.36 -6.22 40.06
CA TYR C 18 13.32 -6.98 39.35
C TYR C 18 12.38 -6.01 38.63
N ASP C 19 12.00 -6.38 37.42
CA ASP C 19 10.79 -5.81 36.83
C ASP C 19 9.61 -6.28 37.67
N ILE C 20 8.53 -5.50 37.65
CA ILE C 20 7.46 -5.71 38.63
C ILE C 20 6.87 -7.11 38.51
N TYR C 21 6.78 -7.66 37.29
CA TYR C 21 6.18 -8.99 37.13
C TYR C 21 7.07 -10.08 37.69
N SER C 22 8.40 -9.96 37.49
CA SER C 22 9.32 -10.91 38.09
C SER C 22 9.28 -10.82 39.61
N ARG C 23 9.07 -9.62 40.16
CA ARG C 23 8.92 -9.49 41.60
C ARG C 23 7.71 -10.27 42.10
N LEU C 24 6.57 -10.13 41.40
CA LEU C 24 5.37 -10.85 41.83
C LEU C 24 5.55 -12.36 41.73
N LEU C 25 6.27 -12.83 40.69
CA LEU C 25 6.53 -14.27 40.57
C LEU C 25 7.31 -14.80 41.76
N LYS C 26 8.18 -13.96 42.34
CA LYS C 26 8.90 -14.35 43.55
C LYS C 26 7.94 -14.70 44.69
N ASP C 27 6.74 -14.11 44.70
CA ASP C 27 5.70 -14.48 45.66
C ASP C 27 4.64 -15.40 45.07
N ARG C 28 4.99 -16.21 44.06
CA ARG C 28 4.15 -17.28 43.50
C ARG C 28 2.90 -16.75 42.80
N ILE C 29 2.99 -15.58 42.20
CA ILE C 29 1.94 -14.96 41.43
C ILE C 29 2.32 -14.97 39.96
N ILE C 30 1.43 -15.50 39.12
CA ILE C 30 1.64 -15.58 37.68
C ILE C 30 0.62 -14.71 36.98
N MET C 31 1.05 -13.98 35.96
CA MET C 31 0.20 -13.05 35.23
C MET C 31 -0.30 -13.68 33.93
N LEU C 32 -1.62 -13.81 33.80
CA LEU C 32 -2.26 -14.08 32.52
C LEU C 32 -3.01 -12.80 32.17
N GLY C 33 -2.29 -11.87 31.54
CA GLY C 33 -2.85 -10.55 31.31
C GLY C 33 -2.95 -10.14 29.86
N SER C 34 -3.02 -11.10 28.95
CA SER C 34 -3.05 -10.76 27.53
C SER C 34 -3.82 -11.84 26.78
N GLN C 35 -4.00 -11.60 25.48
CA GLN C 35 -4.54 -12.65 24.62
C GLN C 35 -3.69 -13.91 24.72
N ILE C 36 -4.34 -15.06 24.75
CA ILE C 36 -3.65 -16.32 24.96
C ILE C 36 -3.16 -16.82 23.60
N ASP C 37 -1.87 -16.79 23.39
CA ASP C 37 -1.22 -17.44 22.26
C ASP C 37 -0.16 -18.40 22.83
N ASP C 38 0.56 -19.08 21.93
CA ASP C 38 1.51 -20.09 22.37
C ASP C 38 2.61 -19.47 23.23
N ASN C 39 3.08 -18.27 22.88
CA ASN C 39 4.13 -17.60 23.65
C ASN C 39 3.69 -17.34 25.08
N VAL C 40 2.48 -16.82 25.25
CA VAL C 40 1.93 -16.60 26.58
C VAL C 40 1.78 -17.92 27.32
N ALA C 41 1.25 -18.95 26.64
CA ALA C 41 1.07 -20.25 27.28
C ALA C 41 2.41 -20.87 27.68
N ASN C 42 3.40 -20.84 26.79
CA ASN C 42 4.71 -21.42 27.11
C ASN C 42 5.31 -20.77 28.35
N SER C 43 5.16 -19.45 28.46
CA SER C 43 5.70 -18.75 29.63
C SER C 43 4.99 -19.15 30.90
N ILE C 44 3.67 -19.19 30.87
CA ILE C 44 2.89 -19.52 32.06
C ILE C 44 3.15 -20.96 32.51
N VAL C 45 3.17 -21.92 31.58
CA VAL C 45 3.39 -23.30 32.03
C VAL C 45 4.83 -23.48 32.56
N SER C 46 5.80 -22.75 32.02
CA SER C 46 7.16 -22.80 32.54
C SER C 46 7.23 -22.18 33.94
N GLN C 47 6.52 -21.08 34.13
CA GLN C 47 6.41 -20.51 35.47
C GLN C 47 5.77 -21.47 36.45
N LEU C 48 4.70 -22.16 36.01
CA LEU C 48 4.05 -23.14 36.88
C LEU C 48 5.02 -24.25 37.27
N LEU C 49 5.75 -24.77 36.29
CA LEU C 49 6.71 -25.83 36.56
C LEU C 49 7.79 -25.36 37.53
N PHE C 50 8.27 -24.13 37.35
CA PHE C 50 9.28 -23.56 38.23
C PHE C 50 8.77 -23.42 39.66
N LEU C 51 7.55 -22.88 39.81
CA LEU C 51 7.02 -22.67 41.16
C LEU C 51 6.78 -23.99 41.88
N GLN C 52 6.28 -25.02 41.16
CA GLN C 52 6.13 -26.34 41.78
C GLN C 52 7.46 -26.85 42.31
N ALA C 53 8.54 -26.64 41.54
CA ALA C 53 9.86 -27.10 41.97
C ALA C 53 10.35 -26.33 43.19
N GLN C 54 10.03 -25.05 43.26
CA GLN C 54 10.36 -24.26 44.44
C GLN C 54 9.67 -24.80 45.68
N ASP C 55 8.38 -25.13 45.55
CA ASP C 55 7.62 -25.62 46.69
C ASP C 55 6.38 -26.30 46.13
N SER C 56 6.25 -27.61 46.37
CA SER C 56 5.15 -28.37 45.78
C SER C 56 3.86 -28.31 46.58
N GLU C 57 3.85 -27.63 47.71
CA GLU C 57 2.68 -27.63 48.55
C GLU C 57 2.01 -26.29 48.59
N LYS C 58 2.76 -25.19 48.45
CA LYS C 58 2.18 -23.88 48.66
C LYS C 58 1.46 -23.38 47.43
N ASP C 59 0.39 -22.64 47.69
CA ASP C 59 -0.51 -22.17 46.65
C ASP C 59 0.21 -21.27 45.65
N ILE C 60 -0.31 -21.30 44.42
CA ILE C 60 0.09 -20.42 43.33
C ILE C 60 -1.11 -19.54 43.02
N TYR C 61 -0.86 -18.31 42.60
CA TYR C 61 -1.93 -17.35 42.33
C TYR C 61 -1.85 -16.97 40.87
N LEU C 62 -2.91 -17.28 40.11
CA LEU C 62 -2.99 -16.93 38.70
C LEU C 62 -3.93 -15.74 38.54
N TYR C 63 -3.36 -14.61 38.14
CA TYR C 63 -4.11 -13.40 37.80
C TYR C 63 -4.66 -13.53 36.38
N ILE C 64 -5.95 -13.25 36.20
CA ILE C 64 -6.56 -13.40 34.88
C ILE C 64 -7.21 -12.10 34.48
N ASN C 65 -6.63 -11.44 33.46
CA ASN C 65 -7.24 -10.32 32.74
C ASN C 65 -6.99 -10.61 31.27
N SER C 66 -7.88 -11.40 30.67
CA SER C 66 -7.60 -11.92 29.34
C SER C 66 -8.85 -12.07 28.47
N PRO C 67 -8.77 -11.70 27.20
CA PRO C 67 -9.89 -11.95 26.28
C PRO C 67 -9.92 -13.36 25.71
N GLY C 68 -9.05 -14.25 26.19
CA GLY C 68 -8.97 -15.59 25.63
C GLY C 68 -7.97 -15.63 24.50
N GLY C 69 -8.14 -16.57 23.59
CA GLY C 69 -7.23 -16.73 22.47
C GLY C 69 -7.23 -18.16 21.97
N SER C 70 -6.06 -18.72 21.77
CA SER C 70 -5.93 -20.05 21.19
C SER C 70 -6.47 -21.12 22.13
N VAL C 71 -7.28 -22.04 21.60
CA VAL C 71 -7.80 -23.13 22.44
C VAL C 71 -6.67 -24.08 22.85
N THR C 72 -5.79 -24.46 21.92
CA THR C 72 -4.69 -25.35 22.30
C THR C 72 -3.75 -24.70 23.31
N ALA C 73 -3.46 -23.40 23.14
CA ALA C 73 -2.60 -22.72 24.12
C ALA C 73 -3.26 -22.68 25.49
N GLY C 74 -4.56 -22.40 25.53
CA GLY C 74 -5.30 -22.48 26.79
C GLY C 74 -5.26 -23.86 27.42
N PHE C 75 -5.37 -24.91 26.60
CA PHE C 75 -5.31 -26.25 27.19
C PHE C 75 -3.91 -26.61 27.65
N ALA C 76 -2.88 -26.01 27.06
CA ALA C 76 -1.54 -26.14 27.64
C ALA C 76 -1.52 -25.65 29.07
N ILE C 77 -2.11 -24.48 29.31
CA ILE C 77 -2.19 -23.94 30.67
C ILE C 77 -3.10 -24.82 31.53
N TYR C 78 -4.27 -25.20 31.00
CA TYR C 78 -5.18 -26.03 31.78
C TYR C 78 -4.50 -27.31 32.26
N ASP C 79 -3.87 -28.04 31.34
CA ASP C 79 -3.29 -29.34 31.71
C ASP C 79 -2.13 -29.19 32.68
N THR C 80 -1.35 -28.10 32.57
CA THR C 80 -0.25 -27.91 33.53
C THR C 80 -0.78 -27.58 34.91
N ILE C 81 -1.83 -26.75 35.01
CA ILE C 81 -2.45 -26.49 36.30
C ILE C 81 -2.87 -27.80 36.95
N GLN C 82 -3.57 -28.65 36.20
CA GLN C 82 -4.06 -29.89 36.79
C GLN C 82 -2.92 -30.85 37.12
N HIS C 83 -1.81 -30.78 36.38
CA HIS C 83 -0.71 -31.72 36.60
C HIS C 83 0.01 -31.47 37.93
N ILE C 84 0.30 -30.22 38.24
CA ILE C 84 1.17 -29.96 39.39
C ILE C 84 0.38 -30.15 40.69
N LYS C 85 1.11 -30.34 41.78
CA LYS C 85 0.65 -30.55 43.15
C LYS C 85 0.05 -29.29 43.79
N PRO C 86 0.68 -28.12 43.67
CA PRO C 86 0.13 -26.94 44.37
C PRO C 86 -1.26 -26.57 43.85
N ASP C 87 -2.11 -26.11 44.76
CA ASP C 87 -3.34 -25.47 44.33
C ASP C 87 -3.02 -24.23 43.52
N VAL C 88 -3.74 -24.02 42.42
CA VAL C 88 -3.62 -22.80 41.64
C VAL C 88 -4.90 -21.98 41.84
N GLN C 89 -4.80 -20.91 42.62
CA GLN C 89 -5.90 -19.97 42.76
C GLN C 89 -6.05 -19.17 41.47
N THR C 90 -7.29 -18.85 41.12
CA THR C 90 -7.54 -17.97 39.99
C THR C 90 -8.34 -16.78 40.47
N ILE C 91 -7.97 -15.59 40.00
CA ILE C 91 -8.72 -14.38 40.33
C ILE C 91 -8.92 -13.58 39.05
N CYS C 92 -10.17 -13.30 38.73
CA CYS C 92 -10.49 -12.47 37.58
C CYS C 92 -10.51 -11.00 37.99
N ILE C 93 -9.67 -10.21 37.32
CA ILE C 93 -9.55 -8.77 37.54
C ILE C 93 -9.63 -8.11 36.16
N GLY C 94 -10.61 -7.24 35.96
CA GLY C 94 -10.83 -6.69 34.62
C GLY C 94 -11.78 -7.53 33.80
N MET C 95 -11.26 -8.53 33.09
CA MET C 95 -12.12 -9.37 32.25
C MET C 95 -11.52 -10.76 32.15
N ALA C 96 -12.41 -11.76 32.01
CA ALA C 96 -12.02 -13.11 31.61
C ALA C 96 -13.03 -13.58 30.58
N ALA C 97 -12.61 -13.72 29.32
CA ALA C 97 -13.51 -14.09 28.23
C ALA C 97 -13.02 -15.36 27.54
N SER C 98 -13.97 -16.19 27.14
CA SER C 98 -13.70 -17.37 26.30
C SER C 98 -12.69 -18.26 27.01
N MET C 99 -11.54 -18.61 26.40
CA MET C 99 -10.54 -19.43 27.09
C MET C 99 -10.06 -18.80 28.39
N GLY C 100 -10.14 -17.47 28.50
CA GLY C 100 -9.84 -16.82 29.77
C GLY C 100 -10.80 -17.21 30.87
N SER C 101 -12.11 -17.24 30.57
CA SER C 101 -13.07 -17.65 31.59
C SER C 101 -13.02 -19.15 31.82
N PHE C 102 -12.65 -19.91 30.79
CA PHE C 102 -12.44 -21.34 30.96
C PHE C 102 -11.33 -21.60 31.97
N LEU C 103 -10.22 -20.87 31.86
CA LEU C 103 -9.11 -21.05 32.78
C LEU C 103 -9.44 -20.53 34.18
N LEU C 104 -10.22 -19.44 34.24
CA LEU C 104 -10.74 -18.97 35.52
C LEU C 104 -11.48 -20.09 36.25
N ALA C 105 -12.39 -20.76 35.54
CA ALA C 105 -13.16 -21.84 36.15
C ALA C 105 -12.32 -23.06 36.50
N ALA C 106 -11.08 -23.11 36.00
CA ALA C 106 -10.20 -24.26 36.17
C ALA C 106 -9.33 -24.18 37.42
N GLY C 107 -9.44 -23.12 38.21
CA GLY C 107 -8.63 -23.00 39.41
C GLY C 107 -9.02 -23.99 40.50
N ALA C 108 -8.13 -24.10 41.51
CA ALA C 108 -8.38 -25.01 42.62
C ALA C 108 -9.75 -24.73 43.19
N LYS C 109 -10.52 -25.79 43.46
CA LYS C 109 -11.88 -25.55 43.90
C LYS C 109 -11.93 -24.95 45.29
N GLY C 110 -12.82 -23.97 45.48
CA GLY C 110 -12.79 -23.11 46.65
C GLY C 110 -11.89 -21.91 46.51
N LYS C 111 -11.07 -21.87 45.47
CA LYS C 111 -10.08 -20.80 45.34
C LYS C 111 -10.17 -20.12 43.98
N ARG C 112 -11.38 -20.01 43.42
CA ARG C 112 -11.63 -19.27 42.19
C ARG C 112 -12.40 -18.01 42.55
N PHE C 113 -11.85 -16.85 42.20
CA PHE C 113 -12.35 -15.55 42.65
C PHE C 113 -12.54 -14.59 41.49
N ALA C 114 -13.34 -13.56 41.72
CA ALA C 114 -13.42 -12.41 40.83
C ALA C 114 -13.63 -11.18 41.70
N LEU C 115 -13.08 -10.04 41.27
CA LEU C 115 -13.34 -8.78 41.95
C LEU C 115 -14.67 -8.23 41.48
N PRO C 116 -15.31 -7.36 42.28
CA PRO C 116 -16.75 -7.11 42.07
C PRO C 116 -17.13 -6.60 40.69
N ASN C 117 -16.29 -5.80 40.04
CA ASN C 117 -16.65 -5.25 38.74
C ASN C 117 -15.96 -5.97 37.58
N ALA C 118 -15.31 -7.10 37.86
CA ALA C 118 -14.72 -7.89 36.80
C ALA C 118 -15.81 -8.47 35.90
N GLU C 119 -15.47 -8.62 34.63
CA GLU C 119 -16.38 -9.06 33.59
C GLU C 119 -16.01 -10.48 33.17
N VAL C 120 -16.99 -11.38 33.13
CA VAL C 120 -16.76 -12.75 32.70
C VAL C 120 -17.65 -13.00 31.48
N MET C 121 -17.08 -13.61 30.44
CA MET C 121 -17.82 -13.93 29.24
C MET C 121 -17.49 -15.35 28.80
N ILE C 122 -18.53 -16.11 28.42
CA ILE C 122 -18.38 -17.46 27.87
C ILE C 122 -19.04 -17.48 26.49
N HIS C 123 -18.48 -18.28 25.59
CA HIS C 123 -19.04 -18.46 24.25
C HIS C 123 -18.42 -19.72 23.65
N GLN C 124 -18.83 -20.05 22.44
CA GLN C 124 -18.25 -21.24 21.82
C GLN C 124 -16.96 -20.89 21.07
N PRO C 125 -16.12 -21.89 20.79
CA PRO C 125 -14.86 -21.62 20.10
C PRO C 125 -15.10 -21.15 18.68
N LEU C 126 -14.10 -20.42 18.17
CA LEU C 126 -14.14 -19.82 16.84
C LEU C 126 -13.04 -20.43 15.98
N GLY C 127 -13.30 -20.52 14.69
CA GLY C 127 -12.31 -21.03 13.80
C GLY C 127 -12.65 -20.75 12.36
N GLY C 128 -12.09 -21.55 11.48
CA GLY C 128 -12.32 -21.34 10.07
C GLY C 128 -11.80 -22.52 9.28
N ALA C 129 -12.18 -22.53 8.01
CA ALA C 129 -11.79 -23.59 7.10
C ALA C 129 -11.96 -23.08 5.68
N GLN C 130 -10.98 -23.36 4.83
CA GLN C 130 -11.06 -23.04 3.42
C GLN C 130 -10.56 -24.22 2.61
N GLY C 131 -11.21 -24.48 1.47
CA GLY C 131 -10.75 -25.51 0.58
C GLY C 131 -11.81 -26.49 0.12
N GLN C 132 -11.42 -27.73 -0.09
CA GLN C 132 -12.33 -28.73 -0.60
C GLN C 132 -13.38 -29.09 0.45
N ALA C 133 -14.53 -29.58 -0.04
CA ALA C 133 -15.57 -30.07 0.86
C ALA C 133 -15.01 -31.04 1.91
N THR C 134 -14.20 -31.99 1.53
CA THR C 134 -13.64 -32.92 2.49
C THR C 134 -12.72 -32.24 3.53
N GLU C 135 -12.00 -31.19 3.10
CA GLU C 135 -11.21 -30.42 4.05
C GLU C 135 -12.10 -29.63 5.01
N ILE C 136 -13.18 -29.04 4.51
CA ILE C 136 -14.12 -28.34 5.37
C ILE C 136 -14.70 -29.30 6.41
N GLU C 137 -15.05 -30.52 5.98
CA GLU C 137 -15.62 -31.51 6.89
C GLU C 137 -14.64 -31.86 8.01
N ILE C 138 -13.38 -32.05 7.68
CA ILE C 138 -12.37 -32.35 8.69
C ILE C 138 -12.28 -31.22 9.72
N ALA C 139 -12.24 -29.96 9.24
CA ALA C 139 -12.16 -28.82 10.13
C ALA C 139 -13.41 -28.70 11.01
N ALA C 140 -14.58 -28.96 10.43
CA ALA C 140 -15.83 -28.90 11.18
C ALA C 140 -15.88 -29.97 12.26
N ASN C 141 -15.55 -31.22 11.92
CA ASN C 141 -15.56 -32.29 12.92
C ASN C 141 -14.58 -31.98 14.04
N HIS C 142 -13.45 -31.36 13.70
CA HIS C 142 -12.44 -31.05 14.71
C HIS C 142 -12.94 -29.98 15.68
N ILE C 143 -13.50 -28.89 15.16
CA ILE C 143 -13.91 -27.82 16.07
C ILE C 143 -15.14 -28.23 16.88
N LEU C 144 -16.01 -29.07 16.32
CA LEU C 144 -17.13 -29.59 17.12
C LEU C 144 -16.64 -30.47 18.26
N LYS C 145 -15.65 -31.34 17.99
CA LYS C 145 -15.10 -32.18 19.06
C LYS C 145 -14.44 -31.31 20.13
N THR C 146 -13.70 -30.28 19.71
CA THR C 146 -13.10 -29.35 20.66
C THR C 146 -14.16 -28.66 21.52
N ARG C 147 -15.27 -28.24 20.90
CA ARG C 147 -16.33 -27.61 21.70
C ARG C 147 -16.90 -28.59 22.71
N GLU C 148 -17.16 -29.84 22.30
CA GLU C 148 -17.69 -30.83 23.22
C GLU C 148 -16.74 -31.02 24.41
N LYS C 149 -15.44 -31.08 24.14
CA LYS C 149 -14.43 -31.26 25.18
C LYS C 149 -14.46 -30.10 26.17
N LEU C 150 -14.49 -28.87 25.65
CA LEU C 150 -14.59 -27.69 26.49
C LEU C 150 -15.86 -27.70 27.31
N ASN C 151 -17.00 -27.99 26.67
CA ASN C 151 -18.27 -27.95 27.39
C ASN C 151 -18.31 -29.01 28.48
N ARG C 152 -17.76 -30.19 28.20
CA ARG C 152 -17.70 -31.27 29.19
C ARG C 152 -16.97 -30.81 30.44
N ILE C 153 -15.78 -30.23 30.27
CA ILE C 153 -15.00 -29.80 31.41
C ILE C 153 -15.70 -28.65 32.13
N LEU C 154 -16.27 -27.71 31.36
CA LEU C 154 -16.99 -26.61 32.01
C LEU C 154 -18.13 -27.14 32.86
N SER C 155 -18.84 -28.17 32.38
CA SER C 155 -19.89 -28.79 33.16
C SER C 155 -19.37 -29.36 34.49
N GLU C 156 -18.29 -30.13 34.42
CA GLU C 156 -17.70 -30.69 35.64
C GLU C 156 -17.25 -29.59 36.59
N ARG C 157 -16.70 -28.50 36.06
CA ARG C 157 -16.15 -27.46 36.92
C ARG C 157 -17.23 -26.56 37.50
N THR C 158 -18.37 -26.41 36.83
CA THR C 158 -19.41 -25.50 37.32
C THR C 158 -20.56 -26.21 38.02
N GLY C 159 -20.75 -27.52 37.76
CA GLY C 159 -21.94 -28.21 38.22
C GLY C 159 -23.15 -28.10 37.31
N GLN C 160 -23.05 -27.37 36.21
CA GLN C 160 -24.15 -27.27 35.25
C GLN C 160 -24.18 -28.47 34.33
N SER C 161 -25.36 -28.78 33.81
CA SER C 161 -25.46 -29.85 32.84
C SER C 161 -24.78 -29.45 31.54
N ILE C 162 -24.34 -30.46 30.80
CA ILE C 162 -23.72 -30.23 29.49
C ILE C 162 -24.70 -29.51 28.56
N GLU C 163 -25.98 -29.87 28.63
CA GLU C 163 -26.96 -29.22 27.74
C GLU C 163 -27.09 -27.75 28.08
N LYS C 164 -27.01 -27.41 29.35
CA LYS C 164 -27.13 -26.00 29.73
C LYS C 164 -25.90 -25.23 29.28
N ILE C 165 -24.70 -25.80 29.42
CA ILE C 165 -23.50 -25.14 28.92
C ILE C 165 -23.61 -24.91 27.41
N GLN C 166 -24.05 -25.92 26.67
CA GLN C 166 -24.21 -25.76 25.22
C GLN C 166 -25.15 -24.61 24.91
N LYS C 167 -26.30 -24.56 25.59
CA LYS C 167 -27.28 -23.50 25.35
C LYS C 167 -26.73 -22.12 25.73
N ASP C 168 -26.01 -22.02 26.85
CA ASP C 168 -25.53 -20.74 27.37
C ASP C 168 -24.28 -20.20 26.66
N THR C 169 -23.61 -21.00 25.83
CA THR C 169 -22.43 -20.55 25.08
C THR C 169 -22.70 -20.45 23.58
N ASP C 170 -23.96 -20.62 23.15
CA ASP C 170 -24.26 -20.57 21.72
C ASP C 170 -23.89 -19.21 21.13
N ARG C 171 -24.14 -18.14 21.89
CA ARG C 171 -23.74 -16.79 21.51
C ARG C 171 -22.99 -16.19 22.70
N ASP C 172 -22.34 -15.05 22.48
CA ASP C 172 -21.62 -14.37 23.56
C ASP C 172 -22.52 -14.19 24.77
N ASN C 173 -22.02 -14.57 25.95
CA ASN C 173 -22.82 -14.53 27.17
C ASN C 173 -22.03 -13.80 28.25
N PHE C 174 -22.44 -12.57 28.56
CA PHE C 174 -21.73 -11.76 29.55
C PHE C 174 -22.32 -11.98 30.93
N LEU C 175 -21.44 -12.12 31.92
CA LEU C 175 -21.84 -12.33 33.30
C LEU C 175 -21.10 -11.35 34.21
N THR C 176 -21.83 -10.79 35.17
CA THR C 176 -21.19 -10.09 36.26
C THR C 176 -20.44 -11.09 37.14
N ALA C 177 -19.59 -10.55 38.01
CA ALA C 177 -18.88 -11.42 38.95
C ALA C 177 -19.86 -12.22 39.80
N GLU C 178 -20.93 -11.56 40.28
CA GLU C 178 -21.94 -12.27 41.08
C GLU C 178 -22.62 -13.36 40.28
N GLU C 179 -22.94 -13.08 39.00
CA GLU C 179 -23.54 -14.10 38.15
C GLU C 179 -22.59 -15.26 37.87
N ALA C 180 -21.29 -14.96 37.75
CA ALA C 180 -20.32 -16.03 37.55
C ALA C 180 -20.25 -16.93 38.78
N LYS C 181 -20.43 -16.37 39.97
CA LYS C 181 -20.49 -17.18 41.18
C LYS C 181 -21.71 -18.10 41.20
N GLU C 182 -22.89 -17.55 40.94
CA GLU C 182 -24.09 -18.37 40.92
C GLU C 182 -24.02 -19.43 39.84
N TYR C 183 -23.34 -19.10 38.73
CA TYR C 183 -23.20 -20.04 37.63
C TYR C 183 -22.27 -21.20 37.97
N GLY C 184 -21.37 -21.00 38.94
CA GLY C 184 -20.36 -22.00 39.23
C GLY C 184 -19.02 -21.79 38.58
N LEU C 185 -18.82 -20.65 37.89
CA LEU C 185 -17.52 -20.36 37.27
C LEU C 185 -16.48 -19.96 38.30
N ILE C 186 -16.91 -19.28 39.37
CA ILE C 186 -16.06 -18.91 40.50
C ILE C 186 -16.77 -19.31 41.78
N ASP C 187 -16.03 -19.31 42.89
CA ASP C 187 -16.53 -19.67 44.21
C ASP C 187 -16.92 -18.49 45.08
N GLU C 188 -16.25 -17.40 44.85
CA GLU C 188 -16.44 -16.25 45.64
C GLU C 188 -16.20 -14.91 45.00
N VAL C 189 -17.03 -13.94 45.32
CA VAL C 189 -16.71 -12.59 44.89
C VAL C 189 -15.92 -11.92 46.01
N MET C 190 -14.68 -11.54 45.72
CA MET C 190 -13.82 -10.95 46.75
C MET C 190 -14.21 -9.50 46.94
N VAL C 191 -14.81 -9.19 48.09
CA VAL C 191 -15.35 -7.87 48.41
C VAL C 191 -14.28 -6.99 49.05
N PRO C 192 -14.31 -5.66 48.84
CA PRO C 192 -13.30 -4.78 49.47
C PRO C 192 -13.42 -4.76 50.98
N GLU C 193 -12.27 -4.63 51.65
CA GLU C 193 -12.24 -4.48 53.11
C GLU C 193 -12.69 -3.08 53.53
N LEU D 3 8.42 -9.14 28.82
CA LEU D 3 7.44 -10.18 28.54
C LEU D 3 7.75 -11.47 29.31
N ILE D 4 8.99 -11.94 29.22
CA ILE D 4 9.40 -13.21 29.81
C ILE D 4 9.97 -12.93 31.20
N PRO D 5 9.43 -13.54 32.26
CA PRO D 5 9.91 -13.20 33.60
C PRO D 5 11.30 -13.73 33.85
N THR D 6 11.95 -13.10 34.83
CA THR D 6 13.28 -13.44 35.30
C THR D 6 13.19 -14.08 36.68
N VAL D 7 13.97 -15.13 36.91
CA VAL D 7 14.10 -15.72 38.23
C VAL D 7 15.57 -15.66 38.61
N ILE D 8 15.86 -15.47 39.89
CA ILE D 8 17.23 -15.35 40.38
C ILE D 8 17.41 -16.32 41.53
N GLU D 9 18.34 -17.24 41.40
CA GLU D 9 18.81 -18.07 42.51
C GLU D 9 20.15 -17.52 43.01
N THR D 10 20.36 -17.59 44.33
CA THR D 10 21.63 -17.20 44.95
C THR D 10 22.30 -18.45 45.47
N THR D 11 23.53 -18.70 45.01
CA THR D 11 24.27 -19.87 45.42
C THR D 11 25.51 -19.48 46.24
C ARG D 16 21.04 -15.43 38.59
N ALA D 17 20.95 -14.64 37.51
CA ALA D 17 19.68 -14.17 36.99
C ALA D 17 19.37 -14.89 35.68
N TYR D 18 18.20 -15.49 35.61
CA TYR D 18 17.79 -16.21 34.42
C TYR D 18 16.44 -15.71 33.96
N ASP D 19 16.29 -15.58 32.65
CA ASP D 19 14.96 -15.67 32.09
C ASP D 19 14.43 -17.07 32.34
N ILE D 20 13.09 -17.21 32.38
CA ILE D 20 12.51 -18.46 32.87
C ILE D 20 12.95 -19.65 32.01
N TYR D 21 13.12 -19.43 30.70
CA TYR D 21 13.49 -20.55 29.83
C TYR D 21 14.93 -20.99 30.07
N SER D 22 15.84 -20.03 30.28
CA SER D 22 17.20 -20.41 30.64
C SER D 22 17.24 -21.14 31.98
N ARG D 23 16.37 -20.74 32.92
CA ARG D 23 16.27 -21.47 34.18
C ARG D 23 15.89 -22.92 33.95
N LEU D 24 14.93 -23.16 33.07
CA LEU D 24 14.53 -24.54 32.77
C LEU D 24 15.68 -25.29 32.09
N LEU D 25 16.44 -24.61 31.22
CA LEU D 25 17.57 -25.26 30.57
C LEU D 25 18.61 -25.71 31.58
N LYS D 26 18.71 -25.01 32.70
CA LYS D 26 19.60 -25.45 33.76
C LYS D 26 19.24 -26.85 34.25
N ASP D 27 17.96 -27.21 34.25
CA ASP D 27 17.54 -28.56 34.63
C ASP D 27 17.31 -29.45 33.42
N ARG D 28 17.99 -29.19 32.31
CA ARG D 28 18.00 -30.08 31.14
C ARG D 28 16.65 -30.14 30.43
N ILE D 29 15.89 -29.05 30.49
CA ILE D 29 14.60 -28.93 29.82
C ILE D 29 14.78 -27.97 28.65
N ILE D 30 14.40 -28.41 27.45
CA ILE D 30 14.47 -27.60 26.24
C ILE D 30 13.05 -27.30 25.75
N MET D 31 12.80 -26.06 25.33
CA MET D 31 11.50 -25.63 24.85
C MET D 31 11.48 -25.66 23.32
N LEU D 32 10.60 -26.47 22.74
CA LEU D 32 10.23 -26.34 21.34
C LEU D 32 8.80 -25.79 21.37
N GLY D 33 8.71 -24.48 21.43
CA GLY D 33 7.42 -23.87 21.69
C GLY D 33 6.95 -22.93 20.61
N SER D 34 7.40 -23.13 19.38
CA SER D 34 7.02 -22.25 18.29
C SER D 34 7.07 -23.02 16.97
N GLN D 35 6.66 -22.34 15.90
CA GLN D 35 6.87 -22.85 14.56
C GLN D 35 8.34 -23.16 14.34
N ILE D 36 8.61 -24.25 13.64
CA ILE D 36 9.97 -24.73 13.42
C ILE D 36 10.53 -24.06 12.18
N ASP D 37 11.52 -23.21 12.37
CA ASP D 37 12.34 -22.68 11.30
C ASP D 37 13.80 -22.99 11.62
N ASP D 38 14.71 -22.53 10.77
CA ASP D 38 16.11 -22.84 11.00
C ASP D 38 16.61 -22.25 12.32
N ASN D 39 16.19 -21.03 12.66
CA ASN D 39 16.68 -20.40 13.89
C ASN D 39 16.30 -21.24 15.10
N VAL D 40 15.04 -21.67 15.16
CA VAL D 40 14.58 -22.49 16.28
C VAL D 40 15.36 -23.80 16.31
N ALA D 41 15.57 -24.43 15.15
CA ALA D 41 16.30 -25.69 15.13
C ALA D 41 17.75 -25.50 15.59
N ASN D 42 18.40 -24.45 15.08
CA ASN D 42 19.79 -24.17 15.48
C ASN D 42 19.92 -24.01 16.99
N SER D 43 18.96 -23.33 17.62
CA SER D 43 19.00 -23.14 19.06
C SER D 43 18.84 -24.47 19.78
N ILE D 44 17.85 -25.27 19.37
CA ILE D 44 17.57 -26.53 20.05
C ILE D 44 18.74 -27.50 19.89
N VAL D 45 19.29 -27.64 18.69
CA VAL D 45 20.37 -28.62 18.54
C VAL D 45 21.61 -28.17 19.33
N SER D 46 21.86 -26.86 19.43
CA SER D 46 22.97 -26.37 20.24
C SER D 46 22.72 -26.63 21.73
N GLN D 47 21.48 -26.45 22.18
CA GLN D 47 21.16 -26.80 23.57
C GLN D 47 21.36 -28.28 23.82
N LEU D 48 20.94 -29.13 22.89
CA LEU D 48 21.17 -30.57 23.02
C LEU D 48 22.66 -30.89 23.11
N LEU D 49 23.48 -30.30 22.24
CA LEU D 49 24.91 -30.56 22.28
C LEU D 49 25.52 -30.11 23.61
N PHE D 50 25.09 -28.94 24.11
CA PHE D 50 25.57 -28.45 25.39
C PHE D 50 25.15 -29.36 26.54
N LEU D 51 23.89 -29.81 26.56
CA LEU D 51 23.46 -30.65 27.68
C LEU D 51 24.19 -32.00 27.68
N GLN D 52 24.39 -32.61 26.50
CA GLN D 52 25.16 -33.86 26.42
C GLN D 52 26.55 -33.69 27.00
N ALA D 53 27.19 -32.55 26.70
CA ALA D 53 28.53 -32.28 27.22
C ALA D 53 28.52 -32.08 28.73
N GLN D 54 27.47 -31.47 29.27
CA GLN D 54 27.39 -31.33 30.72
C GLN D 54 27.27 -32.69 31.40
N ASP D 55 26.43 -33.56 30.83
CA ASP D 55 26.19 -34.87 31.41
C ASP D 55 25.67 -35.75 30.29
N SER D 56 26.42 -36.79 29.94
CA SER D 56 26.04 -37.64 28.85
C SER D 56 25.15 -38.81 29.30
N GLU D 57 24.79 -38.88 30.58
CA GLU D 57 23.95 -39.96 31.11
C GLU D 57 22.57 -39.51 31.52
N LYS D 58 22.41 -38.27 32.01
CA LYS D 58 21.12 -37.82 32.50
C LYS D 58 20.16 -37.53 31.35
N ASP D 59 18.88 -37.83 31.59
CA ASP D 59 17.86 -37.58 30.58
C ASP D 59 17.79 -36.09 30.25
N ILE D 60 17.31 -35.81 29.04
CA ILE D 60 16.97 -34.48 28.59
C ILE D 60 15.47 -34.50 28.34
N TYR D 61 14.81 -33.35 28.56
CA TYR D 61 13.37 -33.23 28.42
C TYR D 61 13.06 -32.19 27.35
N LEU D 62 12.40 -32.63 26.28
CA LEU D 62 11.99 -31.74 25.19
C LEU D 62 10.50 -31.45 25.34
N TYR D 63 10.17 -30.21 25.68
CA TYR D 63 8.78 -29.75 25.68
C TYR D 63 8.35 -29.39 24.26
N ILE D 64 7.17 -29.84 23.83
CA ILE D 64 6.71 -29.59 22.47
C ILE D 64 5.33 -28.95 22.50
N ASN D 65 5.25 -27.69 22.07
CA ASN D 65 4.00 -27.00 21.80
C ASN D 65 4.24 -26.30 20.46
N SER D 66 4.00 -27.00 19.36
CA SER D 66 4.44 -26.51 18.05
C SER D 66 3.52 -26.93 16.91
N PRO D 67 3.20 -26.04 15.98
CA PRO D 67 2.47 -26.43 14.76
C PRO D 67 3.36 -27.01 13.67
N GLY D 68 4.64 -27.23 13.96
CA GLY D 68 5.53 -27.75 12.96
C GLY D 68 6.18 -26.60 12.21
N GLY D 69 6.55 -26.85 10.96
CA GLY D 69 7.27 -25.87 10.17
C GLY D 69 8.16 -26.55 9.16
N SER D 70 9.42 -26.12 9.13
CA SER D 70 10.36 -26.59 8.12
C SER D 70 10.70 -28.07 8.33
N VAL D 71 10.61 -28.86 7.26
CA VAL D 71 10.97 -30.27 7.39
C VAL D 71 12.47 -30.44 7.64
N THR D 72 13.32 -29.73 6.90
CA THR D 72 14.76 -29.92 7.11
C THR D 72 15.18 -29.44 8.50
N ALA D 73 14.60 -28.33 8.96
CA ALA D 73 14.87 -27.87 10.31
C ALA D 73 14.42 -28.90 11.34
N GLY D 74 13.26 -29.52 11.12
CA GLY D 74 12.83 -30.60 12.00
C GLY D 74 13.81 -31.76 11.99
N PHE D 75 14.38 -32.09 10.82
CA PHE D 75 15.34 -33.18 10.78
C PHE D 75 16.68 -32.81 11.40
N ALA D 76 17.03 -31.51 11.41
CA ALA D 76 18.18 -31.10 12.22
C ALA D 76 17.98 -31.50 13.68
N ILE D 77 16.80 -31.21 14.23
CA ILE D 77 16.48 -31.59 15.61
C ILE D 77 16.41 -33.12 15.75
N TYR D 78 15.72 -33.78 14.81
CA TYR D 78 15.61 -35.24 14.88
C TYR D 78 16.99 -35.90 14.93
N ASP D 79 17.90 -35.52 14.02
CA ASP D 79 19.18 -36.20 13.92
C ASP D 79 20.04 -35.94 15.14
N THR D 80 19.97 -34.72 15.69
CA THR D 80 20.75 -34.41 16.87
C THR D 80 20.26 -35.21 18.07
N ILE D 81 18.94 -35.34 18.21
CA ILE D 81 18.39 -36.20 19.25
C ILE D 81 18.96 -37.61 19.11
N GLN D 82 18.88 -38.20 17.90
CA GLN D 82 19.34 -39.58 17.77
C GLN D 82 20.85 -39.69 17.94
N HIS D 83 21.60 -38.65 17.58
CA HIS D 83 23.05 -38.73 17.67
C HIS D 83 23.56 -38.83 19.11
N ILE D 84 23.00 -38.03 20.03
CA ILE D 84 23.60 -37.89 21.36
C ILE D 84 23.27 -39.11 22.22
N LYS D 85 24.03 -39.28 23.31
CA LYS D 85 23.93 -40.36 24.29
C LYS D 85 22.71 -40.28 25.23
N PRO D 86 22.38 -39.12 25.82
CA PRO D 86 21.24 -39.08 26.74
C PRO D 86 19.93 -39.43 26.04
N ASP D 87 19.05 -40.09 26.78
CA ASP D 87 17.67 -40.20 26.34
C ASP D 87 17.06 -38.80 26.29
N VAL D 88 16.32 -38.51 25.23
CA VAL D 88 15.58 -37.25 25.13
C VAL D 88 14.11 -37.58 25.26
N GLN D 89 13.54 -37.26 26.41
CA GLN D 89 12.10 -37.38 26.60
C GLN D 89 11.39 -36.32 25.78
N THR D 90 10.20 -36.66 25.29
CA THR D 90 9.34 -35.68 24.65
C THR D 90 8.02 -35.61 25.38
N ILE D 91 7.50 -34.39 25.57
CA ILE D 91 6.19 -34.19 26.16
C ILE D 91 5.42 -33.17 25.35
N CYS D 92 4.25 -33.56 24.86
CA CYS D 92 3.38 -32.65 24.12
C CYS D 92 2.43 -31.96 25.08
N ILE D 93 2.48 -30.63 25.11
CA ILE D 93 1.61 -29.81 25.94
C ILE D 93 1.02 -28.74 25.05
N GLY D 94 -0.31 -28.66 24.99
CA GLY D 94 -0.93 -27.77 24.03
C GLY D 94 -1.16 -28.47 22.69
N MET D 95 -0.18 -28.44 21.80
CA MET D 95 -0.34 -29.03 20.48
C MET D 95 1.00 -29.49 19.92
N ALA D 96 0.95 -30.56 19.14
CA ALA D 96 2.09 -30.97 18.30
C ALA D 96 1.50 -31.36 16.97
N ALA D 97 1.80 -30.57 15.93
CA ALA D 97 1.24 -30.81 14.61
C ALA D 97 2.36 -30.94 13.60
N SER D 98 2.16 -31.84 12.62
CA SER D 98 3.04 -31.97 11.46
C SER D 98 4.45 -32.31 11.93
N MET D 99 5.49 -31.52 11.61
CA MET D 99 6.83 -31.82 12.12
C MET D 99 6.89 -31.84 13.64
N GLY D 100 6.01 -31.09 14.30
CA GLY D 100 5.95 -31.15 15.75
C GLY D 100 5.57 -32.55 16.24
N SER D 101 4.58 -33.18 15.60
CA SER D 101 4.20 -34.52 16.01
C SER D 101 5.25 -35.55 15.60
N PHE D 102 5.96 -35.28 14.51
CA PHE D 102 7.07 -36.14 14.11
C PHE D 102 8.15 -36.15 15.19
N LEU D 103 8.50 -34.97 15.69
CA LEU D 103 9.52 -34.90 16.74
C LEU D 103 9.01 -35.46 18.07
N LEU D 104 7.73 -35.28 18.37
CA LEU D 104 7.15 -35.96 19.53
C LEU D 104 7.39 -37.47 19.44
N ALA D 105 7.14 -38.04 18.27
CA ALA D 105 7.31 -39.48 18.08
C ALA D 105 8.79 -39.90 18.11
N ALA D 106 9.73 -38.96 18.01
CA ALA D 106 11.17 -39.26 17.94
C ALA D 106 11.83 -39.29 19.30
N GLY D 107 11.10 -39.02 20.38
CA GLY D 107 11.66 -39.07 21.71
C GLY D 107 12.09 -40.49 22.10
N ALA D 108 12.90 -40.61 23.14
CA ALA D 108 13.36 -41.93 23.56
C ALA D 108 12.19 -42.90 23.80
N LYS D 109 12.30 -44.10 23.25
CA LYS D 109 11.27 -45.12 23.40
C LYS D 109 10.97 -45.34 24.89
N GLY D 110 9.70 -45.26 25.20
CA GLY D 110 9.18 -45.36 26.51
C GLY D 110 9.08 -44.04 27.26
N LYS D 111 9.64 -42.98 26.67
CA LYS D 111 9.68 -41.67 27.32
C LYS D 111 9.07 -40.59 26.44
N ARG D 112 8.03 -40.94 25.72
CA ARG D 112 7.26 -40.01 24.91
C ARG D 112 5.89 -39.83 25.55
N PHE D 113 5.55 -38.59 25.88
CA PHE D 113 4.39 -38.28 26.71
C PHE D 113 3.54 -37.19 26.07
N ALA D 114 2.29 -37.13 26.51
CA ALA D 114 1.42 -35.98 26.24
C ALA D 114 0.48 -35.78 27.42
N LEU D 115 0.10 -34.53 27.67
CA LEU D 115 -0.89 -34.28 28.71
C LEU D 115 -2.30 -34.54 28.14
N PRO D 116 -3.31 -34.79 29.00
CA PRO D 116 -4.55 -35.41 28.50
C PRO D 116 -5.26 -34.62 27.40
N ASN D 117 -5.22 -33.30 27.42
CA ASN D 117 -5.95 -32.51 26.45
C ASN D 117 -5.06 -31.96 25.34
N ALA D 118 -3.83 -32.44 25.25
CA ALA D 118 -2.96 -31.99 24.18
C ALA D 118 -3.49 -32.48 22.84
N GLU D 119 -3.27 -31.69 21.80
CA GLU D 119 -3.76 -32.00 20.47
C GLU D 119 -2.58 -32.45 19.60
N VAL D 120 -2.73 -33.59 18.95
CA VAL D 120 -1.69 -34.11 18.08
C VAL D 120 -2.31 -34.20 16.69
N MET D 121 -1.58 -33.71 15.69
CA MET D 121 -2.07 -33.77 14.32
C MET D 121 -0.95 -34.25 13.40
N ILE D 122 -1.28 -35.18 12.52
CA ILE D 122 -0.34 -35.66 11.52
C ILE D 122 -0.93 -35.37 10.14
N HIS D 123 -0.05 -35.08 9.18
CA HIS D 123 -0.48 -34.81 7.82
C HIS D 123 0.73 -34.95 6.89
N GLN D 124 0.52 -34.77 5.61
CA GLN D 124 1.65 -34.87 4.72
C GLN D 124 2.33 -33.53 4.57
N PRO D 125 3.58 -33.50 4.13
CA PRO D 125 4.30 -32.23 4.00
C PRO D 125 3.69 -31.33 2.93
N LEU D 126 3.95 -30.04 3.08
CA LEU D 126 3.45 -28.99 2.20
C LEU D 126 4.61 -28.28 1.52
N GLY D 127 4.38 -27.84 0.29
CA GLY D 127 5.41 -27.11 -0.42
C GLY D 127 4.86 -26.45 -1.65
N GLY D 128 5.76 -26.17 -2.58
CA GLY D 128 5.32 -25.50 -3.79
C GLY D 128 6.42 -25.46 -4.84
N ALA D 129 6.03 -25.05 -6.04
CA ALA D 129 6.98 -24.96 -7.13
C ALA D 129 6.42 -24.04 -8.19
N GLN D 130 7.25 -23.14 -8.74
CA GLN D 130 6.70 -22.40 -9.84
C GLN D 130 7.77 -22.34 -10.92
N GLY D 131 7.34 -22.36 -12.19
CA GLY D 131 8.28 -22.22 -13.28
C GLY D 131 8.10 -23.24 -14.38
N GLN D 132 9.20 -23.65 -14.99
CA GLN D 132 9.12 -24.58 -16.11
C GLN D 132 8.66 -25.97 -15.65
N ALA D 133 8.05 -26.71 -16.58
CA ALA D 133 7.62 -28.07 -16.29
C ALA D 133 8.73 -28.88 -15.64
N THR D 134 9.96 -28.76 -16.15
CA THR D 134 11.05 -29.57 -15.58
C THR D 134 11.37 -29.16 -14.14
N GLU D 135 11.21 -27.87 -13.82
CA GLU D 135 11.41 -27.40 -12.45
C GLU D 135 10.30 -27.91 -11.54
N ILE D 136 9.06 -27.89 -12.03
CA ILE D 136 7.94 -28.44 -11.26
C ILE D 136 8.18 -29.91 -10.96
N GLU D 137 8.69 -30.65 -11.95
CA GLU D 137 8.97 -32.07 -11.78
C GLU D 137 10.00 -32.30 -10.68
N ILE D 138 11.08 -31.51 -10.69
CA ILE D 138 12.13 -31.68 -9.69
C ILE D 138 11.57 -31.43 -8.28
N ALA D 139 10.80 -30.35 -8.13
CA ALA D 139 10.22 -30.05 -6.83
C ALA D 139 9.23 -31.13 -6.41
N ALA D 140 8.45 -31.64 -7.36
CA ALA D 140 7.49 -32.70 -7.03
C ALA D 140 8.22 -33.96 -6.58
N ASN D 141 9.21 -34.40 -7.34
CA ASN D 141 9.98 -35.59 -6.95
C ASN D 141 10.61 -35.39 -5.58
N HIS D 142 11.08 -34.18 -5.28
CA HIS D 142 11.72 -33.92 -4.00
C HIS D 142 10.73 -34.05 -2.84
N ILE D 143 9.57 -33.39 -2.93
CA ILE D 143 8.64 -33.44 -1.78
C ILE D 143 8.04 -34.84 -1.63
N LEU D 144 7.86 -35.57 -2.72
CA LEU D 144 7.40 -36.95 -2.59
C LEU D 144 8.44 -37.81 -1.88
N LYS D 145 9.73 -37.64 -2.24
CA LYS D 145 10.79 -38.39 -1.55
C LYS D 145 10.88 -37.99 -0.08
N THR D 146 10.68 -36.70 0.21
CA THR D 146 10.63 -36.24 1.60
C THR D 146 9.49 -36.91 2.36
N ARG D 147 8.33 -37.02 1.72
CA ARG D 147 7.21 -37.71 2.37
C ARG D 147 7.52 -39.19 2.62
N GLU D 148 8.13 -39.87 1.64
CA GLU D 148 8.53 -41.26 1.83
C GLU D 148 9.47 -41.38 3.02
N LYS D 149 10.41 -40.44 3.14
CA LYS D 149 11.36 -40.44 4.25
C LYS D 149 10.65 -40.25 5.59
N LEU D 150 9.76 -39.28 5.69
CA LEU D 150 9.02 -39.08 6.93
C LEU D 150 8.18 -40.31 7.30
N ASN D 151 7.48 -40.86 6.32
CA ASN D 151 6.60 -42.00 6.59
C ASN D 151 7.39 -43.22 7.02
N ARG D 152 8.54 -43.46 6.40
CA ARG D 152 9.37 -44.61 6.78
C ARG D 152 9.77 -44.51 8.25
N ILE D 153 10.27 -43.35 8.66
CA ILE D 153 10.71 -43.19 10.05
C ILE D 153 9.52 -43.26 11.00
N LEU D 154 8.40 -42.62 10.65
CA LEU D 154 7.19 -42.70 11.47
C LEU D 154 6.73 -44.14 11.62
N SER D 155 6.83 -44.92 10.53
CA SER D 155 6.53 -46.35 10.62
C SER D 155 7.42 -47.03 11.65
N GLU D 156 8.72 -46.77 11.58
CA GLU D 156 9.67 -47.37 12.52
C GLU D 156 9.39 -46.93 13.95
N ARG D 157 9.00 -45.67 14.16
CA ARG D 157 8.83 -45.15 15.52
C ARG D 157 7.48 -45.55 16.13
N THR D 158 6.46 -45.80 15.31
CA THR D 158 5.12 -46.09 15.81
C THR D 158 4.75 -47.56 15.76
N GLY D 159 5.41 -48.34 14.92
CA GLY D 159 4.96 -49.69 14.67
C GLY D 159 3.85 -49.81 13.64
N GLN D 160 3.36 -48.71 13.08
CA GLN D 160 2.36 -48.81 12.02
C GLN D 160 3.04 -49.09 10.69
N SER D 161 2.30 -49.72 9.78
CA SER D 161 2.85 -49.98 8.46
C SER D 161 3.00 -48.67 7.70
N ILE D 162 3.93 -48.68 6.74
CA ILE D 162 4.12 -47.51 5.88
C ILE D 162 2.84 -47.20 5.13
N GLU D 163 2.12 -48.24 4.68
CA GLU D 163 0.88 -48.03 3.92
C GLU D 163 -0.19 -47.37 4.79
N LYS D 164 -0.26 -47.74 6.08
CA LYS D 164 -1.24 -47.13 6.96
C LYS D 164 -0.90 -45.67 7.25
N ILE D 165 0.39 -45.37 7.49
CA ILE D 165 0.83 -44.00 7.68
C ILE D 165 0.44 -43.17 6.46
N GLN D 166 0.72 -43.70 5.27
CA GLN D 166 0.40 -42.98 4.03
C GLN D 166 -1.08 -42.63 3.98
N LYS D 167 -1.95 -43.63 4.22
CA LYS D 167 -3.39 -43.38 4.20
C LYS D 167 -3.81 -42.38 5.27
N ASP D 168 -3.28 -42.54 6.49
CA ASP D 168 -3.69 -41.73 7.64
C ASP D 168 -3.14 -40.31 7.62
N THR D 169 -2.20 -39.98 6.75
CA THR D 169 -1.68 -38.62 6.64
C THR D 169 -2.10 -37.93 5.34
N ASP D 170 -2.95 -38.58 4.54
CA ASP D 170 -3.35 -37.97 3.27
C ASP D 170 -4.03 -36.63 3.49
N ARG D 171 -4.86 -36.53 4.52
CA ARG D 171 -5.45 -35.26 4.93
C ARG D 171 -5.14 -35.03 6.39
N ASP D 172 -5.39 -33.80 6.86
CA ASP D 172 -5.16 -33.48 8.26
C ASP D 172 -5.88 -34.50 9.15
N ASN D 173 -5.13 -35.06 10.11
CA ASN D 173 -5.64 -36.10 10.98
C ASN D 173 -5.40 -35.67 12.43
N PHE D 174 -6.47 -35.29 13.12
CA PHE D 174 -6.38 -34.84 14.51
C PHE D 174 -6.53 -36.02 15.46
N LEU D 175 -5.65 -36.09 16.45
CA LEU D 175 -5.68 -37.15 17.43
C LEU D 175 -5.69 -36.54 18.82
N THR D 176 -6.52 -37.10 19.69
CA THR D 176 -6.39 -36.83 21.12
C THR D 176 -5.10 -37.43 21.63
N ALA D 177 -4.71 -37.03 22.84
CA ALA D 177 -3.50 -37.62 23.41
C ALA D 177 -3.61 -39.14 23.50
N GLU D 178 -4.75 -39.64 23.95
CA GLU D 178 -4.93 -41.09 24.05
C GLU D 178 -4.88 -41.77 22.70
N GLU D 179 -5.50 -41.16 21.68
CA GLU D 179 -5.45 -41.74 20.35
C GLU D 179 -4.01 -41.74 19.83
N ALA D 180 -3.24 -40.71 20.18
CA ALA D 180 -1.83 -40.68 19.80
C ALA D 180 -1.07 -41.80 20.48
N LYS D 181 -1.46 -42.14 21.71
CA LYS D 181 -0.84 -43.28 22.38
C LYS D 181 -1.19 -44.60 21.67
N GLU D 182 -2.47 -44.80 21.32
CA GLU D 182 -2.81 -46.04 20.62
C GLU D 182 -2.16 -46.11 19.25
N TYR D 183 -1.92 -44.95 18.62
CA TYR D 183 -1.27 -44.92 17.33
C TYR D 183 0.20 -45.30 17.42
N GLY D 184 0.81 -45.13 18.58
CA GLY D 184 2.24 -45.36 18.73
C GLY D 184 3.10 -44.12 18.60
N LEU D 185 2.49 -42.93 18.54
CA LEU D 185 3.23 -41.68 18.51
C LEU D 185 3.78 -41.32 19.88
N ILE D 186 3.09 -41.71 20.97
CA ILE D 186 3.60 -41.55 22.32
C ILE D 186 3.42 -42.86 23.07
N ASP D 187 4.11 -42.95 24.21
CA ASP D 187 4.05 -44.12 25.08
C ASP D 187 3.06 -43.97 26.22
N GLU D 188 2.85 -42.76 26.74
CA GLU D 188 2.00 -42.58 27.91
C GLU D 188 1.30 -41.23 27.86
N VAL D 189 0.03 -41.22 28.25
CA VAL D 189 -0.68 -40.00 28.61
C VAL D 189 -0.46 -39.77 30.09
N MET D 190 0.11 -38.63 30.43
CA MET D 190 0.40 -38.32 31.82
C MET D 190 -0.87 -37.76 32.44
N VAL D 191 -1.55 -38.56 33.27
CA VAL D 191 -2.85 -38.14 33.82
C VAL D 191 -2.62 -37.41 35.14
N PRO D 192 -3.43 -36.41 35.49
CA PRO D 192 -3.21 -35.66 36.74
C PRO D 192 -3.37 -36.55 37.98
N GLU D 193 -2.73 -36.12 39.06
CA GLU D 193 -2.96 -36.73 40.37
C GLU D 193 -4.39 -36.45 40.85
N THR D 194 -4.85 -37.33 41.75
CA THR D 194 -6.29 -37.49 42.01
C THR D 194 -6.96 -36.18 42.44
N LYS D 195 -6.37 -35.48 43.41
CA LYS D 195 -7.03 -34.28 43.95
C LYS D 195 -6.34 -32.99 43.53
N LEU E 3 15.15 -14.78 23.11
CA LEU E 3 14.95 -15.88 22.19
C LEU E 3 16.06 -16.91 22.40
N ILE E 4 17.30 -16.46 22.31
CA ILE E 4 18.48 -17.31 22.44
C ILE E 4 18.74 -17.60 23.92
N PRO E 5 18.76 -18.86 24.34
CA PRO E 5 18.89 -19.14 25.77
C PRO E 5 20.30 -18.84 26.25
N THR E 6 20.39 -18.64 27.55
CA THR E 6 21.64 -18.37 28.24
C THR E 6 22.00 -19.61 29.05
N VAL E 7 23.27 -19.97 29.06
CA VAL E 7 23.71 -21.06 29.92
C VAL E 7 24.58 -20.43 30.98
N ILE E 8 24.42 -20.89 32.19
CA ILE E 8 25.13 -20.34 33.33
C ILE E 8 25.81 -21.50 34.04
N GLU E 9 27.10 -21.36 34.27
CA GLU E 9 27.87 -22.44 34.87
C GLU E 9 28.63 -21.89 36.07
N THR E 10 28.81 -22.75 37.07
CA THR E 10 29.40 -22.35 38.34
C THR E 10 30.93 -22.37 38.26
N THR E 11 31.55 -21.27 38.64
CA THR E 11 33.00 -21.17 38.71
C THR E 11 33.44 -21.01 40.17
N ASN E 12 34.75 -20.93 40.37
CA ASN E 12 35.29 -20.70 41.71
C ASN E 12 35.20 -19.25 42.13
N ARG E 13 34.78 -18.36 41.22
CA ARG E 13 34.64 -16.93 41.49
C ARG E 13 33.24 -16.44 41.18
N GLY E 14 32.26 -17.34 41.12
CA GLY E 14 30.88 -16.96 40.90
C GLY E 14 30.19 -17.69 39.76
N GLU E 15 29.37 -16.96 39.02
CA GLU E 15 28.57 -17.50 37.94
C GLU E 15 29.09 -16.98 36.61
N ARG E 16 29.11 -17.86 35.62
CA ARG E 16 29.60 -17.53 34.28
C ARG E 16 28.43 -17.71 33.30
N ALA E 17 28.01 -16.64 32.65
CA ALA E 17 26.87 -16.66 31.76
C ALA E 17 27.29 -16.45 30.31
N TYR E 18 26.80 -17.32 29.42
CA TYR E 18 26.98 -17.24 27.97
C TYR E 18 25.65 -17.39 27.27
N ASP E 19 25.45 -16.65 26.19
CA ASP E 19 24.45 -17.10 25.24
C ASP E 19 24.95 -18.41 24.61
N ILE E 20 24.00 -19.25 24.15
CA ILE E 20 24.34 -20.63 23.79
C ILE E 20 25.39 -20.68 22.68
N TYR E 21 25.31 -19.78 21.69
CA TYR E 21 26.25 -19.84 20.57
C TYR E 21 27.66 -19.44 20.99
N SER E 22 27.77 -18.41 21.84
CA SER E 22 29.08 -18.04 22.37
C SER E 22 29.66 -19.16 23.22
N ARG E 23 28.80 -19.89 23.93
CA ARG E 23 29.28 -21.05 24.68
C ARG E 23 29.87 -22.10 23.74
N LEU E 24 29.22 -22.34 22.60
CA LEU E 24 29.79 -23.28 21.64
C LEU E 24 31.09 -22.75 21.05
N LEU E 25 31.18 -21.43 20.81
CA LEU E 25 32.41 -20.87 20.27
C LEU E 25 33.58 -21.03 21.22
N LYS E 26 33.32 -21.06 22.53
CA LYS E 26 34.39 -21.36 23.47
C LYS E 26 35.02 -22.72 23.21
N ASP E 27 34.24 -23.68 22.70
CA ASP E 27 34.79 -24.98 22.32
C ASP E 27 35.07 -25.10 20.82
N ARG E 28 35.33 -23.96 20.15
CA ARG E 28 35.80 -23.93 18.77
C ARG E 28 34.77 -24.41 17.76
N ILE E 29 33.49 -24.19 18.08
CA ILE E 29 32.37 -24.52 17.22
C ILE E 29 31.81 -23.22 16.65
N ILE E 30 31.71 -23.14 15.33
CA ILE E 30 31.18 -21.96 14.64
C ILE E 30 29.88 -22.36 13.95
N MET E 31 28.87 -21.49 14.06
CA MET E 31 27.56 -21.76 13.48
C MET E 31 27.42 -21.05 12.14
N LEU E 32 27.20 -21.83 11.08
CA LEU E 32 26.70 -21.27 9.82
C LEU E 32 25.26 -21.77 9.72
N GLY E 33 24.35 -21.01 10.32
CA GLY E 33 22.98 -21.49 10.46
C GLY E 33 21.94 -20.58 9.82
N SER E 34 22.35 -19.79 8.82
CA SER E 34 21.41 -18.89 8.16
C SER E 34 21.82 -18.70 6.71
N GLN E 35 20.98 -17.96 5.98
CA GLN E 35 21.33 -17.53 4.63
C GLN E 35 22.65 -16.77 4.67
N ILE E 36 23.49 -17.01 3.67
CA ILE E 36 24.83 -16.42 3.67
C ILE E 36 24.74 -15.03 3.06
N ASP E 37 24.92 -14.01 3.89
CA ASP E 37 25.12 -12.65 3.40
C ASP E 37 26.45 -12.15 3.93
N ASP E 38 26.77 -10.88 3.63
CA ASP E 38 28.05 -10.34 4.06
C ASP E 38 28.19 -10.33 5.58
N ASN E 39 27.11 -9.96 6.29
CA ASN E 39 27.16 -9.92 7.76
C ASN E 39 27.51 -11.29 8.33
N VAL E 40 26.82 -12.32 7.83
CA VAL E 40 27.08 -13.68 8.30
C VAL E 40 28.52 -14.10 8.00
N ALA E 41 28.99 -13.80 6.79
CA ALA E 41 30.36 -14.16 6.43
C ALA E 41 31.39 -13.42 7.28
N ASN E 42 31.20 -12.11 7.48
CA ASN E 42 32.15 -11.34 8.29
C ASN E 42 32.28 -11.92 9.69
N SER E 43 31.16 -12.31 10.29
CA SER E 43 31.21 -12.88 11.63
C SER E 43 31.97 -14.18 11.61
N ILE E 44 31.67 -15.04 10.64
CA ILE E 44 32.30 -16.35 10.59
C ILE E 44 33.81 -16.22 10.37
N VAL E 45 34.24 -15.36 9.43
CA VAL E 45 35.68 -15.28 9.18
C VAL E 45 36.40 -14.68 10.40
N SER E 46 35.75 -13.79 11.13
CA SER E 46 36.34 -13.25 12.35
C SER E 46 36.44 -14.32 13.42
N GLN E 47 35.40 -15.15 13.55
CA GLN E 47 35.49 -16.24 14.52
C GLN E 47 36.63 -17.19 14.16
N LEU E 48 36.78 -17.51 12.86
CA LEU E 48 37.89 -18.35 12.42
C LEU E 48 39.24 -17.73 12.77
N LEU E 49 39.40 -16.44 12.49
CA LEU E 49 40.67 -15.77 12.76
C LEU E 49 40.98 -15.79 14.26
N PHE E 50 39.97 -15.55 15.08
CA PHE E 50 40.13 -15.60 16.52
C PHE E 50 40.54 -16.99 16.99
N LEU E 51 39.83 -18.03 16.52
CA LEU E 51 40.12 -19.39 16.95
C LEU E 51 41.52 -19.84 16.55
N GLN E 52 41.96 -19.51 15.33
CA GLN E 52 43.34 -19.80 14.94
C GLN E 52 44.33 -19.14 15.89
N ALA E 53 44.08 -17.89 16.29
CA ALA E 53 44.98 -17.20 17.21
C ALA E 53 44.99 -17.83 18.60
N GLN E 54 43.86 -18.35 19.07
CA GLN E 54 43.86 -19.05 20.34
C GLN E 54 44.71 -20.30 20.29
N ASP E 55 44.59 -21.06 19.20
CA ASP E 55 45.29 -22.34 19.08
C ASP E 55 45.33 -22.68 17.60
N SER E 56 46.53 -22.72 17.04
CA SER E 56 46.65 -23.01 15.63
C SER E 56 46.66 -24.50 15.34
N GLU E 57 46.54 -25.36 16.36
CA GLU E 57 46.61 -26.80 16.17
C GLU E 57 45.27 -27.50 16.37
N LYS E 58 44.41 -27.03 17.27
CA LYS E 58 43.16 -27.74 17.51
C LYS E 58 42.19 -27.53 16.36
N ASP E 59 41.45 -28.58 16.04
CA ASP E 59 40.46 -28.51 14.97
C ASP E 59 39.42 -27.46 15.32
N ILE E 60 38.78 -26.93 14.28
CA ILE E 60 37.60 -26.08 14.39
C ILE E 60 36.45 -26.85 13.76
N TYR E 61 35.24 -26.61 14.27
CA TYR E 61 34.04 -27.31 13.81
C TYR E 61 33.06 -26.30 13.22
N LEU E 62 32.76 -26.44 11.93
CA LEU E 62 31.80 -25.56 11.28
C LEU E 62 30.50 -26.34 11.11
N TYR E 63 29.48 -25.93 11.85
CA TYR E 63 28.12 -26.44 11.73
C TYR E 63 27.45 -25.74 10.55
N ILE E 64 26.83 -26.50 9.65
CA ILE E 64 26.21 -25.91 8.46
C ILE E 64 24.75 -26.35 8.40
N ASN E 65 23.83 -25.37 8.60
CA ASN E 65 22.40 -25.52 8.32
C ASN E 65 22.03 -24.25 7.55
N SER E 66 22.25 -24.28 6.23
CA SER E 66 22.14 -23.05 5.46
C SER E 66 21.61 -23.28 4.06
N PRO E 67 20.71 -22.42 3.57
CA PRO E 67 20.27 -22.50 2.17
C PRO E 67 21.23 -21.85 1.18
N GLY E 68 22.40 -21.40 1.61
CA GLY E 68 23.28 -20.70 0.70
C GLY E 68 23.03 -19.21 0.73
N GLY E 69 23.35 -18.51 -0.35
CA GLY E 69 23.21 -17.07 -0.39
C GLY E 69 24.24 -16.43 -1.31
N SER E 70 24.92 -15.40 -0.83
CA SER E 70 25.87 -14.67 -1.66
C SER E 70 27.10 -15.50 -1.96
N VAL E 71 27.47 -15.57 -3.24
CA VAL E 71 28.66 -16.32 -3.63
C VAL E 71 29.93 -15.65 -3.11
N THR E 72 30.05 -14.32 -3.25
CA THR E 72 31.27 -13.68 -2.76
C THR E 72 31.38 -13.81 -1.25
N ALA E 73 30.24 -13.72 -0.53
CA ALA E 73 30.26 -13.96 0.91
C ALA E 73 30.69 -15.38 1.22
N GLY E 74 30.19 -16.36 0.46
CA GLY E 74 30.66 -17.72 0.63
C GLY E 74 32.16 -17.85 0.42
N PHE E 75 32.71 -17.13 -0.57
CA PHE E 75 34.14 -17.21 -0.84
C PHE E 75 34.96 -16.49 0.22
N ALA E 76 34.40 -15.49 0.89
CA ALA E 76 35.07 -14.94 2.07
C ALA E 76 35.32 -16.03 3.09
N ILE E 77 34.28 -16.84 3.36
CA ILE E 77 34.42 -17.96 4.29
C ILE E 77 35.37 -19.00 3.73
N TYR E 78 35.19 -19.37 2.45
CA TYR E 78 36.06 -20.38 1.84
C TYR E 78 37.54 -20.02 1.95
N ASP E 79 37.92 -18.81 1.51
CA ASP E 79 39.33 -18.45 1.51
C ASP E 79 39.90 -18.37 2.91
N THR E 80 39.09 -17.94 3.89
CA THR E 80 39.60 -17.88 5.25
C THR E 80 39.84 -19.29 5.81
N ILE E 81 38.93 -20.22 5.54
CA ILE E 81 39.15 -21.62 5.90
C ILE E 81 40.46 -22.12 5.31
N GLN E 82 40.68 -21.88 4.01
CA GLN E 82 41.92 -22.39 3.41
C GLN E 82 43.15 -21.66 3.95
N HIS E 83 43.01 -20.40 4.35
CA HIS E 83 44.18 -19.65 4.80
C HIS E 83 44.69 -20.15 6.16
N ILE E 84 43.79 -20.39 7.11
CA ILE E 84 44.24 -20.66 8.48
C ILE E 84 44.85 -22.06 8.59
N LYS E 85 45.63 -22.28 9.66
CA LYS E 85 46.32 -23.54 9.87
C LYS E 85 45.41 -24.66 10.38
N PRO E 86 44.54 -24.44 11.37
CA PRO E 86 43.74 -25.54 11.90
C PRO E 86 42.83 -26.17 10.84
N ASP E 87 42.64 -27.48 10.96
CA ASP E 87 41.60 -28.17 10.19
C ASP E 87 40.25 -27.59 10.57
N VAL E 88 39.40 -27.35 9.59
CA VAL E 88 38.02 -26.94 9.82
C VAL E 88 37.14 -28.11 9.42
N GLN E 89 36.58 -28.81 10.42
CA GLN E 89 35.57 -29.81 10.13
C GLN E 89 34.27 -29.13 9.70
N THR E 90 33.53 -29.79 8.81
CA THR E 90 32.19 -29.33 8.43
C THR E 90 31.21 -30.48 8.68
N ILE E 91 30.04 -30.12 9.20
CA ILE E 91 28.97 -31.09 9.43
C ILE E 91 27.66 -30.46 8.99
N CYS E 92 26.98 -31.13 8.07
CA CYS E 92 25.67 -30.69 7.62
C CYS E 92 24.62 -31.28 8.54
N ILE E 93 23.81 -30.42 9.15
CA ILE E 93 22.70 -30.80 10.02
C ILE E 93 21.47 -30.03 9.52
N GLY E 94 20.42 -30.75 9.15
CA GLY E 94 19.26 -30.11 8.54
C GLY E 94 19.42 -30.00 7.03
N MET E 95 20.02 -28.91 6.54
CA MET E 95 20.19 -28.75 5.10
C MET E 95 21.46 -27.93 4.79
N ALA E 96 22.08 -28.25 3.65
CA ALA E 96 23.12 -27.41 3.07
C ALA E 96 22.81 -27.31 1.58
N ALA E 97 22.48 -26.12 1.10
CA ALA E 97 22.12 -25.90 -0.29
C ALA E 97 23.02 -24.84 -0.90
N SER E 98 23.40 -25.07 -2.16
CA SER E 98 24.11 -24.10 -3.00
C SER E 98 25.43 -23.69 -2.34
N MET E 99 25.68 -22.40 -2.09
CA MET E 99 26.91 -22.01 -1.41
C MET E 99 27.07 -22.71 -0.07
N GLY E 100 25.97 -23.11 0.55
CA GLY E 100 26.08 -23.91 1.77
C GLY E 100 26.72 -25.26 1.53
N SER E 101 26.32 -25.94 0.45
CA SER E 101 26.93 -27.23 0.15
C SER E 101 28.34 -27.07 -0.41
N PHE E 102 28.61 -25.96 -1.09
CA PHE E 102 29.98 -25.67 -1.50
C PHE E 102 30.89 -25.57 -0.30
N LEU E 103 30.46 -24.86 0.73
CA LEU E 103 31.30 -24.73 1.93
C LEU E 103 31.40 -26.06 2.67
N LEU E 104 30.32 -26.84 2.68
CA LEU E 104 30.39 -28.18 3.23
C LEU E 104 31.51 -28.99 2.60
N ALA E 105 31.59 -28.95 1.27
CA ALA E 105 32.61 -29.68 0.56
C ALA E 105 34.02 -29.13 0.75
N ALA E 106 34.15 -27.92 1.31
CA ALA E 106 35.42 -27.24 1.52
C ALA E 106 36.08 -27.54 2.86
N GLY E 107 35.45 -28.35 3.72
CA GLY E 107 36.07 -28.69 5.00
C GLY E 107 37.32 -29.56 4.80
N ALA E 108 38.09 -29.70 5.89
CA ALA E 108 39.32 -30.48 5.80
C ALA E 108 39.02 -31.91 5.32
N LYS E 109 39.85 -32.40 4.39
CA LYS E 109 39.58 -33.71 3.79
C LYS E 109 39.61 -34.80 4.87
N GLY E 110 38.60 -35.68 4.84
CA GLY E 110 38.38 -36.65 5.89
C GLY E 110 37.55 -36.16 7.05
N LYS E 111 37.24 -34.87 7.11
CA LYS E 111 36.51 -34.31 8.25
C LYS E 111 35.28 -33.55 7.78
N ARG E 112 34.65 -34.01 6.70
CA ARG E 112 33.40 -33.45 6.21
C ARG E 112 32.32 -34.48 6.48
N PHE E 113 31.27 -34.08 7.19
CA PHE E 113 30.28 -35.01 7.71
C PHE E 113 28.88 -34.52 7.41
N ALA E 114 27.92 -35.45 7.50
CA ALA E 114 26.52 -35.10 7.52
C ALA E 114 25.82 -36.07 8.45
N LEU E 115 24.78 -35.60 9.12
CA LEU E 115 23.96 -36.53 9.88
C LEU E 115 23.00 -37.22 8.92
N PRO E 116 22.49 -38.41 9.30
CA PRO E 116 21.89 -39.31 8.29
C PRO E 116 20.72 -38.73 7.51
N ASN E 117 19.90 -37.86 8.12
CA ASN E 117 18.73 -37.34 7.41
C ASN E 117 18.93 -35.92 6.92
N ALA E 118 20.15 -35.40 7.01
CA ALA E 118 20.44 -34.07 6.49
C ALA E 118 20.30 -34.06 4.98
N GLU E 119 19.88 -32.92 4.46
CA GLU E 119 19.63 -32.73 3.04
C GLU E 119 20.73 -31.86 2.42
N VAL E 120 21.29 -32.28 1.28
CA VAL E 120 22.30 -31.51 0.55
C VAL E 120 21.76 -31.20 -0.84
N MET E 121 21.92 -29.95 -1.31
CA MET E 121 21.43 -29.58 -2.63
C MET E 121 22.50 -28.76 -3.35
N ILE E 122 22.76 -29.07 -4.62
CA ILE E 122 23.72 -28.32 -5.42
C ILE E 122 22.98 -27.78 -6.65
N HIS E 123 23.36 -26.58 -7.09
CA HIS E 123 22.72 -25.98 -8.25
C HIS E 123 23.64 -24.88 -8.76
N GLN E 124 23.26 -24.26 -9.89
CA GLN E 124 24.14 -23.23 -10.42
C GLN E 124 23.82 -21.88 -9.78
N PRO E 125 24.75 -20.92 -9.85
CA PRO E 125 24.50 -19.61 -9.23
C PRO E 125 23.38 -18.85 -9.93
N LEU E 126 22.78 -17.93 -9.16
CA LEU E 126 21.65 -17.12 -9.60
C LEU E 126 22.02 -15.64 -9.59
N GLY E 127 21.42 -14.89 -10.50
CA GLY E 127 21.67 -13.48 -10.54
C GLY E 127 20.65 -12.77 -11.40
N GLY E 128 21.08 -11.62 -11.89
CA GLY E 128 20.17 -10.84 -12.71
C GLY E 128 20.94 -9.72 -13.37
N ALA E 129 20.29 -9.09 -14.34
CA ALA E 129 20.88 -7.98 -15.08
C ALA E 129 19.76 -7.22 -15.76
N GLN E 130 19.80 -5.89 -15.70
CA GLN E 130 18.87 -5.03 -16.40
C GLN E 130 19.66 -3.88 -17.03
N GLY E 131 19.22 -3.45 -18.20
CA GLY E 131 19.84 -2.28 -18.82
C GLY E 131 20.20 -2.50 -20.26
N GLN E 132 21.27 -1.84 -20.70
CA GLN E 132 21.69 -1.93 -22.09
C GLN E 132 22.27 -3.30 -22.40
N ALA E 133 22.23 -3.64 -23.69
CA ALA E 133 22.79 -4.89 -24.17
C ALA E 133 24.19 -5.12 -23.65
N THR E 134 25.06 -4.09 -23.72
CA THR E 134 26.45 -4.25 -23.28
C THR E 134 26.53 -4.47 -21.77
N GLU E 135 25.63 -3.83 -21.01
CA GLU E 135 25.59 -4.09 -19.56
C GLU E 135 25.14 -5.52 -19.25
N ILE E 136 24.16 -6.02 -20.02
CA ILE E 136 23.71 -7.40 -19.86
C ILE E 136 24.86 -8.36 -20.16
N GLU E 137 25.64 -8.07 -21.20
CA GLU E 137 26.77 -8.92 -21.57
C GLU E 137 27.79 -9.00 -20.44
N ILE E 138 28.12 -7.85 -19.84
CA ILE E 138 29.08 -7.82 -18.75
C ILE E 138 28.58 -8.66 -17.58
N ALA E 139 27.29 -8.51 -17.23
CA ALA E 139 26.74 -9.29 -16.12
C ALA E 139 26.72 -10.78 -16.43
N ALA E 140 26.40 -11.15 -17.68
CA ALA E 140 26.37 -12.56 -18.05
C ALA E 140 27.76 -13.16 -17.98
N ASN E 141 28.74 -12.47 -18.58
CA ASN E 141 30.12 -12.95 -18.56
C ASN E 141 30.63 -13.12 -17.14
N HIS E 142 30.23 -12.22 -16.24
CA HIS E 142 30.63 -12.30 -14.84
C HIS E 142 30.06 -13.53 -14.15
N ILE E 143 28.74 -13.76 -14.26
CA ILE E 143 28.15 -14.91 -13.55
C ILE E 143 28.58 -16.22 -14.18
N LEU E 144 28.85 -16.24 -15.50
CA LEU E 144 29.39 -17.45 -16.11
C LEU E 144 30.79 -17.74 -15.57
N LYS E 145 31.62 -16.70 -15.45
CA LYS E 145 32.96 -16.88 -14.91
C LYS E 145 32.90 -17.31 -13.44
N THR E 146 31.96 -16.73 -12.69
CA THR E 146 31.75 -17.17 -11.32
C THR E 146 31.33 -18.64 -11.26
N ARG E 147 30.45 -19.08 -12.16
CA ARG E 147 30.06 -20.49 -12.16
C ARG E 147 31.25 -21.39 -12.45
N GLU E 148 32.08 -21.00 -13.43
CA GLU E 148 33.28 -21.78 -13.78
C GLU E 148 34.23 -21.89 -12.59
N LYS E 149 34.40 -20.79 -11.85
CA LYS E 149 35.24 -20.82 -10.65
C LYS E 149 34.68 -21.79 -9.60
N LEU E 150 33.37 -21.73 -9.36
CA LEU E 150 32.75 -22.64 -8.41
C LEU E 150 32.91 -24.09 -8.86
N ASN E 151 32.63 -24.38 -10.13
CA ASN E 151 32.70 -25.76 -10.62
C ASN E 151 34.12 -26.30 -10.53
N ARG E 152 35.12 -25.47 -10.86
CA ARG E 152 36.50 -25.90 -10.79
C ARG E 152 36.89 -26.32 -9.39
N ILE E 153 36.57 -25.50 -8.39
CA ILE E 153 36.93 -25.84 -7.02
C ILE E 153 36.15 -27.07 -6.57
N LEU E 154 34.86 -27.14 -6.92
CA LEU E 154 34.07 -28.32 -6.57
C LEU E 154 34.63 -29.59 -7.19
N SER E 155 35.13 -29.49 -8.43
CA SER E 155 35.77 -30.64 -9.07
C SER E 155 36.98 -31.11 -8.25
N GLU E 156 37.84 -30.17 -7.85
CA GLU E 156 39.01 -30.50 -7.05
C GLU E 156 38.61 -31.10 -5.70
N ARG E 157 37.51 -30.62 -5.11
CA ARG E 157 37.10 -31.07 -3.78
C ARG E 157 36.37 -32.40 -3.80
N THR E 158 35.70 -32.75 -4.91
CA THR E 158 34.89 -33.96 -4.93
C THR E 158 35.49 -35.10 -5.72
N GLY E 159 36.40 -34.82 -6.63
CA GLY E 159 36.84 -35.80 -7.60
C GLY E 159 35.97 -35.92 -8.84
N GLN E 160 34.87 -35.19 -8.93
CA GLN E 160 34.05 -35.21 -10.13
C GLN E 160 34.66 -34.33 -11.21
N SER E 161 34.44 -34.68 -12.46
CA SER E 161 34.92 -33.83 -13.54
C SER E 161 34.11 -32.55 -13.60
N ILE E 162 34.73 -31.49 -14.12
CA ILE E 162 34.06 -30.21 -14.29
C ILE E 162 32.84 -30.37 -15.19
N GLU E 163 32.94 -31.20 -16.23
CA GLU E 163 31.81 -31.38 -17.12
C GLU E 163 30.64 -32.05 -16.42
N LYS E 164 30.91 -33.01 -15.52
CA LYS E 164 29.82 -33.64 -14.79
C LYS E 164 29.21 -32.69 -13.77
N ILE E 165 30.03 -31.89 -13.08
CA ILE E 165 29.51 -30.89 -12.16
C ILE E 165 28.56 -29.96 -12.90
N GLN E 166 28.98 -29.50 -14.08
CA GLN E 166 28.14 -28.61 -14.87
C GLN E 166 26.78 -29.25 -15.16
N LYS E 167 26.79 -30.50 -15.60
CA LYS E 167 25.54 -31.20 -15.87
C LYS E 167 24.72 -31.38 -14.60
N ASP E 168 25.37 -31.75 -13.50
CA ASP E 168 24.64 -32.09 -12.28
C ASP E 168 24.12 -30.87 -11.54
N THR E 169 24.58 -29.66 -11.88
CA THR E 169 24.10 -28.45 -11.22
C THR E 169 23.24 -27.58 -12.13
N ASP E 170 22.94 -28.04 -13.34
CA ASP E 170 22.16 -27.23 -14.27
C ASP E 170 20.80 -26.87 -13.68
N ARG E 171 20.20 -27.81 -12.97
CA ARG E 171 18.97 -27.60 -12.23
C ARG E 171 19.21 -28.05 -10.80
N ASP E 172 18.27 -27.71 -9.92
CA ASP E 172 18.34 -28.12 -8.52
C ASP E 172 18.53 -29.62 -8.41
N ASN E 173 19.53 -30.03 -7.65
CA ASN E 173 19.89 -31.43 -7.53
C ASN E 173 19.94 -31.78 -6.05
N PHE E 174 18.93 -32.51 -5.56
CA PHE E 174 18.84 -32.85 -4.15
C PHE E 174 19.54 -34.17 -3.87
N LEU E 175 20.30 -34.21 -2.79
CA LEU E 175 21.06 -35.40 -2.45
C LEU E 175 20.77 -35.77 -1.00
N THR E 176 20.57 -37.06 -0.74
CA THR E 176 20.60 -37.53 0.64
C THR E 176 22.02 -37.43 1.20
N ALA E 177 22.15 -37.61 2.51
CA ALA E 177 23.47 -37.59 3.13
C ALA E 177 24.38 -38.66 2.53
N GLU E 178 23.84 -39.87 2.34
CA GLU E 178 24.61 -40.95 1.70
C GLU E 178 24.99 -40.61 0.27
N GLU E 179 24.06 -40.04 -0.50
CA GLU E 179 24.38 -39.67 -1.88
C GLU E 179 25.43 -38.57 -1.93
N ALA E 180 25.41 -37.63 -0.98
CA ALA E 180 26.40 -36.57 -0.94
C ALA E 180 27.78 -37.14 -0.62
N LYS E 181 27.82 -38.16 0.21
CA LYS E 181 29.07 -38.87 0.46
C LYS E 181 29.56 -39.56 -0.81
N GLU E 182 28.66 -40.27 -1.49
CA GLU E 182 29.08 -40.94 -2.72
C GLU E 182 29.55 -39.93 -3.76
N TYR E 183 28.97 -38.73 -3.74
CA TYR E 183 29.34 -37.69 -4.69
C TYR E 183 30.72 -37.11 -4.41
N GLY E 184 31.22 -37.23 -3.18
CA GLY E 184 32.46 -36.60 -2.79
C GLY E 184 32.30 -35.26 -2.10
N LEU E 185 31.08 -34.86 -1.77
CA LEU E 185 30.85 -33.61 -1.06
C LEU E 185 31.18 -33.73 0.42
N ILE E 186 30.99 -34.91 1.01
CA ILE E 186 31.39 -35.19 2.39
C ILE E 186 32.16 -36.51 2.41
N ASP E 187 32.79 -36.79 3.54
CA ASP E 187 33.55 -38.01 3.72
C ASP E 187 32.78 -39.10 4.44
N GLU E 188 31.91 -38.75 5.38
CA GLU E 188 31.24 -39.75 6.21
C GLU E 188 29.87 -39.25 6.61
N VAL E 189 28.91 -40.19 6.63
CA VAL E 189 27.64 -39.99 7.30
C VAL E 189 27.83 -40.39 8.76
N MET E 190 27.64 -39.44 9.67
CA MET E 190 27.89 -39.69 11.09
C MET E 190 26.73 -40.45 11.70
N VAL E 191 27.00 -41.68 12.13
CA VAL E 191 25.98 -42.57 12.69
C VAL E 191 25.86 -42.28 14.17
N PRO E 192 24.72 -42.57 14.81
CA PRO E 192 24.55 -42.24 16.23
C PRO E 192 25.52 -42.96 17.16
N GLU E 193 25.98 -42.23 18.18
CA GLU E 193 26.82 -42.82 19.22
C GLU E 193 26.10 -43.96 19.95
N THR E 194 26.88 -44.81 20.60
CA THR E 194 26.31 -45.87 21.43
C THR E 194 25.92 -45.31 22.80
C ASN F 2 23.24 -11.77 14.51
N LEU F 3 22.94 -12.36 15.66
CA LEU F 3 23.65 -12.01 16.89
C LEU F 3 25.15 -12.26 16.72
N ILE F 4 25.93 -11.28 17.13
CA ILE F 4 27.38 -11.29 17.07
C ILE F 4 27.89 -12.02 18.30
N PRO F 5 28.70 -13.07 18.16
CA PRO F 5 29.10 -13.86 19.33
C PRO F 5 30.08 -13.09 20.21
N THR F 6 30.14 -13.53 21.47
CA THR F 6 31.00 -12.94 22.48
C THR F 6 32.13 -13.91 22.77
N VAL F 7 33.34 -13.37 22.98
CA VAL F 7 34.46 -14.18 23.41
C VAL F 7 34.95 -13.65 24.75
N ILE F 8 35.48 -14.55 25.56
CA ILE F 8 35.92 -14.20 26.90
C ILE F 8 37.39 -14.57 27.00
N GLU F 9 38.21 -13.60 27.32
CA GLU F 9 39.63 -13.85 27.52
C GLU F 9 39.98 -13.68 28.98
N THR F 10 40.92 -14.49 29.42
CA THR F 10 41.40 -14.49 30.79
C THR F 10 42.64 -13.61 30.86
N THR F 11 42.66 -12.69 31.81
CA THR F 11 43.85 -11.93 32.16
C THR F 11 44.19 -12.23 33.62
N ASN F 12 45.32 -11.70 34.08
CA ASN F 12 45.63 -11.92 35.50
C ASN F 12 44.73 -11.11 36.42
N ARG F 13 43.86 -10.26 35.88
CA ARG F 13 42.89 -9.54 36.69
C ARG F 13 41.50 -10.13 36.60
N GLY F 14 41.31 -11.17 35.79
CA GLY F 14 40.02 -11.80 35.68
C GLY F 14 39.60 -12.02 34.24
N GLU F 15 38.30 -12.14 33.98
CA GLU F 15 37.78 -12.43 32.65
C GLU F 15 37.19 -11.15 32.05
N ARG F 16 37.43 -10.96 30.74
CA ARG F 16 36.89 -9.84 30.00
C ARG F 16 36.16 -10.38 28.78
N ALA F 17 34.94 -9.91 28.56
CA ALA F 17 34.08 -10.39 27.48
C ALA F 17 34.03 -9.34 26.38
N TYR F 18 34.18 -9.78 25.13
CA TYR F 18 34.16 -8.91 23.98
C TYR F 18 33.22 -9.49 22.94
N ASP F 19 32.46 -8.64 22.27
CA ASP F 19 31.92 -9.07 20.99
C ASP F 19 33.10 -9.29 20.03
N ILE F 20 32.91 -10.17 19.05
CA ILE F 20 34.04 -10.64 18.24
C ILE F 20 34.75 -9.47 17.55
N TYR F 21 33.99 -8.47 17.10
CA TYR F 21 34.65 -7.37 16.37
C TYR F 21 35.47 -6.50 17.28
N SER F 22 34.96 -6.21 18.49
CA SER F 22 35.75 -5.46 19.45
C SER F 22 36.98 -6.24 19.87
N ARG F 23 36.88 -7.58 19.92
CA ARG F 23 38.08 -8.38 20.19
C ARG F 23 39.12 -8.20 19.10
N LEU F 24 38.69 -8.19 17.83
CA LEU F 24 39.64 -7.97 16.73
C LEU F 24 40.24 -6.56 16.76
N LEU F 25 39.45 -5.55 17.14
CA LEU F 25 39.98 -4.19 17.24
C LEU F 25 41.11 -4.10 18.28
N LYS F 26 41.04 -4.92 19.34
CA LYS F 26 42.13 -4.98 20.32
C LYS F 26 43.45 -5.38 19.66
N ASP F 27 43.39 -6.14 18.56
CA ASP F 27 44.60 -6.44 17.79
C ASP F 27 44.74 -5.56 16.56
N ARG F 28 44.15 -4.37 16.58
CA ARG F 28 44.33 -3.33 15.55
C ARG F 28 43.74 -3.75 14.19
N ILE F 29 42.71 -4.58 14.20
CA ILE F 29 42.00 -4.97 12.98
C ILE F 29 40.68 -4.22 12.97
N ILE F 30 40.41 -3.55 11.86
CA ILE F 30 39.18 -2.79 11.64
C ILE F 30 38.41 -3.44 10.51
N MET F 31 37.09 -3.58 10.71
CA MET F 31 36.22 -4.24 9.74
C MET F 31 35.52 -3.18 8.87
N LEU F 32 35.75 -3.26 7.56
CA LEU F 32 34.93 -2.57 6.55
C LEU F 32 34.18 -3.68 5.83
N GLY F 33 33.05 -4.09 6.41
CA GLY F 33 32.34 -5.27 5.97
C GLY F 33 30.91 -5.00 5.53
N SER F 34 30.63 -3.78 5.06
CA SER F 34 29.26 -3.46 4.66
C SER F 34 29.28 -2.36 3.61
N GLN F 35 28.09 -2.04 3.10
CA GLN F 35 27.94 -0.87 2.24
C GLN F 35 28.47 0.35 2.98
N ILE F 36 29.18 1.21 2.26
CA ILE F 36 29.83 2.36 2.88
C ILE F 36 28.80 3.50 2.94
N ASP F 37 28.34 3.83 4.14
CA ASP F 37 27.57 5.04 4.35
C ASP F 37 28.27 5.85 5.43
N ASP F 38 27.67 6.98 5.79
CA ASP F 38 28.30 7.85 6.76
C ASP F 38 28.49 7.17 8.11
N ASN F 39 27.50 6.39 8.54
CA ASN F 39 27.64 5.71 9.84
C ASN F 39 28.85 4.79 9.84
N VAL F 40 28.99 3.99 8.79
CA VAL F 40 30.13 3.08 8.66
C VAL F 40 31.44 3.88 8.64
N ALA F 41 31.50 4.95 7.86
CA ALA F 41 32.73 5.72 7.79
C ALA F 41 33.09 6.36 9.13
N ASN F 42 32.11 6.94 9.83
CA ASN F 42 32.37 7.59 11.12
C ASN F 42 32.99 6.60 12.10
N SER F 43 32.46 5.37 12.11
CA SER F 43 32.95 4.37 13.02
C SER F 43 34.39 3.99 12.69
N ILE F 44 34.66 3.77 11.39
CA ILE F 44 35.99 3.35 10.97
C ILE F 44 37.02 4.44 11.25
N VAL F 45 36.69 5.70 10.93
CA VAL F 45 37.71 6.74 11.16
C VAL F 45 37.92 6.96 12.64
N SER F 46 36.90 6.75 13.47
CA SER F 46 37.11 6.85 14.91
C SER F 46 38.01 5.73 15.41
N GLN F 47 37.83 4.52 14.88
CA GLN F 47 38.69 3.40 15.25
C GLN F 47 40.14 3.67 14.86
N LEU F 48 40.33 4.24 13.66
CA LEU F 48 41.66 4.63 13.17
C LEU F 48 42.30 5.66 14.09
N LEU F 49 41.55 6.69 14.48
CA LEU F 49 42.09 7.72 15.37
C LEU F 49 42.48 7.11 16.70
N PHE F 50 41.63 6.21 17.22
CA PHE F 50 41.91 5.55 18.49
C PHE F 50 43.16 4.69 18.38
N LEU F 51 43.28 3.90 17.31
CA LEU F 51 44.44 3.00 17.18
C LEU F 51 45.73 3.79 17.04
N GLN F 52 45.73 4.87 16.25
CA GLN F 52 46.91 5.73 16.17
C GLN F 52 47.31 6.24 17.55
N ALA F 53 46.33 6.61 18.37
CA ALA F 53 46.64 7.13 19.70
C ALA F 53 47.25 6.07 20.60
N GLN F 54 46.80 4.82 20.48
CA GLN F 54 47.43 3.74 21.26
C GLN F 54 48.88 3.54 20.85
N ASP F 55 49.16 3.57 19.55
CA ASP F 55 50.52 3.33 19.04
C ASP F 55 50.59 3.91 17.64
N SER F 56 51.47 4.89 17.45
CA SER F 56 51.55 5.58 16.17
C SER F 56 52.50 4.90 15.18
N GLU F 57 53.12 3.77 15.54
CA GLU F 57 54.05 3.09 14.63
C GLU F 57 53.57 1.72 14.18
N LYS F 58 52.82 1.00 15.00
CA LYS F 58 52.39 -0.35 14.68
C LYS F 58 51.32 -0.36 13.59
N ASP F 59 51.40 -1.35 12.71
CA ASP F 59 50.47 -1.49 11.59
C ASP F 59 49.04 -1.63 12.08
N ILE F 60 48.12 -1.20 11.22
CA ILE F 60 46.69 -1.41 11.35
C ILE F 60 46.25 -2.28 10.18
N TYR F 61 45.24 -3.11 10.39
CA TYR F 61 44.76 -4.01 9.36
C TYR F 61 43.31 -3.66 9.06
N LEU F 62 43.05 -3.27 7.82
CA LEU F 62 41.70 -2.95 7.36
C LEU F 62 41.20 -4.11 6.51
N TYR F 63 40.21 -4.84 7.04
CA TYR F 63 39.53 -5.89 6.32
C TYR F 63 38.47 -5.24 5.43
N ILE F 64 38.41 -5.65 4.15
CA ILE F 64 37.45 -5.07 3.20
C ILE F 64 36.63 -6.18 2.56
N ASN F 65 35.34 -6.23 2.88
CA ASN F 65 34.33 -7.04 2.19
C ASN F 65 33.15 -6.10 1.99
N SER F 66 33.19 -5.31 0.91
CA SER F 66 32.26 -4.21 0.76
C SER F 66 31.89 -3.99 -0.69
N PRO F 67 30.61 -3.75 -1.00
CA PRO F 67 30.21 -3.37 -2.35
C PRO F 67 30.40 -1.89 -2.67
N GLY F 68 31.00 -1.12 -1.76
CA GLY F 68 31.12 0.31 -1.95
C GLY F 68 29.97 1.06 -1.32
N GLY F 69 29.68 2.25 -1.82
CA GLY F 69 28.63 3.09 -1.27
C GLY F 69 28.90 4.56 -1.53
N SER F 70 28.79 5.40 -0.50
CA SER F 70 28.93 6.84 -0.67
C SER F 70 30.37 7.23 -0.98
N VAL F 71 30.56 8.08 -1.99
CA VAL F 71 31.91 8.50 -2.35
C VAL F 71 32.51 9.36 -1.25
N THR F 72 31.75 10.34 -0.74
CA THR F 72 32.28 11.19 0.32
C THR F 72 32.57 10.39 1.58
N ALA F 73 31.69 9.44 1.93
CA ALA F 73 32.00 8.60 3.10
C ALA F 73 33.27 7.79 2.86
N GLY F 74 33.44 7.29 1.64
CA GLY F 74 34.68 6.64 1.29
C GLY F 74 35.89 7.54 1.44
N PHE F 75 35.75 8.82 1.09
CA PHE F 75 36.88 9.74 1.24
C PHE F 75 37.12 10.12 2.68
N ALA F 76 36.10 10.07 3.55
CA ALA F 76 36.35 10.20 4.97
C ALA F 76 37.33 9.15 5.44
N ILE F 77 37.09 7.89 5.06
CA ILE F 77 38.01 6.80 5.42
C ILE F 77 39.37 6.99 4.74
N TYR F 78 39.36 7.29 3.43
CA TYR F 78 40.62 7.49 2.69
C TYR F 78 41.51 8.53 3.35
N ASP F 79 40.96 9.72 3.65
CA ASP F 79 41.79 10.80 4.17
C ASP F 79 42.30 10.49 5.58
N THR F 80 41.52 9.77 6.39
CA THR F 80 41.98 9.42 7.72
C THR F 80 43.11 8.40 7.65
N ILE F 81 43.00 7.44 6.73
CA ILE F 81 44.11 6.52 6.50
C ILE F 81 45.37 7.31 6.17
N GLN F 82 45.27 8.23 5.21
CA GLN F 82 46.48 8.96 4.79
C GLN F 82 46.97 9.92 5.87
N HIS F 83 46.07 10.46 6.68
CA HIS F 83 46.51 11.42 7.69
C HIS F 83 47.39 10.77 8.75
N ILE F 84 47.04 9.58 9.24
CA ILE F 84 47.70 8.99 10.40
C ILE F 84 49.08 8.43 10.00
N LYS F 85 49.92 8.24 11.03
CA LYS F 85 51.30 7.76 10.96
C LYS F 85 51.35 6.26 10.64
N PRO F 86 50.58 5.41 11.33
CA PRO F 86 50.71 3.96 11.10
C PRO F 86 50.39 3.58 9.66
N ASP F 87 51.10 2.58 9.14
CA ASP F 87 50.68 1.96 7.89
C ASP F 87 49.34 1.26 8.12
N VAL F 88 48.42 1.41 7.17
CA VAL F 88 47.15 0.70 7.21
C VAL F 88 47.19 -0.36 6.13
N GLN F 89 47.29 -1.62 6.53
CA GLN F 89 47.16 -2.70 5.56
C GLN F 89 45.70 -2.82 5.13
N THR F 90 45.49 -3.22 3.88
CA THR F 90 44.16 -3.54 3.39
C THR F 90 44.17 -4.97 2.85
N ILE F 91 43.12 -5.73 3.15
CA ILE F 91 42.99 -7.08 2.60
C ILE F 91 41.56 -7.26 2.11
N CYS F 92 41.42 -7.62 0.84
CA CYS F 92 40.12 -7.91 0.26
C CYS F 92 39.79 -9.37 0.53
N ILE F 93 38.67 -9.61 1.20
CA ILE F 93 38.19 -10.96 1.49
C ILE F 93 36.73 -11.01 1.05
N GLY F 94 36.41 -11.88 0.11
CA GLY F 94 35.06 -11.81 -0.43
C GLY F 94 34.89 -10.90 -1.63
N MET F 95 34.58 -9.60 -1.42
CA MET F 95 34.36 -8.64 -2.49
C MET F 95 34.89 -7.26 -2.05
N ALA F 96 35.46 -6.53 -3.02
CA ALA F 96 35.72 -5.09 -2.89
C ALA F 96 35.31 -4.48 -4.22
N ALA F 97 34.20 -3.74 -4.22
CA ALA F 97 33.67 -3.13 -5.44
C ALA F 97 33.54 -1.62 -5.29
N SER F 98 33.80 -0.89 -6.37
CA SER F 98 33.57 0.57 -6.46
C SER F 98 34.37 1.27 -5.36
N MET F 99 33.73 2.06 -4.47
CA MET F 99 34.49 2.70 -3.39
C MET F 99 35.22 1.69 -2.51
N GLY F 100 34.71 0.46 -2.40
CA GLY F 100 35.44 -0.55 -1.66
C GLY F 100 36.79 -0.86 -2.28
N SER F 101 36.83 -1.00 -3.61
CA SER F 101 38.09 -1.30 -4.29
C SER F 101 39.02 -0.09 -4.31
N PHE F 102 38.45 1.13 -4.31
CA PHE F 102 39.26 2.33 -4.17
C PHE F 102 40.01 2.33 -2.85
N LEU F 103 39.30 2.00 -1.76
CA LEU F 103 39.94 1.97 -0.45
C LEU F 103 40.91 0.79 -0.35
N LEU F 104 40.62 -0.32 -1.04
CA LEU F 104 41.60 -1.42 -1.13
C LEU F 104 42.93 -0.92 -1.67
N ALA F 105 42.87 -0.15 -2.77
CA ALA F 105 44.03 0.45 -3.40
C ALA F 105 44.69 1.51 -2.52
N ALA F 106 44.00 1.98 -1.49
CA ALA F 106 44.52 3.06 -0.65
C ALA F 106 45.36 2.56 0.52
N GLY F 107 45.53 1.25 0.70
CA GLY F 107 46.34 0.74 1.78
C GLY F 107 47.81 1.06 1.59
N ALA F 108 48.59 0.89 2.66
CA ALA F 108 50.01 1.20 2.59
C ALA F 108 50.65 0.43 1.44
N LYS F 109 51.47 1.12 0.65
CA LYS F 109 52.04 0.48 -0.52
C LYS F 109 52.95 -0.67 -0.07
N GLY F 110 52.83 -1.81 -0.74
CA GLY F 110 53.43 -3.05 -0.32
C GLY F 110 52.60 -3.87 0.65
N LYS F 111 51.53 -3.31 1.20
CA LYS F 111 50.72 -4.02 2.21
C LYS F 111 49.24 -4.06 1.81
N ARG F 112 48.97 -4.18 0.51
CA ARG F 112 47.62 -4.33 -0.02
C ARG F 112 47.50 -5.73 -0.57
N PHE F 113 46.51 -6.49 -0.04
CA PHE F 113 46.39 -7.91 -0.29
C PHE F 113 44.96 -8.28 -0.70
N ALA F 114 44.83 -9.46 -1.32
CA ALA F 114 43.53 -10.10 -1.48
C ALA F 114 43.72 -11.60 -1.36
N LEU F 115 42.70 -12.28 -0.86
CA LEU F 115 42.77 -13.73 -0.86
C LEU F 115 42.42 -14.24 -2.27
N PRO F 116 42.84 -15.46 -2.63
CA PRO F 116 42.84 -15.85 -4.06
C PRO F 116 41.49 -15.78 -4.76
N ASN F 117 40.39 -16.05 -4.07
CA ASN F 117 39.09 -16.09 -4.72
C ASN F 117 38.27 -14.83 -4.46
N ALA F 118 38.90 -13.81 -3.86
CA ALA F 118 38.23 -12.55 -3.67
C ALA F 118 38.00 -11.84 -5.00
N GLU F 119 36.90 -11.12 -5.08
CA GLU F 119 36.47 -10.43 -6.29
C GLU F 119 36.65 -8.93 -6.11
N VAL F 120 37.27 -8.30 -7.10
CA VAL F 120 37.48 -6.86 -7.13
C VAL F 120 36.75 -6.31 -8.34
N MET F 121 36.02 -5.22 -8.16
CA MET F 121 35.32 -4.60 -9.28
C MET F 121 35.51 -3.09 -9.24
N ILE F 122 35.78 -2.50 -10.39
CA ILE F 122 35.92 -1.04 -10.49
C ILE F 122 34.92 -0.51 -11.49
N HIS F 123 34.43 0.71 -11.26
CA HIS F 123 33.48 1.31 -12.18
C HIS F 123 33.40 2.81 -11.89
N GLN F 124 32.59 3.53 -12.69
CA GLN F 124 32.47 4.96 -12.46
C GLN F 124 31.41 5.27 -11.40
N PRO F 125 31.47 6.46 -10.79
CA PRO F 125 30.49 6.77 -9.74
C PRO F 125 29.09 6.93 -10.33
N LEU F 126 28.10 6.72 -9.47
CA LEU F 126 26.68 6.77 -9.83
C LEU F 126 26.02 7.91 -9.07
N GLY F 127 25.00 8.50 -9.68
CA GLY F 127 24.26 9.54 -9.03
C GLY F 127 22.98 9.85 -9.76
N GLY F 128 22.48 11.06 -9.54
CA GLY F 128 21.21 11.45 -10.14
C GLY F 128 21.01 12.93 -10.00
N ALA F 129 20.03 13.44 -10.74
CA ALA F 129 19.74 14.87 -10.78
C ALA F 129 18.33 15.03 -11.32
N GLN F 130 17.56 15.91 -10.69
CA GLN F 130 16.21 16.24 -11.12
C GLN F 130 16.01 17.75 -11.02
N GLY F 131 15.26 18.31 -11.95
CA GLY F 131 14.92 19.72 -11.83
C GLY F 131 15.22 20.54 -13.07
N GLN F 132 15.54 21.82 -12.86
CA GLN F 132 15.80 22.72 -13.97
C GLN F 132 17.09 22.35 -14.68
N ALA F 133 17.17 22.77 -15.95
CA ALA F 133 18.38 22.55 -16.75
C ALA F 133 19.64 22.97 -16.00
N THR F 134 19.61 24.15 -15.37
CA THR F 134 20.82 24.62 -14.69
C THR F 134 21.13 23.77 -13.47
N GLU F 135 20.12 23.21 -12.82
CA GLU F 135 20.35 22.31 -11.69
C GLU F 135 20.98 21.00 -12.17
N ILE F 136 20.50 20.46 -13.28
CA ILE F 136 21.10 19.25 -13.85
C ILE F 136 22.54 19.52 -14.24
N GLU F 137 22.81 20.70 -14.79
CA GLU F 137 24.17 21.05 -15.17
C GLU F 137 25.11 21.04 -13.96
N ILE F 138 24.67 21.62 -12.84
CA ILE F 138 25.47 21.65 -11.62
C ILE F 138 25.72 20.23 -11.11
N ALA F 139 24.69 19.39 -11.10
CA ALA F 139 24.87 18.02 -10.62
C ALA F 139 25.81 17.23 -11.52
N ALA F 140 25.70 17.41 -12.83
CA ALA F 140 26.59 16.71 -13.77
C ALA F 140 28.03 17.17 -13.60
N ASN F 141 28.27 18.48 -13.55
CA ASN F 141 29.63 18.97 -13.32
C ASN F 141 30.20 18.43 -12.01
N HIS F 142 29.37 18.34 -10.98
CA HIS F 142 29.84 17.84 -9.69
C HIS F 142 30.26 16.38 -9.79
N ILE F 143 29.42 15.53 -10.39
CA ILE F 143 29.79 14.11 -10.43
C ILE F 143 30.93 13.86 -11.40
N LEU F 144 31.05 14.67 -12.48
CA LEU F 144 32.21 14.54 -13.35
C LEU F 144 33.50 14.90 -12.62
N LYS F 145 33.46 15.99 -11.83
CA LYS F 145 34.65 16.37 -11.08
C LYS F 145 34.99 15.31 -10.04
N THR F 146 33.97 14.71 -9.39
CA THR F 146 34.21 13.61 -8.46
C THR F 146 34.90 12.43 -9.15
N ARG F 147 34.45 12.09 -10.37
CA ARG F 147 35.09 11.00 -11.10
C ARG F 147 36.55 11.32 -11.42
N GLU F 148 36.81 12.57 -11.84
CA GLU F 148 38.18 12.99 -12.12
C GLU F 148 39.05 12.86 -10.88
N LYS F 149 38.51 13.22 -9.72
CA LYS F 149 39.23 13.11 -8.45
C LYS F 149 39.54 11.65 -8.12
N LEU F 150 38.54 10.77 -8.26
CA LEU F 150 38.74 9.34 -8.01
C LEU F 150 39.79 8.76 -8.95
N ASN F 151 39.68 9.07 -10.25
CA ASN F 151 40.62 8.51 -11.24
C ASN F 151 42.03 9.02 -11.00
N ARG F 152 42.17 10.30 -10.64
CA ARG F 152 43.50 10.85 -10.37
C ARG F 152 44.18 10.10 -9.23
N ILE F 153 43.46 9.90 -8.12
CA ILE F 153 44.06 9.21 -6.98
C ILE F 153 44.33 7.75 -7.31
N LEU F 154 43.39 7.08 -7.99
CA LEU F 154 43.62 5.70 -8.39
C LEU F 154 44.84 5.58 -9.28
N SER F 155 45.03 6.55 -10.17
CA SER F 155 46.22 6.57 -11.01
C SER F 155 47.47 6.57 -10.14
N GLU F 156 47.50 7.45 -9.16
CA GLU F 156 48.66 7.56 -8.27
C GLU F 156 48.86 6.27 -7.48
N ARG F 157 47.78 5.60 -7.08
CA ARG F 157 47.93 4.45 -6.22
C ARG F 157 48.27 3.19 -7.02
N THR F 158 47.91 3.13 -8.29
CA THR F 158 48.12 1.93 -9.10
C THR F 158 49.28 2.03 -10.08
N GLY F 159 49.70 3.24 -10.44
CA GLY F 159 50.64 3.41 -11.53
C GLY F 159 50.02 3.42 -12.90
N GLN F 160 48.70 3.20 -13.04
CA GLN F 160 48.04 3.28 -14.33
C GLN F 160 47.75 4.74 -14.67
N SER F 161 47.69 5.03 -15.96
CA SER F 161 47.40 6.39 -16.37
C SER F 161 45.93 6.74 -16.09
N ILE F 162 45.68 8.04 -15.96
CA ILE F 162 44.32 8.51 -15.77
C ILE F 162 43.44 8.08 -16.95
N GLU F 163 43.98 8.16 -18.17
CA GLU F 163 43.19 7.78 -19.35
C GLU F 163 42.87 6.29 -19.37
N LYS F 164 43.77 5.43 -18.91
CA LYS F 164 43.45 4.01 -18.87
C LYS F 164 42.38 3.72 -17.82
N ILE F 165 42.51 4.33 -16.63
CA ILE F 165 41.48 4.18 -15.59
C ILE F 165 40.12 4.58 -16.12
N GLN F 166 40.05 5.74 -16.80
CA GLN F 166 38.80 6.22 -17.37
C GLN F 166 38.16 5.19 -18.29
N LYS F 167 38.95 4.65 -19.22
CA LYS F 167 38.44 3.64 -20.14
C LYS F 167 38.04 2.35 -19.41
N ASP F 168 38.83 1.93 -18.44
CA ASP F 168 38.61 0.66 -17.76
C ASP F 168 37.47 0.69 -16.74
N THR F 169 36.97 1.87 -16.36
CA THR F 169 35.86 2.00 -15.43
C THR F 169 34.62 2.53 -16.10
N ASP F 170 34.62 2.68 -17.42
CA ASP F 170 33.42 3.20 -18.09
C ASP F 170 32.21 2.32 -17.80
N ARG F 171 32.40 1.01 -17.75
CA ARG F 171 31.37 0.06 -17.38
C ARG F 171 31.94 -0.82 -16.29
N ASP F 172 31.09 -1.61 -15.63
CA ASP F 172 31.56 -2.50 -14.57
C ASP F 172 32.71 -3.37 -15.06
N ASN F 173 33.82 -3.39 -14.30
CA ASN F 173 35.01 -4.15 -14.67
C ASN F 173 35.38 -5.08 -13.52
N PHE F 174 35.10 -6.37 -13.68
CA PHE F 174 35.39 -7.37 -12.65
C PHE F 174 36.81 -7.90 -12.85
N LEU F 175 37.56 -7.99 -11.75
CA LEU F 175 38.95 -8.43 -11.72
C LEU F 175 39.09 -9.60 -10.76
N THR F 176 39.80 -10.66 -11.16
CA THR F 176 40.19 -11.63 -10.15
C THR F 176 41.27 -11.02 -9.25
N ALA F 177 41.59 -11.71 -8.15
CA ALA F 177 42.68 -11.22 -7.29
C ALA F 177 43.97 -11.07 -8.05
N GLU F 178 44.31 -12.05 -8.90
CA GLU F 178 45.55 -11.96 -9.67
C GLU F 178 45.51 -10.77 -10.62
N GLU F 179 44.39 -10.57 -11.31
CA GLU F 179 44.27 -9.43 -12.21
C GLU F 179 44.34 -8.12 -11.46
N ALA F 180 43.80 -8.08 -10.24
CA ALA F 180 43.90 -6.87 -9.42
C ALA F 180 45.34 -6.60 -9.03
N LYS F 181 46.12 -7.65 -8.76
CA LYS F 181 47.53 -7.46 -8.52
C LYS F 181 48.20 -6.91 -9.76
N GLU F 182 47.92 -7.50 -10.93
CA GLU F 182 48.54 -7.00 -12.16
C GLU F 182 48.13 -5.57 -12.46
N TYR F 183 46.90 -5.18 -12.07
CA TYR F 183 46.44 -3.81 -12.30
C TYR F 183 47.12 -2.80 -11.38
N GLY F 184 47.66 -3.22 -10.25
CA GLY F 184 48.24 -2.31 -9.28
C GLY F 184 47.30 -1.92 -8.17
N LEU F 185 46.13 -2.55 -8.08
CA LEU F 185 45.19 -2.28 -6.99
C LEU F 185 45.65 -2.92 -5.69
N ILE F 186 46.34 -4.07 -5.76
CA ILE F 186 46.95 -4.70 -4.61
C ILE F 186 48.38 -5.06 -4.94
N ASP F 187 49.14 -5.42 -3.90
CA ASP F 187 50.54 -5.80 -4.07
C ASP F 187 50.74 -7.30 -4.16
N GLU F 188 49.92 -8.10 -3.47
CA GLU F 188 50.12 -9.53 -3.45
C GLU F 188 48.78 -10.22 -3.25
N VAL F 189 48.62 -11.35 -3.90
CA VAL F 189 47.57 -12.32 -3.56
C VAL F 189 48.13 -13.18 -2.43
N MET F 190 47.44 -13.18 -1.30
CA MET F 190 47.90 -13.97 -0.15
C MET F 190 47.48 -15.41 -0.38
N VAL F 191 48.44 -16.28 -0.69
CA VAL F 191 48.08 -17.65 -1.07
C VAL F 191 48.05 -18.54 0.17
N PRO F 192 47.25 -19.60 0.18
CA PRO F 192 47.26 -20.53 1.32
C PRO F 192 48.62 -21.22 1.40
N GLU F 193 49.27 -21.14 2.56
CA GLU F 193 50.54 -21.82 2.71
C GLU F 193 50.38 -23.33 2.97
N THR F 194 49.22 -23.91 2.67
CA THR F 194 48.99 -25.33 2.84
C THR F 194 49.11 -26.11 1.54
N LYS F 195 49.63 -25.49 0.49
CA LYS F 195 50.08 -26.22 -0.68
C LYS F 195 51.44 -26.81 -0.35
N LEU G 3 26.76 -2.15 14.42
CA LEU G 3 27.25 -2.19 15.79
C LEU G 3 28.54 -1.35 15.97
N ILE G 4 28.56 -0.65 17.10
CA ILE G 4 29.63 0.29 17.43
C ILE G 4 30.64 -0.47 18.30
N PRO G 5 31.91 -0.54 17.92
CA PRO G 5 32.86 -1.34 18.71
C PRO G 5 33.15 -0.71 20.07
N THR G 6 33.63 -1.55 21.00
CA THR G 6 33.99 -1.18 22.35
C THR G 6 35.50 -1.28 22.52
N VAL G 7 36.06 -0.32 23.28
CA VAL G 7 37.48 -0.29 23.61
C VAL G 7 37.64 -0.30 25.12
N ILE G 8 38.78 -0.79 25.57
CA ILE G 8 39.04 -0.95 27.00
C ILE G 8 40.19 -0.04 27.42
N GLU G 15 40.09 -0.38 34.89
CA GLU G 15 39.71 -0.97 33.61
C GLU G 15 38.24 -0.68 33.30
N ARG G 16 38.00 0.06 32.22
CA ARG G 16 36.67 0.54 31.86
C ARG G 16 36.39 0.25 30.39
N ALA G 17 35.13 -0.04 30.07
CA ALA G 17 34.70 -0.32 28.72
C ALA G 17 33.92 0.88 28.19
N TYR G 18 34.29 1.35 27.00
CA TYR G 18 33.64 2.46 26.31
C TYR G 18 33.25 2.04 24.90
N ASP G 19 32.07 2.44 24.45
CA ASP G 19 31.85 2.47 23.01
C ASP G 19 32.79 3.52 22.41
N ILE G 20 33.15 3.33 21.15
CA ILE G 20 34.23 4.12 20.56
C ILE G 20 33.90 5.63 20.63
N TYR G 21 32.62 6.00 20.46
CA TYR G 21 32.30 7.44 20.48
C TYR G 21 32.40 8.02 21.90
N SER G 22 31.97 7.28 22.90
CA SER G 22 32.14 7.75 24.27
C SER G 22 33.61 7.86 24.63
N ARG G 23 34.44 6.96 24.08
CA ARG G 23 35.88 7.06 24.30
C ARG G 23 36.43 8.36 23.75
N LEU G 24 36.01 8.74 22.53
CA LEU G 24 36.49 9.98 21.93
C LEU G 24 36.01 11.19 22.75
N LEU G 25 34.78 11.13 23.25
CA LEU G 25 34.26 12.22 24.07
C LEU G 25 35.11 12.41 25.33
N LYS G 26 35.69 11.33 25.84
CA LYS G 26 36.58 11.45 26.98
C LYS G 26 37.78 12.34 26.66
N ASP G 27 38.20 12.38 25.39
CA ASP G 27 39.25 13.28 24.95
C ASP G 27 38.71 14.54 24.29
N ARG G 28 37.48 14.93 24.64
CA ARG G 28 36.88 16.21 24.23
C ARG G 28 36.61 16.27 22.71
N ILE G 29 36.31 15.12 22.11
CA ILE G 29 35.95 15.02 20.70
C ILE G 29 34.48 14.72 20.60
N ILE G 30 33.74 15.55 19.86
CA ILE G 30 32.31 15.38 19.63
C ILE G 30 32.09 15.09 18.15
N MET G 31 31.19 14.13 17.84
CA MET G 31 30.88 13.71 16.48
C MET G 31 29.61 14.40 15.99
N LEU G 32 29.74 15.20 14.93
CA LEU G 32 28.58 15.62 14.14
C LEU G 32 28.67 14.84 12.83
N GLY G 33 28.12 13.64 12.85
CA GLY G 33 28.31 12.70 11.77
C GLY G 33 27.05 12.22 11.09
N SER G 34 25.99 13.03 11.14
CA SER G 34 24.74 12.64 10.52
C SER G 34 23.98 13.89 10.11
N GLN G 35 22.85 13.68 9.43
CA GLN G 35 21.92 14.77 9.17
C GLN G 35 21.54 15.46 10.48
N ILE G 36 21.43 16.78 10.43
CA ILE G 36 21.20 17.59 11.63
C ILE G 36 19.69 17.65 11.87
N ASP G 37 19.22 16.99 12.93
CA ASP G 37 17.86 17.20 13.43
C ASP G 37 17.94 17.58 14.91
N ASP G 38 16.78 17.78 15.54
CA ASP G 38 16.79 18.21 16.94
C ASP G 38 17.47 17.19 17.84
N ASN G 39 17.25 15.89 17.60
CA ASN G 39 17.90 14.88 18.45
C ASN G 39 19.42 15.02 18.38
N VAL G 40 19.95 15.15 17.17
CA VAL G 40 21.39 15.28 16.99
C VAL G 40 21.90 16.55 17.68
N ALA G 41 21.20 17.67 17.47
CA ALA G 41 21.63 18.91 18.09
C ALA G 41 21.57 18.84 19.61
N ASN G 42 20.49 18.28 20.17
CA ASN G 42 20.36 18.20 21.63
C ASN G 42 21.54 17.47 22.25
N SER G 43 21.97 16.37 21.60
CA SER G 43 23.10 15.58 22.11
C SER G 43 24.38 16.39 22.03
N ILE G 44 24.62 17.03 20.89
CA ILE G 44 25.87 17.77 20.71
C ILE G 44 25.96 18.93 21.71
N VAL G 45 24.88 19.68 21.87
CA VAL G 45 24.96 20.84 22.76
C VAL G 45 25.07 20.39 24.22
N SER G 46 24.48 19.24 24.56
CA SER G 46 24.65 18.73 25.90
C SER G 46 26.10 18.29 26.13
N GLN G 47 26.72 17.67 25.11
CA GLN G 47 28.14 17.32 25.22
C GLN G 47 29.02 18.55 25.37
N LEU G 48 28.71 19.61 24.61
CA LEU G 48 29.46 20.86 24.74
C LEU G 48 29.35 21.42 26.15
N LEU G 49 28.13 21.45 26.70
CA LEU G 49 27.95 21.96 28.06
C LEU G 49 28.73 21.11 29.07
N PHE G 50 28.68 19.79 28.90
CA PHE G 50 29.42 18.91 29.80
C PHE G 50 30.92 19.17 29.72
N LEU G 51 31.47 19.25 28.50
CA LEU G 51 32.92 19.45 28.35
C LEU G 51 33.35 20.79 28.93
N GLN G 52 32.56 21.85 28.74
CA GLN G 52 32.86 23.12 29.38
C GLN G 52 32.95 22.97 30.89
N ALA G 53 32.03 22.20 31.49
CA ALA G 53 32.05 22.01 32.94
C ALA G 53 33.28 21.20 33.37
N GLN G 54 33.70 20.23 32.54
CA GLN G 54 34.91 19.46 32.83
C GLN G 54 36.15 20.34 32.80
N ASP G 55 36.24 21.23 31.83
CA ASP G 55 37.41 22.10 31.73
C ASP G 55 37.03 23.27 30.84
N SER G 56 37.05 24.47 31.37
CA SER G 56 36.64 25.62 30.59
C SER G 56 37.78 26.21 29.77
N GLU G 57 38.97 25.65 29.82
CA GLU G 57 40.09 26.17 29.04
C GLU G 57 40.57 25.32 27.89
N LYS G 58 40.41 24.04 28.06
CA LYS G 58 40.93 23.13 27.03
C LYS G 58 40.07 23.11 25.76
N ASP G 59 40.74 23.00 24.61
CA ASP G 59 40.00 22.98 23.34
C ASP G 59 39.05 21.79 23.28
N ILE G 60 37.98 21.96 22.49
CA ILE G 60 37.05 20.90 22.11
C ILE G 60 37.20 20.68 20.61
N TYR G 61 37.00 19.44 20.16
CA TYR G 61 37.14 19.08 18.75
C TYR G 61 35.80 18.59 18.22
N LEU G 62 35.24 19.30 17.23
CA LEU G 62 33.99 18.91 16.60
C LEU G 62 34.31 18.30 15.24
N TYR G 63 34.05 17.00 15.12
CA TYR G 63 34.17 16.30 13.84
C TYR G 63 32.89 16.53 13.04
N ILE G 64 33.03 16.87 11.76
CA ILE G 64 31.86 17.16 10.91
C ILE G 64 31.92 16.30 9.65
N ASN G 65 30.97 15.36 9.53
CA ASN G 65 30.68 14.61 8.31
C ASN G 65 29.16 14.62 8.24
N SER G 66 28.62 15.69 7.65
CA SER G 66 27.20 15.91 7.75
C SER G 66 26.67 16.57 6.49
N PRO G 67 25.50 16.14 6.00
CA PRO G 67 24.86 16.84 4.89
C PRO G 67 24.00 18.02 5.32
N GLY G 68 24.02 18.43 6.57
CA GLY G 68 23.14 19.49 7.01
C GLY G 68 21.81 18.92 7.49
N GLY G 69 20.78 19.75 7.44
CA GLY G 69 19.48 19.37 7.96
C GLY G 69 18.74 20.59 8.47
N SER G 70 18.19 20.51 9.68
CA SER G 70 17.36 21.59 10.23
C SER G 70 18.18 22.84 10.54
N VAL G 71 17.68 24.00 10.08
CA VAL G 71 18.39 25.24 10.37
C VAL G 71 18.30 25.57 11.86
N THR G 72 17.12 25.42 12.48
CA THR G 72 17.03 25.76 13.90
C THR G 72 17.91 24.82 14.73
N ALA G 73 17.93 23.53 14.38
CA ALA G 73 18.84 22.61 15.07
C ALA G 73 20.28 23.03 14.89
N GLY G 74 20.66 23.43 13.66
CA GLY G 74 22.01 23.94 13.45
C GLY G 74 22.32 25.16 14.29
N PHE G 75 21.34 26.06 14.44
CA PHE G 75 21.61 27.24 15.26
C PHE G 75 21.66 26.91 16.76
N ALA G 76 21.00 25.82 17.21
CA ALA G 76 21.23 25.38 18.57
C ALA G 76 22.71 25.05 18.79
N ILE G 77 23.29 24.30 17.86
CA ILE G 77 24.71 23.98 17.95
C ILE G 77 25.55 25.24 17.81
N TYR G 78 25.25 26.08 16.80
CA TYR G 78 26.03 27.31 16.59
C TYR G 78 26.07 28.16 17.85
N ASP G 79 24.89 28.43 18.43
CA ASP G 79 24.85 29.33 19.59
C ASP G 79 25.54 28.73 20.82
N THR G 80 25.42 27.42 21.02
CA THR G 80 26.12 26.82 22.15
C THR G 80 27.62 26.88 21.96
N ILE G 81 28.10 26.68 20.73
CA ILE G 81 29.55 26.85 20.45
C ILE G 81 30.01 28.24 20.84
N GLN G 82 29.29 29.28 20.40
CA GLN G 82 29.72 30.64 20.69
C GLN G 82 29.55 30.99 22.15
N HIS G 83 28.58 30.37 22.83
CA HIS G 83 28.34 30.68 24.24
C HIS G 83 29.49 30.22 25.15
N ILE G 84 29.97 28.99 24.95
CA ILE G 84 30.88 28.40 25.94
C ILE G 84 32.28 29.00 25.82
N LYS G 85 33.04 28.85 26.90
CA LYS G 85 34.37 29.44 26.99
C LYS G 85 35.42 28.71 26.17
N PRO G 86 35.50 27.36 26.17
CA PRO G 86 36.54 26.69 25.39
C PRO G 86 36.40 26.97 23.90
N ASP G 87 37.55 27.05 23.21
CA ASP G 87 37.54 27.03 21.74
C ASP G 87 37.03 25.69 21.24
N VAL G 88 36.19 25.72 20.21
CA VAL G 88 35.70 24.51 19.55
C VAL G 88 36.36 24.48 18.18
N GLN G 89 37.33 23.58 17.99
CA GLN G 89 37.86 23.33 16.65
C GLN G 89 36.83 22.59 15.81
N THR G 90 36.86 22.83 14.51
CA THR G 90 36.02 22.08 13.57
C THR G 90 36.91 21.43 12.51
N ILE G 91 36.62 20.19 12.15
CA ILE G 91 37.32 19.51 11.06
C ILE G 91 36.30 18.81 10.16
N CYS G 92 36.34 19.13 8.88
CA CYS G 92 35.50 18.44 7.90
C CYS G 92 36.22 17.21 7.36
N ILE G 93 35.58 16.04 7.52
CA ILE G 93 36.09 14.77 7.04
C ILE G 93 34.95 14.11 6.28
N GLY G 94 35.17 13.81 5.01
CA GLY G 94 34.08 13.36 4.16
C GLY G 94 33.32 14.50 3.49
N MET G 95 32.31 15.03 4.18
CA MET G 95 31.52 16.12 3.57
C MET G 95 30.95 17.02 4.66
N ALA G 96 30.80 18.29 4.32
CA ALA G 96 30.01 19.23 5.12
C ALA G 96 29.17 20.04 4.15
N ALA G 97 27.85 19.85 4.18
CA ALA G 97 26.95 20.53 3.25
C ALA G 97 25.93 21.35 4.02
N SER G 98 25.60 22.52 3.47
CA SER G 98 24.50 23.38 3.94
C SER G 98 24.75 23.73 5.40
N MET G 99 23.84 23.42 6.32
CA MET G 99 24.08 23.72 7.75
C MET G 99 25.35 23.06 8.25
N GLY G 100 25.77 21.95 7.64
CA GLY G 100 27.04 21.36 8.00
C GLY G 100 28.23 22.26 7.69
N SER G 101 28.22 22.88 6.50
CA SER G 101 29.31 23.80 6.18
C SER G 101 29.19 25.10 6.98
N PHE G 102 27.96 25.49 7.36
CA PHE G 102 27.79 26.66 8.22
C PHE G 102 28.47 26.44 9.57
N LEU G 103 28.25 25.27 10.18
CA LEU G 103 28.88 24.96 11.45
C LEU G 103 30.38 24.75 11.33
N LEU G 104 30.85 24.17 10.22
CA LEU G 104 32.30 24.10 9.97
C LEU G 104 32.91 25.50 10.04
N ALA G 105 32.27 26.48 9.40
CA ALA G 105 32.73 27.87 9.41
C ALA G 105 32.62 28.52 10.77
N ALA G 106 31.89 27.90 11.70
CA ALA G 106 31.62 28.47 13.02
C ALA G 106 32.66 28.08 14.06
N GLY G 107 33.63 27.27 13.68
CA GLY G 107 34.65 26.86 14.63
C GLY G 107 35.53 28.03 15.02
N ALA G 108 36.31 27.80 16.08
CA ALA G 108 37.19 28.84 16.56
C ALA G 108 38.12 29.33 15.46
N LYS G 109 38.31 30.65 15.39
CA LYS G 109 39.10 31.24 14.31
C LYS G 109 40.53 30.73 14.37
N GLY G 110 41.05 30.31 13.22
CA GLY G 110 42.35 29.65 13.14
C GLY G 110 42.33 28.16 13.39
N LYS G 111 41.21 27.60 13.85
CA LYS G 111 41.09 26.20 14.20
C LYS G 111 39.95 25.53 13.43
N ARG G 112 39.74 25.95 12.18
CA ARG G 112 38.78 25.31 11.28
C ARG G 112 39.57 24.60 10.17
N PHE G 113 39.33 23.31 10.02
CA PHE G 113 40.19 22.45 9.20
C PHE G 113 39.35 21.60 8.25
N ALA G 114 39.99 21.09 7.21
CA ALA G 114 39.39 20.03 6.42
C ALA G 114 40.51 19.13 5.90
N LEU G 115 40.22 17.84 5.78
CA LEU G 115 41.20 16.94 5.19
C LEU G 115 41.16 17.11 3.68
N PRO G 116 42.23 16.73 2.97
CA PRO G 116 42.40 17.22 1.58
C PRO G 116 41.27 16.86 0.63
N ASN G 117 40.65 15.70 0.77
CA ASN G 117 39.62 15.31 -0.18
C ASN G 117 38.19 15.50 0.36
N ALA G 118 38.03 16.17 1.50
CA ALA G 118 36.70 16.45 2.01
C ALA G 118 35.95 17.41 1.08
N GLU G 119 34.63 17.25 1.03
CA GLU G 119 33.76 18.04 0.16
C GLU G 119 32.95 19.03 0.99
N VAL G 120 32.93 20.29 0.56
CA VAL G 120 32.16 21.35 1.22
C VAL G 120 31.14 21.85 0.21
N MET G 121 29.89 22.04 0.65
CA MET G 121 28.86 22.56 -0.24
C MET G 121 28.05 23.64 0.49
N ILE G 122 27.79 24.74 -0.18
CA ILE G 122 26.95 25.79 0.37
C ILE G 122 25.77 26.03 -0.57
N HIS G 123 24.64 26.43 0.01
CA HIS G 123 23.44 26.69 -0.79
C HIS G 123 22.46 27.48 0.07
N GLN G 124 21.30 27.84 -0.52
CA GLN G 124 20.33 28.56 0.30
C GLN G 124 19.40 27.59 1.02
N PRO G 125 18.74 28.02 2.08
CA PRO G 125 17.84 27.10 2.80
C PRO G 125 16.64 26.71 1.96
N LEU G 126 16.08 25.55 2.32
CA LEU G 126 14.97 24.90 1.65
C LEU G 126 13.79 24.84 2.61
N GLY G 127 12.59 24.92 2.06
CA GLY G 127 11.42 24.81 2.89
C GLY G 127 10.18 24.60 2.06
N GLY G 128 9.05 24.95 2.63
CA GLY G 128 7.81 24.74 1.91
C GLY G 128 6.67 25.41 2.62
N ALA G 129 5.56 25.50 1.89
CA ALA G 129 4.35 26.12 2.42
C ALA G 129 3.18 25.72 1.55
N GLN G 130 2.07 25.37 2.19
CA GLN G 130 0.81 25.07 1.51
C GLN G 130 -0.30 25.77 2.26
N GLY G 131 -1.30 26.25 1.53
CA GLY G 131 -2.46 26.84 2.16
C GLY G 131 -2.86 28.19 1.58
N GLN G 132 -3.40 29.05 2.43
CA GLN G 132 -3.89 30.35 1.97
C GLN G 132 -2.74 31.26 1.57
N ALA G 133 -3.06 32.21 0.68
CA ALA G 133 -2.08 33.20 0.24
C ALA G 133 -1.32 33.83 1.41
N THR G 134 -2.06 34.25 2.46
CA THR G 134 -1.42 34.93 3.59
C THR G 134 -0.50 33.97 4.36
N GLU G 135 -0.85 32.68 4.42
CA GLU G 135 0.03 31.68 5.03
C GLU G 135 1.30 31.50 4.22
N ILE G 136 1.18 31.44 2.89
CA ILE G 136 2.34 31.36 2.00
C ILE G 136 3.25 32.56 2.23
N GLU G 137 2.65 33.75 2.35
CA GLU G 137 3.42 34.98 2.55
C GLU G 137 4.22 34.91 3.84
N ILE G 138 3.59 34.46 4.92
CA ILE G 138 4.29 34.34 6.20
C ILE G 138 5.45 33.35 6.09
N ALA G 139 5.21 32.20 5.45
CA ALA G 139 6.28 31.21 5.29
C ALA G 139 7.42 31.76 4.41
N ALA G 140 7.07 32.51 3.36
CA ALA G 140 8.09 33.09 2.49
C ALA G 140 8.93 34.11 3.25
N ASN G 141 8.28 35.04 3.94
CA ASN G 141 9.00 36.06 4.71
C ASN G 141 9.91 35.42 5.75
N HIS G 142 9.45 34.33 6.38
CA HIS G 142 10.25 33.66 7.39
C HIS G 142 11.51 33.04 6.79
N ILE G 143 11.37 32.28 5.69
CA ILE G 143 12.57 31.62 5.18
C ILE G 143 13.50 32.63 4.55
N LEU G 144 12.97 33.74 4.01
CA LEU G 144 13.83 34.80 3.51
C LEU G 144 14.64 35.43 4.64
N LYS G 145 13.98 35.72 5.77
CA LYS G 145 14.69 36.27 6.92
C LYS G 145 15.72 35.29 7.46
N THR G 146 15.38 33.99 7.48
CA THR G 146 16.35 32.97 7.88
C THR G 146 17.56 32.94 6.94
N ARG G 147 17.34 33.04 5.62
CA ARG G 147 18.48 33.11 4.70
C ARG G 147 19.35 34.35 4.97
N GLU G 148 18.73 35.51 5.20
CA GLU G 148 19.50 36.71 5.50
C GLU G 148 20.32 36.51 6.78
N LYS G 149 19.73 35.83 7.77
CA LYS G 149 20.44 35.58 9.03
C LYS G 149 21.65 34.68 8.79
N LEU G 150 21.46 33.59 8.04
CA LEU G 150 22.54 32.67 7.71
C LEU G 150 23.63 33.40 6.95
N ASN G 151 23.25 34.17 5.93
CA ASN G 151 24.21 34.90 5.09
C ASN G 151 24.96 35.96 5.90
N ARG G 152 24.26 36.67 6.80
CA ARG G 152 24.93 37.67 7.61
C ARG G 152 26.04 37.04 8.43
N ILE G 153 25.72 35.92 9.10
CA ILE G 153 26.72 35.28 9.93
C ILE G 153 27.82 34.67 9.09
N LEU G 154 27.47 34.07 7.95
CA LEU G 154 28.50 33.52 7.08
C LEU G 154 29.46 34.60 6.58
N SER G 155 28.93 35.79 6.27
CA SER G 155 29.79 36.91 5.90
C SER G 155 30.80 37.22 7.00
N GLU G 156 30.32 37.31 8.24
CA GLU G 156 31.19 37.59 9.37
C GLU G 156 32.23 36.49 9.58
N ARG G 157 31.84 35.23 9.38
CA ARG G 157 32.75 34.12 9.67
C ARG G 157 33.76 33.88 8.56
N THR G 158 33.44 34.25 7.31
CA THR G 158 34.31 33.98 6.18
C THR G 158 35.09 35.20 5.71
N GLY G 159 34.63 36.40 6.04
CA GLY G 159 35.17 37.58 5.42
C GLY G 159 34.58 37.93 4.06
N GLN G 160 33.68 37.12 3.52
CA GLN G 160 33.07 37.44 2.24
C GLN G 160 31.93 38.43 2.43
N SER G 161 31.68 39.26 1.42
CA SER G 161 30.57 40.21 1.52
C SER G 161 29.22 39.47 1.45
N ILE G 162 28.19 40.12 1.99
CA ILE G 162 26.85 39.56 1.93
C ILE G 162 26.40 39.39 0.49
N GLU G 163 26.75 40.35 -0.39
CA GLU G 163 26.33 40.25 -1.79
C GLU G 163 26.93 39.03 -2.48
N LYS G 164 28.20 38.72 -2.18
CA LYS G 164 28.84 37.56 -2.76
C LYS G 164 28.29 36.25 -2.19
N ILE G 165 28.08 36.18 -0.88
CA ILE G 165 27.46 35.00 -0.29
C ILE G 165 26.13 34.71 -0.95
N GLN G 166 25.31 35.76 -1.11
CA GLN G 166 23.99 35.60 -1.72
C GLN G 166 24.10 35.01 -3.11
N LYS G 167 24.97 35.57 -3.95
CA LYS G 167 25.15 35.05 -5.30
C LYS G 167 25.70 33.64 -5.29
N ASP G 168 26.64 33.35 -4.40
CA ASP G 168 27.34 32.05 -4.39
C ASP G 168 26.49 30.92 -3.82
N THR G 169 25.40 31.23 -3.13
CA THR G 169 24.53 30.21 -2.55
C THR G 169 23.21 30.12 -3.27
N ASP G 170 23.04 30.87 -4.36
CA ASP G 170 21.76 30.85 -5.08
C ASP G 170 21.44 29.43 -5.55
N ARG G 171 22.44 28.68 -5.97
CA ARG G 171 22.29 27.28 -6.32
C ARG G 171 23.37 26.49 -5.58
N ASP G 172 23.24 25.15 -5.56
CA ASP G 172 24.24 24.32 -4.91
C ASP G 172 25.63 24.69 -5.42
N ASN G 173 26.55 24.90 -4.48
CA ASN G 173 27.90 25.33 -4.84
C ASN G 173 28.88 24.41 -4.12
N PHE G 174 29.52 23.51 -4.89
CA PHE G 174 30.46 22.54 -4.33
C PHE G 174 31.87 23.11 -4.32
N LEU G 175 32.60 22.89 -3.21
CA LEU G 175 33.94 23.42 -3.04
C LEU G 175 34.88 22.30 -2.63
N THR G 176 36.09 22.28 -3.19
CA THR G 176 37.15 21.44 -2.64
C THR G 176 37.59 21.99 -1.28
N ALA G 177 38.38 21.20 -0.55
CA ALA G 177 38.92 21.71 0.72
C ALA G 177 39.75 22.97 0.50
N GLU G 178 40.58 22.98 -0.55
CA GLU G 178 41.38 24.17 -0.85
C GLU G 178 40.49 25.35 -1.19
N GLU G 179 39.43 25.12 -1.96
CA GLU G 179 38.50 26.21 -2.26
C GLU G 179 37.77 26.70 -1.02
N ALA G 180 37.47 25.78 -0.08
CA ALA G 180 36.83 26.19 1.16
C ALA G 180 37.77 27.04 2.00
N LYS G 181 39.08 26.72 1.98
CA LYS G 181 40.07 27.56 2.65
C LYS G 181 40.13 28.94 2.03
N GLU G 182 40.20 28.98 0.70
CA GLU G 182 40.20 30.26 -0.03
C GLU G 182 38.95 31.06 0.26
N TYR G 183 37.82 30.38 0.44
CA TYR G 183 36.56 31.05 0.71
C TYR G 183 36.50 31.65 2.11
N GLY G 184 37.30 31.15 3.04
CA GLY G 184 37.18 31.57 4.43
C GLY G 184 36.28 30.68 5.27
N LEU G 185 35.80 29.55 4.74
CA LEU G 185 35.00 28.61 5.52
C LEU G 185 35.88 27.79 6.48
N ILE G 186 37.13 27.57 6.12
CA ILE G 186 38.10 26.94 6.98
C ILE G 186 39.36 27.79 6.95
N ASP G 187 40.26 27.49 7.89
CA ASP G 187 41.53 28.16 7.96
C ASP G 187 42.66 27.41 7.28
N GLU G 188 42.65 26.08 7.29
CA GLU G 188 43.77 25.31 6.74
C GLU G 188 43.26 23.97 6.26
N VAL G 189 43.86 23.47 5.18
CA VAL G 189 43.73 22.08 4.78
C VAL G 189 44.79 21.26 5.53
N MET G 190 44.34 20.30 6.35
CA MET G 190 45.25 19.51 7.17
C MET G 190 45.94 18.45 6.34
N VAL G 191 47.26 18.55 6.21
CA VAL G 191 48.05 17.66 5.37
C VAL G 191 48.48 16.42 6.16
N PRO G 192 48.77 15.30 5.49
CA PRO G 192 49.13 14.08 6.22
C PRO G 192 50.39 14.22 7.06
N GLU G 193 50.36 13.57 8.24
CA GLU G 193 51.54 13.42 9.10
C GLU G 193 52.63 12.60 8.40
N LEU H 3 -26.25 -2.79 -15.79
CA LEU H 3 -26.71 -2.36 -17.12
C LEU H 3 -28.21 -2.02 -17.10
N ILE H 4 -28.55 -0.90 -17.72
CA ILE H 4 -29.89 -0.32 -17.65
C ILE H 4 -30.66 -0.76 -18.90
N PRO H 5 -31.83 -1.41 -18.75
CA PRO H 5 -32.51 -1.93 -19.94
C PRO H 5 -33.12 -0.84 -20.79
N THR H 6 -33.33 -1.18 -22.06
CA THR H 6 -33.93 -0.30 -23.06
C THR H 6 -35.35 -0.77 -23.38
N VAL H 7 -36.25 0.19 -23.53
CA VAL H 7 -37.64 -0.09 -23.90
C VAL H 7 -37.95 0.60 -25.23
N ILE H 8 -38.83 -0.02 -26.00
CA ILE H 8 -39.19 0.51 -27.32
C ILE H 8 -40.70 0.75 -27.38
N ARG H 16 -39.38 4.20 -31.18
CA ARG H 16 -38.35 4.96 -30.46
C ARG H 16 -37.76 4.16 -29.29
N ALA H 17 -36.45 4.31 -29.09
CA ALA H 17 -35.70 3.57 -28.07
C ALA H 17 -35.30 4.50 -26.93
N TYR H 18 -35.56 4.06 -25.69
CA TYR H 18 -35.17 4.80 -24.49
C TYR H 18 -34.55 3.83 -23.48
N ASP H 19 -33.51 4.27 -22.78
CA ASP H 19 -33.20 3.62 -21.51
C ASP H 19 -34.38 3.82 -20.56
N ILE H 20 -34.54 2.91 -19.61
CA ILE H 20 -35.76 2.86 -18.81
C ILE H 20 -35.99 4.18 -18.07
N TYR H 21 -34.92 4.81 -17.58
CA TYR H 21 -35.10 6.04 -16.82
C TYR H 21 -35.52 7.19 -17.73
N SER H 22 -34.95 7.27 -18.94
CA SER H 22 -35.44 8.29 -19.87
C SER H 22 -36.88 8.04 -20.26
N ARG H 23 -37.28 6.78 -20.36
CA ARG H 23 -38.69 6.47 -20.63
C ARG H 23 -39.60 7.02 -19.54
N LEU H 24 -39.21 6.87 -18.27
CA LEU H 24 -40.03 7.41 -17.19
C LEU H 24 -40.07 8.93 -17.20
N LEU H 25 -38.94 9.56 -17.54
CA LEU H 25 -38.91 11.01 -17.61
C LEU H 25 -39.89 11.53 -18.65
N LYS H 26 -40.14 10.76 -19.71
CA LYS H 26 -41.14 11.12 -20.72
C LYS H 26 -42.52 11.29 -20.09
N ASP H 27 -42.82 10.54 -19.04
CA ASP H 27 -44.05 10.72 -18.28
C ASP H 27 -43.87 11.55 -17.02
N ARG H 28 -42.89 12.47 -17.01
CA ARG H 28 -42.72 13.47 -15.97
C ARG H 28 -42.33 12.87 -14.62
N ILE H 29 -41.60 11.76 -14.66
CA ILE H 29 -41.10 11.11 -13.46
C ILE H 29 -39.58 11.29 -13.39
N ILE H 30 -39.10 11.79 -12.25
CA ILE H 30 -37.68 12.02 -12.02
C ILE H 30 -37.21 11.08 -10.92
N MET H 31 -36.03 10.48 -11.11
CA MET H 31 -35.47 9.53 -10.16
C MET H 31 -34.46 10.24 -9.27
N LEU H 32 -34.74 10.25 -7.96
CA LEU H 32 -33.72 10.57 -6.95
C LEU H 32 -33.40 9.23 -6.31
N GLY H 33 -32.47 8.50 -6.92
CA GLY H 33 -32.26 7.13 -6.51
C GLY H 33 -30.85 6.82 -6.05
N SER H 34 -30.12 7.85 -5.60
CA SER H 34 -28.75 7.64 -5.18
C SER H 34 -28.39 8.68 -4.11
N GLN H 35 -27.18 8.55 -3.55
CA GLN H 35 -26.63 9.56 -2.67
C GLN H 35 -26.59 10.91 -3.37
N ILE H 36 -26.90 11.97 -2.64
CA ILE H 36 -27.06 13.29 -3.23
C ILE H 36 -25.70 13.99 -3.30
N ASP H 37 -25.17 14.13 -4.51
CA ASP H 37 -24.03 15.01 -4.70
C ASP H 37 -24.38 16.06 -5.76
N ASP H 38 -23.41 16.90 -6.11
CA ASP H 38 -23.68 17.98 -7.03
C ASP H 38 -24.12 17.46 -8.39
N ASN H 39 -23.51 16.35 -8.86
CA ASN H 39 -23.90 15.81 -10.15
C ASN H 39 -25.36 15.40 -10.16
N VAL H 40 -25.79 14.68 -9.12
CA VAL H 40 -27.18 14.23 -9.01
C VAL H 40 -28.12 15.42 -8.94
N ALA H 41 -27.77 16.41 -8.12
CA ALA H 41 -28.61 17.60 -8.01
C ALA H 41 -28.68 18.36 -9.33
N ASN H 42 -27.54 18.54 -10.01
CA ASN H 42 -27.55 19.25 -11.29
C ASN H 42 -28.49 18.57 -12.28
N SER H 43 -28.45 17.24 -12.34
CA SER H 43 -29.30 16.50 -13.26
C SER H 43 -30.77 16.70 -12.93
N ILE H 44 -31.10 16.59 -11.64
CA ILE H 44 -32.49 16.69 -11.21
C ILE H 44 -33.03 18.09 -11.47
N VAL H 45 -32.27 19.13 -11.14
CA VAL H 45 -32.79 20.48 -11.33
C VAL H 45 -32.91 20.78 -12.82
N SER H 46 -32.04 20.22 -13.65
CA SER H 46 -32.21 20.39 -15.09
C SER H 46 -33.47 19.68 -15.58
N GLN H 47 -33.76 18.49 -15.05
CA GLN H 47 -35.00 17.79 -15.42
C GLN H 47 -36.23 18.55 -14.99
N LEU H 48 -36.21 19.11 -13.78
CA LEU H 48 -37.32 19.95 -13.32
C LEU H 48 -37.52 21.13 -14.26
N LEU H 49 -36.43 21.80 -14.65
CA LEU H 49 -36.54 22.95 -15.54
C LEU H 49 -37.10 22.54 -16.91
N PHE H 50 -36.64 21.39 -17.42
CA PHE H 50 -37.16 20.91 -18.71
C PHE H 50 -38.65 20.59 -18.64
N LEU H 51 -39.07 19.87 -17.61
CA LEU H 51 -40.47 19.45 -17.54
C LEU H 51 -41.41 20.64 -17.38
N GLN H 52 -41.04 21.63 -16.57
CA GLN H 52 -41.83 22.86 -16.48
C GLN H 52 -41.99 23.52 -17.84
N ALA H 53 -40.92 23.57 -18.64
CA ALA H 53 -41.03 24.20 -19.95
C ALA H 53 -41.94 23.42 -20.89
N GLN H 54 -41.93 22.10 -20.81
CA GLN H 54 -42.85 21.31 -21.65
C GLN H 54 -44.30 21.61 -21.28
N ASP H 55 -44.57 21.74 -19.98
CA ASP H 55 -45.92 21.97 -19.47
C ASP H 55 -45.80 22.48 -18.04
N SER H 56 -46.26 23.71 -17.79
CA SER H 56 -46.11 24.34 -16.49
C SER H 56 -47.24 24.00 -15.52
N GLU H 57 -48.16 23.18 -15.99
CA GLU H 57 -49.29 22.79 -15.19
C GLU H 57 -49.41 21.31 -14.75
N LYS H 58 -49.03 20.38 -15.58
CA LYS H 58 -49.17 18.97 -15.20
C LYS H 58 -48.18 18.64 -14.10
N ASP H 59 -48.59 17.76 -13.21
CA ASP H 59 -47.76 17.38 -12.08
C ASP H 59 -46.47 16.73 -12.54
N ILE H 60 -45.46 16.83 -11.67
CA ILE H 60 -44.18 16.14 -11.78
C ILE H 60 -44.09 15.18 -10.60
N TYR H 61 -43.44 14.03 -10.82
CA TYR H 61 -43.33 12.98 -9.82
C TYR H 61 -41.86 12.74 -9.48
N LEU H 62 -41.50 12.93 -8.22
CA LEU H 62 -40.14 12.69 -7.73
C LEU H 62 -40.12 11.38 -6.95
N TYR H 63 -39.48 10.37 -7.52
CA TYR H 63 -39.22 9.11 -6.83
C TYR H 63 -38.00 9.29 -5.94
N ILE H 64 -38.09 8.87 -4.69
CA ILE H 64 -36.99 9.07 -3.74
C ILE H 64 -36.61 7.74 -3.11
N ASN H 65 -35.42 7.24 -3.45
CA ASN H 65 -34.79 6.11 -2.74
C ASN H 65 -33.33 6.53 -2.56
N SER H 66 -33.08 7.30 -1.48
CA SER H 66 -31.82 7.98 -1.30
C SER H 66 -31.38 8.04 0.16
N PRO H 67 -30.09 7.83 0.44
CA PRO H 67 -29.59 7.99 1.82
C PRO H 67 -29.25 9.43 2.20
N GLY H 68 -29.55 10.39 1.33
CA GLY H 68 -29.17 11.76 1.61
C GLY H 68 -27.82 12.07 1.00
N GLY H 69 -27.11 13.03 1.58
CA GLY H 69 -25.84 13.43 1.03
C GLY H 69 -25.54 14.90 1.25
N SER H 70 -25.10 15.60 0.21
CA SER H 70 -24.71 16.99 0.36
C SER H 70 -25.90 17.87 0.66
N VAL H 71 -25.79 18.71 1.69
CA VAL H 71 -26.88 19.62 2.03
C VAL H 71 -27.08 20.68 0.94
N THR H 72 -25.97 21.28 0.45
CA THR H 72 -26.14 22.31 -0.58
C THR H 72 -26.73 21.72 -1.85
N ALA H 73 -26.29 20.51 -2.23
CA ALA H 73 -26.88 19.86 -3.39
C ALA H 73 -28.35 19.59 -3.16
N GLY H 74 -28.71 19.15 -1.95
CA GLY H 74 -30.11 18.95 -1.61
C GLY H 74 -30.93 20.24 -1.72
N PHE H 75 -30.34 21.37 -1.31
CA PHE H 75 -31.07 22.63 -1.41
C PHE H 75 -31.14 23.14 -2.85
N ALA H 76 -30.18 22.75 -3.69
CA ALA H 76 -30.36 23.01 -5.13
C ALA H 76 -31.65 22.38 -5.63
N ILE H 77 -31.89 21.11 -5.26
CA ILE H 77 -33.14 20.46 -5.63
C ILE H 77 -34.31 21.16 -4.95
N TYR H 78 -34.19 21.45 -3.65
CA TYR H 78 -35.27 22.06 -2.91
C TYR H 78 -35.72 23.37 -3.55
N ASP H 79 -34.78 24.28 -3.82
CA ASP H 79 -35.14 25.59 -4.34
C ASP H 79 -35.71 25.51 -5.75
N THR H 80 -35.22 24.57 -6.58
CA THR H 80 -35.80 24.45 -7.91
C THR H 80 -37.24 23.91 -7.84
N ILE H 81 -37.50 22.92 -6.97
CA ILE H 81 -38.88 22.44 -6.77
C ILE H 81 -39.79 23.60 -6.38
N GLN H 82 -39.39 24.39 -5.38
CA GLN H 82 -40.26 25.48 -4.95
C GLN H 82 -40.37 26.58 -6.01
N HIS H 83 -39.33 26.78 -6.81
CA HIS H 83 -39.38 27.85 -7.79
C HIS H 83 -40.42 27.61 -8.88
N ILE H 84 -40.47 26.38 -9.41
CA ILE H 84 -41.23 26.12 -10.64
C ILE H 84 -42.73 26.05 -10.34
N LYS H 85 -43.54 26.12 -11.38
CA LYS H 85 -44.99 26.06 -11.19
C LYS H 85 -45.62 24.72 -10.94
N PRO H 86 -45.29 23.71 -11.69
CA PRO H 86 -45.97 22.43 -11.48
C PRO H 86 -45.81 21.93 -10.05
N ASP H 87 -46.84 21.25 -9.56
CA ASP H 87 -46.71 20.49 -8.32
C ASP H 87 -45.69 19.39 -8.50
N VAL H 88 -44.82 19.22 -7.52
CA VAL H 88 -43.86 18.13 -7.52
C VAL H 88 -44.29 17.14 -6.46
N GLN H 89 -44.85 16.02 -6.90
CA GLN H 89 -45.15 14.95 -5.95
C GLN H 89 -43.86 14.29 -5.52
N THR H 90 -43.83 13.81 -4.28
CA THR H 90 -42.72 12.98 -3.80
C THR H 90 -43.26 11.64 -3.33
N ILE H 91 -42.53 10.57 -3.65
CA ILE H 91 -42.85 9.23 -3.18
C ILE H 91 -41.57 8.55 -2.70
N CYS H 92 -41.58 8.12 -1.44
CA CYS H 92 -40.49 7.36 -0.86
C CYS H 92 -40.73 5.88 -1.11
N ILE H 93 -39.79 5.26 -1.81
CA ILE H 93 -39.81 3.84 -2.09
C ILE H 93 -38.46 3.29 -1.69
N GLY H 94 -38.45 2.32 -0.77
CA GLY H 94 -37.19 1.85 -0.22
C GLY H 94 -36.79 2.64 1.02
N MET H 95 -36.06 3.73 0.82
CA MET H 95 -35.53 4.54 1.92
C MET H 95 -35.46 6.01 1.53
N ALA H 96 -35.71 6.89 2.51
CA ALA H 96 -35.39 8.31 2.38
C ALA H 96 -34.80 8.76 3.71
N ALA H 97 -33.50 9.06 3.71
CA ALA H 97 -32.79 9.41 4.93
C ALA H 97 -32.12 10.76 4.78
N SER H 98 -32.09 11.52 5.88
CA SER H 98 -31.36 12.80 6.00
C SER H 98 -31.87 13.76 4.94
N MET H 99 -31.02 14.30 4.07
CA MET H 99 -31.48 15.20 3.01
C MET H 99 -32.51 14.54 2.11
N GLY H 100 -32.48 13.21 1.98
CA GLY H 100 -33.51 12.53 1.22
C GLY H 100 -34.89 12.69 1.83
N SER H 101 -34.97 12.57 3.15
CA SER H 101 -36.25 12.77 3.83
C SER H 101 -36.64 14.24 3.89
N PHE H 102 -35.64 15.14 3.92
CA PHE H 102 -35.94 16.55 3.79
C PHE H 102 -36.62 16.84 2.44
N LEU H 103 -36.10 16.27 1.36
CA LEU H 103 -36.72 16.48 0.06
C LEU H 103 -38.07 15.75 -0.07
N LEU H 104 -38.21 14.59 0.55
CA LEU H 104 -39.52 13.94 0.60
C LEU H 104 -40.57 14.89 1.18
N ALA H 105 -40.26 15.52 2.31
CA ALA H 105 -41.17 16.44 2.97
C ALA H 105 -41.43 17.71 2.20
N ALA H 106 -40.62 18.02 1.19
CA ALA H 106 -40.73 19.26 0.43
C ALA H 106 -41.66 19.15 -0.75
N GLY H 107 -42.26 17.98 -1.00
CA GLY H 107 -43.15 17.81 -2.12
C GLY H 107 -44.41 18.63 -1.93
N ALA H 108 -45.15 18.81 -3.03
CA ALA H 108 -46.36 19.62 -2.96
C ALA H 108 -47.28 19.09 -1.87
N LYS H 109 -47.83 20.00 -1.06
CA LYS H 109 -48.62 19.61 0.09
C LYS H 109 -49.84 18.80 -0.33
N GLY H 110 -50.09 17.72 0.38
CA GLY H 110 -51.10 16.76 -0.02
C GLY H 110 -50.63 15.74 -1.04
N LYS H 111 -49.42 15.89 -1.60
CA LYS H 111 -48.96 14.99 -2.64
C LYS H 111 -47.60 14.40 -2.27
N ARG H 112 -47.40 14.15 -0.98
CA ARG H 112 -46.20 13.49 -0.48
C ARG H 112 -46.57 12.09 -0.01
N PHE H 113 -45.91 11.08 -0.57
CA PHE H 113 -46.32 9.69 -0.35
C PHE H 113 -45.15 8.83 0.11
N ALA H 114 -45.51 7.67 0.66
CA ALA H 114 -44.57 6.58 0.91
C ALA H 114 -45.29 5.26 0.70
N LEU H 115 -44.57 4.26 0.21
CA LEU H 115 -45.15 2.94 0.17
C LEU H 115 -45.05 2.29 1.55
N PRO H 116 -45.90 1.29 1.84
CA PRO H 116 -46.09 0.89 3.24
C PRO H 116 -44.83 0.48 3.97
N ASN H 117 -43.87 -0.16 3.30
CA ASN H 117 -42.67 -0.66 3.96
C ASN H 117 -41.44 0.21 3.69
N ALA H 118 -41.63 1.40 3.11
CA ALA H 118 -40.54 2.35 2.95
C ALA H 118 -40.07 2.86 4.31
N GLU H 119 -38.79 3.18 4.39
CA GLU H 119 -38.13 3.62 5.62
C GLU H 119 -37.77 5.10 5.49
N VAL H 120 -38.08 5.87 6.53
CA VAL H 120 -37.75 7.29 6.61
C VAL H 120 -36.85 7.48 7.83
N MET H 121 -35.77 8.24 7.65
CA MET H 121 -34.87 8.57 8.76
C MET H 121 -34.51 10.05 8.73
N ILE H 122 -34.57 10.70 9.89
CA ILE H 122 -34.18 12.10 10.03
C ILE H 122 -33.07 12.17 11.07
N HIS H 123 -32.15 13.10 10.87
CA HIS H 123 -31.06 13.35 11.81
C HIS H 123 -30.47 14.71 11.49
N GLN H 124 -29.48 15.12 12.27
CA GLN H 124 -28.84 16.41 12.04
C GLN H 124 -27.73 16.29 11.00
N PRO H 125 -27.31 17.41 10.40
CA PRO H 125 -26.25 17.35 9.39
C PRO H 125 -24.91 16.97 9.99
N LEU H 126 -24.04 16.43 9.13
CA LEU H 126 -22.72 15.95 9.49
C LEU H 126 -21.65 16.75 8.76
N GLY H 127 -20.50 16.90 9.40
CA GLY H 127 -19.41 17.62 8.78
C GLY H 127 -18.11 17.44 9.51
N GLY H 128 -17.21 18.39 9.30
CA GLY H 128 -15.89 18.29 9.89
C GLY H 128 -15.12 19.57 9.69
N ALA H 129 -13.99 19.66 10.40
CA ALA H 129 -13.06 20.78 10.33
C ALA H 129 -11.75 20.38 10.99
N GLN H 130 -10.63 20.76 10.39
CA GLN H 130 -9.31 20.59 11.01
C GLN H 130 -8.53 21.87 10.80
N GLY H 131 -7.72 22.21 11.78
CA GLY H 131 -6.83 23.36 11.71
C GLY H 131 -6.88 24.25 12.93
N GLN H 132 -6.67 25.54 12.74
CA GLN H 132 -6.60 26.50 13.83
C GLN H 132 -7.94 26.68 14.50
N ALA H 133 -7.89 27.06 15.78
CA ALA H 133 -9.10 27.31 16.56
C ALA H 133 -10.09 28.19 15.80
N THR H 134 -9.61 29.26 15.15
CA THR H 134 -10.54 30.17 14.46
C THR H 134 -11.18 29.50 13.26
N GLU H 135 -10.46 28.60 12.58
CA GLU H 135 -11.05 27.86 11.46
C GLU H 135 -12.11 26.89 11.95
N ILE H 136 -11.84 26.20 13.07
CA ILE H 136 -12.82 25.29 13.66
C ILE H 136 -14.09 26.06 14.06
N GLU H 137 -13.90 27.25 14.63
CA GLU H 137 -15.04 28.08 15.02
C GLU H 137 -15.90 28.42 13.80
N ILE H 138 -15.26 28.81 12.69
CA ILE H 138 -15.99 29.16 11.48
C ILE H 138 -16.80 27.98 10.96
N ALA H 139 -16.16 26.81 10.90
CA ALA H 139 -16.88 25.62 10.41
C ALA H 139 -18.04 25.27 11.34
N ALA H 140 -17.84 25.40 12.65
CA ALA H 140 -18.91 25.11 13.60
C ALA H 140 -20.09 26.07 13.44
N ASN H 141 -19.81 27.38 13.38
CA ASN H 141 -20.89 28.34 13.17
C ASN H 141 -21.65 28.06 11.87
N HIS H 142 -20.92 27.67 10.82
CA HIS H 142 -21.58 27.41 9.55
C HIS H 142 -22.53 26.21 9.64
N ILE H 143 -22.05 25.07 10.19
CA ILE H 143 -22.91 23.90 10.19
C ILE H 143 -24.07 24.06 11.16
N LEU H 144 -23.88 24.81 12.25
CA LEU H 144 -25.00 25.08 13.16
C LEU H 144 -26.07 25.92 12.46
N LYS H 145 -25.65 26.93 11.71
CA LYS H 145 -26.61 27.75 10.98
C LYS H 145 -27.31 26.92 9.89
N THR H 146 -26.57 26.00 9.28
CA THR H 146 -27.19 25.09 8.31
C THR H 146 -28.26 24.23 8.97
N ARG H 147 -27.99 23.72 10.18
CA ARG H 147 -28.98 22.91 10.89
C ARG H 147 -30.24 23.71 11.20
N GLU H 148 -30.06 24.97 11.65
CA GLU H 148 -31.19 25.84 11.94
C GLU H 148 -32.05 26.07 10.70
N LYS H 149 -31.41 26.30 9.56
CA LYS H 149 -32.12 26.50 8.31
C LYS H 149 -32.92 25.26 7.95
N LEU H 150 -32.30 24.08 8.05
CA LEU H 150 -33.01 22.84 7.81
C LEU H 150 -34.17 22.68 8.79
N ASN H 151 -33.92 22.91 10.07
CA ASN H 151 -34.95 22.71 11.07
C ASN H 151 -36.10 23.68 10.87
N ARG H 152 -35.81 24.93 10.52
CA ARG H 152 -36.87 25.91 10.28
C ARG H 152 -37.80 25.45 9.17
N ILE H 153 -37.24 25.01 8.04
CA ILE H 153 -38.07 24.56 6.91
C ILE H 153 -38.81 23.27 7.26
N LEU H 154 -38.14 22.32 7.92
CA LEU H 154 -38.80 21.09 8.33
C LEU H 154 -39.98 21.37 9.25
N SER H 155 -39.85 22.36 10.13
CA SER H 155 -40.97 22.79 10.95
C SER H 155 -42.14 23.26 10.08
N GLU H 156 -41.87 24.15 9.13
CA GLU H 156 -42.90 24.69 8.26
C GLU H 156 -43.58 23.60 7.46
N ARG H 157 -42.81 22.60 7.02
CA ARG H 157 -43.36 21.55 6.16
C ARG H 157 -44.10 20.48 6.95
N THR H 158 -43.78 20.30 8.24
CA THR H 158 -44.41 19.22 8.99
C THR H 158 -45.47 19.69 9.96
N GLY H 159 -45.44 20.95 10.37
CA GLY H 159 -46.29 21.42 11.45
C GLY H 159 -45.74 21.19 12.84
N GLN H 160 -44.60 20.54 12.97
CA GLN H 160 -43.98 20.36 14.27
C GLN H 160 -43.21 21.62 14.65
N SER H 161 -43.05 21.83 15.95
CA SER H 161 -42.27 22.98 16.42
C SER H 161 -40.79 22.78 16.13
N ILE H 162 -40.08 23.90 16.06
CA ILE H 162 -38.63 23.87 15.83
C ILE H 162 -37.93 23.13 16.96
N GLU H 163 -38.40 23.32 18.21
CA GLU H 163 -37.78 22.64 19.34
C GLU H 163 -37.99 21.13 19.27
N LYS H 164 -39.14 20.69 18.79
CA LYS H 164 -39.37 19.25 18.65
C LYS H 164 -38.51 18.66 17.55
N ILE H 165 -38.40 19.36 16.42
CA ILE H 165 -37.50 18.91 15.36
C ILE H 165 -36.08 18.77 15.90
N GLN H 166 -35.64 19.78 16.67
CA GLN H 166 -34.28 19.75 17.22
C GLN H 166 -34.03 18.50 18.08
N LYS H 167 -34.98 18.16 18.93
CA LYS H 167 -34.89 16.98 19.75
C LYS H 167 -35.01 15.73 18.96
N ASP H 168 -35.87 15.73 17.97
CA ASP H 168 -36.09 14.50 17.24
C ASP H 168 -35.01 14.21 16.22
N THR H 169 -34.13 15.17 15.91
CA THR H 169 -33.04 14.93 14.97
C THR H 169 -31.68 14.91 15.65
N ASP H 170 -31.64 15.01 16.98
CA ASP H 170 -30.35 15.01 17.68
C ASP H 170 -29.57 13.74 17.36
N ARG H 171 -30.27 12.60 17.25
CA ARG H 171 -29.67 11.34 16.83
C ARG H 171 -30.50 10.73 15.69
N ASP H 172 -29.94 9.69 15.07
CA ASP H 172 -30.66 8.99 14.01
C ASP H 172 -32.04 8.58 14.50
N ASN H 173 -33.08 8.93 13.73
CA ASN H 173 -34.45 8.67 14.11
C ASN H 173 -35.14 7.94 12.96
N PHE H 174 -35.38 6.65 13.13
CA PHE H 174 -36.00 5.84 12.09
C PHE H 174 -37.52 5.85 12.28
N LEU H 175 -38.23 6.05 11.17
CA LEU H 175 -39.69 6.08 11.16
C LEU H 175 -40.21 5.14 10.09
N THR H 176 -41.27 4.39 10.42
CA THR H 176 -42.04 3.68 9.41
C THR H 176 -42.81 4.69 8.55
N ALA H 177 -43.35 4.19 7.44
CA ALA H 177 -44.13 5.06 6.56
C ALA H 177 -45.31 5.67 7.31
N GLU H 178 -46.01 4.86 8.11
CA GLU H 178 -47.15 5.36 8.88
C GLU H 178 -46.70 6.42 9.88
N GLU H 179 -45.58 6.17 10.56
CA GLU H 179 -45.03 7.14 11.50
C GLU H 179 -44.61 8.41 10.78
N ALA H 180 -44.09 8.29 9.56
CA ALA H 180 -43.74 9.48 8.81
C ALA H 180 -44.98 10.30 8.49
N LYS H 181 -46.11 9.63 8.23
CA LYS H 181 -47.36 10.36 7.99
C LYS H 181 -47.79 11.11 9.25
N GLU H 182 -47.77 10.43 10.35
CA GLU H 182 -48.12 11.04 11.59
C GLU H 182 -47.30 12.28 11.91
N TYR H 183 -46.01 12.25 11.61
CA TYR H 183 -45.06 13.33 11.86
C TYR H 183 -45.31 14.53 10.96
N GLY H 184 -45.96 14.35 9.83
CA GLY H 184 -46.12 15.42 8.89
C GLY H 184 -45.05 15.49 7.82
N LEU H 185 -44.19 14.46 7.72
CA LEU H 185 -43.20 14.41 6.65
C LEU H 185 -43.81 13.99 5.33
N ILE H 186 -44.84 13.16 5.35
CA ILE H 186 -45.60 12.78 4.17
C ILE H 186 -47.08 13.01 4.47
N ASP H 187 -47.89 12.97 3.43
CA ASP H 187 -49.33 13.11 3.60
C ASP H 187 -50.08 11.80 3.62
N GLU H 188 -49.64 10.79 2.87
CA GLU H 188 -50.40 9.56 2.75
C GLU H 188 -49.48 8.37 2.57
N VAL H 189 -49.84 7.26 3.20
CA VAL H 189 -49.24 5.98 2.86
C VAL H 189 -50.02 5.38 1.70
N MET H 190 -49.34 5.14 0.59
CA MET H 190 -50.00 4.64 -0.60
C MET H 190 -50.17 3.14 -0.45
N VAL H 191 -51.40 2.70 -0.20
CA VAL H 191 -51.69 1.30 0.13
C VAL H 191 -51.99 0.50 -1.14
N PRO H 192 -51.74 -0.81 -1.14
CA PRO H 192 -52.08 -1.67 -2.28
C PRO H 192 -53.57 -1.74 -2.55
N LEU I 3 -25.86 8.33 -14.65
CA LEU I 3 -26.30 8.46 -16.04
C LEU I 3 -27.08 9.75 -16.27
N ILE I 4 -26.80 10.40 -17.39
CA ILE I 4 -27.46 11.64 -17.78
C ILE I 4 -28.69 11.28 -18.61
N PRO I 5 -29.89 11.68 -18.19
CA PRO I 5 -31.09 11.27 -18.92
C PRO I 5 -31.20 11.91 -20.29
N THR I 6 -32.01 11.27 -21.13
CA THR I 6 -32.31 11.73 -22.48
C THR I 6 -33.71 12.31 -22.46
N VAL I 7 -33.90 13.43 -23.15
CA VAL I 7 -35.22 14.05 -23.19
C VAL I 7 -35.73 14.02 -24.62
N ILE I 8 -37.05 13.95 -24.73
CA ILE I 8 -37.75 13.85 -26.00
C ILE I 8 -38.74 15.00 -26.10
N GLU I 9 -38.57 15.83 -27.13
CA GLU I 9 -39.54 16.84 -27.47
C GLU I 9 -40.36 16.37 -28.67
N THR I 10 -41.66 16.65 -28.63
CA THR I 10 -42.52 16.45 -29.80
C THR I 10 -42.43 17.69 -30.69
N THR I 11 -41.99 17.51 -31.92
CA THR I 11 -41.84 18.63 -32.86
C THR I 11 -42.80 18.47 -34.03
N ASN I 12 -42.94 19.55 -34.81
CA ASN I 12 -43.68 19.48 -36.07
C ASN I 12 -43.08 18.47 -37.03
N ARG I 13 -41.81 18.10 -36.82
CA ARG I 13 -41.09 17.11 -37.61
C ARG I 13 -41.09 15.72 -36.94
N GLY I 14 -41.89 15.54 -35.89
CA GLY I 14 -41.82 14.33 -35.09
C GLY I 14 -41.03 14.53 -33.80
N GLU I 15 -40.60 13.41 -33.22
CA GLU I 15 -39.88 13.44 -31.96
C GLU I 15 -38.39 13.71 -32.19
N ARG I 16 -37.77 14.38 -31.22
CA ARG I 16 -36.35 14.70 -31.23
C ARG I 16 -35.79 14.44 -29.83
N ALA I 17 -34.64 13.76 -29.77
CA ALA I 17 -34.00 13.34 -28.53
C ALA I 17 -32.74 14.15 -28.27
N TYR I 18 -32.56 14.62 -27.01
CA TYR I 18 -31.38 15.37 -26.58
C TYR I 18 -30.91 14.80 -25.25
N ASP I 19 -29.60 14.73 -24.99
CA ASP I 19 -29.22 14.63 -23.59
C ASP I 19 -29.58 15.95 -22.90
N ILE I 20 -29.86 15.88 -21.60
CA ILE I 20 -30.53 17.00 -20.93
C ILE I 20 -29.68 18.27 -21.00
N TYR I 21 -28.35 18.14 -20.87
CA TYR I 21 -27.50 19.32 -20.86
C TYR I 21 -27.44 19.97 -22.23
N SER I 22 -27.41 19.16 -23.30
CA SER I 22 -27.49 19.73 -24.64
C SER I 22 -28.85 20.37 -24.91
N ARG I 23 -29.94 19.82 -24.36
CA ARG I 23 -31.25 20.46 -24.52
C ARG I 23 -31.26 21.85 -23.88
N LEU I 24 -30.68 21.98 -22.68
CA LEU I 24 -30.62 23.29 -22.03
C LEU I 24 -29.74 24.26 -22.82
N LEU I 25 -28.63 23.77 -23.38
CA LEU I 25 -27.77 24.66 -24.16
C LEU I 25 -28.47 25.19 -25.40
N LYS I 26 -29.40 24.41 -25.95
CA LYS I 26 -30.19 24.89 -27.07
C LYS I 26 -30.96 26.15 -26.70
N ASP I 27 -31.33 26.30 -25.43
CA ASP I 27 -31.95 27.52 -24.94
C ASP I 27 -30.95 28.44 -24.25
N ARG I 28 -29.68 28.37 -24.64
CA ARG I 28 -28.64 29.31 -24.22
C ARG I 28 -28.35 29.23 -22.71
N ILE I 29 -28.52 28.06 -22.09
CA ILE I 29 -28.22 27.85 -20.68
C ILE I 29 -26.94 27.03 -20.59
N ILE I 30 -25.96 27.54 -19.83
CA ILE I 30 -24.67 26.87 -19.65
C ILE I 30 -24.53 26.42 -18.20
N MET I 31 -24.04 25.18 -18.01
CA MET I 31 -23.91 24.60 -16.68
C MET I 31 -22.48 24.73 -16.17
N LEU I 32 -22.30 25.46 -15.07
CA LEU I 32 -21.06 25.39 -14.28
C LEU I 32 -21.44 24.66 -13.00
N GLY I 33 -21.39 23.33 -13.06
CA GLY I 33 -21.94 22.53 -11.97
C GLY I 33 -20.92 21.62 -11.33
N SER I 34 -19.65 21.99 -11.43
CA SER I 34 -18.60 21.15 -10.86
C SER I 34 -17.43 22.02 -10.41
N GLN I 35 -16.45 21.37 -9.81
CA GLN I 35 -15.18 22.03 -9.53
C GLN I 35 -14.61 22.58 -10.82
N ILE I 36 -14.04 23.78 -10.74
CA ILE I 36 -13.50 24.48 -11.91
C ILE I 36 -12.06 24.00 -12.14
N ASP I 37 -11.87 23.25 -13.22
CA ASP I 37 -10.53 22.94 -13.71
C ASP I 37 -10.45 23.41 -15.15
N ASP I 38 -9.31 23.13 -15.81
CA ASP I 38 -9.11 23.60 -17.18
C ASP I 38 -10.13 22.99 -18.14
N ASN I 39 -10.44 21.70 -17.97
CA ASN I 39 -11.42 21.05 -18.84
C ASN I 39 -12.77 21.72 -18.73
N VAL I 40 -13.23 21.99 -17.51
CA VAL I 40 -14.51 22.68 -17.31
C VAL I 40 -14.48 24.07 -17.94
N ALA I 41 -13.39 24.81 -17.73
CA ALA I 41 -13.28 26.15 -18.29
C ALA I 41 -13.28 26.10 -19.82
N ASN I 42 -12.50 25.18 -20.40
CA ASN I 42 -12.44 25.08 -21.86
C ASN I 42 -13.84 24.83 -22.44
N SER I 43 -14.61 23.96 -21.80
CA SER I 43 -15.95 23.65 -22.27
C SER I 43 -16.83 24.87 -22.19
N ILE I 44 -16.80 25.56 -21.05
CA ILE I 44 -17.70 26.70 -20.85
C ILE I 44 -17.36 27.84 -21.82
N VAL I 45 -16.07 28.14 -21.99
CA VAL I 45 -15.74 29.25 -22.88
C VAL I 45 -16.10 28.91 -24.32
N SER I 46 -15.98 27.63 -24.71
CA SER I 46 -16.38 27.22 -26.05
C SER I 46 -17.88 27.32 -26.22
N GLN I 47 -18.63 27.00 -25.17
CA GLN I 47 -20.08 27.21 -25.22
C GLN I 47 -20.42 28.70 -25.36
N LEU I 48 -19.73 29.56 -24.62
CA LEU I 48 -19.97 31.00 -24.74
C LEU I 48 -19.69 31.49 -26.16
N LEU I 49 -18.58 31.07 -26.74
CA LEU I 49 -18.24 31.47 -28.10
C LEU I 49 -19.30 30.99 -29.09
N PHE I 50 -19.76 29.75 -28.94
CA PHE I 50 -20.78 29.21 -29.83
C PHE I 50 -22.10 29.97 -29.71
N LEU I 51 -22.53 30.25 -28.48
CA LEU I 51 -23.80 30.94 -28.31
C LEU I 51 -23.73 32.35 -28.88
N GLN I 52 -22.62 33.06 -28.64
CA GLN I 52 -22.46 34.39 -29.24
C GLN I 52 -22.56 34.31 -30.77
N ALA I 53 -21.97 33.29 -31.38
CA ALA I 53 -22.02 33.15 -32.84
C ALA I 53 -23.44 32.87 -33.31
N GLN I 54 -24.21 32.08 -32.56
CA GLN I 54 -25.60 31.84 -32.93
C GLN I 54 -26.41 33.12 -32.89
N ASP I 55 -26.18 33.95 -31.88
CA ASP I 55 -26.95 35.17 -31.69
C ASP I 55 -26.19 36.05 -30.70
N SER I 56 -25.73 37.20 -31.17
CA SER I 56 -24.92 38.10 -30.37
C SER I 56 -25.73 39.03 -29.49
N GLU I 57 -27.06 38.94 -29.52
CA GLU I 57 -27.91 39.84 -28.74
C GLU I 57 -28.66 39.16 -27.61
N LYS I 58 -29.07 37.90 -27.78
CA LYS I 58 -29.88 37.25 -26.76
C LYS I 58 -29.06 36.91 -25.53
N ASP I 59 -29.67 37.06 -24.36
CA ASP I 59 -28.97 36.76 -23.11
C ASP I 59 -28.56 35.29 -23.09
N ILE I 60 -27.49 35.02 -22.34
CA ILE I 60 -27.04 33.68 -22.03
C ILE I 60 -27.24 33.48 -20.53
N TYR I 61 -27.51 32.24 -20.12
CA TYR I 61 -27.76 31.96 -18.71
C TYR I 61 -26.68 31.01 -18.17
N LEU I 62 -25.91 31.46 -17.18
CA LEU I 62 -24.89 30.63 -16.56
C LEU I 62 -25.41 30.16 -15.21
N TYR I 63 -25.71 28.87 -15.13
CA TYR I 63 -26.06 28.22 -13.87
C TYR I 63 -24.76 27.93 -13.11
N ILE I 64 -24.73 28.23 -11.81
CA ILE I 64 -23.54 28.04 -11.00
C ILE I 64 -23.90 27.24 -9.76
N ASN I 65 -23.38 26.00 -9.68
CA ASN I 65 -23.39 25.18 -8.47
C ASN I 65 -21.98 24.63 -8.38
N SER I 66 -21.05 25.40 -7.81
CA SER I 66 -19.63 25.06 -7.93
C SER I 66 -18.88 25.42 -6.65
N PRO I 67 -17.98 24.57 -6.16
CA PRO I 67 -17.15 24.95 -5.03
C PRO I 67 -15.92 25.76 -5.44
N GLY I 68 -15.80 26.13 -6.71
CA GLY I 68 -14.63 26.83 -7.18
C GLY I 68 -13.56 25.89 -7.73
N GLY I 69 -12.31 26.31 -7.66
CA GLY I 69 -11.22 25.52 -8.19
C GLY I 69 -10.06 26.38 -8.66
N SER I 70 -9.58 26.12 -9.87
CA SER I 70 -8.42 26.84 -10.40
C SER I 70 -8.74 28.29 -10.71
N VAL I 71 -7.88 29.20 -10.23
CA VAL I 71 -8.08 30.63 -10.48
C VAL I 71 -7.88 30.95 -11.97
N THR I 72 -6.82 30.42 -12.59
CA THR I 72 -6.62 30.71 -14.01
C THR I 72 -7.77 30.15 -14.84
N ALA I 73 -8.24 28.94 -14.50
CA ALA I 73 -9.39 28.40 -15.23
C ALA I 73 -10.59 29.32 -15.06
N GLY I 74 -10.80 29.82 -13.84
CA GLY I 74 -11.87 30.78 -13.61
C GLY I 74 -11.72 32.04 -14.42
N PHE I 75 -10.48 32.53 -14.56
CA PHE I 75 -10.29 33.75 -15.35
C PHE I 75 -10.46 33.49 -16.84
N ALA I 76 -10.26 32.26 -17.32
CA ALA I 76 -10.66 31.97 -18.70
C ALA I 76 -12.14 32.22 -18.88
N ILE I 77 -12.96 31.71 -17.96
CA ILE I 77 -14.39 31.96 -18.03
C ILE I 77 -14.69 33.45 -17.85
N TYR I 78 -14.08 34.08 -16.84
CA TYR I 78 -14.33 35.50 -16.60
C TYR I 78 -14.06 36.33 -17.85
N ASP I 79 -12.89 36.16 -18.47
CA ASP I 79 -12.52 36.99 -19.61
C ASP I 79 -13.38 36.72 -20.83
N THR I 80 -13.81 35.47 -21.04
CA THR I 80 -14.70 35.17 -22.17
C THR I 80 -16.07 35.81 -21.97
N ILE I 81 -16.58 35.78 -20.73
CA ILE I 81 -17.83 36.49 -20.44
C ILE I 81 -17.72 37.96 -20.81
N GLN I 82 -16.67 38.63 -20.32
CA GLN I 82 -16.57 40.06 -20.59
C GLN I 82 -16.30 40.34 -22.06
N HIS I 83 -15.62 39.42 -22.75
CA HIS I 83 -15.31 39.66 -24.16
C HIS I 83 -16.56 39.68 -25.04
N ILE I 84 -17.49 38.75 -24.83
CA ILE I 84 -18.59 38.56 -25.78
C ILE I 84 -19.65 39.65 -25.63
N LYS I 85 -20.45 39.80 -26.67
CA LYS I 85 -21.54 40.78 -26.71
C LYS I 85 -22.76 40.48 -25.84
N PRO I 86 -23.31 39.27 -25.88
CA PRO I 86 -24.51 39.01 -25.09
C PRO I 86 -24.27 39.20 -23.59
N ASP I 87 -25.30 39.67 -22.90
CA ASP I 87 -25.28 39.63 -21.44
C ASP I 87 -25.27 38.18 -20.97
N VAL I 88 -24.45 37.89 -19.96
CA VAL I 88 -24.45 36.58 -19.33
C VAL I 88 -25.07 36.74 -17.95
N GLN I 89 -26.29 36.22 -17.77
CA GLN I 89 -26.89 36.15 -16.44
C GLN I 89 -26.18 35.06 -15.63
N THR I 90 -26.09 35.26 -14.33
CA THR I 90 -25.59 34.21 -13.43
C THR I 90 -26.65 33.92 -12.38
N ILE I 91 -26.83 32.64 -12.07
CA ILE I 91 -27.75 32.25 -11.01
C ILE I 91 -27.08 31.19 -10.16
N CYS I 92 -26.95 31.45 -8.87
CA CYS I 92 -26.40 30.47 -7.93
C CYS I 92 -27.53 29.58 -7.41
N ILE I 93 -27.39 28.28 -7.63
CA ILE I 93 -28.32 27.27 -7.16
C ILE I 93 -27.48 26.19 -6.47
N GLY I 94 -27.77 25.92 -5.20
CA GLY I 94 -26.96 25.04 -4.39
C GLY I 94 -25.86 25.80 -3.67
N MET I 95 -24.70 25.95 -4.31
CA MET I 95 -23.59 26.66 -3.67
C MET I 95 -22.75 27.31 -4.74
N ALA I 96 -22.15 28.44 -4.40
CA ALA I 96 -21.09 29.08 -5.19
C ALA I 96 -20.02 29.47 -4.19
N ALA I 97 -18.85 28.86 -4.28
CA ALA I 97 -17.77 29.10 -3.33
C ALA I 97 -16.51 29.54 -4.07
N SER I 98 -15.81 30.50 -3.47
CA SER I 98 -14.48 30.95 -3.93
C SER I 98 -14.58 31.37 -5.38
N MET I 99 -13.82 30.78 -6.31
CA MET I 99 -13.89 31.18 -7.70
C MET I 99 -15.29 31.02 -8.28
N GLY I 100 -16.10 30.11 -7.73
CA GLY I 100 -17.49 30.04 -8.14
C GLY I 100 -18.24 31.31 -7.80
N SER I 101 -18.01 31.84 -6.59
CA SER I 101 -18.70 33.08 -6.22
C SER I 101 -18.13 34.29 -6.96
N PHE I 102 -16.85 34.25 -7.33
CA PHE I 102 -16.28 35.29 -8.18
C PHE I 102 -16.98 35.35 -9.52
N LEU I 103 -17.22 34.19 -10.15
CA LEU I 103 -17.92 34.22 -11.43
C LEU I 103 -19.39 34.62 -11.25
N LEU I 104 -20.02 34.22 -10.14
CA LEU I 104 -21.38 34.69 -9.82
C LEU I 104 -21.44 36.21 -9.83
N ALA I 105 -20.48 36.84 -9.16
CA ALA I 105 -20.42 38.30 -9.10
C ALA I 105 -20.09 38.92 -10.43
N ALA I 106 -19.60 38.13 -11.39
CA ALA I 106 -19.17 38.63 -12.69
C ALA I 106 -20.28 38.66 -13.74
N GLY I 107 -21.48 38.22 -13.41
CA GLY I 107 -22.57 38.22 -14.37
C GLY I 107 -23.01 39.64 -14.73
N ALA I 108 -23.84 39.71 -15.77
CA ALA I 108 -24.30 41.00 -16.28
C ALA I 108 -24.92 41.85 -15.19
N LYS I 109 -24.57 43.13 -15.19
CA LYS I 109 -25.02 44.03 -14.14
C LYS I 109 -26.53 44.04 -14.15
N GLY I 110 -27.13 43.82 -12.96
CA GLY I 110 -28.57 43.64 -12.88
C GLY I 110 -29.09 42.22 -13.12
N LYS I 111 -28.26 41.29 -13.58
CA LYS I 111 -28.74 39.96 -13.95
C LYS I 111 -27.98 38.85 -13.21
N ARG I 112 -27.63 39.11 -11.95
CA ARG I 112 -26.98 38.12 -11.09
C ARG I 112 -27.97 37.71 -10.02
N PHE I 113 -28.23 36.42 -9.91
CA PHE I 113 -29.30 35.89 -9.09
C PHE I 113 -28.80 34.77 -8.18
N ALA I 114 -29.60 34.49 -7.15
CA ALA I 114 -29.49 33.29 -6.36
C ALA I 114 -30.89 32.86 -5.93
N LEU I 115 -31.10 31.55 -5.79
CA LEU I 115 -32.35 31.10 -5.21
C LEU I 115 -32.25 31.17 -3.68
N PRO I 116 -33.37 31.23 -2.98
CA PRO I 116 -33.33 31.69 -1.57
C PRO I 116 -32.42 30.90 -0.63
N ASN I 117 -32.25 29.58 -0.82
CA ASN I 117 -31.44 28.80 0.11
C ASN I 117 -30.06 28.46 -0.44
N ALA I 118 -29.68 29.08 -1.55
CA ALA I 118 -28.34 28.89 -2.07
C ALA I 118 -27.32 29.49 -1.12
N GLU I 119 -26.15 28.88 -1.09
CA GLU I 119 -25.04 29.26 -0.21
C GLU I 119 -23.92 29.90 -1.02
N VAL I 120 -23.45 31.05 -0.59
CA VAL I 120 -22.34 31.75 -1.25
C VAL I 120 -21.21 31.85 -0.23
N MET I 121 -20.00 31.50 -0.65
CA MET I 121 -18.83 31.59 0.22
C MET I 121 -17.67 32.26 -0.51
N ILE I 122 -16.99 33.18 0.17
CA ILE I 122 -15.83 33.86 -0.40
C ILE I 122 -14.64 33.66 0.52
N HIS I 123 -13.45 33.58 -0.07
CA HIS I 123 -12.23 33.39 0.71
C HIS I 123 -11.03 33.71 -0.16
N GLN I 124 -9.84 33.66 0.43
CA GLN I 124 -8.67 33.99 -0.37
C GLN I 124 -8.16 32.77 -1.16
N PRO I 125 -7.37 32.98 -2.21
CA PRO I 125 -6.88 31.83 -3.00
C PRO I 125 -5.94 30.95 -2.19
N LEU I 126 -5.85 29.71 -2.63
CA LEU I 126 -5.02 28.68 -1.99
C LEU I 126 -3.93 28.22 -2.94
N GLY I 127 -2.80 27.85 -2.37
CA GLY I 127 -1.72 27.35 -3.19
C GLY I 127 -0.66 26.69 -2.36
N GLY I 128 0.54 26.66 -2.89
CA GLY I 128 1.63 26.03 -2.18
C GLY I 128 2.93 26.31 -2.88
N ALA I 129 4.02 26.00 -2.17
CA ALA I 129 5.35 26.23 -2.69
C ALA I 129 6.31 25.34 -1.94
N GLN I 130 7.23 24.72 -2.65
CA GLN I 130 8.26 23.89 -2.07
C GLN I 130 9.58 24.24 -2.75
N GLY I 131 10.67 24.17 -2.00
CA GLY I 131 11.98 24.32 -2.58
C GLY I 131 12.85 25.36 -1.91
N GLN I 132 13.72 25.99 -2.69
CA GLN I 132 14.64 26.98 -2.18
C GLN I 132 13.90 28.23 -1.73
N ALA I 133 14.52 28.98 -0.83
CA ALA I 133 13.95 30.25 -0.39
C ALA I 133 13.54 31.14 -1.57
N THR I 134 14.41 31.30 -2.57
CA THR I 134 14.06 32.22 -3.66
C THR I 134 12.86 31.69 -4.45
N GLU I 135 12.72 30.37 -4.56
CA GLU I 135 11.54 29.78 -5.20
C GLU I 135 10.27 30.03 -4.40
N ILE I 136 10.35 29.89 -3.06
CA ILE I 136 9.18 30.17 -2.21
C ILE I 136 8.76 31.63 -2.38
N GLU I 137 9.74 32.52 -2.42
CA GLU I 137 9.47 33.94 -2.60
C GLU I 137 8.71 34.18 -3.91
N ILE I 138 9.16 33.55 -4.99
CA ILE I 138 8.49 33.74 -6.29
C ILE I 138 7.04 33.27 -6.22
N ALA I 139 6.80 32.08 -5.63
CA ALA I 139 5.44 31.59 -5.51
C ALA I 139 4.57 32.48 -4.62
N ALA I 140 5.14 32.99 -3.53
CA ALA I 140 4.40 33.86 -2.64
C ALA I 140 4.00 35.16 -3.34
N ASN I 141 4.96 35.82 -4.01
CA ASN I 141 4.65 37.04 -4.72
C ASN I 141 3.58 36.80 -5.77
N HIS I 142 3.62 35.63 -6.44
CA HIS I 142 2.63 35.32 -7.46
C HIS I 142 1.23 35.18 -6.87
N ILE I 143 1.08 34.39 -5.80
CA ILE I 143 -0.28 34.21 -5.30
C ILE I 143 -0.79 35.48 -4.64
N LEU I 144 0.11 36.28 -4.04
CA LEU I 144 -0.28 37.58 -3.52
C LEU I 144 -0.74 38.51 -4.63
N LYS I 145 -0.03 38.51 -5.76
CA LYS I 145 -0.49 39.32 -6.88
C LYS I 145 -1.83 38.80 -7.42
N THR I 146 -1.99 37.48 -7.49
CA THR I 146 -3.27 36.92 -7.91
C THR I 146 -4.41 37.34 -6.99
N ARG I 147 -4.17 37.35 -5.67
CA ARG I 147 -5.22 37.79 -4.75
C ARG I 147 -5.57 39.27 -4.96
N GLU I 148 -4.55 40.12 -5.17
CA GLU I 148 -4.82 41.53 -5.44
C GLU I 148 -5.68 41.68 -6.69
N LYS I 149 -5.40 40.87 -7.71
CA LYS I 149 -6.19 40.92 -8.95
C LYS I 149 -7.64 40.53 -8.68
N LEU I 150 -7.85 39.43 -7.94
CA LEU I 150 -9.20 39.01 -7.61
C LEU I 150 -9.94 40.09 -6.82
N ASN I 151 -9.28 40.64 -5.81
CA ASN I 151 -9.90 41.63 -4.93
C ASN I 151 -10.25 42.90 -5.68
N ARG I 152 -9.40 43.33 -6.59
CA ARG I 152 -9.62 44.53 -7.37
C ARG I 152 -10.94 44.37 -8.14
N ILE I 153 -11.10 43.26 -8.83
CA ILE I 153 -12.29 43.01 -9.62
C ILE I 153 -13.50 42.82 -8.73
N LEU I 154 -13.34 42.10 -7.62
CA LEU I 154 -14.46 41.95 -6.68
C LEU I 154 -14.90 43.32 -6.15
N SER I 155 -13.94 44.21 -5.89
CA SER I 155 -14.28 45.57 -5.47
C SER I 155 -15.09 46.30 -6.55
N GLU I 156 -14.62 46.27 -7.80
CA GLU I 156 -15.30 46.97 -8.88
C GLU I 156 -16.72 46.44 -9.07
N ARG I 157 -16.91 45.13 -8.91
CA ARG I 157 -18.20 44.47 -9.17
C ARG I 157 -19.17 44.57 -8.01
N THR I 158 -18.68 44.71 -6.78
CA THR I 158 -19.55 44.71 -5.60
C THR I 158 -19.81 46.09 -5.03
N GLY I 159 -18.94 47.06 -5.31
CA GLY I 159 -18.97 48.32 -4.61
C GLY I 159 -18.26 48.33 -3.27
N GLN I 160 -17.73 47.18 -2.84
CA GLN I 160 -16.96 47.15 -1.60
C GLN I 160 -15.54 47.65 -1.85
N SER I 161 -14.95 48.24 -0.81
CA SER I 161 -13.56 48.67 -0.92
C SER I 161 -12.64 47.43 -0.97
N ILE I 162 -11.48 47.64 -1.57
CA ILE I 162 -10.48 46.58 -1.66
C ILE I 162 -10.05 46.14 -0.26
N GLU I 163 -9.91 47.09 0.65
CA GLU I 163 -9.49 46.77 2.01
C GLU I 163 -10.54 45.93 2.73
N LYS I 164 -11.82 46.21 2.49
CA LYS I 164 -12.88 45.41 3.11
C LYS I 164 -12.94 44.01 2.50
N ILE I 165 -12.81 43.89 1.18
CA ILE I 165 -12.73 42.58 0.54
C ILE I 165 -11.59 41.77 1.13
N GLN I 166 -10.43 42.41 1.28
CA GLN I 166 -9.28 41.75 1.87
C GLN I 166 -9.62 41.21 3.26
N LYS I 167 -10.20 42.05 4.12
CA LYS I 167 -10.56 41.61 5.47
C LYS I 167 -11.62 40.51 5.45
N ASP I 168 -12.65 40.65 4.59
CA ASP I 168 -13.78 39.73 4.56
C ASP I 168 -13.45 38.39 3.92
N THR I 169 -12.32 38.25 3.23
CA THR I 169 -11.91 37.00 2.61
C THR I 169 -10.70 36.37 3.29
N ASP I 170 -10.23 36.94 4.41
CA ASP I 170 -9.06 36.39 5.08
C ASP I 170 -9.27 34.94 5.49
N ARG I 171 -10.48 34.63 5.97
CA ARG I 171 -10.92 33.27 6.26
C ARG I 171 -12.22 33.01 5.53
N ASP I 172 -12.63 31.75 5.51
CA ASP I 172 -13.90 31.36 4.87
C ASP I 172 -15.03 32.23 5.40
N ASN I 173 -15.80 32.81 4.47
CA ASN I 173 -16.88 33.73 4.82
C ASN I 173 -18.15 33.22 4.13
N PHE I 174 -19.07 32.65 4.91
CA PHE I 174 -20.31 32.08 4.39
C PHE I 174 -21.40 33.14 4.40
N LEU I 175 -22.13 33.22 3.28
CA LEU I 175 -23.19 34.19 3.10
C LEU I 175 -24.45 33.49 2.65
N THR I 176 -25.59 33.90 3.22
CA THR I 176 -26.89 33.51 2.68
C THR I 176 -27.13 34.21 1.35
N ALA I 177 -28.16 33.77 0.63
CA ALA I 177 -28.50 34.43 -0.63
C ALA I 177 -28.78 35.91 -0.39
N GLU I 178 -29.53 36.21 0.67
CA GLU I 178 -29.81 37.61 1.02
C GLU I 178 -28.54 38.38 1.37
N GLU I 179 -27.65 37.78 2.17
CA GLU I 179 -26.41 38.47 2.52
C GLU I 179 -25.51 38.68 1.30
N ALA I 180 -25.48 37.73 0.36
CA ALA I 180 -24.69 37.95 -0.84
C ALA I 180 -25.26 39.10 -1.65
N LYS I 181 -26.59 39.25 -1.64
CA LYS I 181 -27.21 40.39 -2.31
C LYS I 181 -26.80 41.69 -1.65
N GLU I 182 -26.88 41.75 -0.32
CA GLU I 182 -26.50 42.98 0.38
C GLU I 182 -25.04 43.31 0.15
N TYR I 183 -24.19 42.30 -0.05
CA TYR I 183 -22.77 42.49 -0.29
C TYR I 183 -22.48 43.05 -1.67
N GLY I 184 -23.40 42.89 -2.62
CA GLY I 184 -23.17 43.27 -3.99
C GLY I 184 -22.66 42.16 -4.88
N LEU I 185 -22.65 40.91 -4.40
CA LEU I 185 -22.24 39.76 -5.22
C LEU I 185 -23.34 39.35 -6.19
N ILE I 186 -24.60 39.56 -5.84
CA ILE I 186 -25.74 39.34 -6.72
C ILE I 186 -26.64 40.56 -6.62
N ASP I 187 -27.58 40.63 -7.54
CA ASP I 187 -28.54 41.73 -7.57
C ASP I 187 -29.88 41.39 -6.94
N GLU I 188 -30.34 40.14 -7.03
CA GLU I 188 -31.67 39.79 -6.54
C GLU I 188 -31.71 38.36 -6.06
N VAL I 189 -32.44 38.12 -4.98
CA VAL I 189 -32.84 36.77 -4.60
C VAL I 189 -34.12 36.43 -5.36
N MET I 190 -34.05 35.40 -6.18
CA MET I 190 -35.20 35.04 -7.02
C MET I 190 -36.19 34.25 -6.18
N VAL I 191 -37.34 34.87 -5.88
CA VAL I 191 -38.33 34.28 -4.98
C VAL I 191 -39.31 33.43 -5.78
N PRO I 192 -39.93 32.40 -5.17
CA PRO I 192 -40.92 31.60 -5.87
C PRO I 192 -42.12 32.44 -6.29
N GLU I 193 -42.73 32.11 -7.42
CA GLU I 193 -43.96 32.77 -7.87
N ILE J 4 -18.87 16.28 -22.53
CA ILE J 4 -18.56 17.33 -23.50
C ILE J 4 -19.92 17.62 -24.17
N PRO J 5 -20.43 18.84 -24.10
CA PRO J 5 -21.78 19.10 -24.59
C PRO J 5 -21.90 19.06 -26.11
N THR J 6 -23.13 18.82 -26.55
CA THR J 6 -23.46 18.78 -27.97
C THR J 6 -24.23 20.06 -28.32
N VAL J 7 -23.90 20.62 -29.47
CA VAL J 7 -24.54 21.82 -29.94
C VAL J 7 -25.29 21.49 -31.21
N ILE J 8 -26.35 22.25 -31.44
CA ILE J 8 -27.24 22.02 -32.56
C ILE J 8 -27.33 23.28 -33.39
N GLU J 9 -26.96 23.18 -34.66
CA GLU J 9 -27.07 24.28 -35.60
C GLU J 9 -28.30 24.08 -36.46
N THR J 10 -29.07 25.14 -36.65
CA THR J 10 -30.23 25.12 -37.53
C THR J 10 -29.84 25.71 -38.88
N THR J 11 -29.98 24.90 -39.92
CA THR J 11 -29.79 25.34 -41.30
C THR J 11 -31.09 25.12 -42.06
N ASN J 12 -31.09 25.53 -43.33
CA ASN J 12 -32.28 25.29 -44.14
C ASN J 12 -32.49 23.81 -44.44
N ARG J 13 -31.52 22.96 -44.10
CA ARG J 13 -31.63 21.51 -44.25
C ARG J 13 -32.07 20.82 -42.97
N GLY J 14 -32.34 21.58 -41.90
CA GLY J 14 -32.72 20.99 -40.64
C GLY J 14 -31.73 21.26 -39.53
N GLU J 15 -31.77 20.44 -38.49
CA GLU J 15 -30.87 20.57 -37.35
C GLU J 15 -29.70 19.61 -37.53
N ARG J 16 -28.49 20.10 -37.23
CA ARG J 16 -27.29 19.27 -37.22
C ARG J 16 -26.63 19.38 -35.84
N ALA J 17 -26.20 18.23 -35.31
CA ALA J 17 -25.59 18.12 -33.98
C ALA J 17 -24.10 17.84 -34.09
N TYR J 18 -23.31 18.58 -33.29
CA TYR J 18 -21.85 18.44 -33.19
C TYR J 18 -21.45 18.37 -31.73
N ASP J 19 -20.43 17.58 -31.39
CA ASP J 19 -19.77 17.88 -30.13
C ASP J 19 -19.09 19.25 -30.25
N ILE J 20 -18.98 19.97 -29.13
CA ILE J 20 -18.65 21.40 -29.19
C ILE J 20 -17.30 21.64 -29.86
N TYR J 21 -16.32 20.76 -29.62
CA TYR J 21 -14.98 20.99 -30.17
C TYR J 21 -14.93 20.72 -31.67
N SER J 22 -15.64 19.69 -32.13
CA SER J 22 -15.72 19.48 -33.57
C SER J 22 -16.42 20.64 -34.25
N ARG J 23 -17.41 21.26 -33.59
CA ARG J 23 -18.03 22.46 -34.15
C ARG J 23 -17.02 23.58 -34.31
N LEU J 24 -16.18 23.81 -33.29
CA LEU J 24 -15.20 24.89 -33.40
C LEU J 24 -14.19 24.59 -34.49
N LEU J 25 -13.81 23.31 -34.65
CA LEU J 25 -12.87 22.95 -35.70
C LEU J 25 -13.45 23.25 -37.08
N LYS J 26 -14.78 23.17 -37.23
CA LYS J 26 -15.40 23.55 -38.51
C LYS J 26 -15.11 25.01 -38.87
N ASP J 27 -14.95 25.87 -37.88
CA ASP J 27 -14.53 27.25 -38.11
C ASP J 27 -13.03 27.46 -37.89
N ARG J 28 -12.22 26.43 -38.09
CA ARG J 28 -10.76 26.52 -38.11
C ARG J 28 -10.19 26.92 -36.76
N ILE J 29 -10.87 26.52 -35.68
CA ILE J 29 -10.43 26.77 -34.30
C ILE J 29 -9.92 25.46 -33.70
N ILE J 30 -8.68 25.47 -33.23
CA ILE J 30 -8.06 24.30 -32.61
C ILE J 30 -7.82 24.63 -31.13
N MET J 31 -8.12 23.66 -30.25
CA MET J 31 -8.02 23.81 -28.81
C MET J 31 -6.72 23.18 -28.28
N LEU J 32 -5.87 23.99 -27.69
CA LEU J 32 -4.76 23.51 -26.87
C LEU J 32 -5.12 23.86 -25.43
N GLY J 33 -5.87 22.97 -24.79
CA GLY J 33 -6.46 23.29 -23.51
C GLY J 33 -6.03 22.35 -22.40
N SER J 34 -4.86 21.74 -22.54
CA SER J 34 -4.39 20.81 -21.52
C SER J 34 -2.87 20.80 -21.50
N GLN J 35 -2.33 20.05 -20.55
CA GLN J 35 -0.93 19.73 -20.53
C GLN J 35 -0.52 19.13 -21.87
N ILE J 36 0.66 19.51 -22.35
CA ILE J 36 1.16 19.10 -23.67
C ILE J 36 1.85 17.75 -23.52
N ASP J 37 1.25 16.68 -24.04
CA ASP J 37 1.94 15.41 -24.16
C ASP J 37 1.89 14.99 -25.63
N ASP J 38 2.44 13.81 -25.93
CA ASP J 38 2.50 13.39 -27.33
C ASP J 38 1.10 13.23 -27.93
N ASN J 39 0.14 12.71 -27.14
CA ASN J 39 -1.23 12.54 -27.63
C ASN J 39 -1.85 13.89 -28.01
N VAL J 40 -1.70 14.88 -27.14
CA VAL J 40 -2.25 16.21 -27.41
C VAL J 40 -1.61 16.81 -28.65
N ALA J 41 -0.28 16.71 -28.76
CA ALA J 41 0.41 17.26 -29.92
C ALA J 41 -0.01 16.55 -31.21
N ASN J 42 -0.09 15.21 -31.18
CA ASN J 42 -0.50 14.46 -32.38
C ASN J 42 -1.88 14.92 -32.87
N SER J 43 -2.80 15.14 -31.94
CA SER J 43 -4.13 15.60 -32.35
C SER J 43 -4.05 16.99 -32.97
N ILE J 44 -3.33 17.90 -32.31
CA ILE J 44 -3.26 19.28 -32.80
C ILE J 44 -2.58 19.34 -34.16
N VAL J 45 -1.48 18.61 -34.35
CA VAL J 45 -0.81 18.70 -35.65
C VAL J 45 -1.65 18.06 -36.74
N SER J 46 -2.44 17.03 -36.42
CA SER J 46 -3.34 16.45 -37.42
C SER J 46 -4.45 17.42 -37.79
N GLN J 47 -4.97 18.15 -36.81
CA GLN J 47 -5.96 19.17 -37.12
C GLN J 47 -5.36 20.28 -37.98
N LEU J 48 -4.13 20.68 -37.68
CA LEU J 48 -3.47 21.69 -38.52
C LEU J 48 -3.33 21.21 -39.96
N LEU J 49 -2.89 19.95 -40.14
CA LEU J 49 -2.75 19.40 -41.49
C LEU J 49 -4.09 19.36 -42.21
N PHE J 50 -5.15 18.99 -41.49
CA PHE J 50 -6.49 18.92 -42.09
C PHE J 50 -6.97 20.31 -42.53
N LEU J 51 -6.83 21.30 -41.65
CA LEU J 51 -7.33 22.65 -41.98
C LEU J 51 -6.57 23.25 -43.16
N GLN J 52 -5.24 23.07 -43.21
CA GLN J 52 -4.47 23.52 -44.37
C GLN J 52 -5.00 22.90 -45.65
N ALA J 53 -5.34 21.61 -45.61
CA ALA J 53 -5.84 20.91 -46.79
C ALA J 53 -7.20 21.42 -47.22
N GLN J 54 -8.04 21.82 -46.25
CA GLN J 54 -9.31 22.43 -46.60
C GLN J 54 -9.11 23.78 -47.29
N ASP J 55 -8.17 24.58 -46.79
CA ASP J 55 -7.94 25.92 -47.32
C ASP J 55 -6.56 26.36 -46.86
N SER J 56 -5.66 26.61 -47.81
CA SER J 56 -4.27 26.94 -47.54
C SER J 56 -4.04 28.43 -47.29
N GLU J 57 -5.08 29.27 -47.36
CA GLU J 57 -4.95 30.71 -47.19
C GLU J 57 -5.69 31.29 -45.98
N LYS J 58 -6.82 30.71 -45.56
CA LYS J 58 -7.60 31.29 -44.47
C LYS J 58 -6.89 31.09 -43.13
N ASP J 59 -7.01 32.08 -42.24
CA ASP J 59 -6.36 31.97 -40.93
C ASP J 59 -6.90 30.76 -40.16
N ILE J 60 -6.05 30.20 -39.28
CA ILE J 60 -6.40 29.18 -38.29
C ILE J 60 -6.25 29.81 -36.92
N TYR J 61 -7.05 29.38 -35.95
CA TYR J 61 -7.07 29.97 -34.60
C TYR J 61 -6.69 28.92 -33.56
N LEU J 62 -5.57 29.14 -32.88
CA LEU J 62 -5.15 28.23 -31.81
C LEU J 62 -5.47 28.86 -30.47
N TYR J 63 -6.43 28.28 -29.76
CA TYR J 63 -6.75 28.64 -28.38
C TYR J 63 -5.75 27.96 -27.45
N ILE J 64 -5.18 28.72 -26.50
CA ILE J 64 -4.16 28.15 -25.59
C ILE J 64 -4.58 28.43 -24.16
N ASN J 65 -4.92 27.37 -23.43
CA ASN J 65 -5.10 27.39 -21.96
C ASN J 65 -4.32 26.18 -21.46
N SER J 66 -3.00 26.34 -21.26
CA SER J 66 -2.12 25.19 -21.03
C SER J 66 -0.96 25.47 -20.09
N PRO J 67 -0.64 24.54 -19.18
CA PRO J 67 0.55 24.68 -18.35
C PRO J 67 1.84 24.24 -19.02
N GLY J 68 1.79 23.89 -20.30
CA GLY J 68 2.98 23.37 -20.94
C GLY J 68 3.06 21.87 -20.82
N GLY J 69 4.27 21.33 -20.87
CA GLY J 69 4.46 19.90 -20.83
C GLY J 69 5.71 19.49 -21.59
N SER J 70 5.59 18.49 -22.46
CA SER J 70 6.74 17.94 -23.16
C SER J 70 7.29 18.92 -24.19
N VAL J 71 8.62 19.11 -24.15
CA VAL J 71 9.28 20.02 -25.09
C VAL J 71 9.23 19.48 -26.52
N THR J 72 9.53 18.19 -26.71
CA THR J 72 9.47 17.65 -28.08
C THR J 72 8.04 17.67 -28.62
N ALA J 73 7.05 17.36 -27.77
CA ALA J 73 5.67 17.45 -28.24
C ALA J 73 5.32 18.89 -28.63
N GLY J 74 5.79 19.86 -27.83
CA GLY J 74 5.59 21.26 -28.19
C GLY J 74 6.23 21.63 -29.51
N PHE J 75 7.43 21.08 -29.76
CA PHE J 75 8.08 21.35 -31.03
C PHE J 75 7.40 20.63 -32.18
N ALA J 76 6.69 19.53 -31.93
CA ALA J 76 5.83 18.96 -32.96
C ALA J 76 4.80 19.98 -33.41
N ILE J 77 4.15 20.64 -32.44
CA ILE J 77 3.18 21.69 -32.76
C ILE J 77 3.88 22.88 -33.41
N TYR J 78 5.00 23.31 -32.81
CA TYR J 78 5.71 24.47 -33.35
C TYR J 78 6.09 24.26 -34.82
N ASP J 79 6.71 23.11 -35.13
CA ASP J 79 7.18 22.91 -36.50
C ASP J 79 6.02 22.78 -37.49
N THR J 80 4.88 22.24 -37.06
CA THR J 80 3.73 22.12 -37.96
C THR J 80 3.13 23.48 -38.25
N ILE J 81 3.02 24.34 -37.24
CA ILE J 81 2.55 25.71 -37.46
C ILE J 81 3.42 26.41 -38.51
N GLN J 82 4.75 26.38 -38.33
CA GLN J 82 5.61 27.11 -39.27
C GLN J 82 5.60 26.47 -40.65
N HIS J 83 5.43 25.15 -40.73
CA HIS J 83 5.46 24.49 -42.03
C HIS J 83 4.28 24.90 -42.91
N ILE J 84 3.07 24.94 -42.35
CA ILE J 84 1.88 25.10 -43.18
C ILE J 84 1.77 26.56 -43.64
N LYS J 85 0.93 26.77 -44.67
CA LYS J 85 0.79 28.10 -45.27
C LYS J 85 -0.11 29.05 -44.48
N PRO J 86 -1.30 28.63 -44.01
CA PRO J 86 -2.17 29.61 -43.32
C PRO J 86 -1.47 30.20 -42.12
N ASP J 87 -1.78 31.48 -41.85
CA ASP J 87 -1.41 32.06 -40.57
C ASP J 87 -2.13 31.31 -39.44
N VAL J 88 -1.43 31.05 -38.36
CA VAL J 88 -2.05 30.45 -37.17
C VAL J 88 -2.06 31.52 -36.11
N GLN J 89 -3.23 32.08 -35.83
CA GLN J 89 -3.36 33.01 -34.71
C GLN J 89 -3.26 32.25 -33.41
N THR J 90 -2.73 32.89 -32.39
CA THR J 90 -2.72 32.33 -31.04
C THR J 90 -3.42 33.28 -30.09
N ILE J 91 -4.23 32.73 -29.18
CA ILE J 91 -4.86 33.53 -28.13
C ILE J 91 -4.75 32.80 -26.79
N CYS J 92 -4.16 33.46 -25.81
CA CYS J 92 -4.06 32.92 -24.46
C CYS J 92 -5.30 33.31 -23.66
N ILE J 93 -6.01 32.31 -23.18
CA ILE J 93 -7.20 32.47 -22.34
C ILE J 93 -6.99 31.58 -21.12
N GLY J 94 -7.01 32.16 -19.93
CA GLY J 94 -6.64 31.40 -18.73
C GLY J 94 -5.16 31.48 -18.44
N MET J 95 -4.36 30.56 -19.00
CA MET J 95 -2.94 30.55 -18.72
C MET J 95 -2.17 29.98 -19.91
N ALA J 96 -0.95 30.47 -20.11
CA ALA J 96 0.01 29.85 -21.00
C ALA J 96 1.33 29.86 -20.26
N ALA J 97 1.81 28.68 -19.86
CA ALA J 97 3.04 28.54 -19.08
C ALA J 97 4.01 27.61 -19.81
N SER J 98 5.32 27.95 -19.74
CA SER J 98 6.43 27.14 -20.24
C SER J 98 6.21 26.86 -21.72
N MET J 99 6.15 25.61 -22.16
CA MET J 99 5.91 25.32 -23.57
C MET J 99 4.61 25.91 -24.08
N GLY J 100 3.62 26.07 -23.20
CA GLY J 100 2.39 26.75 -23.62
C GLY J 100 2.64 28.18 -24.04
N SER J 101 3.43 28.92 -23.26
CA SER J 101 3.76 30.29 -23.64
C SER J 101 4.74 30.33 -24.80
N PHE J 102 5.58 29.31 -24.95
CA PHE J 102 6.42 29.22 -26.13
C PHE J 102 5.57 29.14 -27.40
N LEU J 103 4.53 28.31 -27.37
CA LEU J 103 3.65 28.18 -28.52
C LEU J 103 2.80 29.44 -28.74
N LEU J 104 2.39 30.11 -27.66
CA LEU J 104 1.70 31.39 -27.80
C LEU J 104 2.54 32.36 -28.64
N ALA J 105 3.82 32.46 -28.29
CA ALA J 105 4.74 33.35 -29.00
C ALA J 105 5.00 32.91 -30.43
N ALA J 106 4.64 31.68 -30.78
CA ALA J 106 4.91 31.08 -32.08
C ALA J 106 3.84 31.38 -33.09
N GLY J 107 2.78 32.09 -32.69
CA GLY J 107 1.72 32.40 -33.61
C GLY J 107 2.17 33.37 -34.68
N ALA J 108 1.34 33.50 -35.71
CA ALA J 108 1.68 34.41 -36.80
C ALA J 108 1.89 35.82 -36.26
N LYS J 109 2.93 36.49 -36.76
CA LYS J 109 3.29 37.80 -36.26
C LYS J 109 2.16 38.80 -36.50
N GLY J 110 1.87 39.60 -35.48
CA GLY J 110 0.70 40.47 -35.52
C GLY J 110 -0.60 39.81 -35.11
N LYS J 111 -0.62 38.49 -34.93
CA LYS J 111 -1.87 37.78 -34.61
C LYS J 111 -1.71 36.92 -33.35
N ARG J 112 -0.92 37.39 -32.39
CA ARG J 112 -0.75 36.74 -31.10
C ARG J 112 -1.42 37.59 -30.03
N PHE J 113 -2.37 37.00 -29.32
CA PHE J 113 -3.26 37.72 -28.42
C PHE J 113 -3.30 37.08 -27.04
N ALA J 114 -3.74 37.88 -26.08
CA ALA J 114 -4.16 37.37 -24.80
C ALA J 114 -5.33 38.22 -24.32
N LEU J 115 -6.24 37.58 -23.58
CA LEU J 115 -7.30 38.32 -22.93
C LEU J 115 -6.75 38.94 -21.65
N PRO J 116 -7.38 40.00 -21.13
CA PRO J 116 -6.69 40.86 -20.15
C PRO J 116 -6.21 40.18 -18.88
N ASN J 117 -6.94 39.17 -18.38
CA ASN J 117 -6.57 38.54 -17.12
C ASN J 117 -5.88 37.21 -17.32
N ALA J 118 -5.52 36.88 -18.56
CA ALA J 118 -4.75 35.67 -18.81
C ALA J 118 -3.36 35.78 -18.22
N GLU J 119 -2.85 34.65 -17.76
CA GLU J 119 -1.57 34.56 -17.09
C GLU J 119 -0.54 33.90 -18.00
N VAL J 120 0.63 34.52 -18.14
CA VAL J 120 1.71 34.00 -18.96
C VAL J 120 2.91 33.77 -18.07
N MET J 121 3.57 32.62 -18.23
CA MET J 121 4.76 32.28 -17.46
C MET J 121 5.82 31.66 -18.35
N ILE J 122 7.07 32.11 -18.18
CA ILE J 122 8.21 31.55 -18.89
C ILE J 122 9.22 31.05 -17.87
N HIS J 123 9.92 29.98 -18.22
CA HIS J 123 10.92 29.42 -17.33
C HIS J 123 11.81 28.50 -18.15
N GLN J 124 12.81 27.92 -17.51
CA GLN J 124 13.68 27.01 -18.24
C GLN J 124 13.14 25.59 -18.22
N PRO J 125 13.58 24.73 -19.15
CA PRO J 125 13.05 23.37 -19.18
C PRO J 125 13.48 22.56 -17.96
N LEU J 126 12.68 21.53 -17.68
CA LEU J 126 12.86 20.63 -16.54
C LEU J 126 13.14 19.21 -17.03
N GLY J 127 13.95 18.48 -16.28
CA GLY J 127 14.22 17.11 -16.62
C GLY J 127 14.90 16.37 -15.49
N GLY J 128 15.58 15.30 -15.85
CA GLY J 128 16.26 14.53 -14.82
C GLY J 128 17.14 13.48 -15.44
N ALA J 129 17.99 12.91 -14.60
CA ALA J 129 18.89 11.87 -15.04
C ALA J 129 19.35 11.08 -13.83
N GLN J 130 19.41 9.75 -13.97
CA GLN J 130 19.94 8.86 -12.96
C GLN J 130 20.90 7.89 -13.63
N GLY J 131 21.95 7.53 -12.92
CA GLY J 131 22.88 6.54 -13.45
C GLY J 131 24.34 6.92 -13.35
N GLN J 132 25.14 6.45 -14.29
CA GLN J 132 26.57 6.69 -14.26
C GLN J 132 26.86 8.16 -14.55
N ALA J 133 28.03 8.61 -14.06
CA ALA J 133 28.48 9.96 -14.34
C ALA J 133 28.38 10.29 -15.83
N THR J 134 28.81 9.36 -16.70
CA THR J 134 28.78 9.65 -18.13
C THR J 134 27.36 9.77 -18.66
N GLU J 135 26.43 8.97 -18.10
CA GLU J 135 25.02 9.10 -18.50
C GLU J 135 24.45 10.44 -18.05
N ILE J 136 24.79 10.87 -16.82
CA ILE J 136 24.33 12.16 -16.31
C ILE J 136 24.83 13.27 -17.21
N GLU J 137 26.09 13.17 -17.66
CA GLU J 137 26.69 14.17 -18.54
C GLU J 137 25.91 14.29 -19.84
N ILE J 138 25.54 13.14 -20.43
CA ILE J 138 24.80 13.16 -21.69
C ILE J 138 23.44 13.84 -21.49
N ALA J 139 22.73 13.49 -20.41
CA ALA J 139 21.43 14.09 -20.16
C ALA J 139 21.56 15.60 -19.92
N ALA J 140 22.61 16.00 -19.20
CA ALA J 140 22.83 17.42 -18.94
C ALA J 140 23.13 18.18 -20.23
N ASN J 141 24.05 17.67 -21.05
CA ASN J 141 24.34 18.33 -22.32
C ASN J 141 23.09 18.43 -23.19
N HIS J 142 22.23 17.41 -23.13
CA HIS J 142 21.02 17.41 -23.94
C HIS J 142 20.03 18.48 -23.49
N ILE J 143 19.75 18.57 -22.19
CA ILE J 143 18.74 19.56 -21.77
C ILE J 143 19.30 20.97 -21.91
N LEU J 144 20.62 21.15 -21.75
CA LEU J 144 21.22 22.46 -22.00
C LEU J 144 21.12 22.84 -23.48
N LYS J 145 21.38 21.90 -24.38
CA LYS J 145 21.22 22.19 -25.80
C LYS J 145 19.75 22.50 -26.12
N THR J 146 18.83 21.77 -25.50
CA THR J 146 17.41 22.05 -25.68
C THR J 146 17.05 23.46 -25.20
N ARG J 147 17.56 23.87 -24.03
CA ARG J 147 17.27 25.22 -23.55
C ARG J 147 17.84 26.28 -24.50
N GLU J 148 19.05 26.06 -25.00
CA GLU J 148 19.62 26.97 -25.99
C GLU J 148 18.73 27.06 -27.24
N LYS J 149 18.19 25.91 -27.67
CA LYS J 149 17.31 25.90 -28.84
C LYS J 149 16.02 26.67 -28.57
N LEU J 150 15.40 26.44 -27.41
CA LEU J 150 14.21 27.20 -27.03
C LEU J 150 14.49 28.70 -26.95
N ASN J 151 15.59 29.07 -26.28
CA ASN J 151 15.90 30.48 -26.10
C ASN J 151 16.17 31.16 -27.43
N ARG J 152 16.87 30.48 -28.34
CA ARG J 152 17.15 31.05 -29.65
C ARG J 152 15.85 31.41 -30.36
N ILE J 153 14.90 30.48 -30.37
CA ILE J 153 13.63 30.73 -31.04
C ILE J 153 12.85 31.83 -30.31
N LEU J 154 12.82 31.81 -28.97
CA LEU J 154 12.09 32.85 -28.23
C LEU J 154 12.65 34.24 -28.51
N SER J 155 13.97 34.39 -28.58
CA SER J 155 14.54 35.67 -28.97
C SER J 155 14.08 36.03 -30.37
N GLU J 156 14.18 35.12 -31.30
CA GLU J 156 13.70 35.33 -32.65
C GLU J 156 12.28 35.76 -32.72
N ARG J 157 11.45 35.14 -31.91
CA ARG J 157 10.01 35.45 -31.94
C ARG J 157 9.62 36.71 -31.14
N THR J 158 10.40 37.08 -30.11
CA THR J 158 10.03 38.19 -29.24
C THR J 158 10.81 39.48 -29.53
N GLY J 159 11.97 39.39 -30.16
CA GLY J 159 12.82 40.56 -30.27
C GLY J 159 13.72 40.81 -29.07
N GLN J 160 13.64 39.99 -28.02
CA GLN J 160 14.56 40.12 -26.90
C GLN J 160 15.88 39.38 -27.21
N SER J 161 16.96 39.81 -26.54
CA SER J 161 18.25 39.13 -26.71
C SER J 161 18.24 37.75 -26.06
N ILE J 162 19.11 36.86 -26.57
CA ILE J 162 19.26 35.54 -25.98
C ILE J 162 19.73 35.67 -24.53
N GLU J 163 20.61 36.65 -24.27
CA GLU J 163 21.12 36.86 -22.91
C GLU J 163 20.02 37.34 -21.97
N LYS J 164 19.09 38.16 -22.48
CA LYS J 164 17.96 38.59 -21.65
C LYS J 164 16.98 37.45 -21.41
N ILE J 165 16.67 36.68 -22.46
CA ILE J 165 15.81 35.51 -22.30
C ILE J 165 16.38 34.57 -21.25
N GLN J 166 17.69 34.31 -21.31
CA GLN J 166 18.36 33.41 -20.36
C GLN J 166 18.18 33.89 -18.93
N LYS J 167 18.43 35.18 -18.67
CA LYS J 167 18.25 35.74 -17.33
C LYS J 167 16.78 35.69 -16.89
N ASP J 168 15.86 36.02 -17.79
CA ASP J 168 14.46 36.12 -17.45
C ASP J 168 13.77 34.76 -17.30
N THR J 169 14.39 33.67 -17.73
CA THR J 169 13.82 32.34 -17.59
C THR J 169 14.58 31.48 -16.58
N ASP J 170 15.57 32.04 -15.87
CA ASP J 170 16.34 31.25 -14.92
C ASP J 170 15.46 30.65 -13.83
N ARG J 171 14.47 31.41 -13.37
CA ARG J 171 13.45 30.95 -12.45
C ARG J 171 12.09 31.29 -13.03
N ASP J 172 11.02 30.72 -12.47
CA ASP J 172 9.66 30.98 -12.92
C ASP J 172 9.38 32.48 -12.99
N ASN J 173 8.87 32.94 -14.13
CA ASN J 173 8.65 34.36 -14.37
C ASN J 173 7.22 34.55 -14.85
N PHE J 174 6.35 35.07 -13.98
CA PHE J 174 4.94 35.27 -14.29
C PHE J 174 4.73 36.66 -14.88
N LEU J 175 3.95 36.73 -15.95
CA LEU J 175 3.72 37.97 -16.68
C LEU J 175 2.22 38.16 -16.82
N THR J 176 1.76 39.39 -16.59
CA THR J 176 0.40 39.71 -16.99
C THR J 176 0.32 39.74 -18.52
N ALA J 177 -0.90 39.81 -19.03
CA ALA J 177 -1.07 39.95 -20.47
C ALA J 177 -0.38 41.19 -21.01
N GLU J 178 -0.52 42.33 -20.32
CA GLU J 178 0.14 43.54 -20.79
C GLU J 178 1.66 43.38 -20.77
N GLU J 179 2.20 42.78 -19.72
CA GLU J 179 3.63 42.55 -19.65
C GLU J 179 4.10 41.57 -20.73
N ALA J 180 3.28 40.56 -21.06
CA ALA J 180 3.64 39.65 -22.14
C ALA J 180 3.70 40.39 -23.48
N LYS J 181 2.78 41.35 -23.66
CA LYS J 181 2.82 42.17 -24.88
C LYS J 181 4.08 43.00 -24.93
N GLU J 182 4.41 43.70 -23.84
CA GLU J 182 5.62 44.50 -23.82
C GLU J 182 6.86 43.65 -24.00
N TYR J 183 6.84 42.40 -23.53
CA TYR J 183 7.98 41.51 -23.71
C TYR J 183 8.13 41.04 -25.15
N GLY J 184 7.06 41.09 -25.94
CA GLY J 184 7.10 40.55 -27.28
C GLY J 184 6.55 39.13 -27.42
N LEU J 185 5.95 38.57 -26.37
CA LEU J 185 5.35 37.24 -26.49
C LEU J 185 4.04 37.26 -27.26
N ILE J 186 3.28 38.35 -27.13
CA ILE J 186 2.06 38.57 -27.90
C ILE J 186 2.13 39.97 -28.50
N ASP J 187 1.23 40.23 -29.43
CA ASP J 187 1.14 41.51 -30.12
C ASP J 187 0.10 42.43 -29.51
N GLU J 188 -0.98 41.87 -28.98
CA GLU J 188 -2.11 42.68 -28.55
C GLU J 188 -2.81 42.00 -27.39
N VAL J 189 -3.20 42.80 -26.39
CA VAL J 189 -4.18 42.38 -25.39
C VAL J 189 -5.56 42.71 -25.94
N MET J 190 -6.39 41.69 -26.09
CA MET J 190 -7.72 41.90 -26.65
C MET J 190 -8.65 42.42 -25.55
N VAL J 191 -8.99 43.70 -25.60
CA VAL J 191 -9.76 44.30 -24.51
C VAL J 191 -11.24 44.15 -24.82
N PRO J 192 -12.12 44.02 -23.82
CA PRO J 192 -13.55 43.91 -24.11
C PRO J 192 -14.06 45.21 -24.71
N GLU J 193 -15.08 45.09 -25.55
CA GLU J 193 -15.76 46.25 -26.09
C GLU J 193 -17.06 46.50 -25.34
N LEU K 3 -9.86 13.40 -26.04
CA LEU K 3 -10.99 13.39 -26.95
C LEU K 3 -10.59 13.92 -28.33
N ILE K 4 -10.90 13.12 -29.37
CA ILE K 4 -10.45 13.31 -30.70
C ILE K 4 -11.59 14.02 -31.51
N PRO K 5 -11.36 15.15 -32.12
CA PRO K 5 -12.47 15.79 -32.86
C PRO K 5 -12.86 15.04 -34.12
N THR K 6 -14.09 15.32 -34.56
CA THR K 6 -14.69 14.72 -35.75
C THR K 6 -14.78 15.74 -36.87
N VAL K 7 -14.50 15.30 -38.11
CA VAL K 7 -14.64 16.15 -39.29
C VAL K 7 -15.64 15.49 -40.24
N ILE K 8 -16.39 16.32 -40.98
CA ILE K 8 -17.41 15.81 -41.89
C ILE K 8 -17.13 16.37 -43.27
N ARG K 16 -19.86 11.79 -44.91
CA ARG K 16 -19.16 10.83 -44.06
C ARG K 16 -18.45 11.55 -42.92
N ALA K 17 -18.59 11.02 -41.72
CA ALA K 17 -18.00 11.62 -40.51
C ALA K 17 -16.81 10.77 -40.09
N TYR K 18 -15.69 11.43 -39.81
CA TYR K 18 -14.47 10.76 -39.39
C TYR K 18 -13.90 11.38 -38.13
N ASP K 19 -13.40 10.54 -37.21
CA ASP K 19 -12.42 11.04 -36.27
C ASP K 19 -11.18 11.46 -37.05
N ILE K 20 -10.41 12.39 -36.49
CA ILE K 20 -9.37 13.04 -37.29
C ILE K 20 -8.36 12.02 -37.81
N TYR K 21 -8.03 11.00 -37.01
CA TYR K 21 -7.01 10.06 -37.45
C TYR K 21 -7.51 9.16 -38.58
N SER K 22 -8.78 8.71 -38.51
CA SER K 22 -9.33 7.95 -39.62
C SER K 22 -9.44 8.80 -40.88
N ARG K 23 -9.73 10.10 -40.74
CA ARG K 23 -9.73 10.98 -41.91
C ARG K 23 -8.36 11.02 -42.56
N LEU K 24 -7.31 11.13 -41.75
CA LEU K 24 -5.96 11.13 -42.31
C LEU K 24 -5.64 9.79 -42.98
N LEU K 25 -6.15 8.70 -42.42
CA LEU K 25 -5.93 7.38 -43.01
C LEU K 25 -6.57 7.29 -44.39
N LYS K 26 -7.70 7.98 -44.59
CA LYS K 26 -8.31 8.02 -45.91
C LYS K 26 -7.37 8.61 -46.96
N ASP K 27 -6.52 9.56 -46.57
CA ASP K 27 -5.51 10.10 -47.46
C ASP K 27 -4.16 9.43 -47.29
N ARG K 28 -4.17 8.17 -46.84
CA ARG K 28 -2.99 7.29 -46.80
C ARG K 28 -1.93 7.76 -45.81
N ILE K 29 -2.36 8.41 -44.73
CA ILE K 29 -1.49 8.86 -43.66
C ILE K 29 -1.68 7.98 -42.44
N ILE K 30 -0.59 7.42 -41.91
CA ILE K 30 -0.63 6.55 -40.75
C ILE K 30 0.13 7.23 -39.62
N MET K 31 -0.40 7.14 -38.39
CA MET K 31 0.21 7.77 -37.22
C MET K 31 1.01 6.77 -36.40
N LEU K 32 2.31 6.99 -36.28
CA LEU K 32 3.11 6.30 -35.25
C LEU K 32 3.42 7.37 -34.21
N GLY K 33 2.49 7.55 -33.26
CA GLY K 33 2.55 8.69 -32.37
C GLY K 33 2.62 8.34 -30.90
N SER K 34 3.12 7.15 -30.58
CA SER K 34 3.21 6.73 -29.18
C SER K 34 4.34 5.73 -29.04
N GLN K 35 4.53 5.28 -27.80
CA GLN K 35 5.43 4.19 -27.53
C GLN K 35 5.02 2.97 -28.35
N ILE K 36 6.01 2.25 -28.89
CA ILE K 36 5.77 1.11 -29.76
C ILE K 36 5.60 -0.13 -28.88
N ASP K 37 4.37 -0.63 -28.80
CA ASP K 37 4.10 -1.96 -28.23
C ASP K 37 3.36 -2.79 -29.27
N ASP K 38 2.97 -4.02 -28.91
CA ASP K 38 2.37 -4.92 -29.89
C ASP K 38 1.06 -4.36 -30.43
N ASN K 39 0.24 -3.73 -29.57
CA ASN K 39 -1.02 -3.16 -30.03
C ASN K 39 -0.79 -2.09 -31.09
N VAL K 40 0.13 -1.18 -30.81
CA VAL K 40 0.43 -0.11 -31.76
C VAL K 40 0.92 -0.71 -33.07
N ALA K 41 1.83 -1.69 -32.97
CA ALA K 41 2.36 -2.30 -34.18
C ALA K 41 1.27 -3.03 -34.95
N ASN K 42 0.44 -3.80 -34.24
CA ASN K 42 -0.63 -4.53 -34.95
C ASN K 42 -1.51 -3.56 -35.72
N SER K 43 -1.84 -2.42 -35.11
CA SER K 43 -2.68 -1.45 -35.78
C SER K 43 -1.98 -0.90 -37.02
N ILE K 44 -0.71 -0.52 -36.87
CA ILE K 44 -0.02 0.09 -38.00
C ILE K 44 0.15 -0.89 -39.15
N VAL K 45 0.55 -2.13 -38.87
CA VAL K 45 0.76 -3.05 -39.99
C VAL K 45 -0.57 -3.40 -40.67
N SER K 46 -1.67 -3.41 -39.92
CA SER K 46 -2.97 -3.62 -40.53
C SER K 46 -3.36 -2.44 -41.41
N GLN K 47 -3.06 -1.21 -40.96
CA GLN K 47 -3.32 -0.06 -41.82
C GLN K 47 -2.49 -0.14 -43.09
N LEU K 48 -1.22 -0.56 -42.97
CA LEU K 48 -0.37 -0.68 -44.16
C LEU K 48 -0.97 -1.67 -45.15
N LEU K 49 -1.43 -2.84 -44.64
CA LEU K 49 -2.00 -3.86 -45.51
C LEU K 49 -3.26 -3.35 -46.19
N PHE K 50 -4.09 -2.62 -45.45
CA PHE K 50 -5.30 -2.03 -46.03
C PHE K 50 -4.96 -1.04 -47.12
N LEU K 51 -4.00 -0.14 -46.86
CA LEU K 51 -3.65 0.87 -47.86
C LEU K 51 -3.07 0.24 -49.13
N GLN K 52 -2.23 -0.79 -48.98
CA GLN K 52 -1.75 -1.53 -50.15
C GLN K 52 -2.91 -2.05 -50.98
N ALA K 53 -3.92 -2.60 -50.31
CA ALA K 53 -5.07 -3.14 -51.03
C ALA K 53 -5.87 -2.03 -51.71
N GLN K 54 -5.99 -0.88 -51.07
CA GLN K 54 -6.67 0.24 -51.70
C GLN K 54 -5.93 0.72 -52.95
N ASP K 55 -4.60 0.81 -52.89
CA ASP K 55 -3.85 1.30 -54.05
C ASP K 55 -2.42 0.84 -53.88
N SER K 56 -1.94 0.05 -54.83
CA SER K 56 -0.62 -0.55 -54.70
C SER K 56 0.49 0.35 -55.21
N GLU K 57 0.15 1.54 -55.75
CA GLU K 57 1.12 2.46 -56.33
C GLU K 57 1.26 3.79 -55.59
N LYS K 58 0.20 4.30 -54.99
CA LYS K 58 0.27 5.60 -54.34
C LYS K 58 1.10 5.52 -53.05
N ASP K 59 1.89 6.56 -52.81
CA ASP K 59 2.72 6.58 -51.62
C ASP K 59 1.85 6.51 -50.37
N ILE K 60 2.45 6.03 -49.29
CA ILE K 60 1.89 6.05 -47.95
C ILE K 60 2.77 6.98 -47.13
N TYR K 61 2.18 7.69 -46.16
CA TYR K 61 2.90 8.64 -45.33
C TYR K 61 2.83 8.18 -43.88
N LEU K 62 3.98 7.86 -43.30
CA LEU K 62 4.08 7.44 -41.90
C LEU K 62 4.62 8.61 -41.07
N TYR K 63 3.76 9.16 -40.23
CA TYR K 63 4.13 10.18 -39.25
C TYR K 63 4.76 9.50 -38.04
N ILE K 64 5.90 10.03 -37.57
CA ILE K 64 6.62 9.42 -36.46
C ILE K 64 6.86 10.47 -35.40
N ASN K 65 6.19 10.32 -34.26
CA ASN K 65 6.51 11.07 -33.03
C ASN K 65 6.51 10.01 -31.94
N SER K 66 7.67 9.36 -31.75
CA SER K 66 7.68 8.17 -30.92
C SER K 66 9.00 8.00 -30.16
N PRO K 67 8.95 7.61 -28.88
CA PRO K 67 10.18 7.30 -28.15
C PRO K 67 10.70 5.89 -28.37
N GLY K 68 10.11 5.13 -29.27
CA GLY K 68 10.51 3.75 -29.45
C GLY K 68 9.69 2.84 -28.58
N GLY K 69 10.24 1.68 -28.24
CA GLY K 69 9.52 0.69 -27.46
C GLY K 69 10.00 -0.71 -27.77
N SER K 70 9.07 -1.63 -28.02
CA SER K 70 9.44 -3.02 -28.24
C SER K 70 10.17 -3.20 -29.57
N VAL K 71 11.32 -3.90 -29.53
CA VAL K 71 12.08 -4.14 -30.75
C VAL K 71 11.32 -5.08 -31.69
N THR K 72 10.71 -6.16 -31.15
CA THR K 72 9.99 -7.06 -32.07
C THR K 72 8.79 -6.34 -32.69
N ALA K 73 8.07 -5.53 -31.89
CA ALA K 73 6.97 -4.75 -32.45
C ALA K 73 7.47 -3.78 -33.51
N GLY K 74 8.62 -3.15 -33.27
CA GLY K 74 9.21 -2.31 -34.29
C GLY K 74 9.54 -3.09 -35.56
N PHE K 75 10.04 -4.32 -35.42
CA PHE K 75 10.35 -5.10 -36.61
C PHE K 75 9.09 -5.59 -37.33
N ALA K 76 7.98 -5.74 -36.60
CA ALA K 76 6.71 -5.98 -37.29
C ALA K 76 6.41 -4.87 -38.27
N ILE K 77 6.55 -3.61 -37.82
CA ILE K 77 6.32 -2.47 -38.70
C ILE K 77 7.36 -2.44 -39.80
N TYR K 78 8.64 -2.65 -39.43
CA TYR K 78 9.72 -2.63 -40.40
C TYR K 78 9.48 -3.62 -41.53
N ASP K 79 9.19 -4.87 -41.19
CA ASP K 79 9.04 -5.89 -42.22
C ASP K 79 7.83 -5.64 -43.09
N THR K 80 6.75 -5.09 -42.53
CA THR K 80 5.57 -4.81 -43.35
C THR K 80 5.84 -3.67 -44.32
N ILE K 81 6.55 -2.64 -43.87
CA ILE K 81 6.93 -1.56 -44.78
C ILE K 81 7.71 -2.11 -45.98
N GLN K 82 8.75 -2.93 -45.73
CA GLN K 82 9.56 -3.43 -46.83
C GLN K 82 8.79 -4.42 -47.70
N HIS K 83 7.82 -5.14 -47.12
CA HIS K 83 7.05 -6.15 -47.85
C HIS K 83 6.13 -5.55 -48.90
N ILE K 84 5.40 -4.47 -48.55
CA ILE K 84 4.31 -3.99 -49.40
C ILE K 84 4.84 -3.25 -50.61
N LYS K 85 3.95 -3.10 -51.61
CA LYS K 85 4.31 -2.46 -52.87
C LYS K 85 4.45 -0.94 -52.75
N PRO K 86 3.53 -0.22 -52.10
CA PRO K 86 3.68 1.25 -52.05
C PRO K 86 4.95 1.69 -51.31
N ASP K 87 5.53 2.79 -51.77
CA ASP K 87 6.55 3.47 -50.99
C ASP K 87 5.92 3.98 -49.69
N VAL K 88 6.66 3.85 -48.59
CA VAL K 88 6.23 4.43 -47.32
C VAL K 88 7.18 5.58 -46.99
N GLN K 89 6.67 6.81 -47.09
CA GLN K 89 7.40 7.97 -46.64
C GLN K 89 7.40 8.00 -45.13
N THR K 90 8.50 8.49 -44.55
CA THR K 90 8.57 8.71 -43.11
C THR K 90 8.87 10.17 -42.82
N ILE K 91 8.19 10.72 -41.82
CA ILE K 91 8.46 12.10 -41.41
C ILE K 91 8.48 12.17 -39.90
N CYS K 92 9.60 12.61 -39.34
CA CYS K 92 9.75 12.77 -37.91
C CYS K 92 9.29 14.17 -37.51
N ILE K 93 8.31 14.23 -36.62
CA ILE K 93 7.75 15.48 -36.11
C ILE K 93 7.71 15.34 -34.59
N GLY K 94 8.39 16.23 -33.89
CA GLY K 94 8.54 16.09 -32.46
C GLY K 94 9.77 15.27 -32.14
N MET K 95 9.62 13.95 -32.04
CA MET K 95 10.78 13.16 -31.69
C MET K 95 10.72 11.78 -32.34
N ALA K 96 11.89 11.23 -32.62
CA ALA K 96 12.02 9.82 -33.00
C ALA K 96 13.21 9.31 -32.23
N ALA K 97 12.99 8.45 -31.24
CA ALA K 97 14.06 7.90 -30.43
C ALA K 97 14.03 6.38 -30.52
N SER K 98 15.23 5.79 -30.58
CA SER K 98 15.46 4.35 -30.49
C SER K 98 14.72 3.63 -31.61
N MET K 99 13.82 2.67 -31.34
CA MET K 99 13.11 2.00 -32.42
C MET K 99 12.35 2.99 -33.30
N GLY K 100 11.93 4.11 -32.74
CA GLY K 100 11.32 5.15 -33.57
C GLY K 100 12.29 5.69 -34.60
N SER K 101 13.53 5.96 -34.20
CA SER K 101 14.48 6.45 -35.20
C SER K 101 14.89 5.33 -36.16
N PHE K 102 14.86 4.08 -35.70
CA PHE K 102 15.08 2.97 -36.63
C PHE K 102 14.01 2.95 -37.72
N LEU K 103 12.75 3.15 -37.36
CA LEU K 103 11.69 3.16 -38.37
C LEU K 103 11.74 4.41 -39.24
N LEU K 104 12.14 5.54 -38.67
CA LEU K 104 12.38 6.73 -39.48
C LEU K 104 13.35 6.42 -40.62
N ALA K 105 14.46 5.76 -40.31
CA ALA K 105 15.44 5.40 -41.32
C ALA K 105 14.96 4.32 -42.28
N ALA K 106 13.86 3.65 -41.96
CA ALA K 106 13.37 2.55 -42.78
C ALA K 106 12.44 2.99 -43.89
N GLY K 107 12.10 4.26 -43.96
CA GLY K 107 11.19 4.73 -44.99
C GLY K 107 11.81 4.65 -46.38
N ALA K 108 10.95 4.80 -47.40
CA ALA K 108 11.41 4.70 -48.78
C ALA K 108 12.53 5.71 -49.01
N LYS K 109 13.62 5.27 -49.61
CA LYS K 109 14.79 6.13 -49.84
C LYS K 109 14.50 7.36 -50.69
N GLY K 110 14.97 8.52 -50.26
CA GLY K 110 14.61 9.78 -50.85
C GLY K 110 13.38 10.37 -50.24
N LYS K 111 12.66 9.60 -49.43
CA LYS K 111 11.39 10.04 -48.88
C LYS K 111 11.36 9.91 -47.36
N ARG K 112 12.50 10.14 -46.70
CA ARG K 112 12.60 10.16 -45.25
C ARG K 112 12.90 11.60 -44.84
N PHE K 113 12.04 12.17 -43.99
CA PHE K 113 12.08 13.61 -43.70
C PHE K 113 12.05 13.84 -42.20
N ALA K 114 12.49 15.04 -41.80
CA ALA K 114 12.22 15.55 -40.47
C ALA K 114 11.97 17.04 -40.58
N LEU K 115 11.10 17.55 -39.69
CA LEU K 115 10.90 18.99 -39.59
C LEU K 115 12.04 19.58 -38.77
N PRO K 116 12.31 20.90 -38.94
CA PRO K 116 13.62 21.43 -38.50
C PRO K 116 13.94 21.24 -37.04
N ASN K 117 12.96 21.27 -36.14
CA ASN K 117 13.22 21.17 -34.71
C ASN K 117 12.89 19.81 -34.13
N ALA K 118 12.59 18.82 -34.97
CA ALA K 118 12.36 17.46 -34.50
C ALA K 118 13.64 16.87 -33.91
N GLU K 119 13.48 16.00 -32.93
CA GLU K 119 14.61 15.42 -32.21
C GLU K 119 14.76 13.96 -32.60
N VAL K 120 15.98 13.55 -32.93
CA VAL K 120 16.28 12.17 -33.27
C VAL K 120 17.29 11.64 -32.26
N MET K 121 17.05 10.44 -31.74
CA MET K 121 17.98 9.84 -30.79
C MET K 121 18.19 8.38 -31.15
N ILE K 122 19.45 7.93 -31.14
CA ILE K 122 19.79 6.54 -31.38
C ILE K 122 20.54 6.00 -30.17
N HIS K 123 20.35 4.71 -29.89
CA HIS K 123 21.03 4.07 -28.76
C HIS K 123 20.93 2.55 -28.92
N GLN K 124 21.54 1.81 -28.01
CA GLN K 124 21.45 0.36 -28.14
C GLN K 124 20.19 -0.18 -27.46
N PRO K 125 19.74 -1.40 -27.79
CA PRO K 125 18.52 -1.93 -27.16
C PRO K 125 18.72 -2.20 -25.67
N LEU K 126 17.58 -2.21 -24.96
CA LEU K 126 17.53 -2.40 -23.51
C LEU K 126 16.76 -3.67 -23.18
N GLY K 127 17.13 -4.31 -22.08
CA GLY K 127 16.43 -5.51 -21.66
C GLY K 127 16.79 -5.92 -20.25
N GLY K 128 16.58 -7.19 -19.96
CA GLY K 128 16.88 -7.65 -18.62
C GLY K 128 16.78 -9.14 -18.55
N ALA K 129 17.28 -9.69 -17.45
CA ALA K 129 17.25 -11.12 -17.20
C ALA K 129 17.45 -11.35 -15.71
N GLN K 130 16.69 -12.29 -15.15
CA GLN K 130 16.85 -12.73 -13.79
C GLN K 130 16.78 -14.25 -13.77
N GLY K 131 17.59 -14.87 -12.92
CA GLY K 131 17.56 -16.31 -12.78
C GLY K 131 18.91 -16.99 -12.82
N GLN K 132 18.96 -18.21 -13.35
CA GLN K 132 20.19 -18.98 -13.38
C GLN K 132 21.19 -18.41 -14.38
N ALA K 133 22.47 -18.68 -14.10
CA ALA K 133 23.55 -18.26 -14.99
C ALA K 133 23.29 -18.64 -16.44
N THR K 134 22.82 -19.87 -16.68
CA THR K 134 22.57 -20.28 -18.07
C THR K 134 21.41 -19.49 -18.67
N GLU K 135 20.43 -19.11 -17.86
CA GLU K 135 19.33 -18.28 -18.34
C GLU K 135 19.81 -16.87 -18.66
N ILE K 136 20.66 -16.31 -17.79
CA ILE K 136 21.25 -15.00 -18.05
C ILE K 136 22.03 -15.03 -19.36
N GLU K 137 22.78 -16.12 -19.58
CA GLU K 137 23.57 -16.25 -20.79
C GLU K 137 22.68 -16.23 -22.05
N ILE K 138 21.59 -16.99 -22.02
CA ILE K 138 20.69 -17.02 -23.18
C ILE K 138 20.12 -15.64 -23.44
N ALA K 139 19.72 -14.95 -22.37
CA ALA K 139 19.15 -13.62 -22.52
C ALA K 139 20.18 -12.64 -23.07
N ALA K 140 21.44 -12.76 -22.62
CA ALA K 140 22.52 -11.90 -23.12
C ALA K 140 22.81 -12.20 -24.59
N ASN K 141 22.97 -13.49 -24.94
CA ASN K 141 23.23 -13.82 -26.34
C ASN K 141 22.12 -13.30 -27.23
N HIS K 142 20.87 -13.37 -26.75
CA HIS K 142 19.73 -12.92 -27.54
C HIS K 142 19.74 -11.41 -27.76
N ILE K 143 19.94 -10.62 -26.71
CA ILE K 143 19.90 -9.18 -26.94
C ILE K 143 21.14 -8.70 -27.71
N LEU K 144 22.29 -9.38 -27.55
CA LEU K 144 23.44 -9.03 -28.37
C LEU K 144 23.17 -9.33 -29.84
N LYS K 145 22.55 -10.48 -30.13
CA LYS K 145 22.21 -10.80 -31.52
C LYS K 145 21.17 -9.82 -32.08
N THR K 146 20.20 -9.42 -31.25
CA THR K 146 19.23 -8.40 -31.65
C THR K 146 19.92 -7.07 -31.99
N ARG K 147 20.90 -6.66 -31.17
CA ARG K 147 21.61 -5.43 -31.46
C ARG K 147 22.39 -5.52 -32.77
N GLU K 148 23.06 -6.66 -33.02
CA GLU K 148 23.78 -6.86 -34.29
C GLU K 148 22.82 -6.78 -35.47
N LYS K 149 21.62 -7.33 -35.32
CA LYS K 149 20.60 -7.26 -36.36
C LYS K 149 20.19 -5.82 -36.63
N LEU K 150 19.92 -5.06 -35.56
CA LEU K 150 19.55 -3.65 -35.72
C LEU K 150 20.68 -2.87 -36.38
N ASN K 151 21.92 -3.06 -35.93
CA ASN K 151 23.03 -2.26 -36.45
C ASN K 151 23.29 -2.56 -37.92
N ARG K 152 23.19 -3.83 -38.31
CA ARG K 152 23.39 -4.19 -39.71
C ARG K 152 22.38 -3.47 -40.60
N ILE K 153 21.11 -3.50 -40.22
CA ILE K 153 20.10 -2.82 -41.02
C ILE K 153 20.33 -1.30 -40.97
N LEU K 154 20.65 -0.74 -39.80
CA LEU K 154 20.94 0.68 -39.75
C LEU K 154 22.13 1.05 -40.64
N SER K 155 23.14 0.18 -40.69
CA SER K 155 24.26 0.38 -41.61
C SER K 155 23.77 0.42 -43.07
N GLU K 156 22.91 -0.54 -43.45
CA GLU K 156 22.42 -0.56 -44.82
C GLU K 156 21.58 0.67 -45.15
N ARG K 157 20.80 1.17 -44.19
CA ARG K 157 19.89 2.28 -44.48
C ARG K 157 20.56 3.65 -44.41
N THR K 158 21.66 3.78 -43.67
CA THR K 158 22.30 5.07 -43.48
C THR K 158 23.55 5.25 -44.31
N GLY K 159 24.18 4.15 -44.75
CA GLY K 159 25.48 4.18 -45.36
C GLY K 159 26.64 4.19 -44.39
N GLN K 160 26.39 4.25 -43.09
CA GLN K 160 27.47 4.20 -42.12
C GLN K 160 27.92 2.75 -41.92
N SER K 161 29.18 2.59 -41.54
CA SER K 161 29.69 1.25 -41.26
C SER K 161 29.06 0.71 -39.99
N ILE K 162 29.07 -0.62 -39.87
CA ILE K 162 28.55 -1.26 -38.68
C ILE K 162 29.36 -0.82 -37.46
N GLU K 163 30.68 -0.69 -37.60
CA GLU K 163 31.52 -0.29 -36.46
C GLU K 163 31.18 1.10 -35.97
N LYS K 164 30.87 2.02 -36.89
CA LYS K 164 30.51 3.37 -36.48
C LYS K 164 29.15 3.39 -35.79
N ILE K 165 28.18 2.64 -36.33
CA ILE K 165 26.88 2.54 -35.68
C ILE K 165 27.05 2.03 -34.24
N GLN K 166 27.85 0.99 -34.07
CA GLN K 166 28.07 0.41 -32.74
C GLN K 166 28.62 1.45 -31.78
N LYS K 167 29.67 2.17 -32.19
CA LYS K 167 30.26 3.20 -31.34
C LYS K 167 29.27 4.33 -31.08
N ASP K 168 28.52 4.74 -32.10
CA ASP K 168 27.63 5.90 -31.99
C ASP K 168 26.35 5.58 -31.21
N THR K 169 26.03 4.31 -30.98
CA THR K 169 24.83 3.93 -30.23
C THR K 169 25.17 3.34 -28.87
N ASP K 170 26.44 3.35 -28.46
CA ASP K 170 26.80 2.76 -27.17
C ASP K 170 26.07 3.45 -26.02
N ARG K 171 25.92 4.77 -26.10
CA ARG K 171 25.13 5.57 -25.17
C ARG K 171 24.14 6.39 -25.97
N ASP K 172 23.18 7.01 -25.26
CA ASP K 172 22.18 7.85 -25.90
C ASP K 172 22.87 8.89 -26.77
N ASN K 173 22.44 9.00 -28.02
CA ASN K 173 23.08 9.90 -28.99
C ASN K 173 21.98 10.77 -29.61
N PHE K 174 21.90 12.03 -29.20
CA PHE K 174 20.87 12.93 -29.70
C PHE K 174 21.38 13.64 -30.94
N LEU K 175 20.52 13.73 -31.95
CA LEU K 175 20.85 14.38 -33.22
C LEU K 175 19.79 15.43 -33.54
N THR K 176 20.23 16.59 -34.03
CA THR K 176 19.30 17.52 -34.65
C THR K 176 18.80 16.95 -35.97
N ALA K 177 17.76 17.56 -36.53
CA ALA K 177 17.28 17.11 -37.84
C ALA K 177 18.40 17.21 -38.88
N GLU K 178 19.13 18.32 -38.86
CA GLU K 178 20.23 18.46 -39.82
C GLU K 178 21.28 17.38 -39.62
N GLU K 179 21.64 17.08 -38.35
CA GLU K 179 22.60 16.01 -38.07
C GLU K 179 22.06 14.64 -38.49
N ALA K 180 20.75 14.43 -38.34
CA ALA K 180 20.19 13.16 -38.80
C ALA K 180 20.31 13.03 -40.31
N LYS K 181 20.19 14.14 -41.03
CA LYS K 181 20.40 14.09 -42.47
C LYS K 181 21.83 13.74 -42.82
N GLU K 182 22.80 14.42 -42.21
CA GLU K 182 24.20 14.12 -42.51
C GLU K 182 24.54 12.68 -42.14
N TYR K 183 23.90 12.15 -41.09
CA TYR K 183 24.13 10.77 -40.68
C TYR K 183 23.55 9.77 -41.67
N GLY K 184 22.55 10.16 -42.46
CA GLY K 184 21.86 9.26 -43.35
C GLY K 184 20.60 8.64 -42.77
N LEU K 185 20.14 9.08 -41.60
CA LEU K 185 18.90 8.57 -41.05
C LEU K 185 17.68 9.13 -41.80
N ILE K 186 17.80 10.34 -42.32
CA ILE K 186 16.77 10.94 -43.15
C ILE K 186 17.44 11.47 -44.41
N ASP K 187 16.62 11.81 -45.40
CA ASP K 187 17.11 12.36 -46.66
C ASP K 187 17.05 13.88 -46.72
N GLU K 188 16.07 14.50 -46.08
CA GLU K 188 15.90 15.94 -46.19
C GLU K 188 15.27 16.48 -44.92
N VAL K 189 15.70 17.67 -44.53
CA VAL K 189 14.97 18.47 -43.56
C VAL K 189 13.94 19.30 -44.32
N MET K 190 12.67 19.07 -44.01
CA MET K 190 11.57 19.70 -44.74
C MET K 190 11.40 21.13 -44.23
N VAL K 191 11.67 22.09 -45.10
CA VAL K 191 11.64 23.53 -44.77
C VAL K 191 10.23 24.04 -45.02
N PRO K 192 9.79 25.13 -44.37
CA PRO K 192 8.45 25.69 -44.60
C PRO K 192 8.15 26.09 -46.06
N GLU K 193 6.89 25.96 -46.46
CA GLU K 193 6.45 26.45 -47.77
N LEU L 3 -6.12 4.06 -29.88
CA LEU L 3 -7.38 4.15 -30.61
C LEU L 3 -7.27 3.49 -31.99
N ILE L 4 -8.25 2.67 -32.33
CA ILE L 4 -8.22 1.84 -33.53
C ILE L 4 -8.93 2.61 -34.63
N PRO L 5 -8.28 2.87 -35.77
CA PRO L 5 -8.93 3.70 -36.81
C PRO L 5 -10.08 2.98 -37.49
N THR L 6 -10.94 3.79 -38.08
CA THR L 6 -12.13 3.35 -38.81
C THR L 6 -11.89 3.54 -40.30
N VAL L 7 -12.40 2.62 -41.11
CA VAL L 7 -12.37 2.78 -42.56
C VAL L 7 -13.80 2.73 -43.06
N ILE L 8 -14.07 3.53 -44.08
CA ILE L 8 -15.40 3.67 -44.66
C ILE L 8 -15.32 3.35 -46.15
N ARG L 16 -20.53 1.61 -45.46
CA ARG L 16 -20.34 1.00 -44.14
C ARG L 16 -19.01 1.42 -43.50
N ALA L 17 -19.01 1.55 -42.18
CA ALA L 17 -17.84 1.88 -41.39
C ALA L 17 -17.37 0.63 -40.64
N TYR L 18 -16.06 0.38 -40.67
CA TYR L 18 -15.44 -0.74 -39.95
C TYR L 18 -14.25 -0.23 -39.16
N ASP L 19 -14.06 -0.74 -37.95
CA ASP L 19 -12.72 -0.69 -37.38
C ASP L 19 -11.79 -1.55 -38.22
N ILE L 20 -10.49 -1.24 -38.18
CA ILE L 20 -9.55 -1.81 -39.15
C ILE L 20 -9.52 -3.34 -39.04
N TYR L 21 -9.62 -3.89 -37.85
CA TYR L 21 -9.52 -5.34 -37.71
C TYR L 21 -10.75 -6.04 -38.27
N SER L 22 -11.93 -5.45 -38.05
CA SER L 22 -13.12 -6.00 -38.68
C SER L 22 -13.05 -5.91 -40.20
N ARG L 23 -12.40 -4.86 -40.73
CA ARG L 23 -12.20 -4.80 -42.18
C ARG L 23 -11.34 -5.96 -42.66
N LEU L 24 -10.27 -6.28 -41.94
CA LEU L 24 -9.43 -7.39 -42.35
C LEU L 24 -10.19 -8.71 -42.27
N LEU L 25 -11.04 -8.86 -41.25
CA LEU L 25 -11.82 -10.09 -41.14
C LEU L 25 -12.72 -10.27 -42.38
N LYS L 26 -13.18 -9.17 -42.97
CA LYS L 26 -13.94 -9.26 -44.21
C LYS L 26 -13.15 -9.97 -45.31
N ASP L 27 -11.82 -9.85 -45.31
CA ASP L 27 -11.00 -10.58 -46.27
C ASP L 27 -10.38 -11.83 -45.67
N ARG L 28 -11.03 -12.42 -44.66
CA ARG L 28 -10.66 -13.70 -44.11
C ARG L 28 -9.30 -13.65 -43.39
N ILE L 29 -8.95 -12.50 -42.82
CA ILE L 29 -7.73 -12.33 -42.05
C ILE L 29 -8.10 -12.23 -40.58
N ILE L 30 -7.48 -13.07 -39.75
CA ILE L 30 -7.73 -13.09 -38.30
C ILE L 30 -6.46 -12.70 -37.58
N MET L 31 -6.60 -11.88 -36.53
CA MET L 31 -5.47 -11.35 -35.77
C MET L 31 -5.23 -12.14 -34.48
N LEU L 32 -4.05 -12.75 -34.35
CA LEU L 32 -3.54 -13.24 -33.07
C LEU L 32 -2.36 -12.34 -32.72
N GLY L 33 -2.66 -11.23 -32.07
CA GLY L 33 -1.68 -10.19 -31.86
C GLY L 33 -1.50 -9.85 -30.41
N SER L 34 -1.76 -10.79 -29.52
CA SER L 34 -1.62 -10.51 -28.10
C SER L 34 -1.32 -11.81 -27.34
N GLN L 35 -1.09 -11.64 -26.05
CA GLN L 35 -0.97 -12.79 -25.16
C GLN L 35 -2.22 -13.66 -25.29
N ILE L 36 -2.03 -14.97 -25.31
CA ILE L 36 -3.11 -15.91 -25.55
C ILE L 36 -3.77 -16.21 -24.22
N ASP L 37 -5.00 -15.73 -24.04
CA ASP L 37 -5.84 -16.16 -22.92
C ASP L 37 -7.18 -16.67 -23.48
N ASP L 38 -8.08 -17.06 -22.57
CA ASP L 38 -9.34 -17.64 -23.00
C ASP L 38 -10.15 -16.65 -23.84
N ASN L 39 -10.17 -15.38 -23.45
CA ASN L 39 -10.90 -14.39 -24.24
C ASN L 39 -10.39 -14.33 -25.66
N VAL L 40 -9.06 -14.24 -25.82
CA VAL L 40 -8.45 -14.18 -27.15
C VAL L 40 -8.78 -15.44 -27.95
N ALA L 41 -8.62 -16.61 -27.32
CA ALA L 41 -8.90 -17.85 -28.04
C ALA L 41 -10.37 -17.95 -28.43
N ASN L 42 -11.28 -17.60 -27.50
CA ASN L 42 -12.70 -17.65 -27.82
C ASN L 42 -13.03 -16.81 -29.03
N SER L 43 -12.44 -15.61 -29.12
CA SER L 43 -12.68 -14.74 -30.26
C SER L 43 -12.17 -15.36 -31.55
N ILE L 44 -10.95 -15.87 -31.52
CA ILE L 44 -10.33 -16.42 -32.72
C ILE L 44 -11.08 -17.66 -33.21
N VAL L 45 -11.47 -18.57 -32.30
CA VAL L 45 -12.13 -19.78 -32.77
C VAL L 45 -13.50 -19.47 -33.36
N SER L 46 -14.18 -18.46 -32.82
CA SER L 46 -15.46 -18.00 -33.38
C SER L 46 -15.28 -17.37 -34.76
N GLN L 47 -14.19 -16.63 -34.94
CA GLN L 47 -13.91 -16.08 -36.26
C GLN L 47 -13.64 -17.19 -37.27
N LEU L 48 -12.88 -18.20 -36.83
CA LEU L 48 -12.63 -19.37 -37.68
C LEU L 48 -13.93 -20.07 -38.05
N LEU L 49 -14.82 -20.28 -37.07
CA LEU L 49 -16.08 -20.95 -37.36
C LEU L 49 -16.91 -20.13 -38.35
N PHE L 50 -16.95 -18.81 -38.15
CA PHE L 50 -17.69 -17.91 -39.03
C PHE L 50 -17.14 -17.95 -40.45
N LEU L 51 -15.82 -17.85 -40.61
CA LEU L 51 -15.22 -17.81 -41.94
C LEU L 51 -15.44 -19.13 -42.70
N GLN L 52 -15.30 -20.27 -42.02
CA GLN L 52 -15.63 -21.56 -42.65
C GLN L 52 -17.07 -21.59 -43.14
N ALA L 53 -18.00 -21.06 -42.35
CA ALA L 53 -19.40 -21.04 -42.78
C ALA L 53 -19.59 -20.16 -44.01
N GLN L 54 -18.89 -19.02 -44.06
CA GLN L 54 -18.98 -18.15 -45.24
C GLN L 54 -18.45 -18.85 -46.48
N ASP L 55 -17.35 -19.57 -46.36
CA ASP L 55 -16.75 -20.22 -47.53
C ASP L 55 -15.83 -21.28 -46.96
N SER L 56 -16.16 -22.54 -47.22
CA SER L 56 -15.42 -23.68 -46.68
C SER L 56 -14.24 -24.06 -47.55
N GLU L 57 -14.01 -23.34 -48.64
CA GLU L 57 -12.93 -23.67 -49.56
C GLU L 57 -11.81 -22.64 -49.55
N LYS L 58 -12.13 -21.36 -49.38
CA LYS L 58 -11.11 -20.31 -49.48
C LYS L 58 -10.20 -20.27 -48.26
N ASP L 59 -8.92 -19.97 -48.51
CA ASP L 59 -7.94 -19.90 -47.42
C ASP L 59 -8.33 -18.82 -46.43
N ILE L 60 -7.87 -19.03 -45.19
CA ILE L 60 -7.92 -18.08 -44.08
C ILE L 60 -6.48 -17.73 -43.72
N TYR L 61 -6.26 -16.47 -43.28
CA TYR L 61 -4.93 -15.98 -42.94
C TYR L 61 -4.90 -15.63 -41.46
N LEU L 62 -4.06 -16.31 -40.70
CA LEU L 62 -3.89 -16.05 -39.27
C LEU L 62 -2.58 -15.29 -39.07
N TYR L 63 -2.69 -14.00 -38.73
CA TYR L 63 -1.56 -13.17 -38.38
C TYR L 63 -1.18 -13.49 -36.94
N ILE L 64 0.12 -13.70 -36.68
CA ILE L 64 0.60 -14.05 -35.34
C ILE L 64 1.67 -13.06 -34.95
N ASN L 65 1.39 -12.23 -33.95
CA ASN L 65 2.39 -11.44 -33.26
C ASN L 65 2.08 -11.62 -31.78
N SER L 66 2.62 -12.72 -31.20
CA SER L 66 2.19 -13.14 -29.89
C SER L 66 3.30 -13.74 -29.06
N PRO L 67 3.39 -13.39 -27.78
CA PRO L 67 4.33 -14.06 -26.88
C PRO L 67 3.83 -15.38 -26.32
N GLY L 68 2.68 -15.87 -26.78
CA GLY L 68 2.13 -17.08 -26.21
C GLY L 68 1.18 -16.77 -25.07
N GLY L 69 1.00 -17.72 -24.15
CA GLY L 69 0.07 -17.56 -23.06
C GLY L 69 -0.47 -18.91 -22.62
N SER L 70 -1.79 -19.02 -22.43
CA SER L 70 -2.39 -20.24 -21.89
C SER L 70 -2.29 -21.40 -22.87
N VAL L 71 -1.86 -22.57 -22.38
CA VAL L 71 -1.76 -23.74 -23.26
C VAL L 71 -3.14 -24.22 -23.70
N THR L 72 -4.10 -24.33 -22.76
CA THR L 72 -5.42 -24.81 -23.17
C THR L 72 -6.09 -23.86 -24.14
N ALA L 73 -5.92 -22.56 -23.92
CA ALA L 73 -6.44 -21.57 -24.87
C ALA L 73 -5.78 -21.73 -26.23
N GLY L 74 -4.46 -21.96 -26.26
CA GLY L 74 -3.82 -22.24 -27.53
C GLY L 74 -4.38 -23.48 -28.21
N PHE L 75 -4.69 -24.51 -27.41
CA PHE L 75 -5.24 -25.72 -28.00
C PHE L 75 -6.69 -25.54 -28.45
N ALA L 76 -7.42 -24.60 -27.85
CA ALA L 76 -8.71 -24.23 -28.43
C ALA L 76 -8.54 -23.76 -29.86
N ILE L 77 -7.55 -22.88 -30.09
CA ILE L 77 -7.28 -22.41 -31.43
C ILE L 77 -6.77 -23.55 -32.28
N TYR L 78 -5.81 -24.32 -31.77
CA TYR L 78 -5.24 -25.42 -32.54
C TYR L 78 -6.32 -26.39 -33.02
N ASP L 79 -7.18 -26.85 -32.11
CA ASP L 79 -8.17 -27.84 -32.51
C ASP L 79 -9.18 -27.27 -33.50
N THR L 80 -9.52 -26.00 -33.38
CA THR L 80 -10.47 -25.40 -34.33
C THR L 80 -9.84 -25.27 -35.72
N ILE L 81 -8.57 -24.87 -35.80
CA ILE L 81 -7.88 -24.86 -37.08
C ILE L 81 -7.91 -26.25 -37.74
N GLN L 82 -7.56 -27.29 -36.98
CA GLN L 82 -7.54 -28.62 -37.60
C GLN L 82 -8.94 -29.09 -37.93
N HIS L 83 -9.96 -28.68 -37.18
CA HIS L 83 -11.30 -29.17 -37.46
C HIS L 83 -11.84 -28.65 -38.79
N ILE L 84 -11.68 -27.36 -39.07
CA ILE L 84 -12.38 -26.77 -40.20
C ILE L 84 -11.70 -27.18 -41.51
N LYS L 85 -12.45 -27.04 -42.61
CA LYS L 85 -11.96 -27.44 -43.93
C LYS L 85 -10.96 -26.45 -44.54
N PRO L 86 -11.20 -25.14 -44.51
CA PRO L 86 -10.26 -24.22 -45.17
C PRO L 86 -8.85 -24.34 -44.62
N ASP L 87 -7.87 -24.18 -45.53
CA ASP L 87 -6.49 -24.02 -45.09
C ASP L 87 -6.36 -22.75 -44.27
N VAL L 88 -5.64 -22.82 -43.16
CA VAL L 88 -5.38 -21.65 -42.36
C VAL L 88 -3.91 -21.35 -42.51
N GLN L 89 -3.60 -20.31 -43.28
CA GLN L 89 -2.22 -19.87 -43.37
C GLN L 89 -1.82 -19.23 -42.04
N THR L 90 -0.56 -19.39 -41.67
CA THR L 90 -0.05 -18.68 -40.51
C THR L 90 1.07 -17.77 -40.95
N ILE L 91 1.05 -16.54 -40.44
CA ILE L 91 1.99 -15.51 -40.85
C ILE L 91 2.55 -14.86 -39.59
N CYS L 92 3.82 -15.12 -39.31
CA CYS L 92 4.49 -14.50 -38.16
C CYS L 92 5.13 -13.18 -38.56
N ILE L 93 4.70 -12.11 -37.89
CA ILE L 93 5.17 -10.75 -38.07
C ILE L 93 5.45 -10.20 -36.68
N GLY L 94 6.67 -9.75 -36.45
CA GLY L 94 7.08 -9.35 -35.12
C GLY L 94 7.67 -10.49 -34.33
N MET L 95 6.82 -11.24 -33.63
CA MET L 95 7.25 -12.31 -32.75
C MET L 95 6.21 -13.41 -32.69
N ALA L 96 6.66 -14.67 -32.58
CA ALA L 96 5.82 -15.80 -32.17
C ALA L 96 6.65 -16.58 -31.17
N ALA L 97 6.22 -16.59 -29.90
CA ALA L 97 6.95 -17.26 -28.84
C ALA L 97 6.05 -18.28 -28.17
N SER L 98 6.62 -19.43 -27.79
CA SER L 98 5.95 -20.44 -26.96
C SER L 98 4.66 -20.89 -27.64
N MET L 99 3.49 -20.78 -27.01
CA MET L 99 2.25 -21.19 -27.66
C MET L 99 2.02 -20.45 -28.96
N GLY L 100 2.54 -19.23 -29.08
CA GLY L 100 2.45 -18.52 -30.33
C GLY L 100 3.18 -19.23 -31.45
N SER L 101 4.41 -19.70 -31.19
CA SER L 101 5.14 -20.45 -32.22
C SER L 101 4.58 -21.86 -32.42
N PHE L 102 3.98 -22.44 -31.38
CA PHE L 102 3.26 -23.71 -31.58
C PHE L 102 2.14 -23.52 -32.59
N LEU L 103 1.38 -22.44 -32.48
CA LEU L 103 0.31 -22.18 -33.44
C LEU L 103 0.84 -21.77 -34.81
N LEU L 104 1.96 -21.04 -34.88
CA LEU L 104 2.62 -20.79 -36.16
C LEU L 104 2.92 -22.10 -36.89
N ALA L 105 3.47 -23.07 -36.17
CA ALA L 105 3.78 -24.37 -36.76
C ALA L 105 2.54 -25.19 -37.12
N ALA L 106 1.36 -24.84 -36.62
CA ALA L 106 0.15 -25.60 -36.85
C ALA L 106 -0.62 -25.16 -38.08
N GLY L 107 -0.14 -24.15 -38.80
CA GLY L 107 -0.84 -23.70 -39.98
C GLY L 107 -0.79 -24.74 -41.07
N ALA L 108 -1.61 -24.53 -42.12
CA ALA L 108 -1.66 -25.47 -43.24
C ALA L 108 -0.28 -25.71 -43.82
N LYS L 109 0.04 -26.97 -44.07
CA LYS L 109 1.38 -27.29 -44.50
C LYS L 109 1.64 -26.66 -45.86
N GLY L 110 2.83 -26.08 -46.00
CA GLY L 110 3.16 -25.26 -47.14
C GLY L 110 2.73 -23.81 -47.03
N LYS L 111 1.93 -23.46 -46.02
CA LYS L 111 1.40 -22.12 -45.90
C LYS L 111 1.70 -21.52 -44.54
N ARG L 112 2.85 -21.86 -43.97
CA ARG L 112 3.32 -21.28 -42.72
C ARG L 112 4.49 -20.36 -43.04
N PHE L 113 4.35 -19.08 -42.69
CA PHE L 113 5.31 -18.05 -43.09
C PHE L 113 5.77 -17.24 -41.89
N ALA L 114 6.90 -16.59 -42.08
CA ALA L 114 7.39 -15.54 -41.21
C ALA L 114 8.06 -14.51 -42.10
N LEU L 115 7.95 -13.24 -41.70
CA LEU L 115 8.68 -12.21 -42.43
C LEU L 115 10.14 -12.17 -41.98
N PRO L 116 11.03 -11.58 -42.79
CA PRO L 116 12.47 -11.85 -42.62
C PRO L 116 13.02 -11.56 -41.25
N ASN L 117 12.53 -10.54 -40.56
CA ASN L 117 13.08 -10.16 -39.27
C ASN L 117 12.20 -10.57 -38.10
N ALA L 118 11.17 -11.38 -38.35
CA ALA L 118 10.34 -11.88 -37.27
C ALA L 118 11.14 -12.82 -36.38
N GLU L 119 10.79 -12.83 -35.09
CA GLU L 119 11.47 -13.63 -34.10
C GLU L 119 10.56 -14.79 -33.71
N VAL L 120 11.10 -16.00 -33.74
CA VAL L 120 10.39 -17.21 -33.32
C VAL L 120 11.15 -17.75 -32.14
N MET L 121 10.44 -18.05 -31.06
CA MET L 121 11.02 -18.58 -29.85
C MET L 121 10.22 -19.79 -29.41
N ILE L 122 10.90 -20.85 -29.04
CA ILE L 122 10.26 -22.04 -28.51
C ILE L 122 10.81 -22.36 -27.13
N HIS L 123 9.96 -22.91 -26.26
CA HIS L 123 10.39 -23.31 -24.92
C HIS L 123 9.31 -24.21 -24.32
N GLN L 124 9.61 -24.75 -23.15
CA GLN L 124 8.65 -25.66 -22.52
C GLN L 124 7.58 -24.87 -21.77
N PRO L 125 6.44 -25.48 -21.48
CA PRO L 125 5.37 -24.76 -20.79
C PRO L 125 5.77 -24.44 -19.36
N LEU L 126 5.11 -23.41 -18.82
CA LEU L 126 5.34 -22.90 -17.47
C LEU L 126 4.07 -23.11 -16.66
N GLY L 127 4.24 -23.29 -15.36
CA GLY L 127 3.09 -23.45 -14.52
C GLY L 127 3.46 -23.34 -13.06
N GLY L 128 2.63 -23.95 -12.22
CA GLY L 128 2.92 -23.85 -10.81
C GLY L 128 2.06 -24.80 -10.01
N ALA L 129 2.39 -24.89 -8.72
CA ALA L 129 1.69 -25.76 -7.79
C ALA L 129 1.98 -25.36 -6.35
N GLN L 130 0.97 -25.41 -5.54
CA GLN L 130 1.07 -25.21 -4.15
C GLN L 130 0.21 -26.21 -3.39
N GLY L 131 0.62 -26.64 -2.21
CA GLY L 131 -0.16 -27.52 -1.36
C GLY L 131 0.56 -28.76 -0.87
N GLN L 132 -0.24 -29.80 -0.69
CA GLN L 132 0.24 -31.06 -0.19
C GLN L 132 1.08 -31.75 -1.23
N ALA L 133 1.97 -32.62 -0.75
CA ALA L 133 2.79 -33.41 -1.65
C ALA L 133 1.96 -34.05 -2.75
N THR L 134 0.79 -34.62 -2.40
CA THR L 134 -0.01 -35.30 -3.42
C THR L 134 -0.56 -34.30 -4.44
N GLU L 135 -0.90 -33.08 -3.99
CA GLU L 135 -1.38 -32.04 -4.90
C GLU L 135 -0.27 -31.55 -5.83
N ILE L 136 0.95 -31.39 -5.30
CA ILE L 136 2.09 -31.04 -6.13
C ILE L 136 2.32 -32.14 -7.19
N GLU L 137 2.18 -33.40 -6.77
CA GLU L 137 2.37 -34.52 -7.68
C GLU L 137 1.38 -34.47 -8.84
N ILE L 138 0.10 -34.24 -8.52
CA ILE L 138 -0.93 -34.15 -9.56
C ILE L 138 -0.63 -33.01 -10.54
N ALA L 139 -0.24 -31.86 -9.99
CA ALA L 139 0.07 -30.73 -10.86
C ALA L 139 1.31 -31.03 -11.72
N ALA L 140 2.32 -31.67 -11.14
CA ALA L 140 3.52 -32.00 -11.91
C ALA L 140 3.22 -32.99 -13.03
N ASN L 141 2.51 -34.08 -12.71
CA ASN L 141 2.19 -35.06 -13.73
C ASN L 141 1.37 -34.43 -14.86
N HIS L 142 0.49 -33.49 -14.51
CA HIS L 142 -0.35 -32.82 -15.51
C HIS L 142 0.49 -31.97 -16.46
N ILE L 143 1.39 -31.14 -15.92
CA ILE L 143 2.17 -30.27 -16.80
C ILE L 143 3.19 -31.07 -17.61
N LEU L 144 3.71 -32.17 -17.04
CA LEU L 144 4.58 -33.05 -17.82
C LEU L 144 3.82 -33.66 -18.98
N LYS L 145 2.60 -34.08 -18.75
CA LYS L 145 1.80 -34.71 -19.79
C LYS L 145 1.42 -33.68 -20.86
N THR L 146 1.13 -32.48 -20.41
CA THR L 146 0.89 -31.42 -21.37
C THR L 146 2.11 -31.17 -22.25
N ARG L 147 3.32 -31.16 -21.64
CA ARG L 147 4.53 -30.95 -22.45
C ARG L 147 4.72 -32.07 -23.46
N GLU L 148 4.50 -33.31 -23.04
CA GLU L 148 4.58 -34.44 -23.96
C GLU L 148 3.58 -34.27 -25.11
N LYS L 149 2.37 -33.78 -24.81
CA LYS L 149 1.35 -33.57 -25.84
C LYS L 149 1.80 -32.51 -26.85
N LEU L 150 2.31 -31.38 -26.35
CA LEU L 150 2.85 -30.33 -27.20
C LEU L 150 4.02 -30.85 -28.03
N ASN L 151 4.96 -31.55 -27.39
CA ASN L 151 6.14 -32.01 -28.11
C ASN L 151 5.78 -33.00 -29.20
N ARG L 152 4.82 -33.89 -28.93
CA ARG L 152 4.41 -34.86 -29.93
C ARG L 152 3.87 -34.16 -31.18
N ILE L 153 3.00 -33.17 -30.98
CA ILE L 153 2.44 -32.47 -32.14
C ILE L 153 3.50 -31.65 -32.85
N LEU L 154 4.37 -30.96 -32.09
CA LEU L 154 5.45 -30.22 -32.73
C LEU L 154 6.34 -31.15 -33.54
N SER L 155 6.60 -32.35 -33.01
CA SER L 155 7.40 -33.32 -33.74
C SER L 155 6.76 -33.66 -35.08
N GLU L 156 5.46 -33.95 -35.07
CA GLU L 156 4.74 -34.28 -36.30
C GLU L 156 4.76 -33.12 -37.28
N ARG L 157 4.63 -31.88 -36.78
CA ARG L 157 4.51 -30.74 -37.70
C ARG L 157 5.84 -30.29 -38.26
N THR L 158 6.95 -30.57 -37.56
CA THR L 158 8.25 -30.08 -38.00
C THR L 158 9.09 -31.17 -38.67
N GLY L 159 8.78 -32.43 -38.41
CA GLY L 159 9.69 -33.48 -38.83
C GLY L 159 10.83 -33.75 -37.87
N GLN L 160 10.95 -32.99 -36.77
CA GLN L 160 11.99 -33.27 -35.79
C GLN L 160 11.52 -34.35 -34.84
N SER L 161 12.48 -35.10 -34.29
CA SER L 161 12.14 -36.15 -33.34
C SER L 161 11.62 -35.53 -32.03
N ILE L 162 10.85 -36.32 -31.28
CA ILE L 162 10.31 -35.85 -30.01
C ILE L 162 11.44 -35.47 -29.05
N GLU L 163 12.51 -36.28 -29.00
CA GLU L 163 13.62 -35.99 -28.09
C GLU L 163 14.39 -34.73 -28.49
N LYS L 164 14.48 -34.45 -29.79
CA LYS L 164 15.12 -33.20 -30.21
C LYS L 164 14.29 -32.00 -29.81
N ILE L 165 12.97 -32.08 -29.99
CA ILE L 165 12.09 -31.00 -29.52
C ILE L 165 12.28 -30.79 -28.03
N GLN L 166 12.30 -31.88 -27.26
CA GLN L 166 12.50 -31.79 -25.81
C GLN L 166 13.81 -31.06 -25.47
N LYS L 167 14.92 -31.47 -26.09
CA LYS L 167 16.19 -30.80 -25.81
C LYS L 167 16.14 -29.34 -26.23
N ASP L 168 15.55 -29.05 -27.38
CA ASP L 168 15.57 -27.72 -27.94
C ASP L 168 14.60 -26.76 -27.25
N THR L 169 13.68 -27.27 -26.42
CA THR L 169 12.76 -26.41 -25.68
C THR L 169 13.04 -26.40 -24.19
N ASP L 170 14.11 -27.05 -23.74
CA ASP L 170 14.41 -27.08 -22.30
C ASP L 170 14.54 -25.67 -21.75
N ARG L 171 15.17 -24.78 -22.50
CA ARG L 171 15.24 -23.36 -22.18
C ARG L 171 14.83 -22.55 -23.38
N ASP L 172 14.68 -21.23 -23.18
CA ASP L 172 14.32 -20.33 -24.27
C ASP L 172 15.26 -20.55 -25.45
N ASN L 173 14.68 -20.76 -26.62
CA ASN L 173 15.42 -21.03 -27.83
C ASN L 173 14.91 -20.06 -28.89
N PHE L 174 15.71 -19.04 -29.20
CA PHE L 174 15.35 -18.02 -30.19
C PHE L 174 15.84 -18.45 -31.56
N LEU L 175 14.98 -18.31 -32.56
CA LEU L 175 15.30 -18.68 -33.94
C LEU L 175 15.05 -17.50 -34.84
N THR L 176 15.95 -17.27 -35.81
CA THR L 176 15.64 -16.34 -36.89
C THR L 176 14.55 -16.95 -37.77
N ALA L 177 13.97 -16.14 -38.65
CA ALA L 177 12.97 -16.70 -39.58
C ALA L 177 13.58 -17.80 -40.44
N GLU L 178 14.80 -17.57 -40.93
CA GLU L 178 15.46 -18.59 -41.74
C GLU L 178 15.71 -19.85 -40.92
N GLU L 179 16.12 -19.70 -39.65
CA GLU L 179 16.34 -20.87 -38.81
C GLU L 179 15.03 -21.60 -38.53
N ALA L 180 13.93 -20.85 -38.41
CA ALA L 180 12.64 -21.50 -38.19
C ALA L 180 12.22 -22.32 -39.40
N LYS L 181 12.58 -21.84 -40.60
CA LYS L 181 12.29 -22.59 -41.81
C LYS L 181 13.09 -23.88 -41.84
N GLU L 182 14.39 -23.80 -41.59
CA GLU L 182 15.22 -24.99 -41.58
C GLU L 182 14.76 -25.95 -40.49
N TYR L 183 14.23 -25.42 -39.38
CA TYR L 183 13.74 -26.28 -38.30
C TYR L 183 12.44 -26.98 -38.67
N GLY L 184 11.68 -26.43 -39.62
CA GLY L 184 10.37 -26.98 -39.94
C GLY L 184 9.21 -26.32 -39.22
N LEU L 185 9.45 -25.23 -38.50
CA LEU L 185 8.33 -24.52 -37.88
C LEU L 185 7.54 -23.73 -38.90
N ILE L 186 8.19 -23.26 -39.97
CA ILE L 186 7.53 -22.60 -41.07
C ILE L 186 8.04 -23.22 -42.38
N ASP L 187 7.31 -22.92 -43.45
CA ASP L 187 7.63 -23.38 -44.79
C ASP L 187 8.42 -22.36 -45.60
N GLU L 188 8.22 -21.07 -45.35
CA GLU L 188 8.82 -20.04 -46.17
C GLU L 188 9.06 -18.77 -45.35
N VAL L 189 10.16 -18.10 -45.65
CA VAL L 189 10.37 -16.71 -45.26
C VAL L 189 9.75 -15.87 -46.36
N MET L 190 8.75 -15.07 -46.02
CA MET L 190 7.97 -14.37 -47.03
C MET L 190 8.77 -13.19 -47.58
N VAL L 191 8.94 -13.15 -48.90
CA VAL L 191 9.74 -12.12 -49.59
C VAL L 191 8.84 -10.93 -49.93
N PRO L 192 9.41 -9.73 -50.16
CA PRO L 192 8.57 -8.59 -50.52
C PRO L 192 7.82 -8.82 -51.83
N GLU L 193 6.68 -8.15 -51.94
CA GLU L 193 5.79 -8.33 -53.09
C GLU L 193 6.40 -7.71 -54.33
N THR L 194 6.00 -8.25 -55.49
CA THR L 194 6.48 -7.73 -56.77
C THR L 194 5.86 -6.36 -57.02
N LYS L 195 6.71 -5.34 -57.06
CA LYS L 195 6.28 -3.98 -57.33
C LYS L 195 7.03 -3.41 -58.52
N HIS L 196 6.40 -2.47 -59.20
CA HIS L 196 7.08 -1.72 -60.24
C HIS L 196 8.20 -0.87 -59.67
N HIS L 197 9.22 -0.63 -60.48
CA HIS L 197 10.24 0.35 -60.14
C HIS L 197 9.96 1.71 -60.76
N HIS L 198 8.99 1.82 -61.66
CA HIS L 198 8.55 3.11 -62.19
C HIS L 198 7.58 3.81 -61.23
N ASN M 2 -9.53 -6.19 -25.19
CA ASN M 2 -9.49 -6.96 -26.43
C ASN M 2 -10.77 -6.76 -27.24
N LEU M 3 -10.70 -5.98 -28.32
CA LEU M 3 -11.88 -5.65 -29.09
C LEU M 3 -12.45 -6.88 -29.81
N ILE M 4 -13.77 -6.94 -29.82
CA ILE M 4 -14.49 -8.08 -30.48
C ILE M 4 -14.85 -7.61 -31.87
N PRO M 5 -14.44 -8.37 -32.91
CA PRO M 5 -14.67 -7.90 -34.29
C PRO M 5 -16.13 -7.95 -34.69
N THR M 6 -16.44 -7.15 -35.70
CA THR M 6 -17.78 -7.03 -36.26
C THR M 6 -17.81 -7.71 -37.61
N VAL M 7 -18.89 -8.46 -37.88
CA VAL M 7 -19.10 -9.16 -39.13
C VAL M 7 -20.35 -8.62 -39.78
N ILE M 8 -20.43 -8.79 -41.10
CA ILE M 8 -21.55 -8.32 -41.91
C ILE M 8 -22.20 -9.53 -42.56
N GLU M 9 -23.52 -9.49 -42.67
CA GLU M 9 -24.31 -10.66 -43.08
C GLU M 9 -25.34 -10.34 -44.16
N ARG M 16 -26.51 -7.19 -42.50
CA ARG M 16 -26.47 -6.50 -41.20
C ARG M 16 -25.15 -6.78 -40.47
N ALA M 17 -24.84 -5.96 -39.46
CA ALA M 17 -23.58 -6.01 -38.74
C ALA M 17 -23.78 -6.56 -37.33
N TYR M 18 -22.96 -7.54 -36.95
CA TYR M 18 -23.00 -8.17 -35.63
C TYR M 18 -21.61 -8.20 -35.03
N ASP M 19 -21.51 -8.01 -33.71
CA ASP M 19 -20.32 -8.53 -33.05
C ASP M 19 -20.31 -10.04 -33.21
N ILE M 20 -19.11 -10.66 -33.17
CA ILE M 20 -18.98 -12.05 -33.59
C ILE M 20 -19.84 -12.98 -32.73
N TYR M 21 -19.92 -12.71 -31.43
CA TYR M 21 -20.69 -13.62 -30.57
C TYR M 21 -22.19 -13.51 -30.85
N SER M 22 -22.67 -12.30 -31.10
CA SER M 22 -24.07 -12.16 -31.48
C SER M 22 -24.35 -12.83 -32.83
N ARG M 23 -23.37 -12.79 -33.74
CA ARG M 23 -23.55 -13.53 -34.99
C ARG M 23 -23.68 -15.03 -34.76
N LEU M 24 -22.84 -15.60 -33.87
CA LEU M 24 -22.95 -17.03 -33.59
C LEU M 24 -24.29 -17.37 -32.92
N LEU M 25 -24.78 -16.47 -32.06
CA LEU M 25 -26.07 -16.67 -31.39
C LEU M 25 -27.21 -16.73 -32.39
N LYS M 26 -27.07 -16.03 -33.52
CA LYS M 26 -28.06 -16.14 -34.59
C LYS M 26 -28.17 -17.55 -35.11
N ASP M 27 -27.08 -18.33 -35.04
CA ASP M 27 -27.12 -19.73 -35.41
C ASP M 27 -27.23 -20.66 -34.21
N ARG M 28 -27.80 -20.17 -33.11
CA ARG M 28 -28.13 -21.01 -31.95
C ARG M 28 -26.87 -21.55 -31.27
N ILE M 29 -25.78 -20.79 -31.34
CA ILE M 29 -24.52 -21.11 -30.68
C ILE M 29 -24.37 -20.18 -29.50
N ILE M 30 -24.18 -20.75 -28.30
CA ILE M 30 -23.99 -20.00 -27.07
C ILE M 30 -22.60 -20.28 -26.53
N MET M 31 -21.93 -19.22 -26.09
CA MET M 31 -20.56 -19.31 -25.59
C MET M 31 -20.54 -19.34 -24.06
N LEU M 32 -20.01 -20.43 -23.51
CA LEU M 32 -19.60 -20.49 -22.10
C LEU M 32 -18.07 -20.52 -22.11
N GLY M 33 -17.48 -19.32 -22.17
CA GLY M 33 -16.06 -19.23 -22.40
C GLY M 33 -15.31 -18.51 -21.29
N SER M 34 -15.83 -18.53 -20.07
CA SER M 34 -15.17 -17.84 -18.97
C SER M 34 -15.51 -18.54 -17.67
N GLN M 35 -14.90 -18.05 -16.59
CA GLN M 35 -15.27 -18.49 -15.25
C GLN M 35 -16.76 -18.29 -15.05
N ILE M 36 -17.40 -19.27 -14.42
CA ILE M 36 -18.86 -19.25 -14.25
C ILE M 36 -19.14 -18.43 -13.00
N ASP M 37 -19.71 -17.25 -13.18
CA ASP M 37 -20.28 -16.49 -12.07
C ASP M 37 -21.74 -16.21 -12.41
N ASP M 38 -22.42 -15.47 -11.53
CA ASP M 38 -23.84 -15.21 -11.73
C ASP M 38 -24.07 -14.42 -13.02
N ASN M 39 -23.20 -13.46 -13.32
CA ASN M 39 -23.38 -12.69 -14.55
C ASN M 39 -23.33 -13.60 -15.78
N VAL M 40 -22.32 -14.46 -15.85
CA VAL M 40 -22.23 -15.39 -16.98
C VAL M 40 -23.46 -16.29 -17.03
N ALA M 41 -23.88 -16.82 -15.88
CA ALA M 41 -25.02 -17.73 -15.86
C ALA M 41 -26.30 -17.05 -16.32
N ASN M 42 -26.57 -15.83 -15.83
CA ASN M 42 -27.78 -15.10 -16.23
C ASN M 42 -27.82 -14.87 -17.73
N SER M 43 -26.68 -14.54 -18.34
CA SER M 43 -26.64 -14.31 -19.78
C SER M 43 -26.91 -15.60 -20.53
N ILE M 44 -26.28 -16.69 -20.10
CA ILE M 44 -26.45 -17.96 -20.79
C ILE M 44 -27.90 -18.45 -20.66
N VAL M 45 -28.49 -18.36 -19.46
CA VAL M 45 -29.85 -18.88 -19.33
C VAL M 45 -30.83 -18.02 -20.13
N SER M 46 -30.56 -16.71 -20.25
CA SER M 46 -31.42 -15.84 -21.07
C SER M 46 -31.30 -16.17 -22.56
N GLN M 47 -30.08 -16.46 -23.02
CA GLN M 47 -29.90 -16.90 -24.40
C GLN M 47 -30.61 -18.22 -24.65
N LEU M 48 -30.52 -19.17 -23.72
CA LEU M 48 -31.26 -20.43 -23.86
C LEU M 48 -32.76 -20.17 -23.94
N LEU M 49 -33.28 -19.34 -23.04
CA LEU M 49 -34.71 -19.06 -23.06
C LEU M 49 -35.11 -18.42 -24.39
N PHE M 50 -34.29 -17.49 -24.88
CA PHE M 50 -34.57 -16.83 -26.15
C PHE M 50 -34.56 -17.82 -27.31
N LEU M 51 -33.56 -18.69 -27.37
CA LEU M 51 -33.45 -19.63 -28.48
C LEU M 51 -34.62 -20.61 -28.50
N GLN M 52 -35.04 -21.09 -27.31
CA GLN M 52 -36.20 -21.98 -27.21
C GLN M 52 -37.44 -21.33 -27.82
N ALA M 53 -37.64 -20.04 -27.53
CA ALA M 53 -38.81 -19.32 -28.02
C ALA M 53 -38.77 -19.16 -29.54
N GLN M 54 -37.57 -18.99 -30.09
CA GLN M 54 -37.46 -18.89 -31.54
C GLN M 54 -37.81 -20.23 -32.19
N ASP M 55 -37.37 -21.34 -31.61
CA ASP M 55 -37.63 -22.67 -32.16
C ASP M 55 -37.37 -23.72 -31.09
N SER M 56 -38.39 -24.48 -30.73
CA SER M 56 -38.28 -25.47 -29.66
C SER M 56 -37.81 -26.82 -30.14
N GLU M 57 -37.52 -26.97 -31.42
CA GLU M 57 -37.14 -28.27 -31.96
C GLU M 57 -35.69 -28.34 -32.40
N LYS M 58 -35.16 -27.24 -32.90
CA LYS M 58 -33.88 -27.25 -33.57
C LYS M 58 -32.80 -27.21 -32.48
N ASP M 59 -31.71 -27.94 -32.67
CA ASP M 59 -30.69 -28.04 -31.64
C ASP M 59 -30.07 -26.67 -31.31
N ILE M 60 -29.55 -26.60 -30.08
CA ILE M 60 -28.75 -25.49 -29.59
C ILE M 60 -27.33 -25.99 -29.34
N TYR M 61 -26.34 -25.13 -29.53
CA TYR M 61 -24.94 -25.51 -29.41
C TYR M 61 -24.30 -24.69 -28.30
N LEU M 62 -23.87 -25.36 -27.23
CA LEU M 62 -23.18 -24.72 -26.11
C LEU M 62 -21.69 -25.02 -26.22
N TYR M 63 -20.91 -23.99 -26.53
CA TYR M 63 -19.46 -24.04 -26.54
C TYR M 63 -18.96 -23.89 -25.11
N ILE M 64 -18.03 -24.74 -24.70
CA ILE M 64 -17.52 -24.71 -23.34
C ILE M 64 -15.99 -24.64 -23.38
N ASN M 65 -15.46 -23.50 -22.96
CA ASN M 65 -14.04 -23.31 -22.66
C ASN M 65 -14.03 -22.56 -21.33
N SER M 66 -14.12 -23.30 -20.22
CA SER M 66 -14.37 -22.67 -18.89
C SER M 66 -13.65 -23.41 -17.78
N PRO M 67 -13.06 -22.71 -16.81
CA PRO M 67 -12.48 -23.40 -15.65
C PRO M 67 -13.48 -23.71 -14.56
N GLY M 68 -14.76 -23.49 -14.80
CA GLY M 68 -15.76 -23.68 -13.76
C GLY M 68 -15.98 -22.41 -12.97
N GLY M 69 -16.43 -22.55 -11.72
CA GLY M 69 -16.73 -21.41 -10.90
C GLY M 69 -17.84 -21.72 -9.91
N SER M 70 -18.83 -20.83 -9.83
CA SER M 70 -19.89 -20.96 -8.84
C SER M 70 -20.79 -22.16 -9.12
N VAL M 71 -21.03 -22.97 -8.09
CA VAL M 71 -21.90 -24.15 -8.25
C VAL M 71 -23.34 -23.72 -8.50
N THR M 72 -23.85 -22.76 -7.73
CA THR M 72 -25.23 -22.32 -7.94
C THR M 72 -25.41 -21.71 -9.33
N ALA M 73 -24.44 -20.89 -9.76
CA ALA M 73 -24.49 -20.36 -11.12
C ALA M 73 -24.45 -21.49 -12.14
N GLY M 74 -23.60 -22.49 -11.89
CA GLY M 74 -23.60 -23.65 -12.76
C GLY M 74 -24.95 -24.36 -12.80
N PHE M 75 -25.63 -24.45 -11.65
CA PHE M 75 -26.92 -25.12 -11.65
C PHE M 75 -28.01 -24.27 -12.29
N ALA M 76 -27.85 -22.95 -12.30
CA ALA M 76 -28.76 -22.12 -13.11
C ALA M 76 -28.73 -22.57 -14.56
N ILE M 77 -27.53 -22.75 -15.11
CA ILE M 77 -27.38 -23.22 -16.48
C ILE M 77 -27.89 -24.65 -16.62
N TYR M 78 -27.51 -25.53 -15.69
CA TYR M 78 -27.93 -26.92 -15.75
C TYR M 78 -29.45 -27.04 -15.79
N ASP M 79 -30.13 -26.35 -14.86
CA ASP M 79 -31.58 -26.50 -14.78
C ASP M 79 -32.28 -25.93 -16.01
N THR M 80 -31.76 -24.85 -16.58
CA THR M 80 -32.37 -24.28 -17.79
C THR M 80 -32.20 -25.22 -18.99
N ILE M 81 -31.03 -25.84 -19.11
CA ILE M 81 -30.81 -26.83 -20.18
C ILE M 81 -31.84 -27.95 -20.09
N GLN M 82 -32.02 -28.50 -18.89
CA GLN M 82 -32.93 -29.63 -18.72
C GLN M 82 -34.39 -29.21 -18.92
N HIS M 83 -34.74 -27.97 -18.58
CA HIS M 83 -36.12 -27.51 -18.68
C HIS M 83 -36.61 -27.38 -20.13
N ILE M 84 -35.78 -26.83 -21.02
CA ILE M 84 -36.25 -26.47 -22.35
C ILE M 84 -36.36 -27.70 -23.24
N LYS M 85 -37.14 -27.55 -24.32
CA LYS M 85 -37.37 -28.67 -25.23
C LYS M 85 -36.16 -28.98 -26.11
N PRO M 86 -35.50 -28.00 -26.75
CA PRO M 86 -34.41 -28.35 -27.67
C PRO M 86 -33.29 -29.12 -26.98
N ASP M 87 -32.69 -30.04 -27.73
CA ASP M 87 -31.43 -30.62 -27.30
C ASP M 87 -30.35 -29.55 -27.23
N VAL M 88 -29.55 -29.57 -26.18
CA VAL M 88 -28.43 -28.65 -26.08
C VAL M 88 -27.18 -29.50 -26.25
N GLN M 89 -26.56 -29.38 -27.42
CA GLN M 89 -25.27 -30.02 -27.62
C GLN M 89 -24.23 -29.30 -26.76
N THR M 90 -23.25 -30.04 -26.28
CA THR M 90 -22.09 -29.46 -25.61
C THR M 90 -20.83 -29.88 -26.33
N ILE M 91 -19.90 -28.94 -26.49
CA ILE M 91 -18.60 -29.21 -27.10
C ILE M 91 -17.51 -28.55 -26.26
N CYS M 92 -16.57 -29.36 -25.77
CA CYS M 92 -15.44 -28.83 -25.02
C CYS M 92 -14.31 -28.47 -25.99
N ILE M 93 -13.90 -27.22 -25.97
CA ILE M 93 -12.81 -26.73 -26.80
C ILE M 93 -11.86 -25.96 -25.90
N GLY M 94 -10.61 -26.38 -25.83
CA GLY M 94 -9.70 -25.79 -24.87
C GLY M 94 -9.71 -26.55 -23.57
N MET M 95 -10.59 -26.16 -22.64
CA MET M 95 -10.67 -26.83 -21.34
C MET M 95 -12.09 -26.77 -20.80
N ALA M 96 -12.46 -27.81 -20.04
CA ALA M 96 -13.66 -27.78 -19.21
C ALA M 96 -13.29 -28.36 -17.86
N ALA M 97 -13.27 -27.52 -16.83
CA ALA M 97 -12.85 -27.97 -15.50
C ALA M 97 -13.96 -27.71 -14.52
N SER M 98 -14.12 -28.64 -13.57
CA SER M 98 -15.02 -28.48 -12.42
C SER M 98 -16.46 -28.26 -12.88
N MET M 99 -17.13 -27.17 -12.49
CA MET M 99 -18.49 -26.94 -12.98
C MET M 99 -18.56 -26.89 -14.49
N GLY M 100 -17.46 -26.51 -15.15
CA GLY M 100 -17.45 -26.53 -16.60
C GLY M 100 -17.61 -27.93 -17.14
N SER M 101 -16.89 -28.89 -16.57
CA SER M 101 -17.03 -30.26 -17.03
C SER M 101 -18.36 -30.86 -16.58
N PHE M 102 -18.91 -30.38 -15.46
CA PHE M 102 -20.25 -30.83 -15.07
C PHE M 102 -21.28 -30.49 -16.14
N LEU M 103 -21.20 -29.26 -16.66
CA LEU M 103 -22.12 -28.82 -17.72
C LEU M 103 -21.81 -29.52 -19.05
N LEU M 104 -20.54 -29.80 -19.33
CA LEU M 104 -20.22 -30.62 -20.50
C LEU M 104 -20.97 -31.95 -20.45
N ALA M 105 -20.94 -32.63 -19.29
CA ALA M 105 -21.64 -33.90 -19.12
C ALA M 105 -23.15 -33.76 -19.12
N ALA M 106 -23.67 -32.54 -18.98
CA ALA M 106 -25.10 -32.28 -18.92
C ALA M 106 -25.75 -32.06 -20.30
N GLY M 107 -24.98 -32.11 -21.38
CA GLY M 107 -25.57 -31.93 -22.69
C GLY M 107 -26.47 -33.09 -23.11
N ALA M 108 -27.24 -32.86 -24.17
CA ALA M 108 -28.14 -33.89 -24.66
C ALA M 108 -27.37 -35.17 -24.95
N LYS M 109 -27.91 -36.31 -24.51
CA LYS M 109 -27.20 -37.57 -24.65
C LYS M 109 -26.99 -37.91 -26.12
N GLY M 110 -25.77 -38.35 -26.45
CA GLY M 110 -25.35 -38.55 -27.82
C GLY M 110 -24.81 -37.33 -28.52
N LYS M 111 -24.94 -36.14 -27.91
CA LYS M 111 -24.53 -34.87 -28.50
C LYS M 111 -23.59 -34.09 -27.59
N ARG M 112 -22.74 -34.80 -26.84
CA ARG M 112 -21.71 -34.21 -26.01
C ARG M 112 -20.35 -34.52 -26.62
N PHE M 113 -19.57 -33.48 -26.92
CA PHE M 113 -18.37 -33.65 -27.72
C PHE M 113 -17.18 -32.96 -27.07
N ALA M 114 -15.99 -33.35 -27.51
CA ALA M 114 -14.76 -32.61 -27.26
C ALA M 114 -13.87 -32.71 -28.49
N LEU M 115 -13.09 -31.67 -28.73
CA LEU M 115 -12.10 -31.74 -29.77
C LEU M 115 -10.88 -32.48 -29.21
N PRO M 116 -10.04 -33.06 -30.09
CA PRO M 116 -9.08 -34.09 -29.63
C PRO M 116 -8.13 -33.65 -28.54
N ASN M 117 -7.71 -32.38 -28.52
CA ASN M 117 -6.73 -31.93 -27.54
C ASN M 117 -7.35 -31.12 -26.40
N ALA M 118 -8.68 -31.05 -26.33
CA ALA M 118 -9.32 -30.36 -25.22
C ALA M 118 -9.07 -31.10 -23.91
N GLU M 119 -9.04 -30.33 -22.83
CA GLU M 119 -8.73 -30.84 -21.50
C GLU M 119 -9.99 -30.84 -20.63
N VAL M 120 -10.26 -31.95 -19.96
CA VAL M 120 -11.41 -32.04 -19.07
C VAL M 120 -10.86 -32.33 -17.67
N MET M 121 -11.37 -31.62 -16.68
CA MET M 121 -10.93 -31.87 -15.31
C MET M 121 -12.15 -31.91 -14.40
N ILE M 122 -12.19 -32.91 -13.53
CA ILE M 122 -13.24 -33.03 -12.54
C ILE M 122 -12.62 -33.02 -11.16
N HIS M 123 -13.34 -32.45 -10.19
CA HIS M 123 -12.89 -32.41 -8.80
C HIS M 123 -14.08 -32.05 -7.92
N GLN M 124 -13.88 -32.04 -6.62
CA GLN M 124 -14.97 -31.74 -5.69
C GLN M 124 -15.12 -30.23 -5.51
N PRO M 125 -16.28 -29.78 -5.03
CA PRO M 125 -16.50 -28.35 -4.85
C PRO M 125 -15.60 -27.76 -3.77
N LEU M 126 -15.38 -26.46 -3.89
CA LEU M 126 -14.53 -25.70 -3.00
C LEU M 126 -15.36 -24.63 -2.29
N GLY M 127 -14.99 -24.32 -1.06
CA GLY M 127 -15.69 -23.29 -0.33
C GLY M 127 -14.92 -22.84 0.88
N GLY M 128 -15.66 -22.29 1.83
CA GLY M 128 -15.00 -21.81 3.03
C GLY M 128 -16.02 -21.49 4.09
N ALA M 129 -15.52 -21.31 5.31
CA ALA M 129 -16.36 -21.01 6.46
C ALA M 129 -15.50 -20.37 7.54
N GLN M 130 -16.03 -19.32 8.15
CA GLN M 130 -15.37 -18.63 9.25
C GLN M 130 -16.37 -18.39 10.37
N GLY M 131 -15.92 -18.49 11.60
CA GLY M 131 -16.77 -18.12 12.71
C GLY M 131 -16.89 -19.17 13.79
N GLN M 132 -18.07 -19.22 14.41
CA GLN M 132 -18.34 -20.14 15.50
C GLN M 132 -18.41 -21.57 15.00
N ALA M 133 -18.14 -22.50 15.93
CA ALA M 133 -18.25 -23.91 15.64
C ALA M 133 -19.57 -24.25 14.95
N THR M 134 -20.69 -23.68 15.45
CA THR M 134 -21.99 -23.99 14.87
C THR M 134 -22.12 -23.47 13.44
N GLU M 135 -21.48 -22.33 13.15
CA GLU M 135 -21.50 -21.80 11.79
C GLU M 135 -20.66 -22.68 10.85
N ILE M 136 -19.48 -23.11 11.30
CA ILE M 136 -18.65 -24.02 10.50
C ILE M 136 -19.43 -25.31 10.21
N GLU M 137 -20.14 -25.83 11.21
CA GLU M 137 -20.91 -27.04 11.02
C GLU M 137 -21.96 -26.85 9.92
N ILE M 138 -22.66 -25.71 9.94
CA ILE M 138 -23.67 -25.43 8.93
C ILE M 138 -23.03 -25.39 7.53
N ALA M 139 -21.90 -24.69 7.40
CA ALA M 139 -21.24 -24.59 6.10
C ALA M 139 -20.73 -25.95 5.63
N ALA M 140 -20.19 -26.75 6.54
CA ALA M 140 -19.72 -28.08 6.16
C ALA M 140 -20.87 -28.96 5.68
N ASN M 141 -21.95 -29.01 6.46
CA ASN M 141 -23.11 -29.80 6.05
C ASN M 141 -23.64 -29.34 4.70
N HIS M 142 -23.60 -28.04 4.44
CA HIS M 142 -24.11 -27.54 3.18
C HIS M 142 -23.23 -27.97 2.00
N ILE M 143 -21.91 -27.81 2.12
CA ILE M 143 -21.07 -28.14 0.98
C ILE M 143 -21.01 -29.65 0.76
N LEU M 144 -21.12 -30.45 1.83
CA LEU M 144 -21.21 -31.89 1.66
C LEU M 144 -22.49 -32.27 0.93
N LYS M 145 -23.60 -31.62 1.26
CA LYS M 145 -24.85 -31.88 0.57
C LYS M 145 -24.76 -31.50 -0.89
N THR M 146 -24.10 -30.36 -1.19
CA THR M 146 -23.86 -29.95 -2.57
C THR M 146 -23.00 -30.96 -3.31
N ARG M 147 -21.95 -31.49 -2.68
CA ARG M 147 -21.12 -32.48 -3.36
C ARG M 147 -21.93 -33.72 -3.69
N GLU M 148 -22.76 -34.20 -2.76
CA GLU M 148 -23.59 -35.37 -3.06
C GLU M 148 -24.52 -35.12 -4.23
N LYS M 149 -25.13 -33.93 -4.28
CA LYS M 149 -26.01 -33.58 -5.39
C LYS M 149 -25.28 -33.64 -6.73
N LEU M 150 -24.07 -33.05 -6.79
CA LEU M 150 -23.25 -33.07 -8.00
C LEU M 150 -22.83 -34.48 -8.39
N ASN M 151 -22.36 -35.26 -7.41
CA ASN M 151 -21.87 -36.60 -7.72
C ASN M 151 -22.98 -37.50 -8.25
N ARG M 152 -24.17 -37.35 -7.77
CA ARG M 152 -25.21 -38.20 -8.30
C ARG M 152 -25.61 -37.86 -9.69
N ILE M 153 -25.75 -36.57 -9.96
CA ILE M 153 -26.10 -36.20 -11.32
C ILE M 153 -25.01 -36.67 -12.28
N LEU M 154 -23.75 -36.52 -11.85
CA LEU M 154 -22.62 -37.02 -12.63
C LEU M 154 -22.69 -38.54 -12.79
N SER M 155 -23.09 -39.25 -11.72
CA SER M 155 -23.29 -40.68 -11.83
C SER M 155 -24.39 -41.00 -12.87
N GLU M 156 -25.52 -40.30 -12.77
CA GLU M 156 -26.61 -40.51 -13.73
C GLU M 156 -26.19 -40.17 -15.16
N ARG M 157 -25.39 -39.10 -15.35
CA ARG M 157 -25.04 -38.66 -16.70
C ARG M 157 -23.91 -39.50 -17.29
N THR M 158 -23.07 -40.11 -16.45
CA THR M 158 -21.91 -40.83 -16.93
C THR M 158 -22.10 -42.34 -16.95
N GLY M 159 -23.03 -42.86 -16.17
CA GLY M 159 -23.13 -44.29 -15.97
C GLY M 159 -22.19 -44.85 -14.92
N GLN M 160 -21.34 -44.03 -14.31
CA GLN M 160 -20.46 -44.50 -13.25
C GLN M 160 -21.19 -44.53 -11.93
N SER M 161 -20.75 -45.42 -11.04
CA SER M 161 -21.34 -45.43 -9.72
C SER M 161 -20.98 -44.14 -8.98
N ILE M 162 -21.82 -43.76 -8.03
CA ILE M 162 -21.55 -42.58 -7.23
C ILE M 162 -20.24 -42.72 -6.47
N GLU M 163 -19.97 -43.93 -5.95
CA GLU M 163 -18.75 -44.13 -5.19
C GLU M 163 -17.52 -43.94 -6.06
N LYS M 164 -17.61 -44.33 -7.33
CA LYS M 164 -16.50 -44.11 -8.25
C LYS M 164 -16.32 -42.63 -8.53
N ILE M 165 -17.43 -41.91 -8.74
CA ILE M 165 -17.36 -40.46 -8.90
C ILE M 165 -16.69 -39.83 -7.68
N GLN M 166 -17.11 -40.25 -6.49
CA GLN M 166 -16.57 -39.71 -5.24
C GLN M 166 -15.05 -39.88 -5.16
N LYS M 167 -14.57 -41.09 -5.41
CA LYS M 167 -13.14 -41.36 -5.38
C LYS M 167 -12.40 -40.59 -6.47
N ASP M 168 -12.99 -40.51 -7.66
CA ASP M 168 -12.34 -39.91 -8.81
C ASP M 168 -12.34 -38.38 -8.75
N THR M 169 -13.14 -37.78 -7.88
CA THR M 169 -13.17 -36.33 -7.73
C THR M 169 -12.56 -35.87 -6.39
N ASP M 170 -12.01 -36.80 -5.60
CA ASP M 170 -11.44 -36.40 -4.31
C ASP M 170 -10.35 -35.36 -4.49
N ARG M 171 -9.54 -35.51 -5.53
CA ARG M 171 -8.53 -34.54 -5.91
C ARG M 171 -8.69 -34.22 -7.39
N ASP M 172 -7.97 -33.20 -7.86
CA ASP M 172 -8.03 -32.82 -9.27
C ASP M 172 -7.72 -34.03 -10.15
N ASN M 173 -8.59 -34.29 -11.11
CA ASN M 173 -8.47 -35.43 -11.99
C ASN M 173 -8.53 -34.94 -13.43
N PHE M 174 -7.40 -34.93 -14.11
CA PHE M 174 -7.32 -34.46 -15.49
C PHE M 174 -7.56 -35.62 -16.45
N LEU M 175 -8.37 -35.36 -17.48
CA LEU M 175 -8.73 -36.37 -18.46
C LEU M 175 -8.47 -35.84 -19.85
N THR M 176 -7.90 -36.67 -20.72
CA THR M 176 -7.88 -36.37 -22.13
C THR M 176 -9.30 -36.47 -22.69
N ALA M 177 -9.48 -35.94 -23.90
CA ALA M 177 -10.79 -36.04 -24.54
C ALA M 177 -11.23 -37.50 -24.66
N GLU M 178 -10.31 -38.37 -25.08
CA GLU M 178 -10.63 -39.80 -25.21
C GLU M 178 -10.98 -40.42 -23.85
N GLU M 179 -10.24 -40.07 -22.79
CA GLU M 179 -10.56 -40.57 -21.47
C GLU M 179 -11.91 -40.07 -21.00
N ALA M 180 -12.27 -38.83 -21.34
CA ALA M 180 -13.58 -38.32 -20.97
C ALA M 180 -14.71 -39.08 -21.67
N LYS M 181 -14.48 -39.51 -22.91
CA LYS M 181 -15.47 -40.33 -23.60
C LYS M 181 -15.65 -41.68 -22.91
N GLU M 182 -14.54 -42.36 -22.63
CA GLU M 182 -14.62 -43.66 -21.96
C GLU M 182 -15.20 -43.54 -20.56
N TYR M 183 -15.00 -42.40 -19.91
CA TYR M 183 -15.59 -42.16 -18.59
C TYR M 183 -17.09 -41.95 -18.66
N GLY M 184 -17.62 -41.52 -19.81
CA GLY M 184 -19.02 -41.18 -19.95
C GLY M 184 -19.35 -39.71 -19.80
N LEU M 185 -18.35 -38.83 -19.69
CA LEU M 185 -18.60 -37.39 -19.62
C LEU M 185 -18.98 -36.81 -20.99
N ILE M 186 -18.45 -37.39 -22.08
CA ILE M 186 -18.82 -37.03 -23.43
C ILE M 186 -19.14 -38.30 -24.22
N ASP M 187 -19.76 -38.10 -25.37
CA ASP M 187 -20.17 -39.21 -26.23
C ASP M 187 -19.18 -39.50 -27.36
N GLU M 188 -18.51 -38.48 -27.87
CA GLU M 188 -17.63 -38.64 -29.02
C GLU M 188 -16.50 -37.62 -28.95
N VAL M 189 -15.31 -38.05 -29.37
CA VAL M 189 -14.25 -37.12 -29.70
C VAL M 189 -14.44 -36.70 -31.16
N MET M 190 -14.64 -35.41 -31.40
CA MET M 190 -14.87 -34.94 -32.75
C MET M 190 -13.54 -34.85 -33.47
N VAL M 191 -13.32 -35.74 -34.43
CA VAL M 191 -12.02 -35.85 -35.11
C VAL M 191 -12.02 -34.96 -36.36
N PRO M 192 -10.86 -34.42 -36.77
CA PRO M 192 -10.82 -33.66 -38.03
C PRO M 192 -11.04 -34.57 -39.23
N GLU M 193 -11.61 -34.02 -40.29
CA GLU M 193 -11.73 -34.75 -41.55
C GLU M 193 -10.67 -34.29 -42.56
N ASN N 2 -18.53 -11.58 -20.27
CA ASN N 2 -18.28 -10.15 -20.35
C ASN N 2 -19.38 -9.41 -21.14
N LEU N 3 -19.27 -9.43 -22.47
CA LEU N 3 -20.22 -8.71 -23.30
C LEU N 3 -21.58 -9.42 -23.33
N ILE N 4 -22.62 -8.60 -23.38
CA ILE N 4 -24.01 -9.14 -23.44
C ILE N 4 -24.39 -9.21 -24.89
N PRO N 5 -24.83 -10.39 -25.39
CA PRO N 5 -25.11 -10.51 -26.82
C PRO N 5 -26.35 -9.72 -27.23
N THR N 6 -26.42 -9.45 -28.53
CA THR N 6 -27.51 -8.73 -29.17
C THR N 6 -28.31 -9.72 -30.02
N VAL N 7 -29.63 -9.56 -29.99
CA VAL N 7 -30.55 -10.36 -30.80
C VAL N 7 -31.35 -9.41 -31.68
N ILE N 8 -31.79 -9.93 -32.83
CA ILE N 8 -32.51 -9.13 -33.83
C ILE N 8 -33.89 -9.69 -34.13
N ARG N 16 -35.32 -4.76 -35.54
CA ARG N 16 -34.92 -4.11 -34.28
C ARG N 16 -33.88 -4.95 -33.55
N ALA N 17 -32.91 -4.27 -32.96
CA ALA N 17 -31.81 -4.90 -32.25
C ALA N 17 -31.98 -4.69 -30.75
N TYR N 18 -31.87 -5.77 -29.98
CA TYR N 18 -31.96 -5.72 -28.53
C TYR N 18 -30.78 -6.44 -27.92
N ASP N 19 -30.22 -5.88 -26.86
CA ASP N 19 -29.44 -6.70 -25.95
C ASP N 19 -30.38 -7.72 -25.32
N ILE N 20 -29.81 -8.85 -24.90
CA ILE N 20 -30.65 -10.00 -24.55
C ILE N 20 -31.62 -9.66 -23.43
N TYR N 21 -31.18 -8.86 -22.45
CA TYR N 21 -32.05 -8.55 -21.32
C TYR N 21 -33.18 -7.62 -21.73
N SER N 22 -32.89 -6.63 -22.58
CA SER N 22 -33.94 -5.77 -23.10
C SER N 22 -34.94 -6.56 -23.93
N ARG N 23 -34.47 -7.57 -24.67
CA ARG N 23 -35.37 -8.46 -25.40
C ARG N 23 -36.29 -9.21 -24.45
N LEU N 24 -35.75 -9.71 -23.34
CA LEU N 24 -36.59 -10.41 -22.38
C LEU N 24 -37.60 -9.46 -21.73
N LEU N 25 -37.18 -8.21 -21.49
CA LEU N 25 -38.08 -7.22 -20.92
C LEU N 25 -39.23 -6.95 -21.88
N LYS N 26 -38.97 -7.10 -23.15
CA LYS N 26 -39.98 -6.95 -24.17
C LYS N 26 -41.14 -7.93 -23.94
N ASP N 27 -40.81 -9.14 -23.48
CA ASP N 27 -41.82 -10.12 -23.13
C ASP N 27 -42.13 -10.14 -21.65
N ARG N 28 -41.97 -9.00 -20.95
CA ARG N 28 -42.40 -8.83 -19.56
C ARG N 28 -41.62 -9.69 -18.57
N ILE N 29 -40.36 -9.95 -18.87
CA ILE N 29 -39.46 -10.68 -17.97
C ILE N 29 -38.46 -9.68 -17.41
N ILE N 30 -38.34 -9.66 -16.08
CA ILE N 30 -37.40 -8.80 -15.38
C ILE N 30 -36.34 -9.65 -14.72
N MET N 31 -35.08 -9.23 -14.83
CA MET N 31 -33.97 -9.99 -14.26
C MET N 31 -33.59 -9.41 -12.91
N LEU N 32 -33.69 -10.22 -11.86
CA LEU N 32 -33.06 -9.91 -10.58
C LEU N 32 -31.90 -10.91 -10.44
N GLY N 33 -30.75 -10.55 -11.01
CA GLY N 33 -29.68 -11.50 -11.17
C GLY N 33 -28.37 -11.14 -10.52
N SER N 34 -28.43 -10.29 -9.49
CA SER N 34 -27.23 -9.83 -8.80
C SER N 34 -27.58 -9.50 -7.36
N GLN N 35 -26.56 -9.14 -6.59
CA GLN N 35 -26.73 -8.58 -5.25
C GLN N 35 -27.66 -7.36 -5.32
N ILE N 36 -28.51 -7.20 -4.32
CA ILE N 36 -29.53 -6.16 -4.30
C ILE N 36 -28.96 -4.90 -3.65
N ASP N 37 -28.75 -3.87 -4.44
CA ASP N 37 -28.45 -2.53 -3.92
C ASP N 37 -29.48 -1.57 -4.47
N ASP N 38 -29.32 -0.28 -4.14
CA ASP N 38 -30.30 0.71 -4.57
C ASP N 38 -30.37 0.80 -6.10
N ASN N 39 -29.22 0.72 -6.78
CA ASN N 39 -29.24 0.78 -8.24
C ASN N 39 -30.08 -0.35 -8.83
N VAL N 40 -29.85 -1.58 -8.36
CA VAL N 40 -30.62 -2.73 -8.83
C VAL N 40 -32.10 -2.54 -8.53
N ALA N 41 -32.41 -2.09 -7.31
CA ALA N 41 -33.80 -1.90 -6.95
C ALA N 41 -34.46 -0.82 -7.81
N ASN N 42 -33.76 0.31 -8.05
CA ASN N 42 -34.33 1.38 -8.86
C ASN N 42 -34.66 0.90 -10.27
N SER N 43 -33.76 0.12 -10.86
CA SER N 43 -34.01 -0.38 -12.21
C SER N 43 -35.22 -1.31 -12.22
N ILE N 44 -35.28 -2.23 -11.27
CA ILE N 44 -36.34 -3.23 -11.27
C ILE N 44 -37.70 -2.58 -11.07
N VAL N 45 -37.82 -1.66 -10.10
CA VAL N 45 -39.12 -1.05 -9.84
C VAL N 45 -39.54 -0.17 -11.02
N SER N 46 -38.58 0.45 -11.70
CA SER N 46 -38.92 1.21 -12.90
C SER N 46 -39.43 0.29 -14.00
N GLN N 47 -38.83 -0.89 -14.15
CA GLN N 47 -39.32 -1.86 -15.13
C GLN N 47 -40.73 -2.30 -14.77
N LEU N 48 -40.97 -2.53 -13.48
CA LEU N 48 -42.31 -2.90 -12.99
C LEU N 48 -43.33 -1.83 -13.34
N LEU N 49 -43.01 -0.56 -13.08
CA LEU N 49 -43.94 0.51 -13.40
C LEU N 49 -44.19 0.60 -14.91
N PHE N 50 -43.13 0.48 -15.70
CA PHE N 50 -43.28 0.51 -17.16
C PHE N 50 -44.16 -0.63 -17.64
N LEU N 51 -43.92 -1.85 -17.15
CA LEU N 51 -44.68 -3.01 -17.61
C LEU N 51 -46.16 -2.89 -17.25
N GLN N 52 -46.46 -2.38 -16.04
CA GLN N 52 -47.84 -2.10 -15.70
C GLN N 52 -48.46 -1.13 -16.69
N ALA N 53 -47.72 -0.07 -17.07
CA ALA N 53 -48.26 0.92 -17.99
C ALA N 53 -48.52 0.31 -19.35
N GLN N 54 -47.64 -0.61 -19.78
CA GLN N 54 -47.85 -1.31 -21.04
C GLN N 54 -49.11 -2.14 -21.00
N ASP N 55 -49.35 -2.83 -19.89
CA ASP N 55 -50.52 -3.69 -19.79
C ASP N 55 -50.75 -3.99 -18.32
N SER N 56 -51.89 -3.59 -17.80
CA SER N 56 -52.15 -3.79 -16.38
C SER N 56 -52.69 -5.17 -16.06
N GLU N 57 -52.85 -6.04 -17.06
CA GLU N 57 -53.43 -7.34 -16.83
C GLU N 57 -52.48 -8.50 -17.02
N LYS N 58 -51.56 -8.43 -17.97
CA LYS N 58 -50.70 -9.56 -18.28
C LYS N 58 -49.69 -9.80 -17.17
N ASP N 59 -49.38 -11.07 -16.92
CA ASP N 59 -48.44 -11.43 -15.86
C ASP N 59 -47.07 -10.83 -16.17
N ILE N 60 -46.31 -10.60 -15.10
CA ILE N 60 -44.91 -10.22 -15.15
C ILE N 60 -44.12 -11.38 -14.56
N TYR N 61 -42.92 -11.60 -15.07
CA TYR N 61 -42.07 -12.71 -14.63
C TYR N 61 -40.79 -12.14 -14.05
N LEU N 62 -40.56 -12.39 -12.77
CA LEU N 62 -39.35 -11.96 -12.10
C LEU N 62 -38.42 -13.16 -11.93
N TYR N 63 -37.31 -13.14 -12.66
CA TYR N 63 -36.25 -14.13 -12.51
C TYR N 63 -35.40 -13.74 -11.31
N ILE N 64 -35.11 -14.70 -10.43
CA ILE N 64 -34.34 -14.41 -9.23
C ILE N 64 -33.14 -15.36 -9.14
N ASN N 65 -31.96 -14.80 -9.29
CA ASN N 65 -30.68 -15.47 -8.98
C ASN N 65 -29.87 -14.41 -8.23
N SER N 66 -30.07 -14.35 -6.91
CA SER N 66 -29.54 -13.26 -6.11
C SER N 66 -29.15 -13.71 -4.71
N PRO N 67 -28.01 -13.26 -4.17
CA PRO N 67 -27.66 -13.55 -2.78
C PRO N 67 -28.31 -12.61 -1.77
N GLY N 68 -29.21 -11.75 -2.21
CA GLY N 68 -29.79 -10.77 -1.32
C GLY N 68 -28.98 -9.49 -1.34
N GLY N 69 -29.03 -8.73 -0.26
CA GLY N 69 -28.33 -7.47 -0.18
C GLY N 69 -29.05 -6.51 0.73
N SER N 70 -29.26 -5.27 0.28
CA SER N 70 -29.87 -4.23 1.10
C SER N 70 -31.33 -4.53 1.38
N VAL N 71 -31.72 -4.44 2.66
CA VAL N 71 -33.10 -4.71 3.03
C VAL N 71 -34.02 -3.61 2.49
N THR N 72 -33.63 -2.34 2.62
CA THR N 72 -34.49 -1.27 2.09
C THR N 72 -34.63 -1.35 0.58
N ALA N 73 -33.54 -1.64 -0.13
CA ALA N 73 -33.65 -1.83 -1.57
C ALA N 73 -34.58 -3.01 -1.87
N GLY N 74 -34.46 -4.10 -1.11
CA GLY N 74 -35.38 -5.21 -1.29
C GLY N 74 -36.82 -4.81 -1.08
N PHE N 75 -37.09 -3.95 -0.09
CA PHE N 75 -38.46 -3.51 0.17
C PHE N 75 -38.96 -2.52 -0.89
N ALA N 76 -38.07 -1.81 -1.57
CA ALA N 76 -38.50 -1.06 -2.75
C ALA N 76 -39.11 -2.00 -3.79
N ILE N 77 -38.43 -3.12 -4.05
CA ILE N 77 -38.96 -4.09 -5.00
C ILE N 77 -40.25 -4.72 -4.47
N TYR N 78 -40.25 -5.09 -3.18
CA TYR N 78 -41.42 -5.72 -2.57
C TYR N 78 -42.65 -4.83 -2.70
N ASP N 79 -42.53 -3.55 -2.30
CA ASP N 79 -43.69 -2.67 -2.30
C ASP N 79 -44.18 -2.37 -3.71
N THR N 80 -43.26 -2.25 -4.66
CA THR N 80 -43.72 -1.98 -6.02
C THR N 80 -44.47 -3.17 -6.60
N ILE N 81 -44.00 -4.39 -6.32
CA ILE N 81 -44.73 -5.59 -6.72
C ILE N 81 -46.15 -5.57 -6.15
N GLN N 82 -46.29 -5.29 -4.86
CA GLN N 82 -47.62 -5.32 -4.26
C GLN N 82 -48.49 -4.19 -4.78
N HIS N 83 -47.89 -3.07 -5.17
CA HIS N 83 -48.69 -1.91 -5.60
C HIS N 83 -49.36 -2.17 -6.94
N ILE N 84 -48.63 -2.71 -7.90
CA ILE N 84 -49.20 -2.75 -9.25
C ILE N 84 -50.27 -3.85 -9.39
N LYS N 85 -50.92 -3.81 -10.51
CA LYS N 85 -51.98 -4.72 -10.77
C LYS N 85 -51.57 -6.05 -11.32
N PRO N 86 -50.68 -6.05 -12.27
CA PRO N 86 -50.32 -7.36 -12.82
C PRO N 86 -49.76 -8.28 -11.76
N ASP N 87 -50.07 -9.57 -11.90
CA ASP N 87 -49.37 -10.57 -11.09
C ASP N 87 -47.88 -10.56 -11.43
N VAL N 88 -47.04 -10.68 -10.40
CA VAL N 88 -45.62 -10.84 -10.61
C VAL N 88 -45.26 -12.26 -10.19
N GLN N 89 -45.01 -13.11 -11.19
CA GLN N 89 -44.48 -14.45 -10.90
C GLN N 89 -43.02 -14.32 -10.49
N THR N 90 -42.60 -15.22 -9.61
CA THR N 90 -41.20 -15.30 -9.22
C THR N 90 -40.70 -16.71 -9.54
N ILE N 91 -39.48 -16.79 -10.06
CA ILE N 91 -38.86 -18.08 -10.34
C ILE N 91 -37.40 -18.03 -9.87
N CYS N 92 -37.04 -18.95 -8.99
CA CYS N 92 -35.67 -19.06 -8.51
C CYS N 92 -34.90 -19.98 -9.44
N ILE N 93 -33.83 -19.44 -10.01
CA ILE N 93 -32.92 -20.18 -10.90
C ILE N 93 -31.52 -19.92 -10.37
N GLY N 94 -30.80 -20.98 -10.04
CA GLY N 94 -29.50 -20.82 -9.41
C GLY N 94 -29.59 -20.73 -7.89
N MET N 95 -29.76 -19.53 -7.38
CA MET N 95 -29.82 -19.36 -5.94
C MET N 95 -30.70 -18.16 -5.59
N ALA N 96 -31.37 -18.25 -4.44
CA ALA N 96 -32.04 -17.09 -3.84
C ALA N 96 -31.75 -17.14 -2.33
N ALA N 97 -31.00 -16.17 -1.83
CA ALA N 97 -30.64 -16.13 -0.43
C ALA N 97 -31.09 -14.82 0.20
N SER N 98 -31.51 -14.91 1.47
CA SER N 98 -31.79 -13.74 2.32
C SER N 98 -32.85 -12.87 1.66
N MET N 99 -32.59 -11.58 1.36
CA MET N 99 -33.58 -10.76 0.68
C MET N 99 -34.00 -11.36 -0.66
N GLY N 100 -33.12 -12.12 -1.30
CA GLY N 100 -33.50 -12.81 -2.51
C GLY N 100 -34.61 -13.83 -2.27
N SER N 101 -34.49 -14.60 -1.20
CA SER N 101 -35.54 -15.57 -0.89
C SER N 101 -36.81 -14.89 -0.36
N PHE N 102 -36.66 -13.76 0.33
CA PHE N 102 -37.83 -12.98 0.76
C PHE N 102 -38.65 -12.53 -0.45
N LEU N 103 -37.97 -12.02 -1.49
CA LEU N 103 -38.68 -11.58 -2.68
C LEU N 103 -39.25 -12.75 -3.48
N LEU N 104 -38.56 -13.90 -3.50
CA LEU N 104 -39.13 -15.10 -4.10
C LEU N 104 -40.51 -15.42 -3.50
N ALA N 105 -40.59 -15.38 -2.17
CA ALA N 105 -41.83 -15.68 -1.46
C ALA N 105 -42.90 -14.61 -1.66
N ALA N 106 -42.52 -13.44 -2.17
CA ALA N 106 -43.42 -12.31 -2.34
C ALA N 106 -44.15 -12.35 -3.67
N GLY N 107 -43.86 -13.34 -4.49
CA GLY N 107 -44.51 -13.44 -5.78
C GLY N 107 -46.00 -13.73 -5.62
N ALA N 108 -46.70 -13.56 -6.74
CA ALA N 108 -48.13 -13.79 -6.77
C ALA N 108 -48.45 -15.20 -6.28
N LYS N 109 -49.48 -15.30 -5.45
CA LYS N 109 -49.82 -16.58 -4.83
C LYS N 109 -50.20 -17.62 -5.89
N GLY N 110 -49.62 -18.81 -5.77
CA GLY N 110 -49.72 -19.80 -6.82
C GLY N 110 -48.72 -19.68 -7.96
N LYS N 111 -47.95 -18.60 -8.04
CA LYS N 111 -47.03 -18.38 -9.16
C LYS N 111 -45.60 -18.13 -8.67
N ARG N 112 -45.18 -18.82 -7.61
CA ARG N 112 -43.82 -18.78 -7.10
C ARG N 112 -43.17 -20.14 -7.39
N PHE N 113 -42.05 -20.12 -8.13
CA PHE N 113 -41.46 -21.34 -8.63
C PHE N 113 -39.98 -21.40 -8.29
N ALA N 114 -39.42 -22.61 -8.35
CA ALA N 114 -37.99 -22.85 -8.36
C ALA N 114 -37.72 -24.02 -9.29
N LEU N 115 -36.56 -23.98 -9.96
CA LEU N 115 -36.15 -25.15 -10.73
C LEU N 115 -35.53 -26.18 -9.79
N PRO N 116 -35.48 -27.45 -10.19
CA PRO N 116 -35.26 -28.52 -9.20
C PRO N 116 -34.00 -28.38 -8.37
N ASN N 117 -32.91 -27.87 -8.96
CA ASN N 117 -31.63 -27.78 -8.26
C ASN N 117 -31.32 -26.39 -7.76
N ALA N 118 -32.30 -25.50 -7.80
CA ALA N 118 -32.15 -24.17 -7.26
C ALA N 118 -31.99 -24.21 -5.75
N GLU N 119 -31.20 -23.27 -5.22
CA GLU N 119 -30.89 -23.20 -3.80
C GLU N 119 -31.61 -22.02 -3.17
N VAL N 120 -32.27 -22.25 -2.04
CA VAL N 120 -32.94 -21.20 -1.29
C VAL N 120 -32.32 -21.17 0.11
N MET N 121 -32.01 -19.97 0.58
CA MET N 121 -31.45 -19.81 1.92
C MET N 121 -32.15 -18.65 2.61
N ILE N 122 -32.50 -18.86 3.88
CA ILE N 122 -33.10 -17.83 4.72
C ILE N 122 -32.22 -17.65 5.93
N HIS N 123 -32.18 -16.42 6.42
CA HIS N 123 -31.41 -16.09 7.62
C HIS N 123 -31.88 -14.73 8.12
N GLN N 124 -31.33 -14.29 9.25
CA GLN N 124 -31.73 -13.00 9.77
C GLN N 124 -30.89 -11.89 9.15
N PRO N 125 -31.35 -10.63 9.20
CA PRO N 125 -30.57 -9.55 8.60
C PRO N 125 -29.25 -9.30 9.33
N LEU N 126 -28.32 -8.72 8.58
CA LEU N 126 -26.96 -8.42 9.03
C LEU N 126 -26.72 -6.92 9.01
N GLY N 127 -25.92 -6.46 9.94
CA GLY N 127 -25.62 -5.04 9.98
C GLY N 127 -24.45 -4.74 10.88
N GLY N 128 -24.43 -3.50 11.35
CA GLY N 128 -23.36 -3.10 12.23
C GLY N 128 -23.64 -1.75 12.83
N ALA N 129 -22.84 -1.42 13.84
CA ALA N 129 -22.98 -0.16 14.56
C ALA N 129 -21.66 0.17 15.23
N GLN N 130 -21.23 1.41 15.10
CA GLN N 130 -20.06 1.92 15.80
C GLN N 130 -20.26 3.28 16.43
N GLY N 131 -19.67 3.44 17.61
CA GLY N 131 -19.70 4.69 18.30
C GLY N 131 -20.12 4.58 19.74
N GLN N 132 -20.83 5.61 20.19
CA GLN N 132 -21.26 5.71 21.57
C GLN N 132 -22.33 4.67 21.88
N ALA N 133 -22.44 4.33 23.16
CA ALA N 133 -23.44 3.37 23.61
C ALA N 133 -24.84 3.70 23.08
N THR N 134 -25.26 4.97 23.15
CA THR N 134 -26.61 5.31 22.70
C THR N 134 -26.78 5.12 21.19
N GLU N 135 -25.71 5.34 20.42
CA GLU N 135 -25.73 5.11 18.98
C GLU N 135 -25.86 3.63 18.67
N ILE N 136 -25.14 2.79 19.42
CA ILE N 136 -25.25 1.35 19.28
C ILE N 136 -26.68 0.92 19.57
N GLU N 137 -27.27 1.52 20.59
CA GLU N 137 -28.64 1.17 20.97
C GLU N 137 -29.62 1.47 19.84
N ILE N 138 -29.49 2.63 19.23
CA ILE N 138 -30.38 3.02 18.14
C ILE N 138 -30.26 2.06 16.97
N ALA N 139 -29.02 1.71 16.60
CA ALA N 139 -28.83 0.77 15.49
C ALA N 139 -29.36 -0.61 15.85
N ALA N 140 -29.16 -1.05 17.10
CA ALA N 140 -29.66 -2.36 17.52
C ALA N 140 -31.18 -2.41 17.46
N ASN N 141 -31.84 -1.39 18.02
CA ASN N 141 -33.30 -1.36 17.96
C ASN N 141 -33.79 -1.35 16.52
N HIS N 142 -33.07 -0.65 15.64
CA HIS N 142 -33.50 -0.53 14.23
C HIS N 142 -33.43 -1.88 13.53
N ILE N 143 -32.30 -2.61 13.67
CA ILE N 143 -32.20 -3.87 12.95
C ILE N 143 -33.11 -4.93 13.56
N LEU N 144 -33.36 -4.89 14.87
CA LEU N 144 -34.34 -5.81 15.47
C LEU N 144 -35.73 -5.54 14.96
N LYS N 145 -36.09 -4.26 14.87
CA LYS N 145 -37.38 -3.91 14.31
C LYS N 145 -37.46 -4.30 12.85
N THR N 146 -36.39 -4.10 12.10
CA THR N 146 -36.34 -4.55 10.72
C THR N 146 -36.53 -6.07 10.63
N ARG N 147 -35.89 -6.82 11.53
CA ARG N 147 -36.11 -8.27 11.52
C ARG N 147 -37.57 -8.62 11.82
N GLU N 148 -38.19 -7.90 12.75
CA GLU N 148 -39.61 -8.15 13.05
C GLU N 148 -40.48 -7.96 11.81
N LYS N 149 -40.22 -6.89 11.04
CA LYS N 149 -40.99 -6.61 9.83
C LYS N 149 -40.83 -7.71 8.79
N LEU N 150 -39.60 -8.16 8.55
CA LEU N 150 -39.36 -9.24 7.61
C LEU N 150 -40.09 -10.52 8.06
N ASN N 151 -39.94 -10.87 9.34
CA ASN N 151 -40.53 -12.10 9.87
C ASN N 151 -42.05 -12.06 9.81
N ARG N 152 -42.64 -10.91 10.12
CA ARG N 152 -44.10 -10.82 10.06
C ARG N 152 -44.60 -11.09 8.65
N ILE N 153 -44.01 -10.42 7.64
CA ILE N 153 -44.45 -10.61 6.27
C ILE N 153 -44.14 -12.03 5.79
N LEU N 154 -42.97 -12.56 6.15
CA LEU N 154 -42.63 -13.93 5.77
C LEU N 154 -43.64 -14.91 6.33
N SER N 155 -44.10 -14.68 7.56
CA SER N 155 -45.17 -15.49 8.15
C SER N 155 -46.46 -15.42 7.33
N GLU N 156 -46.88 -14.22 6.94
CA GLU N 156 -48.10 -14.08 6.14
C GLU N 156 -47.97 -14.79 4.80
N ARG N 157 -46.79 -14.72 4.16
CA ARG N 157 -46.63 -15.30 2.83
C ARG N 157 -46.34 -16.80 2.83
N THR N 158 -45.83 -17.36 3.94
CA THR N 158 -45.52 -18.78 3.97
C THR N 158 -46.58 -19.60 4.69
N GLY N 159 -47.38 -18.98 5.55
CA GLY N 159 -48.24 -19.72 6.44
C GLY N 159 -47.56 -20.20 7.71
N GLN N 160 -46.26 -19.96 7.86
CA GLN N 160 -45.57 -20.36 9.07
C GLN N 160 -45.78 -19.33 10.17
N SER N 161 -45.70 -19.79 11.42
CA SER N 161 -45.81 -18.87 12.53
C SER N 161 -44.60 -17.96 12.60
N ILE N 162 -44.79 -16.79 13.20
CA ILE N 162 -43.68 -15.87 13.38
C ILE N 162 -42.61 -16.52 14.25
N GLU N 163 -43.04 -17.27 15.28
CA GLU N 163 -42.07 -17.91 16.17
C GLU N 163 -41.23 -18.92 15.42
N LYS N 164 -41.82 -19.64 14.45
CA LYS N 164 -41.04 -20.61 13.68
C LYS N 164 -40.07 -19.91 12.73
N ILE N 165 -40.51 -18.86 12.03
CA ILE N 165 -39.60 -18.12 11.16
C ILE N 165 -38.40 -17.63 11.96
N GLN N 166 -38.67 -17.07 13.15
CA GLN N 166 -37.59 -16.59 14.01
C GLN N 166 -36.60 -17.69 14.33
N LYS N 167 -37.09 -18.86 14.76
CA LYS N 167 -36.19 -19.96 15.10
C LYS N 167 -35.44 -20.44 13.86
N ASP N 168 -36.14 -20.55 12.73
CA ASP N 168 -35.58 -21.13 11.51
C ASP N 168 -34.62 -20.21 10.77
N THR N 169 -34.57 -18.91 11.11
CA THR N 169 -33.67 -17.97 10.47
C THR N 169 -32.57 -17.50 11.42
N ASP N 170 -32.48 -18.08 12.62
CA ASP N 170 -31.47 -17.64 13.58
C ASP N 170 -30.06 -17.80 13.02
N ARG N 171 -29.81 -18.88 12.27
CA ARG N 171 -28.57 -19.06 11.52
C ARG N 171 -28.89 -19.44 10.08
N ASP N 172 -27.89 -19.38 9.22
CA ASP N 172 -28.09 -19.71 7.80
C ASP N 172 -28.83 -21.03 7.65
N ASN N 173 -29.93 -21.01 6.90
CA ASN N 173 -30.78 -22.19 6.74
C ASN N 173 -30.95 -22.46 5.25
N PHE N 174 -30.29 -23.50 4.75
CA PHE N 174 -30.34 -23.82 3.33
C PHE N 174 -31.50 -24.78 3.05
N LEU N 175 -32.24 -24.52 1.98
CA LEU N 175 -33.35 -25.36 1.59
C LEU N 175 -33.22 -25.75 0.12
N THR N 176 -33.52 -27.01 -0.15
CA THR N 176 -33.73 -27.43 -1.53
C THR N 176 -35.02 -26.79 -2.06
N ALA N 177 -35.20 -26.86 -3.38
CA ALA N 177 -36.43 -26.37 -3.96
C ALA N 177 -37.64 -27.11 -3.37
N GLU N 178 -37.53 -28.43 -3.21
CA GLU N 178 -38.65 -29.16 -2.64
C GLU N 178 -38.92 -28.70 -1.21
N GLU N 179 -37.87 -28.53 -0.41
CA GLU N 179 -38.05 -28.06 0.95
C GLU N 179 -38.62 -26.66 1.00
N ALA N 180 -38.23 -25.81 0.03
CA ALA N 180 -38.78 -24.46 -0.01
C ALA N 180 -40.27 -24.47 -0.28
N LYS N 181 -40.73 -25.42 -1.12
CA LYS N 181 -42.17 -25.58 -1.36
C LYS N 181 -42.89 -26.04 -0.10
N GLU N 182 -42.35 -27.05 0.60
CA GLU N 182 -43.01 -27.48 1.83
C GLU N 182 -43.01 -26.36 2.86
N TYR N 183 -41.97 -25.53 2.87
CA TYR N 183 -41.91 -24.43 3.81
C TYR N 183 -42.92 -23.35 3.49
N GLY N 184 -43.38 -23.26 2.24
CA GLY N 184 -44.27 -22.20 1.81
C GLY N 184 -43.61 -20.99 1.16
N LEU N 185 -42.31 -21.05 0.87
CA LEU N 185 -41.62 -19.96 0.18
C LEU N 185 -41.94 -19.95 -1.31
N ILE N 186 -42.19 -21.10 -1.92
CA ILE N 186 -42.65 -21.19 -3.30
C ILE N 186 -43.87 -22.11 -3.34
N ASP N 187 -44.57 -22.07 -4.47
CA ASP N 187 -45.74 -22.92 -4.67
C ASP N 187 -45.43 -24.20 -5.42
N GLU N 188 -44.51 -24.20 -6.39
CA GLU N 188 -44.25 -25.46 -7.11
C GLU N 188 -42.78 -25.49 -7.51
N VAL N 189 -42.24 -26.70 -7.54
CA VAL N 189 -40.98 -26.95 -8.21
C VAL N 189 -41.26 -27.24 -9.68
N MET N 190 -40.70 -26.41 -10.58
CA MET N 190 -40.97 -26.52 -12.01
C MET N 190 -40.18 -27.67 -12.61
N VAL N 191 -40.88 -28.71 -13.05
CA VAL N 191 -40.24 -29.92 -13.56
C VAL N 191 -39.98 -29.79 -15.05
N PRO N 192 -39.00 -30.49 -15.61
CA PRO N 192 -38.75 -30.38 -17.06
C PRO N 192 -39.92 -30.86 -17.92
#